data_6HE7
#
_entry.id   6HE7
#
_cell.length_a   1
_cell.length_b   1
_cell.length_c   1
_cell.angle_alpha   90
_cell.angle_beta   90
_cell.angle_gamma   90
#
_symmetry.space_group_name_H-M   'P 1'
#
loop_
_entity.id
_entity.type
_entity.pdbx_description
1 polymer 'Proteasome subunit alpha'
2 polymer 'Proteasome subunit beta'
#
loop_
_entity_poly.entity_id
_entity_poly.type
_entity_poly.pdbx_seq_one_letter_code
_entity_poly.pdbx_strand_id
1 'polypeptide(L)'
;ITVFSPDGRLFQVEYAREAVKRGATAIGIKCKEGVILIADKRVGSKLLEADTIEKIYKIDEHICAATSGLVADARVLIDR
ARIEAQINRLTYDEPITVKELAKKICDFKQQYTQYGGVRPFGVSLLIAGVDEVPKLYETDPSGALLEYKATAIGMGRNAV
TEFFEKEYRDDLSFDDAMVLGLVAMGLSIESELVPENIEVGYVKVDDRTFKEVSPEELKPYVERANERIRELLKK
;
A,B,C,D,E,F,G
2 'polypeptide(L)'
;TTTVGLVCKDGVVMATEKRATMGNFIASKAAKKIYQIADRMAMTTAGSVGDAQFLARIIKIEANLYEIRRERKPTVRAIA
TLTSNLLNSYRYFPYLVQLLIGGIDSEGKSIYSIDPIGGAIEEKDIVATGSGSLTAYGVLEDRFTPEIGVDEAVELAVRA
IYSAMKRDSASGDGIDVVKITEDEFYQYSPEEVEQILAKFRK
;
1,2,3,4,5,6,7
#
# COMPACT_ATOMS: atom_id res chain seq x y z
N ILE A 1 -17.43 10.00 -16.23
CA ILE A 1 -17.24 11.02 -17.29
C ILE A 1 -17.52 10.39 -18.62
N THR A 2 -16.64 9.46 -19.05
CA THR A 2 -16.72 8.78 -20.33
C THR A 2 -17.73 7.69 -20.19
N VAL A 3 -18.82 7.83 -20.98
CA VAL A 3 -19.93 6.93 -21.00
C VAL A 3 -20.33 6.86 -22.44
N PHE A 4 -21.11 5.82 -22.78
CA PHE A 4 -21.59 5.62 -24.12
C PHE A 4 -22.82 6.45 -24.30
N SER A 5 -23.00 6.96 -25.54
CA SER A 5 -24.15 7.69 -25.98
C SER A 5 -25.16 6.70 -26.46
N PRO A 6 -26.40 7.08 -26.77
CA PRO A 6 -27.38 6.15 -27.32
C PRO A 6 -27.05 5.75 -28.74
N ASP A 7 -26.08 6.44 -29.39
CA ASP A 7 -25.55 6.07 -30.68
C ASP A 7 -24.53 4.98 -30.54
N GLY A 8 -23.92 4.83 -29.33
CA GLY A 8 -22.92 3.82 -29.03
C GLY A 8 -21.55 4.46 -29.28
N ARG A 9 -21.49 5.75 -29.55
CA ARG A 9 -20.26 6.53 -29.55
C ARG A 9 -19.94 7.04 -28.20
N LEU A 10 -18.77 7.60 -28.05
CA LEU A 10 -18.32 8.11 -26.77
C LEU A 10 -18.53 9.59 -26.92
N PHE A 11 -19.30 10.27 -26.02
CA PHE A 11 -19.51 11.74 -26.09
C PHE A 11 -18.21 12.47 -26.10
N GLN A 12 -17.28 12.06 -25.13
CA GLN A 12 -15.97 12.62 -24.92
C GLN A 12 -14.97 12.36 -26.01
N VAL A 13 -14.95 11.20 -26.75
CA VAL A 13 -14.12 11.04 -27.88
C VAL A 13 -14.54 11.99 -29.01
N GLU A 14 -15.90 12.16 -29.35
CA GLU A 14 -16.26 13.07 -30.39
C GLU A 14 -15.90 14.49 -30.00
N TYR A 15 -16.07 14.86 -28.69
CA TYR A 15 -15.74 16.21 -28.29
C TYR A 15 -14.19 16.37 -28.40
N ALA A 16 -13.37 15.36 -28.12
CA ALA A 16 -11.90 15.36 -28.13
C ALA A 16 -11.52 15.62 -29.60
N ARG A 17 -12.26 15.02 -30.59
CA ARG A 17 -11.94 15.16 -31.96
C ARG A 17 -12.16 16.56 -32.47
N GLU A 18 -13.20 17.30 -31.99
CA GLU A 18 -13.49 18.67 -32.36
C GLU A 18 -12.39 19.50 -31.80
N ALA A 19 -11.79 19.00 -30.62
CA ALA A 19 -10.68 19.68 -29.91
C ALA A 19 -9.53 19.69 -30.82
N VAL A 20 -9.26 18.60 -31.55
CA VAL A 20 -8.23 18.47 -32.57
C VAL A 20 -8.47 19.32 -33.67
N LYS A 21 -9.76 19.47 -34.08
CA LYS A 21 -10.11 20.27 -35.21
C LYS A 21 -9.80 21.77 -35.06
N ARG A 22 -9.86 22.37 -33.82
CA ARG A 22 -9.55 23.79 -33.62
C ARG A 22 -8.04 23.91 -33.35
N GLY A 23 -7.18 22.88 -33.44
CA GLY A 23 -5.79 22.89 -33.34
C GLY A 23 -5.18 23.64 -34.50
N ALA A 24 -4.06 23.13 -35.01
CA ALA A 24 -3.29 23.77 -35.99
C ALA A 24 -2.81 22.65 -36.81
N THR A 25 -3.09 22.83 -38.10
CA THR A 25 -2.81 21.80 -39.09
C THR A 25 -1.37 21.28 -39.20
N ALA A 26 -1.24 20.00 -39.53
CA ALA A 26 -0.04 19.21 -39.88
C ALA A 26 -0.54 18.29 -40.96
N ILE A 27 0.41 17.57 -41.54
CA ILE A 27 0.37 17.10 -42.88
C ILE A 27 1.61 16.24 -42.97
N GLY A 28 1.49 15.11 -43.71
CA GLY A 28 2.59 14.23 -43.87
C GLY A 28 2.44 13.67 -45.19
N ILE A 29 3.53 13.45 -45.98
CA ILE A 29 3.36 13.09 -47.40
C ILE A 29 4.40 11.98 -47.43
N LYS A 30 4.04 10.93 -48.14
CA LYS A 30 4.96 9.80 -48.11
C LYS A 30 5.28 9.59 -49.53
N CYS A 31 6.39 8.86 -49.75
CA CYS A 31 6.97 8.46 -50.99
C CYS A 31 7.67 7.23 -50.60
N LYS A 32 8.27 6.50 -51.56
CA LYS A 32 9.14 5.42 -51.46
C LYS A 32 10.51 5.81 -51.20
N GLU A 33 10.78 7.10 -51.32
CA GLU A 33 12.14 7.66 -51.16
C GLU A 33 12.37 8.36 -49.83
N GLY A 34 11.37 8.33 -48.88
CA GLY A 34 11.47 8.91 -47.55
C GLY A 34 10.08 9.08 -47.06
N VAL A 35 9.89 9.80 -45.99
CA VAL A 35 8.62 10.27 -45.55
C VAL A 35 8.95 11.73 -45.04
N ILE A 36 8.02 12.68 -45.42
CA ILE A 36 8.13 14.11 -45.22
C ILE A 36 7.01 14.39 -44.21
N LEU A 37 7.37 15.12 -43.17
CA LEU A 37 6.45 15.40 -42.12
C LEU A 37 6.61 16.86 -41.83
N ILE A 38 5.45 17.62 -41.92
CA ILE A 38 5.42 19.07 -41.97
C ILE A 38 4.35 19.44 -41.01
N ALA A 39 4.61 20.51 -40.27
CA ALA A 39 3.61 21.05 -39.31
C ALA A 39 3.66 22.55 -39.31
N ASP A 40 2.46 23.18 -39.25
CA ASP A 40 2.34 24.67 -39.34
C ASP A 40 2.47 25.38 -38.08
N LYS A 41 3.61 26.17 -37.89
CA LYS A 41 3.86 27.06 -36.73
C LYS A 41 2.67 28.01 -36.65
N ARG A 42 2.24 28.35 -35.40
CA ARG A 42 1.25 29.34 -35.15
C ARG A 42 1.96 30.61 -34.93
N VAL A 43 1.63 31.65 -35.69
CA VAL A 43 2.09 32.97 -35.65
C VAL A 43 0.82 33.81 -35.67
N GLY A 44 0.63 34.56 -34.58
CA GLY A 44 -0.62 35.24 -34.37
C GLY A 44 -0.30 36.66 -34.43
N SER A 45 0.98 37.03 -34.12
CA SER A 45 1.52 38.30 -34.09
C SER A 45 3.01 38.15 -34.08
N LYS A 46 3.68 39.26 -33.96
CA LYS A 46 5.10 39.38 -34.24
C LYS A 46 5.82 39.31 -32.97
N LEU A 47 5.05 38.95 -31.82
CA LEU A 47 5.75 38.88 -30.48
C LEU A 47 6.03 37.42 -30.29
N LEU A 48 5.34 36.52 -30.96
CA LEU A 48 5.57 35.13 -30.95
C LEU A 48 6.95 34.80 -31.59
N GLU A 49 7.95 34.33 -30.80
CA GLU A 49 9.22 33.77 -31.30
C GLU A 49 8.92 32.60 -32.10
N ALA A 50 9.61 32.35 -33.23
CA ALA A 50 8.96 31.53 -34.26
C ALA A 50 10.06 30.78 -34.91
N ASP A 51 11.20 30.69 -34.22
CA ASP A 51 12.38 29.92 -34.45
C ASP A 51 12.50 28.89 -33.37
N THR A 52 11.64 28.89 -32.29
CA THR A 52 11.80 28.02 -31.14
C THR A 52 10.46 27.59 -30.69
N ILE A 53 9.58 27.23 -31.66
CA ILE A 53 8.31 26.65 -31.37
C ILE A 53 8.40 25.28 -31.82
N GLU A 54 7.90 24.28 -31.04
CA GLU A 54 7.91 22.86 -31.39
C GLU A 54 6.67 22.56 -32.05
N LYS A 55 6.71 21.86 -33.22
CA LYS A 55 5.48 21.48 -33.83
C LYS A 55 5.83 20.12 -34.37
N ILE A 56 7.10 19.86 -34.66
CA ILE A 56 7.60 18.57 -35.01
C ILE A 56 8.61 18.28 -33.95
N TYR A 57 8.19 17.30 -33.14
CA TYR A 57 8.85 16.69 -32.03
C TYR A 57 9.53 15.47 -32.56
N LYS A 58 10.72 15.27 -32.20
CA LYS A 58 11.39 14.05 -32.57
C LYS A 58 11.11 13.04 -31.47
N ILE A 59 10.77 11.74 -31.73
CA ILE A 59 10.40 10.85 -30.66
C ILE A 59 11.53 9.96 -30.41
N ASP A 60 11.98 9.21 -31.38
CA ASP A 60 13.03 8.25 -31.34
C ASP A 60 13.92 8.73 -32.39
N GLU A 61 14.98 8.00 -32.69
CA GLU A 61 16.08 8.58 -33.49
C GLU A 61 15.85 8.38 -34.96
N HIS A 62 14.65 7.92 -35.46
CA HIS A 62 14.29 7.74 -36.86
C HIS A 62 12.73 7.80 -36.98
N ILE A 63 12.07 8.40 -35.95
CA ILE A 63 10.68 8.47 -35.82
C ILE A 63 10.48 9.85 -35.23
N CYS A 64 9.60 10.65 -35.93
CA CYS A 64 9.26 12.01 -35.50
C CYS A 64 7.77 11.97 -35.50
N ALA A 65 7.19 12.94 -34.77
CA ALA A 65 5.79 13.09 -34.80
C ALA A 65 5.52 14.52 -34.80
N ALA A 66 4.37 14.83 -35.48
CA ALA A 66 3.80 16.14 -35.59
C ALA A 66 2.49 16.10 -34.81
N THR A 67 1.94 17.23 -34.56
CA THR A 67 0.79 17.28 -33.63
C THR A 67 -0.23 18.33 -34.03
N SER A 68 -1.48 18.12 -33.59
CA SER A 68 -2.48 19.13 -33.71
C SER A 68 -3.51 18.90 -32.61
N GLY A 69 -4.19 19.91 -32.07
CA GLY A 69 -5.06 19.77 -30.99
C GLY A 69 -4.68 20.61 -29.87
N LEU A 70 -4.57 20.07 -28.66
CA LEU A 70 -4.20 20.74 -27.43
C LEU A 70 -2.76 20.40 -27.27
N VAL A 71 -1.90 21.39 -27.53
CA VAL A 71 -0.49 21.41 -27.42
C VAL A 71 0.06 20.92 -26.04
N ALA A 72 -0.72 21.21 -24.97
CA ALA A 72 -0.43 20.71 -23.63
C ALA A 72 -0.55 19.18 -23.47
N ASP A 73 -1.66 18.58 -23.92
CA ASP A 73 -1.98 17.17 -23.92
C ASP A 73 -0.95 16.47 -24.81
N ALA A 74 -0.69 17.02 -25.98
CA ALA A 74 0.13 16.56 -27.00
C ALA A 74 1.54 16.36 -26.50
N ARG A 75 2.21 17.28 -25.84
CA ARG A 75 3.56 17.20 -25.39
C ARG A 75 3.81 16.13 -24.45
N VAL A 76 2.77 16.06 -23.51
CA VAL A 76 2.82 15.00 -22.49
C VAL A 76 2.76 13.63 -23.19
N LEU A 77 1.88 13.44 -24.18
CA LEU A 77 1.74 12.17 -25.00
C LEU A 77 2.97 11.94 -25.78
N ILE A 78 3.58 12.97 -26.37
CA ILE A 78 4.92 12.92 -27.01
C ILE A 78 6.06 12.53 -26.04
N ASP A 79 6.11 13.05 -24.78
CA ASP A 79 7.16 12.73 -23.82
C ASP A 79 7.07 11.25 -23.54
N ARG A 80 5.85 10.76 -23.39
CA ARG A 80 5.50 9.43 -23.26
C ARG A 80 5.86 8.53 -24.42
N ALA A 81 5.71 9.00 -25.67
CA ALA A 81 6.21 8.31 -26.77
C ALA A 81 7.69 8.17 -26.66
N ARG A 82 8.45 9.29 -26.35
CA ARG A 82 9.93 9.18 -26.23
C ARG A 82 10.42 8.19 -25.20
N ILE A 83 9.80 8.14 -24.03
CA ILE A 83 10.12 7.11 -23.03
C ILE A 83 9.85 5.73 -23.48
N GLU A 84 8.73 5.46 -24.17
CA GLU A 84 8.41 4.17 -24.72
C GLU A 84 9.31 3.76 -25.78
N ALA A 85 9.77 4.70 -26.63
CA ALA A 85 10.62 4.39 -27.68
C ALA A 85 11.97 3.91 -27.23
N GLN A 86 12.57 4.56 -26.18
CA GLN A 86 13.84 4.21 -25.50
C GLN A 86 13.70 2.96 -24.64
N ILE A 87 12.55 2.67 -24.03
CA ILE A 87 12.26 1.37 -23.26
C ILE A 87 12.36 0.24 -24.21
N ASN A 88 11.89 0.38 -25.50
CA ASN A 88 12.19 -0.62 -26.51
C ASN A 88 13.68 -0.88 -26.72
N ARG A 89 14.51 0.17 -26.83
CA ARG A 89 15.99 -0.05 -26.97
C ARG A 89 16.56 -0.70 -25.70
N LEU A 90 16.16 -0.45 -24.51
CA LEU A 90 16.56 -0.99 -23.29
C LEU A 90 16.23 -2.49 -23.21
N THR A 91 15.02 -2.95 -23.57
CA THR A 91 14.64 -4.36 -23.39
C THR A 91 14.83 -5.18 -24.63
N TYR A 92 14.85 -4.67 -25.89
CA TYR A 92 15.13 -5.54 -27.09
C TYR A 92 16.38 -5.15 -27.85
N ASP A 93 17.09 -4.02 -27.48
CA ASP A 93 18.25 -3.62 -28.27
C ASP A 93 18.05 -3.48 -29.80
N GLU A 94 16.91 -2.88 -30.12
CA GLU A 94 16.53 -2.57 -31.51
C GLU A 94 15.52 -1.54 -31.54
N PRO A 95 15.50 -0.60 -32.49
CA PRO A 95 14.56 0.50 -32.35
C PRO A 95 13.16 -0.01 -32.57
N ILE A 96 12.13 0.73 -31.97
CA ILE A 96 10.71 0.44 -32.14
C ILE A 96 10.35 0.67 -33.55
N THR A 97 9.40 -0.18 -34.06
CA THR A 97 8.90 0.03 -35.41
C THR A 97 8.03 1.31 -35.32
N VAL A 98 7.76 1.92 -36.49
CA VAL A 98 6.89 3.07 -36.54
C VAL A 98 5.49 2.69 -36.13
N LYS A 99 5.03 1.47 -36.50
CA LYS A 99 3.81 0.91 -36.06
C LYS A 99 3.79 0.53 -34.63
N GLU A 100 4.91 -0.02 -34.10
CA GLU A 100 4.94 -0.53 -32.79
C GLU A 100 4.79 0.59 -31.77
N LEU A 101 5.51 1.70 -32.04
CA LEU A 101 5.34 2.86 -31.19
C LEU A 101 3.99 3.50 -31.23
N ALA A 102 3.41 3.55 -32.45
CA ALA A 102 2.08 4.04 -32.63
C ALA A 102 1.08 3.32 -31.73
N LYS A 103 1.14 2.04 -31.55
CA LYS A 103 0.16 1.23 -30.81
C LYS A 103 0.30 1.48 -29.35
N LYS A 104 1.59 1.59 -28.98
CA LYS A 104 1.88 1.77 -27.66
C LYS A 104 1.50 3.09 -27.02
N ILE A 105 1.56 4.24 -27.71
CA ILE A 105 1.02 5.48 -27.27
C ILE A 105 -0.50 5.57 -27.31
N CYS A 106 -1.16 4.85 -28.24
CA CYS A 106 -2.63 4.72 -28.32
C CYS A 106 -3.16 3.87 -27.24
N ASP A 107 -2.40 2.99 -26.53
CA ASP A 107 -2.84 2.26 -25.36
C ASP A 107 -3.02 3.18 -24.22
N PHE A 108 -2.10 4.13 -24.16
CA PHE A 108 -2.14 5.19 -23.37
C PHE A 108 -3.37 6.11 -23.57
N LYS A 109 -3.71 6.41 -24.81
CA LYS A 109 -4.91 7.17 -25.09
C LYS A 109 -6.12 6.35 -24.76
N GLN A 110 -6.20 5.06 -25.17
CA GLN A 110 -7.36 4.24 -25.03
C GLN A 110 -7.67 4.00 -23.62
N GLN A 111 -6.66 3.84 -22.67
CA GLN A 111 -6.90 3.61 -21.24
C GLN A 111 -7.64 4.75 -20.69
N TYR A 112 -7.22 5.98 -21.02
CA TYR A 112 -7.87 7.25 -20.48
C TYR A 112 -9.30 7.48 -20.91
N THR A 113 -9.64 7.11 -22.17
CA THR A 113 -10.95 7.19 -22.70
C THR A 113 -11.86 6.23 -21.93
N GLN A 114 -11.39 5.03 -21.58
CA GLN A 114 -12.27 4.11 -20.95
C GLN A 114 -12.47 4.52 -19.54
N TYR A 115 -11.48 5.05 -18.68
CA TYR A 115 -11.61 5.27 -17.25
C TYR A 115 -12.37 6.58 -17.09
N GLY A 116 -13.19 6.61 -16.06
CA GLY A 116 -14.08 7.69 -15.75
C GLY A 116 -13.50 8.66 -14.78
N GLY A 117 -12.22 8.45 -14.36
CA GLY A 117 -11.53 9.35 -13.49
C GLY A 117 -10.63 10.33 -14.29
N VAL A 118 -10.67 10.26 -15.63
CA VAL A 118 -9.74 10.98 -16.48
C VAL A 118 -10.45 11.08 -17.78
N ARG A 119 -10.01 12.01 -18.67
CA ARG A 119 -10.75 12.41 -19.89
C ARG A 119 -9.79 12.04 -21.03
N PRO A 120 -10.17 11.74 -22.25
CA PRO A 120 -9.21 11.42 -23.26
C PRO A 120 -8.40 12.66 -23.61
N PHE A 121 -7.20 12.49 -24.25
CA PHE A 121 -6.38 13.48 -24.83
C PHE A 121 -7.26 14.11 -25.92
N GLY A 122 -7.02 15.47 -26.18
CA GLY A 122 -7.63 16.15 -27.35
C GLY A 122 -6.49 16.49 -28.12
N VAL A 123 -5.83 15.40 -28.65
CA VAL A 123 -4.67 15.51 -29.53
C VAL A 123 -4.84 14.42 -30.56
N SER A 124 -4.33 14.68 -31.73
CA SER A 124 -4.04 13.72 -32.76
C SER A 124 -2.57 13.94 -33.04
N LEU A 125 -1.88 12.87 -33.44
CA LEU A 125 -0.48 12.84 -33.75
C LEU A 125 -0.40 12.23 -35.11
N LEU A 126 0.68 12.54 -35.86
CA LEU A 126 1.00 11.81 -37.02
C LEU A 126 2.38 11.27 -36.67
N ILE A 127 2.61 9.93 -36.73
CA ILE A 127 3.87 9.37 -36.33
C ILE A 127 4.42 8.77 -37.58
N ALA A 128 5.60 9.21 -38.10
CA ALA A 128 6.15 8.84 -39.40
C ALA A 128 7.56 8.58 -39.09
N GLY A 129 8.09 7.46 -39.74
CA GLY A 129 9.43 7.04 -39.74
C GLY A 129 9.69 6.00 -40.76
N VAL A 130 10.96 5.39 -40.73
CA VAL A 130 11.33 4.32 -41.53
C VAL A 130 11.94 3.27 -40.68
N ASP A 131 11.23 2.10 -40.58
CA ASP A 131 11.84 0.98 -39.87
C ASP A 131 12.58 0.10 -40.83
N GLU A 132 12.13 0.00 -42.07
CA GLU A 132 12.83 -0.54 -43.16
C GLU A 132 12.12 -0.13 -44.47
N VAL A 133 10.91 0.52 -44.39
CA VAL A 133 10.06 0.98 -45.41
C VAL A 133 9.45 2.22 -44.82
N PRO A 134 9.13 3.28 -45.52
CA PRO A 134 8.50 4.38 -44.98
C PRO A 134 7.12 4.14 -44.52
N LYS A 135 6.72 4.75 -43.37
CA LYS A 135 5.44 4.60 -42.74
C LYS A 135 4.98 5.94 -42.41
N LEU A 136 3.61 6.12 -42.25
CA LEU A 136 3.05 7.39 -41.81
C LEU A 136 1.74 6.99 -41.17
N TYR A 137 1.47 7.48 -39.92
CA TYR A 137 0.34 6.98 -39.10
C TYR A 137 -0.36 8.18 -38.74
N GLU A 138 -1.65 7.94 -38.40
CA GLU A 138 -2.39 9.03 -37.88
C GLU A 138 -3.09 8.34 -36.78
N THR A 139 -3.01 8.98 -35.60
CA THR A 139 -3.67 8.47 -34.42
C THR A 139 -4.71 9.43 -34.07
N ASP A 140 -5.77 8.96 -33.39
CA ASP A 140 -7.01 9.74 -33.14
C ASP A 140 -7.17 9.79 -31.68
N PRO A 141 -7.93 10.69 -31.13
CA PRO A 141 -8.05 10.72 -29.60
C PRO A 141 -8.56 9.37 -29.02
N SER A 142 -9.32 8.61 -29.80
CA SER A 142 -9.88 7.34 -29.35
C SER A 142 -8.80 6.32 -29.04
N GLY A 143 -7.75 6.45 -29.85
CA GLY A 143 -6.52 5.63 -29.88
C GLY A 143 -6.60 4.71 -31.06
N ALA A 144 -7.26 5.25 -32.11
CA ALA A 144 -7.45 4.54 -33.27
C ALA A 144 -6.26 4.71 -34.19
N LEU A 145 -5.72 3.69 -34.93
CA LEU A 145 -4.53 3.76 -35.76
C LEU A 145 -4.77 3.49 -37.18
N LEU A 146 -4.33 4.39 -38.14
CA LEU A 146 -4.63 4.21 -39.54
C LEU A 146 -3.33 4.58 -40.14
N GLU A 147 -2.73 3.66 -40.94
CA GLU A 147 -1.68 3.79 -41.82
C GLU A 147 -2.19 4.61 -42.95
N TYR A 148 -1.36 5.45 -43.55
CA TYR A 148 -1.67 6.34 -44.56
C TYR A 148 -0.41 6.47 -45.41
N LYS A 149 -0.57 7.09 -46.65
CA LYS A 149 0.42 7.31 -47.69
C LYS A 149 0.44 8.81 -47.95
N ALA A 150 -0.56 9.56 -47.34
CA ALA A 150 -0.68 11.02 -47.25
C ALA A 150 -1.79 11.31 -46.38
N THR A 151 -1.65 12.39 -45.60
CA THR A 151 -2.63 12.65 -44.56
C THR A 151 -2.50 14.05 -44.08
N ALA A 152 -3.56 14.54 -43.35
CA ALA A 152 -3.45 15.81 -42.64
C ALA A 152 -4.38 15.60 -41.49
N ILE A 153 -4.08 16.34 -40.37
CA ILE A 153 -4.85 16.52 -39.17
C ILE A 153 -4.91 17.99 -39.02
N GLY A 154 -5.73 18.40 -38.07
CA GLY A 154 -5.98 19.82 -37.76
C GLY A 154 -7.13 20.43 -38.58
N MET A 155 -7.08 21.78 -38.79
CA MET A 155 -8.11 22.56 -39.37
C MET A 155 -8.03 22.25 -40.81
N GLY A 156 -6.79 22.14 -41.45
CA GLY A 156 -6.68 22.03 -42.89
C GLY A 156 -7.00 20.69 -43.39
N ARG A 157 -7.23 19.72 -42.40
CA ARG A 157 -7.48 18.30 -42.71
C ARG A 157 -8.29 18.06 -43.90
N ASN A 158 -9.53 18.68 -43.98
CA ASN A 158 -10.54 18.36 -44.97
C ASN A 158 -10.05 18.77 -46.35
N ALA A 159 -9.47 19.98 -46.35
CA ALA A 159 -8.97 20.70 -47.54
C ALA A 159 -7.86 19.96 -48.19
N VAL A 160 -6.87 19.52 -47.32
CA VAL A 160 -5.69 18.83 -47.73
C VAL A 160 -5.92 17.43 -48.16
N THR A 161 -6.77 16.68 -47.46
CA THR A 161 -7.05 15.29 -47.68
C THR A 161 -7.71 15.17 -49.07
N GLU A 162 -8.70 16.15 -49.34
CA GLU A 162 -9.36 16.21 -50.60
C GLU A 162 -8.50 16.52 -51.75
N PHE A 163 -7.53 17.38 -51.51
CA PHE A 163 -6.46 17.78 -52.33
C PHE A 163 -5.62 16.60 -52.68
N PHE A 164 -5.19 15.71 -51.74
CA PHE A 164 -4.38 14.55 -51.94
C PHE A 164 -5.10 13.49 -52.76
N GLU A 165 -6.50 13.49 -52.88
CA GLU A 165 -7.19 12.52 -53.67
C GLU A 165 -6.89 12.79 -55.19
N LYS A 166 -6.40 13.99 -55.59
CA LYS A 166 -6.19 14.32 -57.02
C LYS A 166 -4.68 14.07 -57.26
N GLU A 167 -3.82 14.73 -56.42
CA GLU A 167 -2.46 15.02 -56.70
C GLU A 167 -1.54 13.93 -56.37
N TYR A 168 -1.82 13.31 -55.15
CA TYR A 168 -0.96 12.30 -54.60
C TYR A 168 -0.87 11.15 -55.56
N ARG A 169 0.29 10.55 -55.59
CA ARG A 169 0.54 9.41 -56.41
C ARG A 169 1.18 8.39 -55.53
N ASP A 170 1.10 7.07 -55.83
CA ASP A 170 1.84 6.10 -55.11
C ASP A 170 3.33 6.20 -55.02
N ASP A 171 4.05 6.48 -56.19
CA ASP A 171 5.45 6.74 -56.15
C ASP A 171 5.63 8.17 -56.58
N LEU A 172 6.48 8.80 -55.84
CA LEU A 172 6.82 10.13 -56.11
C LEU A 172 8.29 10.22 -55.90
N SER A 173 8.92 11.31 -56.43
CA SER A 173 10.26 11.67 -56.30
C SER A 173 10.23 12.45 -55.00
N PHE A 174 11.22 12.34 -54.13
CA PHE A 174 11.25 12.93 -52.78
C PHE A 174 11.17 14.47 -52.94
N ASP A 175 11.90 14.98 -53.90
CA ASP A 175 11.92 16.41 -54.13
C ASP A 175 10.52 16.98 -54.54
N ASP A 176 9.70 16.16 -55.30
CA ASP A 176 8.32 16.25 -55.74
C ASP A 176 7.44 16.18 -54.60
N ALA A 177 7.59 15.10 -53.70
CA ALA A 177 6.74 14.79 -52.52
C ALA A 177 6.85 15.88 -51.53
N MET A 178 8.06 16.47 -51.29
CA MET A 178 8.31 17.56 -50.38
C MET A 178 7.52 18.80 -50.79
N VAL A 179 7.65 19.15 -52.09
CA VAL A 179 6.99 20.27 -52.66
C VAL A 179 5.53 20.20 -52.62
N LEU A 180 4.89 18.97 -52.86
CA LEU A 180 3.48 18.66 -52.88
C LEU A 180 2.80 18.90 -51.49
N GLY A 181 3.54 18.61 -50.41
CA GLY A 181 3.14 18.87 -49.07
C GLY A 181 3.23 20.32 -48.57
N LEU A 182 4.19 21.06 -49.09
CA LEU A 182 4.18 22.50 -48.90
C LEU A 182 3.01 23.12 -49.70
N VAL A 183 2.74 22.55 -50.97
CA VAL A 183 1.61 23.10 -51.77
C VAL A 183 0.26 22.99 -51.09
N ALA A 184 0.04 21.82 -50.43
CA ALA A 184 -1.14 21.49 -49.66
C ALA A 184 -1.37 22.40 -48.42
N MET A 185 -0.27 22.56 -47.67
CA MET A 185 -0.19 23.46 -46.60
C MET A 185 -0.59 24.87 -47.01
N GLY A 186 -0.14 25.36 -48.18
CA GLY A 186 -0.30 26.65 -48.71
C GLY A 186 -1.72 26.85 -48.99
N LEU A 187 -2.33 25.83 -49.59
CA LEU A 187 -3.77 25.74 -49.97
C LEU A 187 -4.70 25.89 -48.80
N SER A 188 -4.51 25.12 -47.72
CA SER A 188 -5.28 25.03 -46.46
C SER A 188 -5.32 26.29 -45.66
N ILE A 189 -4.21 27.07 -45.64
CA ILE A 189 -4.06 28.38 -44.99
C ILE A 189 -4.62 29.41 -45.86
N GLU A 190 -4.77 29.14 -47.22
CA GLU A 190 -5.26 30.00 -48.24
C GLU A 190 -4.40 31.23 -48.50
N SER A 191 -3.06 30.93 -48.41
CA SER A 191 -2.09 31.96 -48.66
C SER A 191 -0.67 31.37 -48.91
N GLU A 192 0.20 32.13 -49.64
CA GLU A 192 1.58 31.82 -49.88
C GLU A 192 2.22 31.56 -48.52
N LEU A 193 3.25 30.69 -48.58
CA LEU A 193 3.99 30.36 -47.36
C LEU A 193 5.25 31.17 -47.28
N VAL A 194 5.86 31.38 -46.09
CA VAL A 194 7.05 32.14 -45.74
C VAL A 194 7.79 30.97 -45.13
N PRO A 195 9.08 30.75 -45.30
CA PRO A 195 9.85 29.61 -44.74
C PRO A 195 9.89 29.49 -43.23
N GLU A 196 9.40 30.55 -42.44
CA GLU A 196 9.72 30.58 -41.03
C GLU A 196 8.45 30.61 -40.23
N ASN A 197 7.29 30.25 -40.91
CA ASN A 197 5.97 30.18 -40.29
C ASN A 197 5.39 28.86 -40.72
N ILE A 198 6.32 27.95 -41.03
CA ILE A 198 5.99 26.54 -41.28
C ILE A 198 7.13 25.73 -40.71
N GLU A 199 7.06 24.52 -40.29
CA GLU A 199 8.11 23.63 -39.78
C GLU A 199 8.10 22.40 -40.68
N VAL A 200 9.24 21.79 -41.01
CA VAL A 200 9.36 20.62 -41.83
C VAL A 200 10.51 19.83 -41.25
N GLY A 201 10.29 18.47 -41.06
CA GLY A 201 11.33 17.49 -40.83
C GLY A 201 11.04 16.33 -41.81
N TYR A 202 11.92 15.31 -41.79
CA TYR A 202 11.77 14.11 -42.71
C TYR A 202 12.55 13.01 -42.08
N VAL A 203 12.09 11.71 -42.16
CA VAL A 203 12.96 10.53 -42.09
C VAL A 203 13.17 10.06 -43.50
N LYS A 204 14.47 10.11 -43.97
CA LYS A 204 14.74 9.47 -45.22
C LYS A 204 15.21 8.06 -44.99
N VAL A 205 15.14 7.35 -46.14
CA VAL A 205 15.37 5.96 -46.33
C VAL A 205 16.86 5.71 -46.29
N ASP A 206 17.68 6.56 -46.93
CA ASP A 206 19.11 6.60 -47.00
C ASP A 206 19.76 6.94 -45.62
N ASP A 207 19.03 7.79 -44.82
CA ASP A 207 19.71 8.19 -43.62
C ASP A 207 19.26 7.32 -42.47
N ARG A 208 18.02 6.90 -42.42
CA ARG A 208 17.34 6.16 -41.30
C ARG A 208 17.50 6.78 -39.99
N THR A 209 17.66 8.14 -40.10
CA THR A 209 17.96 8.96 -38.95
C THR A 209 17.13 10.23 -39.31
N PHE A 210 16.16 10.57 -38.47
CA PHE A 210 15.49 11.89 -38.39
C PHE A 210 16.53 13.00 -38.56
N LYS A 211 16.16 13.89 -39.42
CA LYS A 211 16.96 15.06 -39.70
C LYS A 211 15.84 16.14 -39.81
N GLU A 212 16.15 17.45 -39.87
CA GLU A 212 15.12 18.46 -39.81
C GLU A 212 15.68 19.49 -40.60
N VAL A 213 14.80 20.11 -41.37
CA VAL A 213 15.10 21.00 -42.42
C VAL A 213 15.44 22.25 -41.65
N SER A 214 16.67 22.73 -41.90
CA SER A 214 17.12 24.01 -41.44
C SER A 214 16.38 25.07 -42.34
N PRO A 215 16.07 26.28 -41.90
CA PRO A 215 15.33 27.30 -42.69
C PRO A 215 15.79 27.62 -44.06
N GLU A 216 17.06 27.44 -44.38
CA GLU A 216 17.75 27.81 -45.63
C GLU A 216 17.43 26.72 -46.69
N GLU A 217 17.54 25.42 -46.27
CA GLU A 217 17.27 24.28 -47.15
C GLU A 217 15.87 24.27 -47.64
N LEU A 218 14.98 24.74 -46.74
CA LEU A 218 13.58 24.76 -46.82
C LEU A 218 13.33 25.73 -47.88
N LYS A 219 14.12 26.79 -47.81
CA LYS A 219 13.92 27.99 -48.66
C LYS A 219 13.58 27.76 -50.16
N PRO A 220 14.35 27.04 -50.91
CA PRO A 220 14.00 26.67 -52.29
C PRO A 220 12.71 25.94 -52.51
N TYR A 221 12.29 25.06 -51.58
CA TYR A 221 11.08 24.31 -51.66
C TYR A 221 9.88 25.17 -51.46
N VAL A 222 9.94 26.17 -50.53
CA VAL A 222 8.87 27.09 -50.36
C VAL A 222 8.62 27.85 -51.62
N GLU A 223 9.75 28.31 -52.26
CA GLU A 223 9.73 29.00 -53.49
C GLU A 223 9.21 28.35 -54.68
N ARG A 224 9.59 27.02 -54.91
CA ARG A 224 8.95 26.26 -55.98
C ARG A 224 7.43 25.95 -55.77
N ALA A 225 7.04 25.69 -54.52
CA ALA A 225 5.72 25.35 -54.02
C ALA A 225 4.85 26.58 -54.08
N ASN A 226 5.35 27.84 -53.79
CA ASN A 226 4.62 29.06 -54.01
C ASN A 226 4.06 29.22 -55.44
N GLU A 227 4.73 28.79 -56.54
CA GLU A 227 4.18 29.04 -57.83
C GLU A 227 2.79 28.35 -57.98
N ARG A 228 2.68 27.02 -57.62
CA ARG A 228 1.45 26.19 -57.74
C ARG A 228 0.38 26.70 -56.72
N ILE A 229 0.80 27.16 -55.54
CA ILE A 229 -0.10 27.69 -54.58
C ILE A 229 -0.83 28.88 -55.18
N ARG A 230 -0.13 29.75 -55.88
CA ARG A 230 -0.75 30.78 -56.59
C ARG A 230 -1.79 30.38 -57.62
N GLU A 231 -1.57 29.34 -58.45
CA GLU A 231 -2.48 28.83 -59.44
C GLU A 231 -3.78 28.36 -58.88
N LEU A 232 -3.65 27.63 -57.74
CA LEU A 232 -4.79 27.06 -57.03
C LEU A 232 -5.71 28.00 -56.47
N LEU A 233 -5.26 29.13 -55.83
CA LEU A 233 -6.18 30.12 -55.24
C LEU A 233 -6.62 31.15 -56.26
N LYS A 234 -6.62 30.78 -57.56
CA LYS A 234 -7.14 31.57 -58.59
C LYS A 234 -8.30 30.79 -59.17
N LYS A 235 -8.18 29.47 -59.16
CA LYS A 235 -9.24 28.57 -59.63
C LYS A 235 -9.78 27.92 -58.31
N ILE B 1 -21.24 5.04 -13.37
CA ILE B 1 -20.97 4.72 -14.83
C ILE B 1 -22.08 3.79 -15.25
N THR B 2 -22.03 2.51 -14.84
CA THR B 2 -22.89 1.39 -15.20
C THR B 2 -23.73 1.05 -14.06
N VAL B 3 -25.05 0.98 -14.33
CA VAL B 3 -26.00 0.54 -13.34
C VAL B 3 -27.12 0.02 -14.18
N PHE B 4 -28.09 -0.64 -13.51
CA PHE B 4 -29.31 -1.13 -14.10
C PHE B 4 -30.22 -0.05 -14.65
N SER B 5 -31.11 -0.54 -15.54
CA SER B 5 -32.14 0.23 -16.22
C SER B 5 -33.48 -0.22 -15.61
N PRO B 6 -34.55 0.57 -15.75
CA PRO B 6 -35.80 0.24 -15.07
C PRO B 6 -36.49 -0.83 -15.85
N ASP B 7 -35.89 -1.28 -16.93
CA ASP B 7 -36.39 -2.28 -17.83
C ASP B 7 -35.55 -3.43 -17.70
N GLY B 8 -34.70 -3.49 -16.61
CA GLY B 8 -33.77 -4.59 -16.42
C GLY B 8 -32.78 -4.98 -17.41
N ARG B 9 -32.17 -3.90 -18.01
CA ARG B 9 -31.10 -4.07 -18.92
C ARG B 9 -30.07 -3.17 -18.27
N LEU B 10 -28.92 -3.05 -18.89
CA LEU B 10 -27.84 -2.21 -18.43
C LEU B 10 -27.73 -1.24 -19.53
N PHE B 11 -27.63 0.10 -19.29
CA PHE B 11 -27.60 1.15 -20.33
C PHE B 11 -26.40 1.04 -21.13
N GLN B 12 -25.24 0.88 -20.43
CA GLN B 12 -23.94 0.95 -20.99
C GLN B 12 -23.64 -0.23 -21.77
N VAL B 13 -24.18 -1.45 -21.44
CA VAL B 13 -24.08 -2.58 -22.31
C VAL B 13 -24.81 -2.43 -23.60
N GLU B 14 -26.08 -1.92 -23.52
CA GLU B 14 -26.93 -1.71 -24.66
C GLU B 14 -26.47 -0.70 -25.65
N TYR B 15 -25.99 0.45 -25.21
CA TYR B 15 -25.36 1.44 -26.03
C TYR B 15 -24.06 0.87 -26.57
N ALA B 16 -23.29 0.02 -25.80
CA ALA B 16 -22.11 -0.65 -26.32
C ALA B 16 -22.37 -1.62 -27.42
N ARG B 17 -23.58 -2.33 -27.29
CA ARG B 17 -24.05 -3.27 -28.30
C ARG B 17 -24.27 -2.51 -29.60
N GLU B 18 -24.78 -1.26 -29.53
CA GLU B 18 -24.94 -0.29 -30.62
C GLU B 18 -23.64 0.16 -31.19
N ALA B 19 -22.53 0.22 -30.40
CA ALA B 19 -21.23 0.54 -30.85
C ALA B 19 -20.81 -0.46 -31.82
N VAL B 20 -21.12 -1.75 -31.57
CA VAL B 20 -20.81 -2.90 -32.49
C VAL B 20 -21.62 -2.76 -33.76
N LYS B 21 -22.93 -2.41 -33.75
CA LYS B 21 -23.64 -2.28 -34.94
C LYS B 21 -23.03 -1.15 -35.84
N ARG B 22 -22.48 -0.12 -35.25
CA ARG B 22 -21.93 1.00 -35.94
C ARG B 22 -20.50 0.75 -36.52
N GLY B 23 -19.85 -0.42 -36.20
CA GLY B 23 -18.55 -0.92 -36.69
C GLY B 23 -18.56 -1.49 -38.08
N ALA B 24 -17.46 -2.17 -38.44
CA ALA B 24 -17.15 -2.64 -39.72
C ALA B 24 -17.33 -4.14 -39.67
N THR B 25 -18.28 -4.67 -40.49
CA THR B 25 -18.71 -6.04 -40.46
C THR B 25 -17.54 -7.01 -40.55
N ALA B 26 -17.61 -8.04 -39.71
CA ALA B 26 -16.84 -9.15 -39.92
C ALA B 26 -17.75 -10.36 -39.78
N ILE B 27 -17.18 -11.58 -39.83
CA ILE B 27 -17.94 -12.67 -40.32
C ILE B 27 -17.01 -13.83 -40.32
N GLY B 28 -17.61 -15.02 -39.89
CA GLY B 28 -16.95 -16.29 -39.74
C GLY B 28 -17.76 -17.34 -40.37
N ILE B 29 -17.25 -18.37 -41.00
CA ILE B 29 -17.86 -19.53 -41.61
C ILE B 29 -17.08 -20.63 -40.96
N LYS B 30 -17.79 -21.62 -40.34
CA LYS B 30 -17.12 -22.77 -39.78
C LYS B 30 -17.59 -23.84 -40.65
N CYS B 31 -16.62 -24.71 -41.06
CA CYS B 31 -16.87 -25.92 -41.89
C CYS B 31 -16.15 -26.97 -41.06
N LYS B 32 -16.16 -28.29 -41.44
CA LYS B 32 -15.62 -29.40 -40.72
C LYS B 32 -14.14 -29.44 -40.85
N GLU B 33 -13.54 -28.77 -41.89
CA GLU B 33 -12.09 -28.78 -42.17
C GLU B 33 -11.40 -27.52 -41.72
N GLY B 34 -12.05 -26.55 -41.12
CA GLY B 34 -11.29 -25.40 -40.62
C GLY B 34 -12.32 -24.48 -40.17
N VAL B 35 -11.85 -23.22 -39.82
CA VAL B 35 -12.79 -22.15 -39.52
C VAL B 35 -12.13 -20.98 -40.15
N ILE B 36 -13.00 -20.16 -40.90
CA ILE B 36 -12.50 -19.22 -41.83
C ILE B 36 -13.00 -17.96 -41.18
N LEU B 37 -12.23 -16.87 -41.27
CA LEU B 37 -12.65 -15.61 -40.55
C LEU B 37 -12.14 -14.53 -41.51
N ILE B 38 -13.14 -13.79 -42.07
CA ILE B 38 -12.87 -12.87 -43.07
C ILE B 38 -13.37 -11.63 -42.41
N ALA B 39 -12.60 -10.50 -42.50
CA ALA B 39 -13.01 -9.19 -42.07
C ALA B 39 -12.86 -8.12 -43.08
N ASP B 40 -13.85 -7.20 -43.08
CA ASP B 40 -14.00 -6.02 -43.91
C ASP B 40 -13.09 -4.82 -43.47
N LYS B 41 -12.03 -4.69 -44.31
CA LYS B 41 -11.10 -3.58 -44.17
C LYS B 41 -11.32 -2.66 -45.22
N ARG B 42 -12.57 -2.54 -45.73
CA ARG B 42 -12.95 -1.72 -46.86
C ARG B 42 -12.81 -0.23 -46.42
N VAL B 43 -11.95 0.42 -47.15
CA VAL B 43 -11.48 1.73 -46.75
C VAL B 43 -12.36 2.90 -47.22
N GLY B 44 -12.18 4.01 -46.55
CA GLY B 44 -12.89 5.29 -46.74
C GLY B 44 -12.16 6.26 -47.70
N SER B 45 -10.79 6.13 -47.92
CA SER B 45 -10.13 7.06 -48.79
C SER B 45 -9.16 6.16 -49.49
N LYS B 46 -8.47 6.74 -50.50
CA LYS B 46 -7.49 6.04 -51.35
C LYS B 46 -6.15 6.31 -50.89
N LEU B 47 -6.01 7.23 -49.90
CA LEU B 47 -4.69 7.47 -49.27
C LEU B 47 -4.66 6.58 -48.06
N LEU B 48 -5.72 5.86 -47.60
CA LEU B 48 -5.69 4.92 -46.46
C LEU B 48 -5.15 3.69 -47.09
N GLU B 49 -3.90 3.31 -46.60
CA GLU B 49 -3.33 2.09 -47.16
C GLU B 49 -4.00 0.91 -46.68
N ALA B 50 -4.53 0.11 -47.67
CA ALA B 50 -5.37 -1.03 -47.43
C ALA B 50 -4.57 -2.24 -47.60
N ASP B 51 -3.25 -2.22 -47.17
CA ASP B 51 -2.35 -3.33 -47.41
C ASP B 51 -1.43 -3.43 -46.27
N THR B 52 -1.70 -2.66 -45.20
CA THR B 52 -0.93 -2.61 -43.96
C THR B 52 -1.88 -2.16 -42.83
N ILE B 53 -3.24 -2.19 -43.05
CA ILE B 53 -4.27 -2.11 -42.05
C ILE B 53 -4.73 -3.53 -41.79
N GLU B 54 -4.96 -3.88 -40.55
CA GLU B 54 -5.11 -5.22 -39.90
C GLU B 54 -6.47 -5.05 -39.18
N LYS B 55 -7.30 -6.17 -39.31
CA LYS B 55 -8.62 -6.22 -38.69
C LYS B 55 -8.98 -7.74 -38.29
N ILE B 56 -8.10 -8.70 -38.60
CA ILE B 56 -8.04 -10.10 -38.29
C ILE B 56 -6.70 -10.26 -37.57
N TYR B 57 -6.70 -10.55 -36.25
CA TYR B 57 -5.54 -10.62 -35.47
C TYR B 57 -5.37 -12.02 -35.18
N LYS B 58 -4.13 -12.49 -35.11
CA LYS B 58 -3.69 -13.81 -34.58
C LYS B 58 -3.55 -13.68 -33.13
N ILE B 59 -4.02 -14.72 -32.44
CA ILE B 59 -4.05 -14.69 -30.97
C ILE B 59 -3.25 -15.74 -30.39
N ASP B 60 -3.24 -16.92 -31.02
CA ASP B 60 -2.30 -17.89 -30.68
C ASP B 60 -1.97 -18.54 -32.02
N GLU B 61 -1.24 -19.65 -31.99
CA GLU B 61 -0.80 -20.41 -33.10
C GLU B 61 -1.80 -21.36 -33.77
N HIS B 62 -3.11 -21.14 -33.54
CA HIS B 62 -4.26 -21.95 -33.98
C HIS B 62 -5.52 -21.18 -33.63
N ILE B 63 -5.36 -19.89 -33.18
CA ILE B 63 -6.54 -19.08 -32.90
C ILE B 63 -6.33 -17.76 -33.59
N CYS B 64 -7.31 -17.23 -34.30
CA CYS B 64 -7.28 -15.91 -34.84
C CYS B 64 -8.64 -15.30 -34.38
N ALA B 65 -8.70 -13.99 -34.21
CA ALA B 65 -9.95 -13.38 -33.77
C ALA B 65 -10.12 -12.02 -34.50
N ALA B 66 -11.30 -11.79 -35.08
CA ALA B 66 -11.70 -10.61 -35.86
C ALA B 66 -12.52 -9.76 -34.97
N THR B 67 -12.86 -8.50 -35.37
CA THR B 67 -13.43 -7.56 -34.42
C THR B 67 -14.35 -6.66 -35.22
N SER B 68 -15.29 -6.01 -34.52
CA SER B 68 -16.19 -4.96 -34.94
C SER B 68 -16.43 -4.17 -33.71
N GLY B 69 -16.69 -2.87 -33.90
CA GLY B 69 -17.01 -2.00 -32.73
C GLY B 69 -15.98 -0.86 -32.77
N LEU B 70 -15.46 -0.46 -31.59
CA LEU B 70 -14.50 0.56 -31.63
C LEU B 70 -13.15 -0.08 -31.76
N VAL B 71 -12.29 0.45 -32.63
CA VAL B 71 -11.02 0.01 -33.14
C VAL B 71 -10.09 -0.07 -31.93
N ALA B 72 -10.06 1.00 -31.09
CA ALA B 72 -9.11 1.13 -30.00
C ALA B 72 -9.24 0.06 -28.88
N ASP B 73 -10.52 -0.25 -28.52
CA ASP B 73 -10.96 -1.20 -27.49
C ASP B 73 -10.63 -2.59 -27.85
N ALA B 74 -10.82 -2.89 -29.19
CA ALA B 74 -10.52 -4.08 -29.83
C ALA B 74 -9.11 -4.50 -29.82
N ARG B 75 -8.30 -3.53 -30.17
CA ARG B 75 -6.88 -3.79 -30.14
C ARG B 75 -6.33 -4.16 -28.81
N VAL B 76 -6.78 -3.46 -27.75
CA VAL B 76 -6.42 -3.68 -26.38
C VAL B 76 -7.00 -5.01 -25.88
N LEU B 77 -8.28 -5.33 -26.22
CA LEU B 77 -8.99 -6.52 -25.78
C LEU B 77 -8.27 -7.73 -26.30
N ILE B 78 -7.89 -7.61 -27.59
CA ILE B 78 -7.19 -8.69 -28.25
C ILE B 78 -5.75 -8.87 -27.69
N ASP B 79 -5.12 -7.77 -27.16
CA ASP B 79 -3.80 -7.80 -26.64
C ASP B 79 -3.79 -8.56 -25.38
N ARG B 80 -4.87 -8.39 -24.52
CA ARG B 80 -5.22 -9.09 -23.37
C ARG B 80 -5.42 -10.56 -23.72
N ALA B 81 -6.13 -10.93 -24.85
CA ALA B 81 -6.32 -12.27 -25.33
C ALA B 81 -5.02 -12.90 -25.62
N ARG B 82 -4.07 -12.22 -26.28
CA ARG B 82 -2.75 -12.70 -26.64
C ARG B 82 -1.83 -13.03 -25.44
N ILE B 83 -1.81 -12.08 -24.42
CA ILE B 83 -1.20 -12.36 -23.13
C ILE B 83 -1.95 -13.49 -22.41
N GLU B 84 -3.28 -13.59 -22.33
CA GLU B 84 -4.00 -14.65 -21.57
C GLU B 84 -3.79 -15.98 -22.13
N ALA B 85 -3.68 -15.99 -23.50
CA ALA B 85 -3.37 -17.21 -24.25
C ALA B 85 -2.06 -17.87 -23.97
N GLN B 86 -1.04 -16.97 -23.99
CA GLN B 86 0.35 -17.36 -23.69
C GLN B 86 0.59 -17.66 -22.26
N ILE B 87 -0.12 -16.95 -21.34
CA ILE B 87 -0.12 -17.24 -19.94
C ILE B 87 -0.63 -18.63 -19.73
N ASN B 88 -1.74 -19.01 -20.42
CA ASN B 88 -2.21 -20.39 -20.32
C ASN B 88 -1.19 -21.42 -20.64
N ARG B 89 -0.48 -21.17 -21.79
CA ARG B 89 0.56 -21.99 -22.39
C ARG B 89 1.77 -22.15 -21.46
N LEU B 90 2.09 -21.04 -20.80
CA LEU B 90 3.11 -21.03 -19.77
C LEU B 90 2.82 -21.93 -18.60
N THR B 91 1.59 -21.81 -18.03
CA THR B 91 1.28 -22.48 -16.81
C THR B 91 0.96 -23.98 -17.02
N TYR B 92 0.42 -24.30 -18.25
CA TYR B 92 0.06 -25.65 -18.46
C TYR B 92 0.69 -26.40 -19.55
N ASP B 93 1.59 -25.82 -20.35
CA ASP B 93 2.29 -26.38 -21.47
C ASP B 93 1.25 -26.95 -22.46
N GLU B 94 0.04 -26.42 -22.55
CA GLU B 94 -0.99 -26.91 -23.44
C GLU B 94 -1.57 -25.76 -24.15
N PRO B 95 -1.75 -25.59 -25.51
CA PRO B 95 -2.19 -24.30 -26.07
C PRO B 95 -3.65 -24.07 -25.71
N ILE B 96 -3.97 -22.80 -25.31
CA ILE B 96 -5.32 -22.39 -24.84
C ILE B 96 -6.39 -22.71 -25.87
N THR B 97 -7.53 -23.26 -25.39
CA THR B 97 -8.64 -23.70 -26.28
C THR B 97 -9.46 -22.54 -26.58
N VAL B 98 -10.29 -22.53 -27.61
CA VAL B 98 -10.96 -21.40 -28.15
C VAL B 98 -11.96 -20.87 -27.16
N LYS B 99 -12.70 -21.89 -26.54
CA LYS B 99 -13.80 -21.62 -25.66
C LYS B 99 -13.35 -20.94 -24.44
N GLU B 100 -12.34 -21.54 -23.85
CA GLU B 100 -11.73 -21.12 -22.61
C GLU B 100 -11.00 -19.81 -22.77
N LEU B 101 -10.34 -19.53 -23.94
CA LEU B 101 -9.73 -18.25 -24.21
C LEU B 101 -10.78 -17.17 -24.24
N ALA B 102 -11.86 -17.47 -24.94
CA ALA B 102 -12.98 -16.62 -25.03
C ALA B 102 -13.58 -16.34 -23.65
N LYS B 103 -13.66 -17.33 -22.78
CA LYS B 103 -14.23 -17.13 -21.44
C LYS B 103 -13.41 -16.14 -20.64
N LYS B 104 -12.05 -16.18 -20.65
CA LYS B 104 -11.25 -15.23 -19.88
C LYS B 104 -11.31 -13.82 -20.34
N ILE B 105 -11.35 -13.56 -21.68
CA ILE B 105 -11.55 -12.21 -22.24
C ILE B 105 -12.97 -11.69 -22.11
N CYS B 106 -14.00 -12.64 -21.98
CA CYS B 106 -15.35 -12.28 -21.66
C CYS B 106 -15.50 -11.89 -20.20
N ASP B 107 -14.62 -12.46 -19.32
CA ASP B 107 -14.65 -12.14 -17.94
C ASP B 107 -14.14 -10.74 -17.74
N PHE B 108 -13.10 -10.35 -18.57
CA PHE B 108 -12.48 -9.08 -18.62
C PHE B 108 -13.42 -8.00 -19.10
N LYS B 109 -14.31 -8.31 -20.04
CA LYS B 109 -15.26 -7.30 -20.56
C LYS B 109 -16.31 -7.11 -19.57
N GLN B 110 -16.63 -8.21 -18.83
CA GLN B 110 -17.60 -8.28 -17.83
C GLN B 110 -17.13 -7.52 -16.65
N GLN B 111 -15.76 -7.50 -16.28
CA GLN B 111 -15.22 -6.81 -15.16
C GLN B 111 -15.46 -5.37 -15.41
N TYR B 112 -15.28 -4.89 -16.64
CA TYR B 112 -15.38 -3.49 -16.97
C TYR B 112 -16.81 -2.99 -17.16
N THR B 113 -17.76 -3.94 -17.17
CA THR B 113 -19.17 -3.62 -17.25
C THR B 113 -19.68 -3.61 -15.83
N GLN B 114 -19.20 -4.56 -14.98
CA GLN B 114 -19.60 -4.89 -13.62
C GLN B 114 -19.41 -3.65 -12.80
N TYR B 115 -18.22 -3.09 -12.96
CA TYR B 115 -17.62 -2.34 -11.90
C TYR B 115 -17.79 -0.91 -12.33
N GLY B 116 -17.90 0.00 -11.36
CA GLY B 116 -18.35 1.32 -11.73
C GLY B 116 -17.22 2.29 -11.99
N GLY B 117 -15.94 1.75 -12.00
CA GLY B 117 -14.74 2.53 -12.03
C GLY B 117 -14.38 2.96 -13.44
N VAL B 118 -14.94 2.26 -14.48
CA VAL B 118 -14.48 2.16 -15.87
C VAL B 118 -15.71 1.90 -16.65
N ARG B 119 -15.68 2.29 -18.00
CA ARG B 119 -16.79 1.98 -18.88
C ARG B 119 -16.55 0.64 -19.62
N PRO B 120 -17.55 -0.03 -20.22
CA PRO B 120 -17.39 -1.31 -20.83
C PRO B 120 -16.51 -1.23 -22.03
N PHE B 121 -15.86 -2.30 -22.48
CA PHE B 121 -15.20 -2.39 -23.77
C PHE B 121 -16.26 -2.56 -24.86
N GLY B 122 -16.28 -1.57 -25.77
CA GLY B 122 -17.31 -1.55 -26.81
C GLY B 122 -16.87 -2.18 -28.06
N VAL B 123 -16.90 -3.53 -28.05
CA VAL B 123 -16.44 -4.35 -29.12
C VAL B 123 -17.18 -5.73 -28.97
N SER B 124 -17.38 -6.41 -30.16
CA SER B 124 -17.76 -7.75 -30.24
C SER B 124 -16.58 -8.30 -30.99
N LEU B 125 -16.15 -9.53 -30.66
CA LEU B 125 -15.06 -10.20 -31.35
C LEU B 125 -15.68 -11.46 -31.86
N LEU B 126 -15.16 -12.06 -32.93
CA LEU B 126 -15.38 -13.40 -33.25
C LEU B 126 -14.08 -14.06 -33.00
N ILE B 127 -14.01 -15.05 -32.11
CA ILE B 127 -12.87 -15.79 -31.83
C ILE B 127 -13.04 -17.02 -32.65
N ALA B 128 -12.06 -17.33 -33.52
CA ALA B 128 -12.10 -18.54 -34.41
C ALA B 128 -10.93 -19.42 -34.14
N GLY B 129 -11.04 -20.73 -34.21
CA GLY B 129 -9.85 -21.47 -33.82
C GLY B 129 -10.22 -22.92 -33.85
N VAL B 130 -9.21 -23.80 -33.88
CA VAL B 130 -9.53 -25.18 -33.78
C VAL B 130 -8.78 -25.55 -32.59
N ASP B 131 -9.53 -25.92 -31.52
CA ASP B 131 -8.94 -26.41 -30.30
C ASP B 131 -8.50 -27.80 -30.46
N GLU B 132 -9.54 -28.54 -30.98
CA GLU B 132 -9.21 -29.89 -31.43
C GLU B 132 -10.25 -30.22 -32.46
N VAL B 133 -11.23 -29.33 -32.64
CA VAL B 133 -12.26 -29.42 -33.59
C VAL B 133 -12.50 -27.96 -33.84
N PRO B 134 -12.99 -27.55 -35.00
CA PRO B 134 -13.22 -26.16 -35.29
C PRO B 134 -14.28 -25.61 -34.47
N LYS B 135 -14.04 -24.37 -33.97
CA LYS B 135 -14.91 -23.73 -33.00
C LYS B 135 -14.95 -22.30 -33.44
N LEU B 136 -16.14 -21.72 -33.33
CA LEU B 136 -16.36 -20.35 -33.70
C LEU B 136 -17.22 -19.87 -32.64
N TYR B 137 -16.77 -18.75 -32.04
CA TYR B 137 -17.44 -18.01 -30.99
C TYR B 137 -17.67 -16.68 -31.52
N GLU B 138 -18.67 -16.15 -30.89
CA GLU B 138 -19.08 -14.74 -30.87
C GLU B 138 -18.91 -14.23 -29.42
N THR B 139 -18.26 -13.08 -29.22
CA THR B 139 -18.16 -12.47 -27.90
C THR B 139 -18.93 -11.13 -28.03
N ASP B 140 -19.65 -10.71 -26.95
CA ASP B 140 -20.55 -9.57 -27.10
C ASP B 140 -20.06 -8.52 -26.04
N PRO B 141 -20.26 -7.25 -26.07
CA PRO B 141 -19.56 -6.28 -25.16
C PRO B 141 -19.89 -6.32 -23.71
N SER B 142 -20.84 -7.22 -23.33
CA SER B 142 -21.28 -7.45 -21.96
C SER B 142 -20.27 -8.40 -21.38
N GLY B 143 -19.53 -9.18 -22.20
CA GLY B 143 -18.99 -10.47 -21.76
C GLY B 143 -19.94 -11.59 -21.91
N ALA B 144 -20.54 -11.81 -23.11
CA ALA B 144 -21.41 -12.95 -23.35
C ALA B 144 -20.70 -13.71 -24.39
N LEU B 145 -20.91 -15.06 -24.45
CA LEU B 145 -20.23 -15.93 -25.28
C LEU B 145 -21.20 -16.92 -25.93
N LEU B 146 -21.26 -17.08 -27.24
CA LEU B 146 -22.22 -17.94 -27.94
C LEU B 146 -21.46 -18.65 -29.01
N GLU B 147 -21.68 -19.95 -29.22
CA GLU B 147 -20.97 -20.69 -30.24
C GLU B 147 -21.86 -20.63 -31.39
N TYR B 148 -21.28 -20.38 -32.65
CA TYR B 148 -22.07 -20.21 -33.84
C TYR B 148 -21.35 -21.17 -34.76
N LYS B 149 -22.01 -21.50 -35.89
CA LYS B 149 -21.52 -22.19 -37.02
C LYS B 149 -21.21 -21.31 -38.12
N ALA B 150 -21.85 -20.13 -38.11
CA ALA B 150 -21.54 -19.05 -39.05
C ALA B 150 -22.24 -17.82 -38.48
N THR B 151 -21.54 -16.66 -38.57
CA THR B 151 -22.09 -15.56 -37.78
C THR B 151 -21.49 -14.28 -38.32
N ALA B 152 -21.82 -13.11 -37.77
CA ALA B 152 -21.31 -11.83 -38.17
C ALA B 152 -21.58 -10.95 -36.96
N ILE B 153 -20.78 -9.86 -36.93
CA ILE B 153 -20.85 -8.88 -35.96
C ILE B 153 -20.82 -7.66 -36.80
N GLY B 154 -21.19 -6.48 -36.24
CA GLY B 154 -21.07 -5.31 -37.10
C GLY B 154 -22.23 -5.02 -38.08
N MET B 155 -21.94 -4.13 -39.06
CA MET B 155 -22.87 -3.53 -40.00
C MET B 155 -23.71 -4.43 -40.79
N GLY B 156 -23.07 -5.51 -41.25
CA GLY B 156 -23.58 -6.66 -41.97
C GLY B 156 -24.24 -7.74 -41.28
N ARG B 157 -24.41 -7.65 -39.96
CA ARG B 157 -25.04 -8.74 -39.17
C ARG B 157 -26.40 -9.07 -39.66
N ASN B 158 -27.32 -8.09 -39.92
CA ASN B 158 -28.66 -8.33 -40.34
C ASN B 158 -28.67 -9.16 -41.59
N ALA B 159 -27.95 -8.80 -42.65
CA ALA B 159 -27.82 -9.41 -44.02
C ALA B 159 -27.24 -10.82 -43.93
N VAL B 160 -26.12 -10.89 -43.30
CA VAL B 160 -25.34 -12.03 -43.26
C VAL B 160 -25.88 -13.30 -42.54
N THR B 161 -26.60 -13.11 -41.37
CA THR B 161 -27.20 -14.09 -40.53
C THR B 161 -28.38 -14.58 -41.28
N GLU B 162 -29.17 -13.66 -41.94
CA GLU B 162 -30.32 -14.05 -42.76
C GLU B 162 -29.95 -14.89 -43.90
N PHE B 163 -28.81 -14.55 -44.58
CA PHE B 163 -28.15 -15.31 -45.74
C PHE B 163 -27.84 -16.74 -45.37
N PHE B 164 -27.18 -17.00 -44.20
CA PHE B 164 -26.85 -18.37 -43.79
C PHE B 164 -28.02 -19.28 -43.47
N GLU B 165 -29.10 -18.59 -43.05
CA GLU B 165 -30.34 -19.32 -42.81
C GLU B 165 -30.95 -19.81 -44.19
N LYS B 166 -30.63 -19.10 -45.34
CA LYS B 166 -31.05 -19.48 -46.66
C LYS B 166 -30.04 -20.26 -47.48
N GLU B 167 -28.80 -20.51 -46.94
CA GLU B 167 -27.68 -21.14 -47.62
C GLU B 167 -26.50 -21.24 -46.74
N TYR B 168 -26.29 -22.46 -46.28
CA TYR B 168 -25.27 -22.86 -45.44
C TYR B 168 -25.61 -24.26 -45.18
N ARG B 169 -24.57 -25.13 -45.15
CA ARG B 169 -24.75 -26.48 -44.78
C ARG B 169 -23.74 -26.69 -43.72
N ASP B 170 -23.62 -28.01 -43.26
CA ASP B 170 -22.62 -28.51 -42.35
C ASP B 170 -21.77 -29.58 -42.93
N ASP B 171 -22.07 -29.99 -44.22
CA ASP B 171 -21.27 -30.97 -44.95
C ASP B 171 -20.56 -30.13 -46.04
N LEU B 172 -20.69 -28.77 -45.84
CA LEU B 172 -20.05 -27.68 -46.61
C LEU B 172 -18.57 -27.93 -46.53
N SER B 173 -17.90 -28.04 -47.70
CA SER B 173 -16.54 -28.38 -47.71
C SER B 173 -15.76 -27.15 -47.77
N PHE B 174 -14.38 -27.21 -47.67
CA PHE B 174 -13.62 -26.01 -47.35
C PHE B 174 -13.67 -24.95 -48.42
N ASP B 175 -13.54 -25.37 -49.74
CA ASP B 175 -13.50 -24.35 -50.82
C ASP B 175 -14.79 -23.56 -50.95
N ASP B 176 -15.91 -24.33 -50.86
CA ASP B 176 -17.22 -23.79 -51.04
C ASP B 176 -17.55 -22.89 -49.89
N ALA B 177 -17.03 -23.26 -48.68
CA ALA B 177 -17.18 -22.54 -47.42
C ALA B 177 -16.44 -21.19 -47.43
N MET B 178 -15.29 -21.16 -48.10
CA MET B 178 -14.54 -19.89 -48.30
C MET B 178 -15.28 -18.99 -49.18
N VAL B 179 -15.82 -19.51 -50.30
CA VAL B 179 -16.60 -18.70 -51.18
C VAL B 179 -17.87 -18.16 -50.51
N LEU B 180 -18.54 -18.93 -49.59
CA LEU B 180 -19.76 -18.54 -48.90
C LEU B 180 -19.60 -17.26 -48.07
N GLY B 181 -18.46 -17.15 -47.31
CA GLY B 181 -18.22 -16.13 -46.47
C GLY B 181 -17.74 -14.91 -47.17
N LEU B 182 -17.11 -15.12 -48.40
CA LEU B 182 -16.66 -14.04 -49.29
C LEU B 182 -17.92 -13.49 -50.02
N VAL B 183 -18.86 -14.39 -50.45
CA VAL B 183 -20.17 -14.04 -51.08
C VAL B 183 -21.02 -13.20 -50.15
N ALA B 184 -21.02 -13.59 -48.86
CA ALA B 184 -21.81 -13.03 -47.78
C ALA B 184 -21.32 -11.65 -47.47
N MET B 185 -19.94 -11.50 -47.53
CA MET B 185 -19.25 -10.26 -47.28
C MET B 185 -19.65 -9.27 -48.31
N GLY B 186 -19.75 -9.75 -49.60
CA GLY B 186 -20.19 -8.97 -50.78
C GLY B 186 -21.54 -8.41 -50.68
N LEU B 187 -22.46 -9.14 -50.06
CA LEU B 187 -23.79 -8.69 -49.81
C LEU B 187 -23.88 -7.63 -48.83
N SER B 188 -23.06 -7.59 -47.75
CA SER B 188 -22.98 -6.63 -46.69
C SER B 188 -22.78 -5.28 -47.26
N ILE B 189 -21.78 -5.13 -48.18
CA ILE B 189 -21.30 -3.85 -48.65
C ILE B 189 -21.95 -3.47 -49.94
N GLU B 190 -22.82 -4.38 -50.44
CA GLU B 190 -23.68 -4.25 -51.61
C GLU B 190 -22.78 -3.96 -52.82
N SER B 191 -21.63 -4.69 -52.93
CA SER B 191 -20.76 -4.55 -54.08
C SER B 191 -19.87 -5.79 -54.08
N GLU B 192 -19.24 -6.09 -55.22
CA GLU B 192 -18.27 -7.12 -55.47
C GLU B 192 -17.08 -6.82 -54.75
N LEU B 193 -16.38 -7.87 -54.28
CA LEU B 193 -15.26 -7.67 -53.43
C LEU B 193 -14.12 -7.22 -54.29
N VAL B 194 -13.07 -6.72 -53.60
CA VAL B 194 -11.82 -6.42 -54.17
C VAL B 194 -10.95 -7.13 -53.28
N PRO B 195 -9.82 -7.78 -53.72
CA PRO B 195 -8.98 -8.60 -52.81
C PRO B 195 -8.20 -7.64 -51.77
N GLU B 196 -8.07 -6.34 -52.10
CA GLU B 196 -7.39 -5.37 -51.29
C GLU B 196 -8.41 -4.86 -50.28
N ASN B 197 -9.72 -5.26 -50.13
CA ASN B 197 -10.65 -4.65 -49.25
C ASN B 197 -11.14 -5.64 -48.21
N ILE B 198 -10.43 -6.81 -48.15
CA ILE B 198 -10.84 -7.78 -47.16
C ILE B 198 -9.51 -8.47 -46.78
N GLU B 199 -9.45 -9.01 -45.56
CA GLU B 199 -8.39 -9.82 -45.01
C GLU B 199 -9.04 -11.03 -44.58
N VAL B 200 -8.37 -12.17 -44.82
CA VAL B 200 -8.88 -13.51 -44.53
C VAL B 200 -7.82 -14.33 -43.87
N GLY B 201 -8.18 -15.00 -42.82
CA GLY B 201 -7.41 -15.94 -42.11
C GLY B 201 -8.23 -17.15 -41.83
N TYR B 202 -7.56 -18.32 -41.56
CA TYR B 202 -8.24 -19.51 -41.35
C TYR B 202 -7.29 -20.28 -40.51
N VAL B 203 -7.87 -20.97 -39.51
CA VAL B 203 -7.15 -22.02 -38.83
C VAL B 203 -7.59 -23.25 -39.47
N LYS B 204 -6.64 -23.92 -40.10
CA LYS B 204 -7.10 -25.20 -40.66
C LYS B 204 -7.15 -26.40 -39.61
N VAL B 205 -7.87 -27.48 -39.84
CA VAL B 205 -7.80 -28.64 -39.03
C VAL B 205 -6.47 -29.40 -39.30
N ASP B 206 -6.15 -29.67 -40.59
CA ASP B 206 -5.03 -30.50 -40.95
C ASP B 206 -3.70 -29.94 -40.55
N ASP B 207 -3.52 -28.63 -40.69
CA ASP B 207 -2.33 -27.91 -40.30
C ASP B 207 -2.34 -27.69 -38.76
N ARG B 208 -3.50 -27.29 -38.24
CA ARG B 208 -3.72 -26.90 -36.89
C ARG B 208 -2.88 -25.74 -36.54
N THR B 209 -2.62 -24.87 -37.53
CA THR B 209 -1.85 -23.66 -37.48
C THR B 209 -2.58 -22.80 -38.40
N PHE B 210 -3.22 -21.75 -37.89
CA PHE B 210 -3.28 -20.50 -38.53
C PHE B 210 -2.22 -20.19 -39.57
N LYS B 211 -2.73 -19.82 -40.76
CA LYS B 211 -1.98 -19.31 -41.88
C LYS B 211 -3.00 -18.28 -42.42
N GLU B 212 -2.51 -17.15 -43.00
CA GLU B 212 -3.34 -16.09 -43.55
C GLU B 212 -3.41 -16.36 -44.98
N VAL B 213 -4.60 -15.99 -45.59
CA VAL B 213 -4.75 -16.04 -46.97
C VAL B 213 -4.05 -14.83 -47.53
N SER B 214 -3.29 -15.09 -48.65
CA SER B 214 -2.36 -14.12 -49.25
C SER B 214 -3.23 -13.14 -50.03
N PRO B 215 -2.80 -11.95 -50.51
CA PRO B 215 -3.54 -11.30 -51.54
C PRO B 215 -3.65 -12.01 -52.82
N GLU B 216 -2.66 -12.94 -53.07
CA GLU B 216 -2.57 -13.83 -54.21
C GLU B 216 -3.56 -14.92 -54.15
N GLU B 217 -3.78 -15.40 -52.93
CA GLU B 217 -4.55 -16.59 -52.66
C GLU B 217 -6.11 -16.35 -52.45
N LEU B 218 -6.37 -15.06 -52.25
CA LEU B 218 -7.68 -14.41 -52.15
C LEU B 218 -8.27 -14.48 -53.52
N LYS B 219 -7.57 -14.19 -54.58
CA LYS B 219 -8.02 -14.01 -55.93
C LYS B 219 -8.89 -15.16 -56.53
N PRO B 220 -8.53 -16.46 -56.48
CA PRO B 220 -9.42 -17.53 -56.89
C PRO B 220 -10.77 -17.61 -56.27
N TYR B 221 -10.83 -17.20 -55.01
CA TYR B 221 -12.05 -17.21 -54.31
C TYR B 221 -12.89 -16.02 -54.56
N VAL B 222 -12.30 -14.79 -54.74
CA VAL B 222 -12.98 -13.61 -55.11
C VAL B 222 -13.64 -13.79 -56.46
N GLU B 223 -12.96 -14.44 -57.41
CA GLU B 223 -13.49 -14.67 -58.79
C GLU B 223 -14.78 -15.47 -58.72
N ARG B 224 -14.78 -16.61 -58.02
CA ARG B 224 -15.92 -17.49 -57.84
C ARG B 224 -17.05 -16.84 -57.11
N ALA B 225 -16.72 -16.13 -56.05
CA ALA B 225 -17.63 -15.46 -55.21
C ALA B 225 -18.38 -14.44 -55.95
N ASN B 226 -17.65 -13.66 -56.83
CA ASN B 226 -18.19 -12.55 -57.58
C ASN B 226 -19.22 -13.04 -58.52
N GLU B 227 -19.10 -14.32 -59.05
CA GLU B 227 -20.15 -14.73 -59.94
C GLU B 227 -21.43 -14.93 -59.20
N ARG B 228 -21.34 -15.41 -57.95
CA ARG B 228 -22.53 -15.57 -57.16
C ARG B 228 -23.07 -14.26 -56.55
N ILE B 229 -22.27 -13.30 -56.15
CA ILE B 229 -22.65 -11.98 -55.62
C ILE B 229 -23.37 -11.19 -56.66
N ARG B 230 -22.84 -11.12 -57.95
CA ARG B 230 -23.52 -10.45 -59.03
C ARG B 230 -24.88 -11.00 -59.30
N GLU B 231 -25.00 -12.38 -59.37
CA GLU B 231 -26.27 -13.07 -59.63
C GLU B 231 -27.30 -12.64 -58.64
N LEU B 232 -27.02 -12.68 -57.31
CA LEU B 232 -27.96 -12.29 -56.27
C LEU B 232 -28.42 -10.86 -56.19
N LEU B 233 -27.42 -9.97 -56.39
CA LEU B 233 -27.60 -8.52 -56.37
C LEU B 233 -28.29 -7.86 -57.47
N LYS B 234 -28.23 -8.49 -58.71
CA LYS B 234 -28.80 -7.95 -59.87
C LYS B 234 -30.19 -8.47 -60.05
N LYS B 235 -30.67 -9.28 -59.08
CA LYS B 235 -32.06 -9.80 -58.98
C LYS B 235 -32.93 -8.79 -58.26
N ILE C 1 -24.70 3.74 -8.10
CA ILE C 1 -25.30 3.99 -6.73
C ILE C 1 -26.40 3.04 -6.47
N THR C 2 -26.38 2.44 -5.32
CA THR C 2 -27.43 1.63 -4.89
C THR C 2 -27.81 2.28 -3.60
N VAL C 3 -29.03 2.91 -3.55
CA VAL C 3 -29.62 3.61 -2.47
C VAL C 3 -30.99 3.16 -2.22
N PHE C 4 -31.59 3.68 -1.12
CA PHE C 4 -32.91 3.25 -0.70
C PHE C 4 -34.00 4.04 -1.47
N SER C 5 -35.05 3.22 -1.75
CA SER C 5 -36.31 3.69 -2.25
C SER C 5 -37.04 4.24 -0.97
N PRO C 6 -38.13 5.03 -1.07
CA PRO C 6 -38.89 5.47 0.14
C PRO C 6 -39.87 4.39 0.44
N ASP C 7 -39.63 3.13 -0.11
CA ASP C 7 -40.43 2.01 0.12
C ASP C 7 -39.63 0.93 0.78
N GLY C 8 -38.37 1.17 1.22
CA GLY C 8 -37.54 0.16 1.88
C GLY C 8 -36.96 -0.90 0.90
N ARG C 9 -37.10 -0.76 -0.47
CA ARG C 9 -36.53 -1.68 -1.34
C ARG C 9 -35.29 -1.06 -1.91
N LEU C 10 -34.38 -1.86 -2.54
CA LEU C 10 -33.23 -1.27 -3.13
C LEU C 10 -33.71 -1.21 -4.52
N PHE C 11 -33.40 -0.09 -5.31
CA PHE C 11 -33.83 -0.06 -6.70
C PHE C 11 -33.07 -0.87 -7.70
N GLN C 12 -31.76 -0.85 -7.57
CA GLN C 12 -30.82 -1.53 -8.45
C GLN C 12 -31.02 -3.02 -8.49
N VAL C 13 -31.56 -3.52 -7.32
CA VAL C 13 -31.89 -4.90 -6.94
C VAL C 13 -33.26 -5.23 -7.62
N GLU C 14 -34.32 -4.29 -7.53
CA GLU C 14 -35.62 -4.51 -8.14
C GLU C 14 -35.44 -4.62 -9.64
N TYR C 15 -34.51 -3.81 -10.19
CA TYR C 15 -34.21 -3.67 -11.61
C TYR C 15 -33.47 -4.93 -12.02
N ALA C 16 -32.57 -5.40 -11.09
CA ALA C 16 -31.81 -6.62 -11.33
C ALA C 16 -32.75 -7.80 -11.47
N ARG C 17 -33.86 -7.78 -10.65
CA ARG C 17 -34.88 -8.85 -10.62
C ARG C 17 -35.56 -8.92 -11.92
N GLU C 18 -35.83 -7.78 -12.63
CA GLU C 18 -36.51 -7.84 -13.91
C GLU C 18 -35.55 -8.47 -14.90
N ALA C 19 -34.17 -8.19 -14.80
CA ALA C 19 -33.14 -8.80 -15.62
C ALA C 19 -33.16 -10.31 -15.48
N VAL C 20 -33.41 -10.83 -14.22
CA VAL C 20 -33.58 -12.21 -13.95
C VAL C 20 -34.81 -12.70 -14.63
N LYS C 21 -35.95 -12.01 -14.59
CA LYS C 21 -37.13 -12.52 -15.25
C LYS C 21 -36.96 -12.63 -16.78
N ARG C 22 -36.25 -11.63 -17.38
CA ARG C 22 -36.11 -11.60 -18.84
C ARG C 22 -35.01 -12.53 -19.35
N GLY C 23 -34.35 -13.31 -18.50
CA GLY C 23 -33.38 -14.25 -18.82
C GLY C 23 -33.99 -15.55 -19.35
N ALA C 24 -33.13 -16.62 -19.41
CA ALA C 24 -33.46 -17.91 -20.00
C ALA C 24 -33.73 -18.80 -18.84
N THR C 25 -35.00 -19.33 -18.89
CA THR C 25 -35.64 -20.09 -17.88
C THR C 25 -34.92 -21.37 -17.65
N ALA C 26 -34.74 -21.63 -16.31
CA ALA C 26 -34.40 -22.96 -15.77
C ALA C 26 -35.42 -23.28 -14.70
N ILE C 27 -35.06 -24.21 -13.85
CA ILE C 27 -36.06 -25.01 -13.14
C ILE C 27 -35.37 -26.20 -12.47
N GLY C 28 -35.66 -26.48 -11.14
CA GLY C 28 -35.17 -27.59 -10.46
C GLY C 28 -36.31 -28.32 -9.85
N ILE C 29 -36.24 -29.68 -9.67
CA ILE C 29 -37.31 -30.38 -9.02
C ILE C 29 -36.58 -31.35 -8.16
N LYS C 30 -37.10 -31.57 -6.93
CA LYS C 30 -36.41 -32.38 -5.99
C LYS C 30 -37.46 -33.49 -5.74
N CYS C 31 -36.90 -34.69 -5.47
CA CYS C 31 -37.66 -35.84 -5.02
C CYS C 31 -36.76 -36.37 -3.97
N LYS C 32 -37.10 -37.52 -3.30
CA LYS C 32 -36.33 -38.05 -2.17
C LYS C 32 -35.32 -39.16 -2.65
N GLU C 33 -34.97 -39.08 -3.97
CA GLU C 33 -34.18 -39.96 -4.74
C GLU C 33 -33.17 -39.17 -5.47
N GLY C 34 -33.10 -37.88 -5.30
CA GLY C 34 -32.09 -37.06 -5.86
C GLY C 34 -32.79 -35.74 -6.19
N VAL C 35 -32.09 -34.89 -7.00
CA VAL C 35 -32.62 -33.63 -7.47
C VAL C 35 -32.20 -33.40 -8.90
N ILE C 36 -33.13 -32.94 -9.77
CA ILE C 36 -32.95 -32.67 -11.13
C ILE C 36 -32.89 -31.21 -11.25
N LEU C 37 -32.30 -30.77 -12.38
CA LEU C 37 -32.16 -29.41 -12.66
C LEU C 37 -32.24 -29.41 -14.16
N ILE C 38 -33.08 -28.58 -14.78
CA ILE C 38 -33.23 -28.49 -16.20
C ILE C 38 -33.04 -27.03 -16.48
N ALA C 39 -32.32 -26.83 -17.63
CA ALA C 39 -32.19 -25.48 -18.15
C ALA C 39 -32.37 -25.57 -19.65
N ASP C 40 -33.12 -24.61 -20.20
CA ASP C 40 -33.51 -24.43 -21.57
C ASP C 40 -32.33 -23.84 -22.23
N LYS C 41 -31.74 -24.64 -23.20
CA LYS C 41 -30.76 -24.15 -24.16
C LYS C 41 -31.57 -23.40 -25.19
N ARG C 42 -31.38 -22.04 -25.22
CA ARG C 42 -32.18 -21.12 -25.98
C ARG C 42 -31.50 -20.91 -27.27
N VAL C 43 -32.25 -20.96 -28.40
CA VAL C 43 -31.73 -20.90 -29.70
C VAL C 43 -32.63 -19.95 -30.43
N GLY C 44 -31.97 -19.04 -31.21
CA GLY C 44 -32.72 -18.13 -32.01
C GLY C 44 -32.49 -18.40 -33.47
N SER C 45 -31.53 -19.24 -33.86
CA SER C 45 -31.19 -19.44 -35.25
C SER C 45 -30.79 -20.88 -35.31
N LYS C 46 -30.69 -21.42 -36.57
CA LYS C 46 -30.20 -22.75 -36.87
C LYS C 46 -28.75 -22.61 -36.96
N LEU C 47 -28.16 -21.38 -36.81
CA LEU C 47 -26.70 -21.22 -36.94
C LEU C 47 -26.14 -21.10 -35.61
N LEU C 48 -26.85 -21.48 -34.50
CA LEU C 48 -26.21 -21.62 -33.18
C LEU C 48 -25.79 -23.03 -33.13
N GLU C 49 -24.54 -23.26 -32.64
CA GLU C 49 -24.06 -24.56 -32.28
C GLU C 49 -24.74 -24.77 -30.92
N ALA C 50 -25.90 -25.54 -30.94
CA ALA C 50 -26.75 -25.57 -29.76
C ALA C 50 -26.28 -26.68 -28.85
N ASP C 51 -25.43 -27.56 -29.34
CA ASP C 51 -24.96 -28.71 -28.59
C ASP C 51 -23.90 -28.36 -27.69
N THR C 52 -23.45 -27.10 -27.84
CA THR C 52 -22.33 -26.63 -27.05
C THR C 52 -22.67 -25.46 -26.15
N ILE C 53 -23.97 -25.22 -25.88
CA ILE C 53 -24.41 -24.07 -25.04
C ILE C 53 -24.57 -24.62 -23.66
N GLU C 54 -23.92 -23.94 -22.62
CA GLU C 54 -23.84 -24.45 -21.27
C GLU C 54 -24.80 -23.55 -20.45
N LYS C 55 -25.71 -24.31 -19.73
CA LYS C 55 -26.79 -23.70 -19.04
C LYS C 55 -26.98 -24.40 -17.78
N ILE C 56 -26.21 -25.53 -17.57
CA ILE C 56 -26.13 -26.32 -16.38
C ILE C 56 -24.68 -26.50 -16.24
N TYR C 57 -24.21 -25.93 -15.12
CA TYR C 57 -22.87 -25.92 -14.78
C TYR C 57 -22.79 -26.86 -13.65
N LYS C 58 -21.62 -27.52 -13.62
CA LYS C 58 -21.26 -28.49 -12.59
C LYS C 58 -20.38 -27.65 -11.77
N ILE C 59 -20.44 -27.81 -10.42
CA ILE C 59 -19.76 -26.89 -9.54
C ILE C 59 -18.97 -27.59 -8.54
N ASP C 60 -19.55 -28.73 -8.09
CA ASP C 60 -18.67 -29.69 -7.47
C ASP C 60 -19.07 -30.99 -8.04
N GLU C 61 -18.78 -32.07 -7.35
CA GLU C 61 -18.99 -33.46 -7.71
C GLU C 61 -20.39 -33.93 -7.27
N HIS C 62 -21.14 -32.92 -6.80
CA HIS C 62 -22.40 -33.30 -6.29
C HIS C 62 -23.23 -32.07 -6.24
N ILE C 63 -22.82 -31.05 -6.94
CA ILE C 63 -23.50 -29.79 -6.86
C ILE C 63 -23.56 -29.31 -8.38
N CYS C 64 -24.63 -28.67 -8.80
CA CYS C 64 -24.74 -28.13 -10.15
C CYS C 64 -25.66 -26.98 -10.01
N ALA C 65 -25.48 -25.94 -10.91
CA ALA C 65 -26.39 -24.86 -10.83
C ALA C 65 -26.59 -24.52 -12.29
N ALA C 66 -27.87 -24.12 -12.51
CA ALA C 66 -28.28 -23.53 -13.74
C ALA C 66 -28.66 -22.10 -13.33
N THR C 67 -29.03 -21.29 -14.29
CA THR C 67 -28.96 -19.87 -14.17
C THR C 67 -30.07 -19.29 -14.99
N SER C 68 -30.35 -18.05 -14.62
CA SER C 68 -31.36 -17.18 -15.33
C SER C 68 -31.04 -15.79 -15.05
N GLY C 69 -30.93 -14.97 -16.10
CA GLY C 69 -30.57 -13.57 -15.95
C GLY C 69 -29.41 -13.32 -16.84
N LEU C 70 -28.73 -12.21 -16.55
CA LEU C 70 -27.66 -11.76 -17.37
C LEU C 70 -26.54 -12.79 -17.31
N VAL C 71 -26.24 -13.30 -18.48
CA VAL C 71 -25.29 -14.29 -18.79
C VAL C 71 -23.91 -13.94 -18.47
N ALA C 72 -23.48 -12.69 -18.66
CA ALA C 72 -22.06 -12.34 -18.30
C ALA C 72 -21.71 -12.49 -16.82
N ASP C 73 -22.61 -11.91 -15.97
CA ASP C 73 -22.62 -11.91 -14.48
C ASP C 73 -22.69 -13.38 -13.95
N ALA C 74 -23.54 -14.13 -14.67
CA ALA C 74 -23.86 -15.52 -14.34
C ALA C 74 -22.70 -16.44 -14.33
N ARG C 75 -21.88 -16.32 -15.38
CA ARG C 75 -20.63 -17.01 -15.34
C ARG C 75 -19.70 -16.67 -14.26
N VAL C 76 -19.45 -15.36 -13.94
CA VAL C 76 -18.38 -15.04 -13.00
C VAL C 76 -18.79 -15.49 -11.62
N LEU C 77 -20.09 -15.38 -11.30
CA LEU C 77 -20.72 -15.84 -10.08
C LEU C 77 -20.51 -17.33 -9.95
N ILE C 78 -20.62 -18.07 -11.10
CA ILE C 78 -20.53 -19.49 -11.20
C ILE C 78 -19.07 -19.89 -11.11
N ASP C 79 -18.13 -19.13 -11.74
CA ASP C 79 -16.72 -19.34 -11.63
C ASP C 79 -16.23 -19.14 -10.20
N ARG C 80 -16.86 -18.18 -9.52
CA ARG C 80 -16.80 -17.86 -8.11
C ARG C 80 -17.20 -18.96 -7.26
N ALA C 81 -18.40 -19.63 -7.67
CA ALA C 81 -19.06 -20.68 -6.88
C ALA C 81 -18.24 -21.93 -6.99
N ARG C 82 -17.37 -22.09 -7.99
CA ARG C 82 -16.59 -23.24 -8.32
C ARG C 82 -15.37 -23.23 -7.48
N ILE C 83 -14.65 -22.05 -7.45
CA ILE C 83 -13.50 -21.86 -6.56
C ILE C 83 -14.00 -22.02 -5.10
N GLU C 84 -15.18 -21.36 -4.72
CA GLU C 84 -15.62 -21.36 -3.37
C GLU C 84 -15.84 -22.72 -2.87
N ALA C 85 -16.48 -23.57 -3.70
CA ALA C 85 -16.82 -24.96 -3.43
C ALA C 85 -15.59 -25.72 -3.13
N GLN C 86 -14.55 -25.54 -3.92
CA GLN C 86 -13.18 -26.11 -3.83
C GLN C 86 -12.51 -25.55 -2.68
N ILE C 87 -12.66 -24.25 -2.29
CA ILE C 87 -12.00 -23.73 -1.16
C ILE C 87 -12.44 -24.40 0.09
N ASN C 88 -13.70 -24.79 0.23
CA ASN C 88 -14.22 -25.54 1.34
C ASN C 88 -13.57 -26.89 1.47
N ARG C 89 -13.45 -27.47 0.27
CA ARG C 89 -12.69 -28.66 0.10
C ARG C 89 -11.27 -28.53 0.51
N LEU C 90 -10.58 -27.44 0.10
CA LEU C 90 -9.20 -27.21 0.43
C LEU C 90 -8.96 -27.10 1.92
N THR C 91 -9.78 -26.38 2.71
CA THR C 91 -9.52 -26.12 4.12
C THR C 91 -10.18 -27.10 5.04
N TYR C 92 -11.21 -27.85 4.72
CA TYR C 92 -11.92 -28.70 5.67
C TYR C 92 -11.87 -30.17 5.20
N ASP C 93 -11.60 -30.46 3.89
CA ASP C 93 -11.46 -31.69 3.26
C ASP C 93 -12.75 -32.53 3.44
N GLU C 94 -13.87 -31.87 3.22
CA GLU C 94 -15.25 -32.27 3.26
C GLU C 94 -15.70 -31.81 1.93
N PRO C 95 -16.92 -32.11 1.55
CA PRO C 95 -17.55 -31.41 0.49
C PRO C 95 -18.22 -30.22 1.10
N ILE C 96 -18.40 -29.09 0.34
CA ILE C 96 -19.22 -27.94 0.78
C ILE C 96 -20.62 -28.49 0.68
N THR C 97 -21.51 -27.96 1.61
CA THR C 97 -22.94 -28.33 1.62
C THR C 97 -23.63 -27.47 0.56
N VAL C 98 -24.82 -27.88 0.05
CA VAL C 98 -25.49 -27.11 -0.92
C VAL C 98 -26.01 -25.79 -0.36
N LYS C 99 -26.45 -25.76 0.89
CA LYS C 99 -26.92 -24.56 1.60
C LYS C 99 -25.79 -23.60 1.78
N GLU C 100 -24.57 -23.94 2.24
CA GLU C 100 -23.46 -23.15 2.49
C GLU C 100 -22.93 -22.63 1.23
N LEU C 101 -22.90 -23.37 0.12
CA LEU C 101 -22.50 -22.84 -1.21
C LEU C 101 -23.38 -21.73 -1.62
N ALA C 102 -24.72 -21.88 -1.36
CA ALA C 102 -25.71 -20.87 -1.67
C ALA C 102 -25.49 -19.61 -0.81
N LYS C 103 -25.18 -19.78 0.52
CA LYS C 103 -24.84 -18.67 1.37
C LYS C 103 -23.66 -17.87 0.93
N LYS C 104 -22.58 -18.51 0.58
CA LYS C 104 -21.36 -17.94 0.37
C LYS C 104 -21.30 -17.04 -0.84
N ILE C 105 -21.96 -17.45 -1.96
CA ILE C 105 -22.09 -16.66 -3.23
C ILE C 105 -23.14 -15.66 -3.04
N CYS C 106 -24.05 -15.82 -2.01
CA CYS C 106 -25.06 -14.83 -1.82
C CYS C 106 -24.52 -13.74 -0.97
N ASP C 107 -23.49 -14.04 -0.13
CA ASP C 107 -22.77 -13.08 0.72
C ASP C 107 -21.89 -12.17 -0.13
N PHE C 108 -21.31 -12.81 -1.20
CA PHE C 108 -20.62 -12.09 -2.25
C PHE C 108 -21.52 -11.09 -2.93
N LYS C 109 -22.70 -11.55 -3.40
CA LYS C 109 -23.76 -10.81 -4.11
C LYS C 109 -24.28 -9.60 -3.40
N GLN C 110 -24.30 -9.71 -2.05
CA GLN C 110 -24.67 -8.67 -1.12
C GLN C 110 -23.69 -7.59 -1.14
N GLN C 111 -22.39 -7.87 -1.22
CA GLN C 111 -21.40 -6.82 -1.24
C GLN C 111 -21.59 -5.90 -2.40
N TYR C 112 -21.94 -6.47 -3.62
CA TYR C 112 -22.18 -5.77 -4.78
C TYR C 112 -23.41 -4.82 -4.82
N THR C 113 -24.21 -4.83 -3.75
CA THR C 113 -25.39 -3.99 -3.70
C THR C 113 -25.29 -3.22 -2.40
N GLN C 114 -24.42 -3.61 -1.47
CA GLN C 114 -23.99 -2.83 -0.35
C GLN C 114 -23.23 -1.62 -0.80
N TYR C 115 -22.25 -1.74 -1.72
CA TYR C 115 -21.37 -0.67 -2.11
C TYR C 115 -22.03 -0.07 -3.33
N GLY C 116 -22.07 1.31 -3.32
CA GLY C 116 -22.78 2.11 -4.28
C GLY C 116 -21.78 2.42 -5.43
N GLY C 117 -20.51 1.84 -5.36
CA GLY C 117 -19.48 2.08 -6.26
C GLY C 117 -19.60 1.12 -7.45
N VAL C 118 -20.26 -0.03 -7.21
CA VAL C 118 -20.27 -1.05 -8.23
C VAL C 118 -21.69 -1.44 -8.34
N ARG C 119 -22.11 -2.15 -9.44
CA ARG C 119 -23.47 -2.52 -9.74
C ARG C 119 -23.78 -3.88 -9.09
N PRO C 120 -24.99 -4.25 -8.81
CA PRO C 120 -25.40 -5.58 -8.28
C PRO C 120 -25.14 -6.64 -9.24
N PHE C 121 -25.20 -7.93 -8.78
CA PHE C 121 -25.46 -9.02 -9.71
C PHE C 121 -26.90 -8.88 -10.14
N GLY C 122 -27.22 -9.30 -11.32
CA GLY C 122 -28.50 -9.56 -12.02
C GLY C 122 -28.50 -10.93 -12.50
N VAL C 123 -28.30 -11.91 -11.61
CA VAL C 123 -28.30 -13.31 -11.90
C VAL C 123 -28.83 -14.00 -10.69
N SER C 124 -29.73 -14.91 -11.00
CA SER C 124 -30.25 -15.86 -10.06
C SER C 124 -29.78 -17.18 -10.46
N LEU C 125 -29.43 -18.02 -9.49
CA LEU C 125 -29.03 -19.37 -9.70
C LEU C 125 -29.97 -20.31 -8.98
N LEU C 126 -30.07 -21.57 -9.56
CA LEU C 126 -30.74 -22.62 -8.85
C LEU C 126 -29.64 -23.60 -8.48
N ILE C 127 -29.20 -23.68 -7.14
CA ILE C 127 -28.04 -24.49 -6.75
C ILE C 127 -28.67 -25.65 -6.11
N ALA C 128 -28.50 -26.81 -6.75
CA ALA C 128 -29.06 -28.02 -6.35
C ALA C 128 -28.01 -29.05 -6.17
N GLY C 129 -28.16 -29.91 -5.21
CA GLY C 129 -27.21 -31.01 -4.93
C GLY C 129 -27.68 -31.96 -3.95
N VAL C 130 -26.75 -32.82 -3.34
CA VAL C 130 -27.00 -33.70 -2.27
C VAL C 130 -25.79 -33.47 -1.35
N ASP C 131 -26.08 -32.82 -0.29
CA ASP C 131 -25.16 -32.65 0.83
C ASP C 131 -25.18 -33.99 1.62
N GLU C 132 -26.44 -34.39 2.00
CA GLU C 132 -26.67 -35.62 2.69
C GLU C 132 -28.13 -35.88 2.75
N VAL C 133 -28.96 -34.93 2.14
CA VAL C 133 -30.39 -35.09 1.89
C VAL C 133 -30.45 -34.29 0.61
N PRO C 134 -31.25 -34.47 -0.48
CA PRO C 134 -31.30 -33.57 -1.60
C PRO C 134 -31.71 -32.08 -1.29
N LYS C 135 -31.11 -31.09 -1.99
CA LYS C 135 -31.44 -29.70 -1.72
C LYS C 135 -31.57 -29.01 -3.02
N LEU C 136 -32.30 -27.88 -2.96
CA LEU C 136 -32.52 -27.02 -4.08
C LEU C 136 -32.73 -25.64 -3.55
N TYR C 137 -31.96 -24.67 -4.09
CA TYR C 137 -32.05 -23.30 -3.54
C TYR C 137 -32.27 -22.37 -4.72
N GLU C 138 -32.93 -21.23 -4.48
CA GLU C 138 -33.18 -20.23 -5.46
C GLU C 138 -32.52 -19.12 -4.75
N THR C 139 -31.52 -18.59 -5.46
CA THR C 139 -30.91 -17.37 -5.00
C THR C 139 -31.43 -16.21 -5.79
N ASP C 140 -31.38 -15.04 -5.14
CA ASP C 140 -31.98 -13.82 -5.49
C ASP C 140 -30.82 -12.91 -5.86
N PRO C 141 -31.02 -11.76 -6.57
CA PRO C 141 -29.94 -10.85 -7.02
C PRO C 141 -29.53 -10.01 -5.84
N SER C 142 -30.36 -9.92 -4.75
CA SER C 142 -30.01 -9.17 -3.52
C SER C 142 -28.85 -9.85 -2.84
N GLY C 143 -28.96 -11.20 -2.94
CA GLY C 143 -28.16 -12.27 -2.41
C GLY C 143 -28.90 -12.77 -1.17
N ALA C 144 -29.82 -13.70 -1.30
CA ALA C 144 -30.59 -14.29 -0.27
C ALA C 144 -30.98 -15.63 -0.78
N LEU C 145 -31.07 -16.63 0.11
CA LEU C 145 -31.26 -17.98 -0.40
C LEU C 145 -32.48 -18.50 0.20
N LEU C 146 -33.32 -19.27 -0.57
CA LEU C 146 -34.58 -19.84 -0.08
C LEU C 146 -34.56 -21.21 -0.58
N GLU C 147 -34.95 -22.18 0.29
CA GLU C 147 -35.06 -23.59 -0.14
C GLU C 147 -36.41 -23.80 -0.70
N TYR C 148 -36.45 -24.46 -1.86
CA TYR C 148 -37.66 -24.68 -2.58
C TYR C 148 -37.64 -26.15 -2.77
N LYS C 149 -38.87 -26.76 -2.85
CA LYS C 149 -39.08 -28.16 -3.13
C LYS C 149 -39.21 -28.38 -4.61
N ALA C 150 -39.41 -27.33 -5.42
CA ALA C 150 -39.39 -27.43 -6.82
C ALA C 150 -39.69 -25.99 -7.13
N THR C 151 -38.96 -25.34 -8.11
CA THR C 151 -39.21 -23.91 -8.40
C THR C 151 -38.54 -23.61 -9.77
N ALA C 152 -38.83 -22.43 -10.32
CA ALA C 152 -38.14 -22.01 -11.49
C ALA C 152 -37.73 -20.58 -11.39
N ILE C 153 -36.85 -20.16 -12.24
CA ILE C 153 -36.37 -18.77 -12.44
C ILE C 153 -36.46 -18.48 -13.92
N GLY C 154 -36.51 -17.20 -14.30
CA GLY C 154 -36.65 -16.72 -15.68
C GLY C 154 -38.10 -16.29 -16.09
N MET C 155 -38.39 -16.59 -17.38
CA MET C 155 -39.61 -16.12 -18.04
C MET C 155 -40.68 -17.15 -17.66
N GLY C 156 -40.39 -18.43 -17.18
CA GLY C 156 -41.28 -19.42 -16.76
C GLY C 156 -41.55 -19.23 -15.25
N ARG C 157 -40.96 -18.20 -14.51
CA ARG C 157 -41.01 -17.91 -13.05
C ARG C 157 -42.42 -18.26 -12.54
N ASN C 158 -43.41 -17.45 -13.04
CA ASN C 158 -44.83 -17.75 -12.71
C ASN C 158 -45.43 -19.00 -13.36
N ALA C 159 -45.13 -19.37 -14.62
CA ALA C 159 -45.75 -20.50 -15.34
C ALA C 159 -45.45 -21.79 -14.68
N VAL C 160 -44.22 -21.98 -14.29
CA VAL C 160 -43.66 -23.18 -13.67
C VAL C 160 -44.18 -23.35 -12.21
N THR C 161 -44.09 -22.24 -11.45
CA THR C 161 -44.56 -22.29 -10.11
C THR C 161 -46.05 -22.61 -9.91
N GLU C 162 -46.84 -21.90 -10.75
CA GLU C 162 -48.25 -22.10 -10.89
C GLU C 162 -48.52 -23.59 -11.16
N PHE C 163 -47.81 -24.14 -12.16
CA PHE C 163 -47.98 -25.51 -12.51
C PHE C 163 -47.73 -26.48 -11.34
N PHE C 164 -46.61 -26.21 -10.64
CA PHE C 164 -46.20 -27.06 -9.54
C PHE C 164 -47.19 -27.08 -8.35
N GLU C 165 -48.01 -26.04 -8.07
CA GLU C 165 -48.98 -25.93 -7.05
C GLU C 165 -50.10 -26.96 -7.14
N LYS C 166 -50.33 -27.43 -8.37
CA LYS C 166 -51.43 -28.29 -8.65
C LYS C 166 -50.86 -29.67 -8.73
N GLU C 167 -49.79 -29.90 -9.54
CA GLU C 167 -49.21 -31.14 -10.02
C GLU C 167 -48.34 -31.86 -8.99
N TYR C 168 -47.46 -31.15 -8.27
CA TYR C 168 -46.51 -31.60 -7.34
C TYR C 168 -47.14 -32.48 -6.28
N ARG C 169 -46.51 -33.67 -6.02
CA ARG C 169 -47.16 -34.64 -5.15
C ARG C 169 -46.34 -34.83 -3.90
N ASP C 170 -45.06 -34.35 -3.79
CA ASP C 170 -44.12 -34.43 -2.69
C ASP C 170 -42.88 -35.36 -3.02
N ASP C 171 -43.81 -36.38 -3.04
CA ASP C 171 -43.49 -37.68 -2.54
C ASP C 171 -43.63 -38.28 -3.96
N LEU C 172 -42.40 -38.30 -4.59
CA LEU C 172 -42.31 -38.61 -5.95
C LEU C 172 -41.16 -39.51 -6.13
N SER C 173 -41.13 -40.23 -7.23
CA SER C 173 -40.04 -41.07 -7.69
C SER C 173 -39.32 -40.27 -8.70
N PHE C 174 -38.10 -40.57 -9.01
CA PHE C 174 -37.23 -39.90 -10.01
C PHE C 174 -37.73 -39.86 -11.37
N ASP C 175 -38.29 -40.99 -11.93
CA ASP C 175 -38.66 -41.11 -13.29
C ASP C 175 -39.84 -40.20 -13.51
N ASP C 176 -40.75 -40.12 -12.45
CA ASP C 176 -41.89 -39.24 -12.42
C ASP C 176 -41.44 -37.74 -12.37
N ALA C 177 -40.49 -37.48 -11.50
CA ALA C 177 -39.95 -36.19 -11.21
C ALA C 177 -39.36 -35.55 -12.44
N MET C 178 -38.65 -36.39 -13.22
CA MET C 178 -37.97 -36.08 -14.46
C MET C 178 -38.91 -35.55 -15.48
N VAL C 179 -39.97 -36.33 -15.69
CA VAL C 179 -41.00 -36.01 -16.63
C VAL C 179 -41.80 -34.80 -16.21
N LEU C 180 -42.10 -34.75 -14.87
CA LEU C 180 -42.77 -33.63 -14.28
C LEU C 180 -42.16 -32.29 -14.53
N GLY C 181 -40.84 -32.16 -14.36
CA GLY C 181 -40.06 -30.97 -14.65
C GLY C 181 -40.14 -30.62 -16.10
N LEU C 182 -40.04 -31.66 -17.00
CA LEU C 182 -40.02 -31.48 -18.41
C LEU C 182 -41.28 -30.88 -18.95
N VAL C 183 -42.45 -31.31 -18.36
CA VAL C 183 -43.75 -30.77 -18.62
C VAL C 183 -43.83 -29.29 -18.24
N ALA C 184 -43.24 -29.01 -17.04
CA ALA C 184 -43.28 -27.66 -16.50
C ALA C 184 -42.52 -26.73 -17.40
N MET C 185 -41.36 -27.06 -17.93
CA MET C 185 -40.50 -26.44 -18.85
C MET C 185 -41.06 -26.24 -20.27
N GLY C 186 -41.74 -27.26 -20.76
CA GLY C 186 -42.37 -27.26 -22.08
C GLY C 186 -43.48 -26.32 -22.15
N LEU C 187 -44.27 -26.23 -21.05
CA LEU C 187 -45.24 -25.21 -20.79
C LEU C 187 -44.66 -23.87 -20.62
N SER C 188 -43.43 -23.70 -20.15
CA SER C 188 -42.84 -22.35 -19.99
C SER C 188 -42.76 -21.62 -21.31
N ILE C 189 -42.33 -22.38 -22.33
CA ILE C 189 -42.02 -21.90 -23.70
C ILE C 189 -43.14 -22.16 -24.69
N GLU C 190 -44.15 -22.79 -24.13
CA GLU C 190 -45.48 -23.06 -24.67
C GLU C 190 -45.48 -23.61 -26.03
N SER C 191 -44.77 -24.78 -26.14
CA SER C 191 -44.66 -25.54 -27.32
C SER C 191 -44.15 -26.92 -26.77
N GLU C 192 -43.95 -27.96 -27.71
CA GLU C 192 -43.46 -29.30 -27.42
C GLU C 192 -41.93 -29.29 -27.53
N LEU C 193 -41.33 -30.15 -26.63
CA LEU C 193 -39.87 -30.20 -26.33
C LEU C 193 -39.21 -31.21 -27.28
N VAL C 194 -38.00 -30.81 -27.70
CA VAL C 194 -37.05 -31.72 -28.32
C VAL C 194 -35.84 -31.78 -27.39
N PRO C 195 -34.94 -32.67 -27.41
CA PRO C 195 -34.00 -32.81 -26.27
C PRO C 195 -32.86 -31.86 -26.43
N GLU C 196 -32.79 -31.19 -27.58
CA GLU C 196 -31.70 -30.45 -28.01
C GLU C 196 -31.97 -28.96 -27.97
N ASN C 197 -33.01 -28.58 -27.24
CA ASN C 197 -33.33 -27.23 -26.86
C ASN C 197 -33.53 -27.29 -25.33
N ILE C 198 -32.97 -28.36 -24.71
CA ILE C 198 -32.86 -28.44 -23.22
C ILE C 198 -31.56 -29.19 -22.92
N GLU C 199 -30.99 -28.85 -21.79
CA GLU C 199 -29.77 -29.46 -21.17
C GLU C 199 -30.35 -29.84 -19.87
N VAL C 200 -29.99 -31.01 -19.32
CA VAL C 200 -30.59 -31.53 -18.11
C VAL C 200 -29.52 -32.15 -17.37
N GLY C 201 -29.43 -31.99 -16.03
CA GLY C 201 -28.35 -32.59 -15.23
C GLY C 201 -29.00 -32.81 -13.98
N TYR C 202 -28.37 -33.70 -13.14
CA TYR C 202 -28.81 -34.26 -11.93
C TYR C 202 -27.69 -34.74 -11.01
N VAL C 203 -27.97 -34.65 -9.65
CA VAL C 203 -27.24 -35.33 -8.63
C VAL C 203 -28.09 -36.23 -7.93
N LYS C 204 -27.78 -37.58 -8.06
CA LYS C 204 -28.55 -38.63 -7.36
C LYS C 204 -27.96 -38.71 -6.02
N VAL C 205 -28.88 -39.14 -5.08
CA VAL C 205 -28.51 -39.53 -3.67
C VAL C 205 -27.66 -40.77 -3.68
N ASP C 206 -28.07 -41.81 -4.43
CA ASP C 206 -27.44 -43.14 -4.36
C ASP C 206 -26.19 -43.28 -5.07
N ASP C 207 -25.65 -42.21 -5.64
CA ASP C 207 -24.36 -42.20 -6.23
C ASP C 207 -23.64 -41.01 -5.63
N ARG C 208 -24.31 -39.82 -5.59
CA ARG C 208 -23.70 -38.56 -5.24
C ARG C 208 -22.66 -38.12 -6.20
N THR C 209 -22.99 -38.34 -7.45
CA THR C 209 -22.12 -37.91 -8.54
C THR C 209 -23.20 -37.37 -9.49
N PHE C 210 -23.12 -36.04 -9.69
CA PHE C 210 -23.36 -35.31 -10.90
C PHE C 210 -23.33 -36.04 -12.27
N LYS C 211 -24.30 -35.91 -13.20
CA LYS C 211 -24.23 -36.43 -14.49
C LYS C 211 -25.09 -35.56 -15.34
N GLU C 212 -24.69 -35.44 -16.58
CA GLU C 212 -25.38 -34.60 -17.49
C GLU C 212 -25.89 -35.65 -18.40
N VAL C 213 -27.22 -35.56 -18.61
CA VAL C 213 -27.96 -36.42 -19.41
C VAL C 213 -27.76 -35.94 -20.75
N SER C 214 -26.70 -36.51 -21.38
CA SER C 214 -26.57 -36.73 -22.83
C SER C 214 -27.97 -36.89 -23.54
N PRO C 215 -28.28 -36.30 -24.66
CA PRO C 215 -29.56 -36.40 -25.35
C PRO C 215 -30.02 -37.78 -25.64
N GLU C 216 -29.17 -38.83 -25.61
CA GLU C 216 -29.54 -40.26 -25.83
C GLU C 216 -30.45 -40.74 -24.73
N GLU C 217 -30.07 -40.55 -23.43
CA GLU C 217 -30.84 -41.01 -22.23
C GLU C 217 -31.97 -40.02 -21.94
N LEU C 218 -31.76 -38.79 -22.40
CA LEU C 218 -32.72 -37.67 -22.31
C LEU C 218 -34.05 -37.82 -23.10
N LYS C 219 -33.88 -38.28 -24.29
CA LYS C 219 -34.98 -38.58 -25.27
C LYS C 219 -36.14 -39.36 -24.73
N PRO C 220 -36.07 -40.51 -24.06
CA PRO C 220 -37.22 -41.18 -23.42
C PRO C 220 -38.07 -40.38 -22.44
N TYR C 221 -37.49 -39.57 -21.47
CA TYR C 221 -38.18 -38.71 -20.55
C TYR C 221 -38.94 -37.57 -21.28
N VAL C 222 -38.37 -37.00 -22.36
CA VAL C 222 -38.97 -36.01 -23.30
C VAL C 222 -40.18 -36.53 -23.93
N GLU C 223 -40.25 -37.78 -24.34
CA GLU C 223 -41.23 -38.37 -25.12
C GLU C 223 -42.53 -38.47 -24.33
N ARG C 224 -42.42 -38.88 -23.04
CA ARG C 224 -43.46 -38.97 -22.07
C ARG C 224 -43.98 -37.57 -21.75
N ALA C 225 -43.08 -36.58 -21.72
CA ALA C 225 -43.45 -35.28 -21.44
C ALA C 225 -44.10 -34.57 -22.62
N ASN C 226 -43.86 -34.93 -23.85
CA ASN C 226 -44.45 -34.34 -25.00
C ASN C 226 -45.93 -34.78 -24.95
N GLU C 227 -46.27 -35.95 -24.48
CA GLU C 227 -47.67 -36.31 -24.35
C GLU C 227 -48.44 -35.43 -23.42
N ARG C 228 -47.98 -35.20 -22.23
CA ARG C 228 -48.54 -34.24 -21.26
C ARG C 228 -48.42 -32.78 -21.60
N ILE C 229 -47.37 -32.32 -22.28
CA ILE C 229 -47.32 -30.97 -22.73
C ILE C 229 -48.34 -30.74 -23.76
N ARG C 230 -48.56 -31.67 -24.73
CA ARG C 230 -49.59 -31.60 -25.73
C ARG C 230 -50.97 -31.54 -25.19
N GLU C 231 -51.28 -32.51 -24.23
CA GLU C 231 -52.55 -32.56 -23.61
C GLU C 231 -52.96 -31.18 -23.09
N LEU C 232 -52.06 -30.55 -22.34
CA LEU C 232 -52.31 -29.32 -21.66
C LEU C 232 -52.42 -28.12 -22.60
N LEU C 233 -51.72 -28.10 -23.75
CA LEU C 233 -51.75 -26.98 -24.71
C LEU C 233 -52.87 -27.19 -25.73
N LYS C 234 -53.83 -28.09 -25.43
CA LYS C 234 -54.98 -28.43 -26.28
C LYS C 234 -56.14 -28.45 -25.45
N LYS C 235 -56.14 -28.16 -24.13
CA LYS C 235 -57.33 -27.90 -23.38
C LYS C 235 -57.82 -26.48 -23.49
N ILE D 1 -23.83 9.43 -0.56
CA ILE D 1 -24.93 8.56 -0.32
C ILE D 1 -25.85 9.12 0.75
N THR D 2 -25.45 8.97 2.06
CA THR D 2 -26.22 9.40 3.16
C THR D 2 -25.85 10.84 3.52
N VAL D 3 -26.91 11.68 3.73
CA VAL D 3 -26.73 13.10 3.92
C VAL D 3 -27.88 13.49 4.80
N PHE D 4 -27.83 14.66 5.39
CA PHE D 4 -28.99 15.12 6.15
C PHE D 4 -29.85 15.90 5.19
N SER D 5 -31.15 15.96 5.56
CA SER D 5 -32.25 16.63 4.92
C SER D 5 -32.31 18.02 5.45
N PRO D 6 -33.04 18.95 4.93
CA PRO D 6 -33.45 20.16 5.58
C PRO D 6 -34.12 19.99 6.98
N ASP D 7 -34.61 18.81 7.37
CA ASP D 7 -35.26 18.54 8.63
C ASP D 7 -34.37 17.61 9.42
N GLY D 8 -33.09 17.63 9.16
CA GLY D 8 -32.09 16.99 10.00
C GLY D 8 -32.26 15.56 10.35
N ARG D 9 -32.52 14.75 9.31
CA ARG D 9 -32.87 13.35 9.43
C ARG D 9 -32.20 12.75 8.27
N LEU D 10 -31.44 11.67 8.43
CA LEU D 10 -30.79 11.00 7.34
C LEU D 10 -31.83 10.28 6.53
N PHE D 11 -32.04 10.61 5.26
CA PHE D 11 -33.04 9.98 4.47
C PHE D 11 -32.79 8.53 4.21
N GLN D 12 -31.52 8.08 4.34
CA GLN D 12 -31.15 6.75 3.89
C GLN D 12 -31.60 5.78 4.96
N VAL D 13 -31.33 6.17 6.26
CA VAL D 13 -31.66 5.54 7.46
C VAL D 13 -33.14 5.47 7.80
N GLU D 14 -33.87 6.55 7.48
CA GLU D 14 -35.32 6.58 7.49
C GLU D 14 -36.01 5.70 6.49
N TYR D 15 -35.46 5.61 5.28
CA TYR D 15 -35.91 4.75 4.20
C TYR D 15 -35.55 3.31 4.51
N ALA D 16 -34.37 3.10 5.17
CA ALA D 16 -33.98 1.77 5.70
C ALA D 16 -34.87 1.38 6.80
N ARG D 17 -35.43 2.27 7.68
CA ARG D 17 -36.34 1.93 8.78
C ARG D 17 -37.61 1.30 8.21
N GLU D 18 -38.04 1.76 7.03
CA GLU D 18 -39.12 1.26 6.25
C GLU D 18 -38.74 -0.13 5.74
N ALA D 19 -37.38 -0.33 5.49
CA ALA D 19 -36.99 -1.65 4.98
C ALA D 19 -37.23 -2.68 5.94
N VAL D 20 -36.98 -2.47 7.23
CA VAL D 20 -37.35 -3.31 8.39
C VAL D 20 -38.85 -3.55 8.42
N LYS D 21 -39.63 -2.51 8.15
CA LYS D 21 -41.11 -2.60 8.19
C LYS D 21 -41.77 -3.51 7.30
N ARG D 22 -41.10 -3.66 6.11
CA ARG D 22 -41.62 -4.44 5.06
C ARG D 22 -41.05 -5.82 5.18
N GLY D 23 -40.25 -6.19 6.27
CA GLY D 23 -39.71 -7.45 6.60
C GLY D 23 -40.67 -8.41 7.12
N ALA D 24 -40.11 -9.53 7.55
CA ALA D 24 -40.81 -10.57 8.24
C ALA D 24 -40.68 -10.46 9.71
N THR D 25 -41.84 -10.26 10.45
CA THR D 25 -42.02 -9.95 11.79
C THR D 25 -41.38 -10.92 12.77
N ALA D 26 -40.56 -10.39 13.65
CA ALA D 26 -39.99 -11.15 14.67
C ALA D 26 -40.40 -10.34 15.87
N ILE D 27 -40.02 -10.83 17.03
CA ILE D 27 -40.89 -10.68 18.21
C ILE D 27 -40.23 -11.48 19.36
N GLY D 28 -40.03 -10.78 20.48
CA GLY D 28 -39.31 -11.29 21.71
C GLY D 28 -40.03 -10.86 23.00
N ILE D 29 -39.95 -11.73 23.98
CA ILE D 29 -40.53 -11.54 25.32
C ILE D 29 -39.43 -11.85 26.32
N LYS D 30 -39.27 -11.03 27.32
CA LYS D 30 -38.22 -11.35 28.31
C LYS D 30 -38.92 -11.43 29.60
N CYS D 31 -38.66 -12.50 30.42
CA CYS D 31 -39.46 -12.74 31.61
C CYS D 31 -38.33 -12.90 32.64
N LYS D 32 -38.81 -13.24 33.88
CA LYS D 32 -37.90 -13.56 34.94
C LYS D 32 -37.04 -14.75 34.69
N GLU D 33 -37.50 -15.80 34.03
CA GLU D 33 -37.00 -17.16 33.94
C GLU D 33 -36.32 -17.33 32.59
N GLY D 34 -36.08 -16.23 31.79
CA GLY D 34 -35.33 -16.35 30.55
C GLY D 34 -35.83 -15.42 29.51
N VAL D 35 -35.38 -15.52 28.24
CA VAL D 35 -35.81 -14.59 27.22
C VAL D 35 -36.13 -15.57 26.13
N ILE D 36 -37.36 -15.47 25.56
CA ILE D 36 -37.91 -16.33 24.51
C ILE D 36 -37.94 -15.41 23.38
N LEU D 37 -37.56 -15.96 22.26
CA LEU D 37 -37.52 -15.17 21.00
C LEU D 37 -38.17 -15.98 19.89
N ILE D 38 -39.19 -15.37 19.24
CA ILE D 38 -40.05 -15.93 18.22
C ILE D 38 -39.97 -15.25 16.88
N ALA D 39 -39.90 -15.99 15.77
CA ALA D 39 -39.80 -15.45 14.41
C ALA D 39 -40.88 -16.05 13.54
N ASP D 40 -41.47 -15.20 12.65
CA ASP D 40 -42.34 -15.66 11.61
C ASP D 40 -41.47 -16.22 10.47
N LYS D 41 -41.64 -17.50 10.25
CA LYS D 41 -41.04 -18.17 9.16
C LYS D 41 -42.12 -18.46 8.23
N ARG D 42 -42.65 -17.35 7.58
CA ARG D 42 -43.74 -17.25 6.61
C ARG D 42 -43.22 -17.81 5.31
N VAL D 43 -44.18 -18.39 4.58
CA VAL D 43 -43.92 -19.04 3.34
C VAL D 43 -44.71 -18.42 2.25
N GLY D 44 -44.31 -18.60 1.01
CA GLY D 44 -45.02 -17.83 -0.05
C GLY D 44 -45.90 -18.74 -0.87
N SER D 45 -45.65 -20.06 -0.93
CA SER D 45 -46.30 -21.13 -1.68
C SER D 45 -46.00 -22.30 -0.85
N LYS D 46 -46.61 -23.47 -1.26
CA LYS D 46 -46.31 -24.72 -0.57
C LYS D 46 -45.10 -25.44 -1.10
N LEU D 47 -44.40 -24.80 -2.08
CA LEU D 47 -43.15 -25.29 -2.64
C LEU D 47 -42.02 -24.60 -1.91
N LEU D 48 -42.25 -23.68 -0.88
CA LEU D 48 -41.17 -23.22 -0.03
C LEU D 48 -41.03 -24.16 1.14
N GLU D 49 -39.81 -24.74 1.41
CA GLU D 49 -39.59 -25.73 2.38
C GLU D 49 -39.24 -25.18 3.73
N ALA D 50 -40.30 -25.08 4.62
CA ALA D 50 -40.12 -24.39 5.90
C ALA D 50 -39.77 -25.44 6.97
N ASP D 51 -38.59 -25.20 7.68
CA ASP D 51 -37.85 -25.93 8.66
C ASP D 51 -36.41 -26.02 8.28
N THR D 52 -36.16 -25.61 7.01
CA THR D 52 -34.85 -25.63 6.39
C THR D 52 -34.53 -24.12 6.35
N ILE D 53 -35.54 -23.22 6.41
CA ILE D 53 -35.39 -21.80 6.47
C ILE D 53 -35.09 -21.44 7.88
N GLU D 54 -34.11 -20.56 8.10
CA GLU D 54 -33.82 -20.15 9.50
C GLU D 54 -34.16 -18.74 9.50
N LYS D 55 -34.90 -18.35 10.53
CA LYS D 55 -35.21 -17.00 10.83
C LYS D 55 -34.70 -16.57 12.15
N ILE D 56 -34.11 -17.52 12.97
CA ILE D 56 -33.63 -17.29 14.35
C ILE D 56 -32.34 -17.98 14.26
N TYR D 57 -31.31 -17.15 14.37
CA TYR D 57 -29.93 -17.50 14.09
C TYR D 57 -29.32 -17.51 15.45
N LYS D 58 -28.46 -18.47 15.75
CA LYS D 58 -27.84 -18.59 17.02
C LYS D 58 -26.57 -17.94 16.73
N ILE D 59 -26.17 -16.89 17.51
CA ILE D 59 -25.01 -16.08 17.33
C ILE D 59 -24.10 -16.60 18.32
N ASP D 60 -24.51 -16.89 19.60
CA ASP D 60 -23.62 -17.46 20.49
C ASP D 60 -24.37 -18.54 21.26
N GLU D 61 -23.67 -19.33 22.16
CA GLU D 61 -24.33 -20.44 22.81
C GLU D 61 -25.07 -19.93 24.02
N HIS D 62 -25.58 -18.65 23.98
CA HIS D 62 -26.34 -18.10 25.09
C HIS D 62 -27.01 -16.87 24.45
N ILE D 63 -26.81 -16.49 23.15
CA ILE D 63 -27.33 -15.28 22.52
C ILE D 63 -27.85 -15.82 21.24
N CYS D 64 -29.00 -15.35 20.83
CA CYS D 64 -29.66 -15.63 19.56
C CYS D 64 -30.25 -14.36 19.07
N ALA D 65 -30.46 -14.25 17.76
CA ALA D 65 -31.02 -13.04 17.15
C ALA D 65 -31.85 -13.44 15.93
N ALA D 66 -33.00 -12.87 15.84
CA ALA D 66 -33.95 -12.98 14.73
C ALA D 66 -33.94 -11.68 14.00
N THR D 67 -34.52 -11.65 12.78
CA THR D 67 -34.25 -10.53 11.86
C THR D 67 -35.52 -10.13 11.19
N SER D 68 -35.59 -8.82 10.73
CA SER D 68 -36.67 -8.33 9.89
C SER D 68 -36.05 -7.18 9.16
N GLY D 69 -36.35 -7.13 7.89
CA GLY D 69 -35.72 -6.29 6.87
C GLY D 69 -35.22 -7.13 5.79
N LEU D 70 -34.19 -6.64 5.07
CA LEU D 70 -33.61 -7.27 3.94
C LEU D 70 -32.86 -8.50 4.39
N VAL D 71 -33.16 -9.63 3.73
CA VAL D 71 -32.74 -10.94 4.11
C VAL D 71 -31.25 -11.01 3.84
N ALA D 72 -30.78 -10.42 2.73
CA ALA D 72 -29.36 -10.44 2.36
C ALA D 72 -28.53 -9.79 3.42
N ASP D 73 -28.92 -8.64 3.94
CA ASP D 73 -28.21 -7.80 4.88
C ASP D 73 -28.20 -8.41 6.17
N ALA D 74 -29.33 -8.99 6.55
CA ALA D 74 -29.53 -9.77 7.74
C ALA D 74 -28.52 -10.79 7.98
N ARG D 75 -28.42 -11.64 6.98
CA ARG D 75 -27.52 -12.77 7.01
C ARG D 75 -26.09 -12.41 7.11
N VAL D 76 -25.67 -11.32 6.36
CA VAL D 76 -24.31 -10.80 6.43
C VAL D 76 -23.96 -10.29 7.87
N LEU D 77 -24.90 -9.52 8.52
CA LEU D 77 -24.81 -8.93 9.78
C LEU D 77 -24.68 -9.99 10.89
N ILE D 78 -25.52 -11.07 10.75
CA ILE D 78 -25.48 -12.28 11.58
C ILE D 78 -24.14 -12.96 11.51
N ASP D 79 -23.50 -13.07 10.30
CA ASP D 79 -22.19 -13.60 10.21
C ASP D 79 -21.16 -12.79 10.89
N ARG D 80 -21.24 -11.39 10.84
CA ARG D 80 -20.36 -10.45 11.50
C ARG D 80 -20.42 -10.65 13.05
N ALA D 81 -21.64 -10.73 13.59
CA ALA D 81 -22.08 -10.86 14.94
C ALA D 81 -21.55 -12.17 15.52
N ARG D 82 -21.61 -13.27 14.76
CA ARG D 82 -21.09 -14.54 15.20
C ARG D 82 -19.63 -14.39 15.42
N ILE D 83 -18.88 -13.66 14.54
CA ILE D 83 -17.44 -13.47 14.54
C ILE D 83 -17.02 -12.69 15.69
N GLU D 84 -17.76 -11.61 15.92
CA GLU D 84 -17.52 -10.69 16.98
C GLU D 84 -17.71 -11.37 18.29
N ALA D 85 -18.71 -12.26 18.46
CA ALA D 85 -18.93 -12.98 19.68
C ALA D 85 -17.78 -13.85 20.03
N GLN D 86 -17.27 -14.59 18.97
CA GLN D 86 -16.22 -15.50 19.07
C GLN D 86 -14.94 -14.80 19.35
N ILE D 87 -14.74 -13.55 18.85
CA ILE D 87 -13.66 -12.66 19.13
C ILE D 87 -13.55 -12.32 20.54
N ASN D 88 -14.66 -12.06 21.17
CA ASN D 88 -14.69 -11.86 22.62
C ASN D 88 -14.17 -13.02 23.48
N ARG D 89 -14.56 -14.22 23.06
CA ARG D 89 -14.04 -15.47 23.65
C ARG D 89 -12.54 -15.67 23.33
N LEU D 90 -12.07 -15.34 22.11
CA LEU D 90 -10.68 -15.37 21.78
C LEU D 90 -9.78 -14.46 22.62
N THR D 91 -10.16 -13.12 22.62
CA THR D 91 -9.45 -12.04 23.27
C THR D 91 -9.58 -11.96 24.81
N TYR D 92 -10.79 -12.18 25.40
CA TYR D 92 -10.96 -12.00 26.82
C TYR D 92 -11.28 -13.23 27.49
N ASP D 93 -11.36 -14.40 26.81
CA ASP D 93 -11.88 -15.69 27.30
C ASP D 93 -13.22 -15.63 28.06
N GLU D 94 -14.14 -14.78 27.57
CA GLU D 94 -15.38 -14.53 28.27
C GLU D 94 -16.37 -14.65 27.16
N PRO D 95 -17.58 -15.20 27.38
CA PRO D 95 -18.77 -15.06 26.52
C PRO D 95 -19.15 -13.63 26.48
N ILE D 96 -19.36 -13.08 25.22
CA ILE D 96 -19.71 -11.71 24.95
C ILE D 96 -21.05 -11.43 25.56
N THR D 97 -21.33 -10.17 26.00
CA THR D 97 -22.65 -9.94 26.66
C THR D 97 -23.56 -9.54 25.62
N VAL D 98 -24.91 -9.51 25.85
CA VAL D 98 -25.91 -9.15 24.90
C VAL D 98 -25.73 -7.69 24.59
N LYS D 99 -25.38 -6.75 25.52
CA LYS D 99 -25.12 -5.38 25.35
C LYS D 99 -23.94 -5.10 24.47
N GLU D 100 -22.83 -5.84 24.70
CA GLU D 100 -21.62 -5.68 23.92
C GLU D 100 -21.62 -6.17 22.58
N LEU D 101 -22.38 -7.21 22.28
CA LEU D 101 -22.49 -7.75 21.03
C LEU D 101 -23.26 -6.79 20.16
N ALA D 102 -24.36 -6.12 20.78
CA ALA D 102 -25.18 -5.16 20.16
C ALA D 102 -24.44 -3.99 19.89
N LYS D 103 -23.56 -3.59 20.85
CA LYS D 103 -22.79 -2.43 20.80
C LYS D 103 -21.78 -2.51 19.64
N LYS D 104 -21.06 -3.62 19.49
CA LYS D 104 -20.12 -3.79 18.36
C LYS D 104 -20.76 -3.84 16.97
N ILE D 105 -21.86 -4.60 16.74
CA ILE D 105 -22.54 -4.79 15.48
C ILE D 105 -23.35 -3.56 15.07
N CYS D 106 -23.81 -2.64 15.92
CA CYS D 106 -24.44 -1.39 15.70
C CYS D 106 -23.40 -0.26 15.53
N ASP D 107 -22.14 -0.44 15.95
CA ASP D 107 -21.04 0.52 15.66
C ASP D 107 -20.66 0.25 14.20
N PHE D 108 -20.86 -1.01 13.77
CA PHE D 108 -20.64 -1.46 12.38
C PHE D 108 -21.65 -0.85 11.41
N LYS D 109 -22.93 -0.84 11.78
CA LYS D 109 -23.98 -0.18 11.08
C LYS D 109 -23.77 1.28 11.03
N GLN D 110 -23.33 2.00 12.12
CA GLN D 110 -23.06 3.42 12.16
C GLN D 110 -22.03 3.92 11.12
N GLN D 111 -20.95 3.12 10.87
CA GLN D 111 -19.90 3.34 9.93
C GLN D 111 -20.36 3.26 8.50
N TYR D 112 -21.35 2.38 8.16
CA TYR D 112 -21.77 2.18 6.81
C TYR D 112 -22.92 3.10 6.43
N THR D 113 -23.40 3.84 7.38
CA THR D 113 -24.26 5.00 7.24
C THR D 113 -23.49 6.14 6.92
N GLN D 114 -22.48 6.42 7.76
CA GLN D 114 -21.86 7.66 7.70
C GLN D 114 -20.95 7.82 6.48
N TYR D 115 -20.33 6.75 5.93
CA TYR D 115 -19.44 6.81 4.85
C TYR D 115 -20.17 6.81 3.49
N GLY D 116 -19.53 7.32 2.48
CA GLY D 116 -20.03 7.41 1.17
C GLY D 116 -19.44 6.17 0.47
N GLY D 117 -20.18 5.78 -0.65
CA GLY D 117 -19.84 4.60 -1.38
C GLY D 117 -20.46 3.38 -0.79
N VAL D 118 -21.34 3.55 0.20
CA VAL D 118 -21.88 2.44 0.99
C VAL D 118 -23.03 2.97 1.75
N ARG D 119 -24.13 2.33 1.57
CA ARG D 119 -25.43 2.59 2.09
C ARG D 119 -25.58 1.73 3.32
N PRO D 120 -26.38 2.23 4.33
CA PRO D 120 -26.56 1.48 5.59
C PRO D 120 -27.14 0.05 5.41
N PHE D 121 -27.01 -0.88 6.41
CA PHE D 121 -27.75 -2.10 6.41
C PHE D 121 -29.19 -1.73 6.75
N GLY D 122 -30.17 -2.39 6.16
CA GLY D 122 -31.59 -2.04 6.32
C GLY D 122 -32.17 -3.10 7.05
N VAL D 123 -31.77 -3.40 8.36
CA VAL D 123 -32.06 -4.66 9.09
C VAL D 123 -32.22 -4.25 10.47
N SER D 124 -33.15 -4.94 11.20
CA SER D 124 -33.12 -4.81 12.61
C SER D 124 -32.95 -6.17 13.10
N LEU D 125 -32.11 -6.37 14.06
CA LEU D 125 -31.91 -7.63 14.67
C LEU D 125 -32.47 -7.50 16.09
N LEU D 126 -33.07 -8.61 16.70
CA LEU D 126 -33.56 -8.60 18.10
C LEU D 126 -32.60 -9.53 18.71
N ILE D 127 -31.66 -9.04 19.44
CA ILE D 127 -30.60 -9.78 20.02
C ILE D 127 -31.01 -10.11 21.40
N ALA D 128 -31.12 -11.40 21.74
CA ALA D 128 -31.64 -11.86 23.00
C ALA D 128 -30.73 -12.86 23.58
N GLY D 129 -30.27 -12.72 24.85
CA GLY D 129 -29.54 -13.84 25.54
C GLY D 129 -29.57 -13.60 27.03
N VAL D 130 -28.88 -14.53 27.70
CA VAL D 130 -28.65 -14.48 29.15
C VAL D 130 -27.23 -14.51 29.27
N ASP D 131 -26.74 -13.37 29.79
CA ASP D 131 -25.35 -13.15 30.09
C ASP D 131 -25.19 -13.36 31.61
N GLU D 132 -26.08 -12.79 32.43
CA GLU D 132 -26.08 -12.99 33.87
C GLU D 132 -27.41 -12.58 34.42
N VAL D 133 -28.16 -11.96 33.54
CA VAL D 133 -29.58 -11.65 33.81
C VAL D 133 -30.16 -11.82 32.49
N PRO D 134 -31.43 -11.94 32.31
CA PRO D 134 -31.93 -12.01 30.92
C PRO D 134 -31.93 -10.62 30.34
N LYS D 135 -31.64 -10.47 29.02
CA LYS D 135 -31.60 -9.24 28.45
C LYS D 135 -32.15 -9.36 27.05
N LEU D 136 -32.96 -8.32 26.63
CA LEU D 136 -33.47 -8.37 25.31
C LEU D 136 -33.17 -7.01 24.75
N TYR D 137 -32.49 -7.01 23.59
CA TYR D 137 -32.12 -5.77 22.90
C TYR D 137 -32.72 -5.74 21.58
N GLU D 138 -33.07 -4.50 21.13
CA GLU D 138 -33.66 -4.33 19.81
C GLU D 138 -32.81 -3.29 19.20
N THR D 139 -32.28 -3.49 17.98
CA THR D 139 -31.40 -2.60 17.27
C THR D 139 -32.25 -2.10 16.12
N ASP D 140 -31.70 -1.07 15.49
CA ASP D 140 -32.37 -0.42 14.41
C ASP D 140 -31.31 -0.23 13.37
N PRO D 141 -31.64 -0.03 12.01
CA PRO D 141 -30.65 0.20 10.96
C PRO D 141 -29.81 1.47 11.16
N SER D 142 -30.26 2.42 12.02
CA SER D 142 -29.54 3.60 12.35
C SER D 142 -28.32 3.19 13.16
N GLY D 143 -28.52 2.22 14.14
CA GLY D 143 -27.49 1.80 15.12
C GLY D 143 -27.99 2.32 16.43
N ALA D 144 -29.10 1.77 16.92
CA ALA D 144 -29.60 2.14 18.16
C ALA D 144 -29.54 0.87 19.02
N LEU D 145 -29.50 0.99 20.36
CA LEU D 145 -29.50 -0.10 21.24
C LEU D 145 -30.56 0.39 22.13
N LEU D 146 -31.42 -0.58 22.50
CA LEU D 146 -32.44 -0.31 23.39
C LEU D 146 -32.62 -1.67 24.03
N GLU D 147 -32.75 -1.67 25.36
CA GLU D 147 -33.10 -2.85 26.16
C GLU D 147 -34.50 -2.73 26.33
N TYR D 148 -35.22 -3.87 26.16
CA TYR D 148 -36.64 -3.92 26.05
C TYR D 148 -37.00 -5.05 26.98
N LYS D 149 -38.28 -5.16 27.35
CA LYS D 149 -38.93 -6.15 28.14
C LYS D 149 -39.68 -7.06 27.20
N ALA D 150 -40.43 -6.43 26.14
CA ALA D 150 -40.97 -7.19 25.13
C ALA D 150 -41.19 -6.33 23.94
N THR D 151 -41.08 -6.88 22.71
CA THR D 151 -41.14 -6.06 21.55
C THR D 151 -41.26 -6.85 20.30
N ALA D 152 -41.39 -6.13 19.11
CA ALA D 152 -41.32 -6.68 17.81
C ALA D 152 -40.78 -5.65 17.00
N ILE D 153 -40.26 -6.12 15.87
CA ILE D 153 -39.68 -5.45 14.73
C ILE D 153 -40.45 -6.02 13.53
N GLY D 154 -40.63 -5.27 12.40
CA GLY D 154 -41.39 -5.80 11.28
C GLY D 154 -42.70 -5.06 11.05
N MET D 155 -43.61 -5.68 10.27
CA MET D 155 -44.84 -5.03 9.87
C MET D 155 -45.90 -5.31 10.93
N GLY D 156 -45.69 -6.41 11.78
CA GLY D 156 -46.63 -6.73 12.86
C GLY D 156 -46.24 -5.87 14.13
N ARG D 157 -45.23 -4.97 14.07
CA ARG D 157 -44.81 -4.07 15.19
C ARG D 157 -45.96 -3.35 15.81
N ASN D 158 -46.87 -2.75 14.97
CA ASN D 158 -47.96 -2.00 15.54
C ASN D 158 -48.89 -2.77 16.44
N ALA D 159 -49.29 -3.98 15.93
CA ALA D 159 -50.12 -4.91 16.66
C ALA D 159 -49.41 -5.50 17.90
N VAL D 160 -48.17 -5.97 17.73
CA VAL D 160 -47.43 -6.55 18.88
C VAL D 160 -47.03 -5.59 19.95
N THR D 161 -46.55 -4.34 19.59
CA THR D 161 -46.11 -3.40 20.64
C THR D 161 -47.33 -2.90 21.43
N GLU D 162 -48.47 -2.50 20.69
CA GLU D 162 -49.70 -2.33 21.34
C GLU D 162 -50.27 -3.44 22.18
N PHE D 163 -50.23 -4.76 21.80
CA PHE D 163 -50.76 -5.88 22.53
C PHE D 163 -50.03 -5.98 23.80
N PHE D 164 -48.69 -5.68 23.89
CA PHE D 164 -47.83 -5.77 25.05
C PHE D 164 -48.13 -4.54 25.92
N GLU D 165 -48.63 -3.43 25.40
CA GLU D 165 -48.95 -2.27 26.32
C GLU D 165 -50.14 -2.64 27.18
N LYS D 166 -51.14 -3.31 26.60
CA LYS D 166 -52.29 -3.76 27.44
C LYS D 166 -52.09 -5.01 28.23
N GLU D 167 -51.44 -6.11 27.62
CA GLU D 167 -51.39 -7.46 28.21
C GLU D 167 -50.13 -7.89 28.96
N TYR D 168 -49.04 -7.10 28.88
CA TYR D 168 -47.75 -7.64 29.38
C TYR D 168 -47.54 -7.22 30.79
N ARG D 169 -47.28 -8.26 31.67
CA ARG D 169 -46.95 -8.07 33.11
C ARG D 169 -45.48 -7.84 33.22
N ASP D 170 -44.78 -8.34 34.32
CA ASP D 170 -43.30 -8.25 34.45
C ASP D 170 -42.93 -9.55 35.14
N ASP D 171 -43.92 -10.12 35.91
CA ASP D 171 -43.71 -11.30 36.67
C ASP D 171 -44.80 -12.22 36.04
N LEU D 172 -44.36 -13.49 35.95
CA LEU D 172 -44.44 -14.11 34.65
C LEU D 172 -43.60 -15.36 34.83
N SER D 173 -44.28 -16.47 34.49
CA SER D 173 -43.66 -17.78 34.47
C SER D 173 -43.04 -17.78 33.10
N PHE D 174 -42.10 -18.71 32.72
CA PHE D 174 -41.55 -19.03 31.46
C PHE D 174 -42.67 -19.36 30.51
N ASP D 175 -43.61 -20.21 30.89
CA ASP D 175 -44.71 -20.66 30.05
C ASP D 175 -45.76 -19.60 29.66
N ASP D 176 -46.15 -18.70 30.48
CA ASP D 176 -47.10 -17.66 30.15
C ASP D 176 -46.37 -16.66 29.29
N ALA D 177 -45.10 -16.40 29.38
CA ALA D 177 -44.32 -15.59 28.47
C ALA D 177 -44.28 -16.18 27.08
N MET D 178 -44.15 -17.50 27.02
CA MET D 178 -44.10 -18.25 25.78
C MET D 178 -45.42 -18.09 25.07
N VAL D 179 -46.58 -18.37 25.70
CA VAL D 179 -47.86 -18.31 25.07
C VAL D 179 -48.24 -16.89 24.66
N LEU D 180 -48.00 -15.91 25.53
CA LEU D 180 -48.30 -14.45 25.32
C LEU D 180 -47.78 -14.02 24.01
N GLY D 181 -46.41 -14.35 23.81
CA GLY D 181 -45.74 -14.09 22.62
C GLY D 181 -46.27 -14.74 21.38
N LEU D 182 -46.67 -16.03 21.38
CA LEU D 182 -47.36 -16.74 20.29
C LEU D 182 -48.75 -16.05 19.98
N VAL D 183 -49.47 -15.54 21.01
CA VAL D 183 -50.72 -14.85 20.63
C VAL D 183 -50.52 -13.60 19.82
N ALA D 184 -49.57 -12.74 20.26
CA ALA D 184 -49.24 -11.47 19.61
C ALA D 184 -48.74 -11.67 18.20
N MET D 185 -47.92 -12.70 17.95
CA MET D 185 -47.64 -13.13 16.61
C MET D 185 -48.79 -13.48 15.73
N GLY D 186 -49.73 -14.24 16.41
CA GLY D 186 -51.00 -14.49 15.74
C GLY D 186 -51.76 -13.27 15.20
N LEU D 187 -51.80 -12.21 16.06
CA LEU D 187 -52.43 -10.94 15.74
C LEU D 187 -51.74 -10.18 14.54
N SER D 188 -50.39 -10.20 14.51
CA SER D 188 -49.69 -9.60 13.32
C SER D 188 -50.22 -10.03 11.97
N ILE D 189 -50.31 -11.35 11.76
CA ILE D 189 -50.65 -11.85 10.50
C ILE D 189 -52.14 -12.06 10.51
N GLU D 190 -52.84 -11.75 11.63
CA GLU D 190 -54.31 -11.93 11.75
C GLU D 190 -54.84 -13.33 11.49
N SER D 191 -54.21 -14.41 11.98
CA SER D 191 -54.66 -15.72 11.57
C SER D 191 -54.19 -16.61 12.73
N GLU D 192 -54.70 -17.85 12.83
CA GLU D 192 -54.13 -18.86 13.68
C GLU D 192 -52.79 -19.25 13.13
N LEU D 193 -51.82 -19.49 14.00
CA LEU D 193 -50.50 -20.05 13.78
C LEU D 193 -50.62 -21.47 13.52
N VAL D 194 -49.53 -21.99 12.89
CA VAL D 194 -49.40 -23.41 12.49
C VAL D 194 -48.04 -23.71 13.00
N PRO D 195 -47.80 -24.86 13.54
CA PRO D 195 -46.52 -25.11 14.12
C PRO D 195 -45.39 -25.17 13.09
N GLU D 196 -45.58 -25.22 11.75
CA GLU D 196 -44.59 -25.36 10.77
C GLU D 196 -44.29 -23.98 10.13
N ASN D 197 -44.87 -22.89 10.69
CA ASN D 197 -44.74 -21.55 10.07
C ASN D 197 -44.17 -20.60 10.99
N ILE D 198 -43.68 -21.06 12.20
CA ILE D 198 -43.13 -20.28 13.32
C ILE D 198 -41.94 -21.12 13.81
N GLU D 199 -40.92 -20.40 14.18
CA GLU D 199 -39.68 -20.95 14.66
C GLU D 199 -39.47 -20.22 15.94
N VAL D 200 -38.95 -20.92 16.99
CA VAL D 200 -38.79 -20.31 18.29
C VAL D 200 -37.50 -20.91 18.92
N GLY D 201 -36.67 -20.05 19.43
CA GLY D 201 -35.49 -20.34 20.12
C GLY D 201 -35.62 -19.65 21.40
N TYR D 202 -34.96 -20.12 22.44
CA TYR D 202 -34.93 -19.45 23.62
C TYR D 202 -33.60 -19.64 24.23
N VAL D 203 -33.22 -18.75 25.05
CA VAL D 203 -32.15 -18.85 26.00
C VAL D 203 -32.68 -18.86 27.46
N LYS D 204 -32.51 -19.97 28.30
CA LYS D 204 -33.00 -20.00 29.66
C LYS D 204 -31.86 -19.65 30.47
N VAL D 205 -32.09 -18.98 31.57
CA VAL D 205 -31.22 -18.77 32.68
C VAL D 205 -30.51 -19.93 33.27
N ASP D 206 -31.34 -20.95 33.73
CA ASP D 206 -30.87 -22.06 34.54
C ASP D 206 -30.09 -23.12 33.71
N ASP D 207 -30.18 -23.09 32.40
CA ASP D 207 -29.41 -23.89 31.43
C ASP D 207 -28.22 -23.08 31.07
N ARG D 208 -28.49 -21.83 30.72
CA ARG D 208 -27.66 -20.79 30.30
C ARG D 208 -27.22 -21.14 28.93
N THR D 209 -28.11 -21.64 28.14
CA THR D 209 -27.77 -22.04 26.79
C THR D 209 -28.93 -21.66 25.96
N PHE D 210 -28.64 -21.13 24.78
CA PHE D 210 -29.43 -21.40 23.61
C PHE D 210 -29.87 -22.79 23.41
N LYS D 211 -31.22 -22.93 23.17
CA LYS D 211 -31.86 -24.20 22.89
C LYS D 211 -32.77 -23.81 21.84
N GLU D 212 -32.99 -24.71 20.87
CA GLU D 212 -33.80 -24.43 19.73
C GLU D 212 -34.98 -25.26 19.90
N VAL D 213 -36.18 -24.65 19.89
CA VAL D 213 -37.43 -25.34 20.15
C VAL D 213 -37.85 -25.93 18.87
N SER D 214 -38.69 -26.94 19.02
CA SER D 214 -38.71 -28.14 18.21
C SER D 214 -40.21 -28.10 17.81
N PRO D 215 -40.50 -28.53 16.58
CA PRO D 215 -41.86 -28.44 15.99
C PRO D 215 -42.89 -29.22 16.84
N GLU D 216 -42.38 -30.24 17.62
CA GLU D 216 -43.13 -31.08 18.54
C GLU D 216 -43.34 -30.45 19.82
N GLU D 217 -42.25 -29.81 20.33
CA GLU D 217 -42.29 -29.11 21.59
C GLU D 217 -43.14 -27.83 21.59
N LEU D 218 -43.30 -27.22 20.43
CA LEU D 218 -44.18 -26.10 20.21
C LEU D 218 -45.62 -26.38 20.38
N LYS D 219 -46.16 -27.55 19.95
CA LYS D 219 -47.52 -27.96 19.97
C LYS D 219 -48.38 -27.63 21.24
N PRO D 220 -48.06 -27.94 22.54
CA PRO D 220 -48.91 -27.54 23.69
C PRO D 220 -48.98 -25.99 23.89
N TYR D 221 -48.02 -25.12 23.40
CA TYR D 221 -47.96 -23.72 23.62
C TYR D 221 -48.78 -23.09 22.51
N VAL D 222 -48.77 -23.68 21.27
CA VAL D 222 -49.56 -23.25 20.16
C VAL D 222 -50.97 -23.60 20.44
N GLU D 223 -51.30 -24.76 21.06
CA GLU D 223 -52.63 -25.12 21.28
C GLU D 223 -53.35 -24.15 22.15
N ARG D 224 -52.74 -23.66 23.23
CA ARG D 224 -53.23 -22.60 24.12
C ARG D 224 -53.29 -21.26 23.37
N ALA D 225 -52.18 -21.06 22.51
CA ALA D 225 -52.07 -19.82 21.80
C ALA D 225 -53.25 -19.62 20.89
N ASN D 226 -53.56 -20.71 20.13
CA ASN D 226 -54.48 -20.75 19.02
C ASN D 226 -55.97 -20.50 19.43
N GLU D 227 -56.26 -20.81 20.70
CA GLU D 227 -57.56 -20.52 21.30
C GLU D 227 -57.82 -19.03 21.58
N ARG D 228 -56.79 -18.40 22.12
CA ARG D 228 -56.66 -17.00 22.47
C ARG D 228 -56.63 -16.16 21.22
N ILE D 229 -55.89 -16.55 20.17
CA ILE D 229 -55.83 -15.86 18.84
C ILE D 229 -57.20 -15.81 18.27
N ARG D 230 -57.95 -16.95 18.27
CA ARG D 230 -59.34 -17.06 17.83
C ARG D 230 -60.25 -16.14 18.55
N GLU D 231 -60.19 -16.10 19.89
CA GLU D 231 -61.05 -15.40 20.87
C GLU D 231 -61.05 -13.93 20.74
N LEU D 232 -59.81 -13.35 20.52
CA LEU D 232 -59.46 -11.99 20.30
C LEU D 232 -59.91 -11.62 18.91
N LEU D 233 -59.91 -12.53 17.85
CA LEU D 233 -60.24 -12.07 16.49
C LEU D 233 -61.73 -12.32 16.23
N LYS D 234 -62.50 -12.63 17.22
CA LYS D 234 -63.91 -12.67 17.09
C LYS D 234 -64.44 -11.24 17.19
N LYS D 235 -63.83 -10.25 17.82
CA LYS D 235 -64.22 -8.88 17.98
C LYS D 235 -63.62 -8.12 16.82
N ILE E 1 -19.94 16.32 -0.43
CA ILE E 1 -21.08 16.17 0.48
C ILE E 1 -21.09 17.37 1.31
N THR E 2 -20.09 17.65 2.10
CA THR E 2 -20.04 18.95 2.68
C THR E 2 -19.71 20.03 1.65
N VAL E 3 -20.42 21.10 1.55
CA VAL E 3 -20.11 22.19 0.61
C VAL E 3 -20.54 23.46 1.44
N PHE E 4 -20.18 24.65 1.02
CA PHE E 4 -20.60 25.96 1.47
C PHE E 4 -21.71 26.47 0.60
N SER E 5 -22.62 27.26 1.22
CA SER E 5 -23.84 27.75 0.67
C SER E 5 -23.63 29.10 0.12
N PRO E 6 -24.41 29.69 -0.74
CA PRO E 6 -24.21 31.08 -1.14
C PRO E 6 -24.15 31.99 -0.02
N ASP E 7 -24.74 31.58 1.10
CA ASP E 7 -24.87 32.40 2.26
C ASP E 7 -23.56 32.38 2.93
N GLY E 8 -22.91 31.24 3.18
CA GLY E 8 -21.53 31.25 3.61
C GLY E 8 -21.41 30.29 4.78
N ARG E 9 -22.32 29.30 4.78
CA ARG E 9 -22.50 28.44 5.95
C ARG E 9 -22.44 27.12 5.39
N LEU E 10 -21.91 26.08 6.12
CA LEU E 10 -21.86 24.79 5.53
C LEU E 10 -23.22 24.19 5.63
N PHE E 11 -23.81 23.80 4.54
CA PHE E 11 -25.27 23.37 4.59
C PHE E 11 -25.42 22.06 5.38
N GLN E 12 -24.31 21.33 5.52
CA GLN E 12 -24.44 20.00 6.08
C GLN E 12 -24.25 20.09 7.58
N VAL E 13 -23.50 21.08 8.10
CA VAL E 13 -23.31 21.36 9.48
C VAL E 13 -24.64 21.88 10.08
N GLU E 14 -25.36 22.72 9.34
CA GLU E 14 -26.65 23.24 9.71
C GLU E 14 -27.72 22.26 9.76
N TYR E 15 -27.74 21.28 8.87
CA TYR E 15 -28.71 20.19 8.82
C TYR E 15 -28.48 19.20 9.94
N ALA E 16 -27.17 18.97 10.24
CA ALA E 16 -26.67 18.20 11.38
C ALA E 16 -27.06 18.91 12.69
N ARG E 17 -27.09 20.30 12.75
CA ARG E 17 -27.61 20.99 13.94
C ARG E 17 -29.08 20.77 14.05
N GLU E 18 -29.89 20.71 12.94
CA GLU E 18 -31.31 20.43 13.09
C GLU E 18 -31.51 19.07 13.60
N ALA E 19 -30.68 18.06 13.33
CA ALA E 19 -30.72 16.68 13.90
C ALA E 19 -30.48 16.59 15.35
N VAL E 20 -29.56 17.42 15.81
CA VAL E 20 -29.35 17.59 17.24
C VAL E 20 -30.56 18.01 18.03
N LYS E 21 -31.21 19.13 17.65
CA LYS E 21 -32.52 19.57 18.11
C LYS E 21 -33.59 18.51 18.28
N ARG E 22 -33.67 17.52 17.33
CA ARG E 22 -34.68 16.42 17.41
C ARG E 22 -34.45 15.46 18.53
N GLY E 23 -33.23 15.39 19.07
CA GLY E 23 -32.72 14.58 20.20
C GLY E 23 -33.56 14.67 21.44
N ALA E 24 -32.97 13.95 22.44
CA ALA E 24 -33.42 14.02 23.77
C ALA E 24 -32.37 14.73 24.59
N THR E 25 -32.89 15.81 25.21
CA THR E 25 -32.14 16.82 25.85
C THR E 25 -31.24 16.35 26.96
N ALA E 26 -30.07 16.96 26.98
CA ALA E 26 -29.14 16.83 28.04
C ALA E 26 -29.01 18.21 28.53
N ILE E 27 -28.16 18.43 29.53
CA ILE E 27 -28.29 19.55 30.46
C ILE E 27 -27.13 19.33 31.38
N GLY E 28 -26.46 20.41 31.84
CA GLY E 28 -25.28 20.42 32.65
C GLY E 28 -25.28 21.65 33.49
N ILE E 29 -24.88 21.62 34.74
CA ILE E 29 -24.94 22.78 35.53
C ILE E 29 -23.75 22.66 36.40
N LYS E 30 -23.02 23.77 36.51
CA LYS E 30 -21.67 23.76 37.09
C LYS E 30 -21.76 24.66 38.27
N CYS E 31 -21.14 24.20 39.35
CA CYS E 31 -21.01 24.89 40.63
C CYS E 31 -19.52 24.91 40.96
N LYS E 32 -19.16 25.47 42.16
CA LYS E 32 -17.82 25.59 42.71
C LYS E 32 -17.48 24.32 43.44
N GLU E 33 -18.51 23.54 43.71
CA GLU E 33 -18.30 22.36 44.53
C GLU E 33 -18.38 21.13 43.61
N GLY E 34 -18.34 21.33 42.16
CA GLY E 34 -18.18 20.21 41.32
C GLY E 34 -18.97 20.48 40.09
N VAL E 35 -19.27 19.47 39.26
CA VAL E 35 -20.14 19.72 38.11
C VAL E 35 -21.16 18.63 38.08
N ILE E 36 -22.41 18.96 37.74
CA ILE E 36 -23.48 18.08 37.81
C ILE E 36 -23.86 18.06 36.39
N LEU E 37 -24.47 16.96 35.90
CA LEU E 37 -24.72 16.66 34.55
C LEU E 37 -25.88 15.76 34.64
N ILE E 38 -26.97 16.07 33.89
CA ILE E 38 -28.30 15.39 34.01
C ILE E 38 -28.69 15.27 32.59
N ALA E 39 -29.24 14.04 32.25
CA ALA E 39 -29.59 13.72 30.92
C ALA E 39 -30.90 13.10 31.08
N ASP E 40 -31.86 13.52 30.14
CA ASP E 40 -33.13 12.92 30.01
C ASP E 40 -32.96 11.68 29.24
N LYS E 41 -33.40 10.55 29.78
CA LYS E 41 -33.39 9.28 29.07
C LYS E 41 -34.45 9.32 28.00
N ARG E 42 -35.68 9.65 28.25
CA ARG E 42 -36.83 9.75 27.33
C ARG E 42 -37.25 8.35 26.97
N VAL E 43 -38.40 7.96 27.49
CA VAL E 43 -38.95 6.67 27.25
C VAL E 43 -40.41 6.87 26.83
N GLY E 44 -40.76 6.26 25.68
CA GLY E 44 -42.03 6.37 25.09
C GLY E 44 -42.91 5.26 25.33
N SER E 45 -42.40 4.19 25.95
CA SER E 45 -43.15 2.97 26.04
C SER E 45 -42.88 2.35 27.44
N LYS E 46 -43.79 1.43 27.82
CA LYS E 46 -43.72 0.72 29.13
C LYS E 46 -43.08 -0.61 28.94
N LEU E 47 -42.56 -0.88 27.70
CA LEU E 47 -41.93 -2.02 27.40
C LEU E 47 -40.48 -1.63 27.22
N LEU E 48 -40.14 -0.31 27.27
CA LEU E 48 -38.79 0.11 27.12
C LEU E 48 -38.23 0.08 28.49
N GLU E 49 -37.26 -0.84 28.67
CA GLU E 49 -36.61 -0.90 29.96
C GLU E 49 -35.57 0.16 30.06
N ALA E 50 -35.93 1.27 30.74
CA ALA E 50 -35.01 2.35 30.96
C ALA E 50 -34.41 2.10 32.40
N ASP E 51 -33.30 1.43 32.48
CA ASP E 51 -32.60 1.12 33.70
C ASP E 51 -31.19 0.70 33.35
N THR E 52 -30.95 0.79 32.01
CA THR E 52 -29.72 0.41 31.35
C THR E 52 -29.45 1.32 30.14
N ILE E 53 -30.38 2.31 29.93
CA ILE E 53 -30.42 3.20 28.75
C ILE E 53 -29.42 4.26 29.14
N GLU E 54 -28.19 4.23 28.55
CA GLU E 54 -27.09 5.02 28.92
C GLU E 54 -27.13 6.33 28.20
N LYS E 55 -26.90 7.43 28.95
CA LYS E 55 -27.10 8.73 28.40
C LYS E 55 -26.13 9.64 29.07
N ILE E 56 -25.56 9.14 30.19
CA ILE E 56 -24.41 9.75 30.72
C ILE E 56 -23.48 8.63 30.76
N TYR E 57 -22.36 8.83 30.05
CA TYR E 57 -21.35 7.94 29.66
C TYR E 57 -20.15 8.52 30.46
N LYS E 58 -19.32 7.64 30.96
CA LYS E 58 -18.15 8.01 31.72
C LYS E 58 -17.08 7.89 30.73
N ILE E 59 -16.15 8.78 30.57
CA ILE E 59 -15.20 8.76 29.52
C ILE E 59 -13.79 8.53 30.11
N ASP E 60 -13.55 9.14 31.31
CA ASP E 60 -12.32 8.92 32.03
C ASP E 60 -12.80 8.86 33.41
N GLU E 61 -11.89 8.78 34.39
CA GLU E 61 -12.32 8.62 35.75
C GLU E 61 -12.59 9.80 36.53
N HIS E 62 -12.79 10.86 35.78
CA HIS E 62 -13.06 12.18 36.29
C HIS E 62 -13.86 12.94 35.16
N ILE E 63 -14.35 12.29 34.12
CA ILE E 63 -14.98 12.94 32.99
C ILE E 63 -16.17 12.06 32.71
N CYS E 64 -17.28 12.74 32.37
CA CYS E 64 -18.44 12.14 31.85
C CYS E 64 -18.86 13.02 30.74
N ALA E 65 -19.73 12.47 29.84
CA ALA E 65 -20.25 13.14 28.73
C ALA E 65 -21.66 12.70 28.55
N ALA E 66 -22.57 13.64 28.24
CA ALA E 66 -23.97 13.36 27.89
C ALA E 66 -24.06 13.82 26.54
N THR E 67 -25.18 13.59 25.87
CA THR E 67 -25.28 13.60 24.48
C THR E 67 -26.73 13.86 24.14
N SER E 68 -26.88 14.42 22.88
CA SER E 68 -28.17 14.68 22.36
C SER E 68 -27.87 14.72 20.91
N GLY E 69 -28.84 14.21 20.15
CA GLY E 69 -28.82 14.11 18.70
C GLY E 69 -29.00 12.64 18.50
N LEU E 70 -28.46 12.18 17.37
CA LEU E 70 -28.38 10.79 16.92
C LEU E 70 -27.56 9.98 17.88
N VAL E 71 -28.27 8.95 18.35
CA VAL E 71 -27.83 7.90 19.28
C VAL E 71 -26.63 7.10 18.77
N ALA E 72 -26.61 6.78 17.47
CA ALA E 72 -25.64 6.00 16.78
C ALA E 72 -24.35 6.64 16.76
N ASP E 73 -24.47 7.89 16.30
CA ASP E 73 -23.44 8.88 16.15
C ASP E 73 -22.83 9.23 17.47
N ALA E 74 -23.66 9.34 18.49
CA ALA E 74 -23.27 9.65 19.84
C ALA E 74 -22.28 8.65 20.36
N ARG E 75 -22.74 7.35 20.36
CA ARG E 75 -22.06 6.28 20.99
C ARG E 75 -20.67 6.11 20.48
N VAL E 76 -20.51 6.14 19.11
CA VAL E 76 -19.25 5.91 18.45
C VAL E 76 -18.30 7.09 18.84
N LEU E 77 -18.85 8.35 18.88
CA LEU E 77 -18.11 9.49 19.25
C LEU E 77 -17.67 9.38 20.66
N ILE E 78 -18.50 8.90 21.58
CA ILE E 78 -18.24 8.69 22.95
C ILE E 78 -17.14 7.69 23.04
N ASP E 79 -17.21 6.61 22.29
CA ASP E 79 -16.17 5.65 22.27
C ASP E 79 -14.83 6.12 21.79
N ARG E 80 -14.81 7.02 20.82
CA ARG E 80 -13.65 7.73 20.28
C ARG E 80 -12.94 8.60 21.30
N ALA E 81 -13.82 9.28 22.12
CA ALA E 81 -13.43 10.00 23.28
C ALA E 81 -12.77 9.16 24.38
N ARG E 82 -13.34 8.01 24.70
CA ARG E 82 -12.78 7.08 25.68
C ARG E 82 -11.47 6.58 25.23
N ILE E 83 -11.30 6.27 23.89
CA ILE E 83 -10.00 5.81 23.38
C ILE E 83 -8.98 6.95 23.49
N GLU E 84 -9.25 8.21 23.06
CA GLU E 84 -8.38 9.38 23.06
C GLU E 84 -7.94 9.76 24.42
N ALA E 85 -8.82 9.64 25.42
CA ALA E 85 -8.60 9.85 26.82
C ALA E 85 -7.63 8.85 27.36
N GLN E 86 -7.73 7.52 27.04
CA GLN E 86 -6.78 6.56 27.46
C GLN E 86 -5.43 6.73 26.78
N ILE E 87 -5.44 7.24 25.53
CA ILE E 87 -4.15 7.47 24.90
C ILE E 87 -3.36 8.52 25.66
N ASN E 88 -4.07 9.55 26.10
CA ASN E 88 -3.54 10.62 26.83
C ASN E 88 -2.87 10.21 28.15
N ARG E 89 -3.57 9.30 28.84
CA ARG E 89 -3.02 8.64 29.98
C ARG E 89 -1.79 7.73 29.63
N LEU E 90 -1.82 7.03 28.49
CA LEU E 90 -0.78 6.15 28.01
C LEU E 90 0.50 6.89 27.74
N THR E 91 0.39 7.98 27.00
CA THR E 91 1.53 8.69 26.56
C THR E 91 2.07 9.79 27.40
N TYR E 92 1.32 10.38 28.42
CA TYR E 92 1.76 11.45 29.34
C TYR E 92 1.53 11.03 30.82
N ASP E 93 0.90 9.84 31.20
CA ASP E 93 0.65 9.39 32.56
C ASP E 93 0.23 10.55 33.46
N GLU E 94 -0.94 11.22 33.27
CA GLU E 94 -1.44 12.35 33.96
C GLU E 94 -2.77 12.44 33.20
N PRO E 95 -3.96 12.33 33.80
CA PRO E 95 -5.22 12.36 33.09
C PRO E 95 -5.42 13.60 32.18
N ILE E 96 -6.19 13.45 31.04
CA ILE E 96 -6.57 14.39 30.08
C ILE E 96 -7.44 15.46 30.64
N THR E 97 -7.11 16.74 30.24
CA THR E 97 -7.79 17.95 30.64
C THR E 97 -9.16 17.80 30.04
N VAL E 98 -10.20 18.41 30.74
CA VAL E 98 -11.56 18.41 30.35
C VAL E 98 -11.64 19.15 29.08
N LYS E 99 -10.84 20.22 28.93
CA LYS E 99 -10.75 21.05 27.72
C LYS E 99 -10.26 20.29 26.51
N GLU E 100 -9.20 19.55 26.77
CA GLU E 100 -8.30 18.87 25.88
C GLU E 100 -8.99 17.78 25.21
N LEU E 101 -9.77 16.99 25.87
CA LEU E 101 -10.51 15.85 25.36
C LEU E 101 -11.58 16.28 24.38
N ALA E 102 -12.26 17.36 24.73
CA ALA E 102 -13.36 17.87 24.01
C ALA E 102 -12.79 18.45 22.65
N LYS E 103 -11.66 19.18 22.71
CA LYS E 103 -10.95 19.80 21.62
C LYS E 103 -10.47 18.61 20.76
N LYS E 104 -10.03 17.50 21.30
CA LYS E 104 -9.55 16.35 20.60
C LYS E 104 -10.62 15.62 19.76
N ILE E 105 -11.89 15.47 20.27
CA ILE E 105 -12.95 14.84 19.41
C ILE E 105 -13.50 15.91 18.52
N CYS E 106 -13.23 17.28 18.79
CA CYS E 106 -13.82 18.35 18.01
C CYS E 106 -13.04 18.41 16.70
N ASP E 107 -11.68 18.16 16.81
CA ASP E 107 -10.79 18.01 15.67
C ASP E 107 -11.20 16.80 14.91
N PHE E 108 -11.63 15.70 15.52
CA PHE E 108 -12.12 14.51 14.91
C PHE E 108 -13.39 14.78 14.11
N LYS E 109 -14.35 15.49 14.66
CA LYS E 109 -15.60 15.83 13.96
C LYS E 109 -15.39 16.66 12.75
N GLN E 110 -14.41 17.64 12.75
CA GLN E 110 -14.08 18.51 11.65
C GLN E 110 -13.42 17.75 10.59
N GLN E 111 -12.81 16.56 10.80
CA GLN E 111 -12.33 15.77 9.65
C GLN E 111 -13.51 15.30 8.89
N TYR E 112 -14.63 14.89 9.57
CA TYR E 112 -15.78 14.35 8.82
C TYR E 112 -16.60 15.45 8.29
N THR E 113 -16.37 16.70 8.65
CA THR E 113 -17.22 17.75 8.18
C THR E 113 -16.44 18.31 6.99
N GLN E 114 -15.12 18.17 6.99
CA GLN E 114 -14.32 18.78 5.97
C GLN E 114 -14.21 17.90 4.75
N TYR E 115 -14.19 16.58 5.10
CA TYR E 115 -13.94 15.59 4.09
C TYR E 115 -15.27 15.31 3.47
N GLY E 116 -15.34 15.31 2.15
CA GLY E 116 -16.56 15.22 1.33
C GLY E 116 -17.03 13.83 1.16
N GLY E 117 -16.37 12.75 1.67
CA GLY E 117 -16.86 11.40 1.53
C GLY E 117 -17.82 11.05 2.58
N VAL E 118 -17.62 11.63 3.79
CA VAL E 118 -18.44 11.39 4.93
C VAL E 118 -19.29 12.56 5.21
N ARG E 119 -20.51 12.31 5.72
CA ARG E 119 -21.39 13.21 6.28
C ARG E 119 -20.98 13.53 7.68
N PRO E 120 -21.21 14.65 8.34
CA PRO E 120 -20.62 14.97 9.54
C PRO E 120 -21.39 14.25 10.59
N PHE E 121 -20.86 14.34 11.89
CA PHE E 121 -21.59 13.76 12.98
C PHE E 121 -22.63 14.71 13.32
N GLY E 122 -23.89 14.18 13.55
CA GLY E 122 -25.00 15.09 13.85
C GLY E 122 -25.26 14.95 15.36
N VAL E 123 -24.25 15.33 16.24
CA VAL E 123 -24.32 15.09 17.64
C VAL E 123 -23.60 16.24 18.34
N SER E 124 -24.13 16.62 19.52
CA SER E 124 -23.59 17.66 20.36
C SER E 124 -23.40 16.90 21.60
N LEU E 125 -22.42 17.27 22.40
CA LEU E 125 -22.09 16.60 23.57
C LEU E 125 -21.93 17.77 24.54
N LEU E 126 -22.00 17.33 25.81
CA LEU E 126 -21.61 18.16 26.98
C LEU E 126 -20.62 17.42 27.73
N ILE E 127 -19.35 17.92 27.86
CA ILE E 127 -18.24 17.18 28.33
C ILE E 127 -18.09 17.86 29.70
N ALA E 128 -18.32 17.14 30.77
CA ALA E 128 -18.21 17.78 32.04
C ALA E 128 -17.16 17.04 32.84
N GLY E 129 -16.46 17.70 33.77
CA GLY E 129 -15.33 17.07 34.40
C GLY E 129 -14.72 17.98 35.34
N VAL E 130 -13.61 17.53 36.02
CA VAL E 130 -12.96 18.38 36.91
C VAL E 130 -11.56 18.12 36.75
N ASP E 131 -10.70 19.06 36.22
CA ASP E 131 -9.20 18.83 36.13
C ASP E 131 -8.65 19.09 37.54
N GLU E 132 -9.04 20.19 38.18
CA GLU E 132 -8.74 20.65 39.46
C GLU E 132 -9.70 21.73 39.81
N VAL E 133 -10.66 21.99 38.92
CA VAL E 133 -11.68 23.06 39.10
C VAL E 133 -12.74 22.54 38.12
N PRO E 134 -14.03 22.62 38.34
CA PRO E 134 -15.07 22.25 37.40
C PRO E 134 -14.98 22.81 36.04
N LYS E 135 -15.40 22.13 34.92
CA LYS E 135 -15.36 22.68 33.57
C LYS E 135 -16.55 21.98 32.95
N LEU E 136 -17.31 22.77 32.08
CA LEU E 136 -18.37 22.15 31.34
C LEU E 136 -18.20 22.74 29.97
N TYR E 137 -18.28 21.88 28.87
CA TYR E 137 -18.02 22.25 27.53
C TYR E 137 -19.21 21.80 26.78
N GLU E 138 -19.57 22.50 25.72
CA GLU E 138 -20.62 22.11 24.81
C GLU E 138 -19.81 22.02 23.59
N THR E 139 -19.95 20.92 22.86
CA THR E 139 -19.42 20.72 21.55
C THR E 139 -20.61 20.90 20.64
N ASP E 140 -20.41 21.27 19.43
CA ASP E 140 -21.46 21.40 18.51
C ASP E 140 -21.04 20.49 17.29
N PRO E 141 -22.01 20.02 16.39
CA PRO E 141 -21.80 19.09 15.31
C PRO E 141 -20.71 19.44 14.27
N SER E 142 -20.33 20.73 14.01
CA SER E 142 -19.24 21.07 13.07
C SER E 142 -17.97 20.65 13.62
N GLY E 143 -17.91 20.77 14.97
CA GLY E 143 -16.72 20.58 15.70
C GLY E 143 -16.33 21.84 16.43
N ALA E 144 -17.27 22.73 16.94
CA ALA E 144 -16.97 24.00 17.58
C ALA E 144 -17.23 23.95 19.08
N LEU E 145 -16.42 24.57 19.93
CA LEU E 145 -16.32 24.34 21.26
C LEU E 145 -16.45 25.65 22.05
N LEU E 146 -17.34 25.69 23.10
CA LEU E 146 -17.65 26.86 23.89
C LEU E 146 -17.80 26.29 25.27
N GLU E 147 -17.23 26.98 26.28
CA GLU E 147 -17.39 26.61 27.69
C GLU E 147 -18.56 27.32 28.25
N TYR E 148 -19.28 26.66 29.21
CA TYR E 148 -20.54 27.22 29.76
C TYR E 148 -20.53 26.96 31.17
N LYS E 149 -21.14 27.92 31.87
CA LYS E 149 -21.49 27.82 33.26
C LYS E 149 -22.72 26.98 33.44
N ALA E 150 -23.72 27.10 32.52
CA ALA E 150 -24.89 26.29 32.58
C ALA E 150 -25.50 26.24 31.17
N THR E 151 -25.75 25.00 30.73
CA THR E 151 -26.12 24.91 29.33
C THR E 151 -26.86 23.65 29.18
N ALA E 152 -27.41 23.38 27.91
CA ALA E 152 -28.19 22.27 27.48
C ALA E 152 -27.96 22.09 26.06
N ILE E 153 -28.39 20.91 25.51
CA ILE E 153 -28.26 20.59 24.14
C ILE E 153 -29.51 19.85 23.89
N GLY E 154 -29.98 19.74 22.61
CA GLY E 154 -31.25 19.14 22.32
C GLY E 154 -32.33 20.17 22.06
N MET E 155 -33.59 19.65 22.05
CA MET E 155 -34.88 20.31 21.98
C MET E 155 -35.10 21.17 23.18
N GLY E 156 -34.49 20.75 24.30
CA GLY E 156 -34.52 21.42 25.58
C GLY E 156 -33.58 22.55 25.65
N ARG E 157 -32.75 22.72 24.64
CA ARG E 157 -31.78 23.84 24.64
C ARG E 157 -32.47 25.19 24.82
N ASN E 158 -33.50 25.48 23.99
CA ASN E 158 -34.03 26.83 24.08
C ASN E 158 -34.75 27.10 25.36
N ALA E 159 -35.63 26.15 25.87
CA ALA E 159 -36.35 26.22 27.08
C ALA E 159 -35.54 26.39 28.28
N VAL E 160 -34.45 25.57 28.46
CA VAL E 160 -33.56 25.50 29.62
C VAL E 160 -32.69 26.67 29.81
N THR E 161 -32.11 27.14 28.66
CA THR E 161 -31.12 28.18 28.59
C THR E 161 -31.76 29.46 28.95
N GLU E 162 -33.03 29.59 28.45
CA GLU E 162 -33.76 30.73 28.84
C GLU E 162 -34.07 30.81 30.35
N PHE E 163 -34.42 29.67 30.97
CA PHE E 163 -34.62 29.49 32.37
C PHE E 163 -33.33 29.84 33.14
N PHE E 164 -32.15 29.41 32.65
CA PHE E 164 -30.87 29.73 33.18
C PHE E 164 -30.47 31.19 33.04
N GLU E 165 -30.79 31.91 31.93
CA GLU E 165 -30.50 33.32 31.81
C GLU E 165 -31.20 34.13 32.84
N LYS E 166 -32.30 33.52 33.37
CA LYS E 166 -33.04 34.19 34.37
C LYS E 166 -32.51 33.79 35.74
N GLU E 167 -32.43 32.49 36.07
CA GLU E 167 -32.38 32.14 37.47
C GLU E 167 -30.90 32.06 37.85
N TYR E 168 -29.94 31.50 37.05
CA TYR E 168 -28.63 31.12 37.38
C TYR E 168 -27.80 32.18 38.09
N ARG E 169 -27.26 31.78 39.23
CA ARG E 169 -26.31 32.37 40.08
C ARG E 169 -25.03 31.68 39.80
N ASP E 170 -23.93 32.45 39.89
CA ASP E 170 -22.63 31.93 39.63
C ASP E 170 -22.12 31.22 40.83
N ASP E 171 -22.69 31.46 42.01
CA ASP E 171 -22.26 30.93 43.19
C ASP E 171 -23.35 29.92 43.57
N LEU E 172 -23.06 28.58 43.72
CA LEU E 172 -24.12 27.65 44.05
C LEU E 172 -23.51 26.63 44.94
N SER E 173 -24.38 26.02 45.74
CA SER E 173 -24.10 24.86 46.54
C SER E 173 -24.04 23.66 45.61
N PHE E 174 -23.61 22.54 46.05
CA PHE E 174 -23.64 21.29 45.25
C PHE E 174 -25.08 20.82 45.13
N ASP E 175 -25.93 20.97 46.12
CA ASP E 175 -27.34 20.68 46.26
C ASP E 175 -28.21 21.78 45.49
N ASP E 176 -27.87 23.08 45.60
CA ASP E 176 -28.65 24.12 44.91
C ASP E 176 -28.57 23.94 43.44
N ALA E 177 -27.33 23.69 42.92
CA ALA E 177 -27.11 23.47 41.52
C ALA E 177 -27.81 22.21 41.11
N MET E 178 -27.82 21.20 41.92
CA MET E 178 -28.50 19.97 41.60
C MET E 178 -30.02 20.12 41.33
N VAL E 179 -30.69 20.79 42.28
CA VAL E 179 -32.13 21.09 42.17
C VAL E 179 -32.39 22.01 40.98
N LEU E 180 -31.56 23.05 40.75
CA LEU E 180 -31.71 24.00 39.67
C LEU E 180 -31.81 23.41 38.27
N GLY E 181 -30.79 22.51 38.08
CA GLY E 181 -30.64 21.69 36.88
C GLY E 181 -31.89 20.85 36.69
N LEU E 182 -32.37 20.21 37.71
CA LEU E 182 -33.53 19.30 37.66
C LEU E 182 -34.79 20.01 37.33
N VAL E 183 -34.99 21.25 37.88
CA VAL E 183 -36.19 22.08 37.71
C VAL E 183 -36.22 22.49 36.25
N ALA E 184 -35.09 22.93 35.73
CA ALA E 184 -34.89 23.33 34.40
C ALA E 184 -35.19 22.22 33.46
N MET E 185 -34.88 20.96 33.80
CA MET E 185 -35.11 19.75 33.09
C MET E 185 -36.56 19.50 33.00
N GLY E 186 -37.35 19.73 34.03
CA GLY E 186 -38.75 19.62 34.12
C GLY E 186 -39.46 20.55 33.14
N LEU E 187 -38.88 21.79 32.94
CA LEU E 187 -39.43 22.82 32.08
C LEU E 187 -39.35 22.37 30.64
N SER E 188 -38.42 21.45 30.28
CA SER E 188 -38.26 21.05 28.96
C SER E 188 -39.38 20.27 28.29
N ILE E 189 -39.97 19.39 29.13
CA ILE E 189 -41.05 18.47 28.75
C ILE E 189 -42.32 19.07 29.36
N GLU E 190 -42.24 20.11 30.20
CA GLU E 190 -43.38 20.77 30.84
C GLU E 190 -44.07 19.84 31.80
N SER E 191 -43.30 19.18 32.68
CA SER E 191 -43.94 18.26 33.62
C SER E 191 -42.90 18.03 34.66
N GLU E 192 -43.36 17.46 35.80
CA GLU E 192 -42.66 16.88 36.93
C GLU E 192 -41.99 15.60 36.43
N LEU E 193 -40.84 15.37 37.10
CA LEU E 193 -39.77 14.50 36.84
C LEU E 193 -40.19 13.18 37.32
N VAL E 194 -39.61 12.10 36.73
CA VAL E 194 -39.77 10.73 37.24
C VAL E 194 -38.32 10.44 37.57
N PRO E 195 -37.78 9.75 38.65
CA PRO E 195 -36.36 9.72 38.87
C PRO E 195 -35.75 8.59 38.21
N GLU E 196 -36.54 7.94 37.31
CA GLU E 196 -36.11 6.88 36.50
C GLU E 196 -36.36 7.18 35.00
N ASN E 197 -36.61 8.51 34.70
CA ASN E 197 -36.63 9.12 33.39
C ASN E 197 -35.44 9.98 33.25
N ILE E 198 -34.52 9.97 34.30
CA ILE E 198 -33.34 10.71 34.32
C ILE E 198 -32.21 9.87 34.92
N GLU E 199 -31.07 10.16 34.21
CA GLU E 199 -29.71 9.65 34.64
C GLU E 199 -28.87 10.91 35.04
N VAL E 200 -28.21 10.91 36.18
CA VAL E 200 -27.54 12.12 36.76
C VAL E 200 -26.19 11.57 37.14
N GLY E 201 -25.16 12.19 36.70
CA GLY E 201 -23.86 11.80 37.05
C GLY E 201 -23.24 13.05 37.46
N TYR E 202 -22.08 12.98 38.08
CA TYR E 202 -21.40 14.10 38.58
C TYR E 202 -19.94 13.87 38.71
N VAL E 203 -19.21 15.03 38.99
CA VAL E 203 -17.82 15.04 39.36
C VAL E 203 -17.69 16.02 40.51
N LYS E 204 -17.26 15.58 41.67
CA LYS E 204 -16.91 16.50 42.76
C LYS E 204 -15.44 16.51 42.77
N VAL E 205 -14.99 17.81 42.85
CA VAL E 205 -13.63 18.36 43.17
C VAL E 205 -12.95 17.64 44.31
N ASP E 206 -13.74 17.33 45.39
CA ASP E 206 -13.33 16.86 46.70
C ASP E 206 -13.40 15.37 46.67
N ASP E 207 -13.62 14.80 45.46
CA ASP E 207 -13.44 13.35 45.30
C ASP E 207 -12.35 13.30 44.27
N ARG E 208 -12.52 14.13 43.25
CA ARG E 208 -11.72 14.19 42.07
C ARG E 208 -11.93 12.96 41.28
N THR E 209 -13.23 12.55 41.16
CA THR E 209 -13.50 11.27 40.50
C THR E 209 -14.99 11.39 40.48
N PHE E 210 -15.61 11.47 39.27
CA PHE E 210 -16.81 10.80 38.77
C PHE E 210 -17.48 9.78 39.75
N LYS E 211 -18.77 9.94 40.08
CA LYS E 211 -19.57 8.92 40.79
C LYS E 211 -20.89 9.00 40.06
N GLU E 212 -21.67 7.92 40.06
CA GLU E 212 -22.84 7.82 39.29
C GLU E 212 -24.03 7.60 40.21
N VAL E 213 -25.01 8.47 40.11
CA VAL E 213 -26.17 8.56 40.93
C VAL E 213 -27.16 7.59 40.28
N SER E 214 -28.36 7.40 40.92
CA SER E 214 -29.08 6.19 41.02
C SER E 214 -30.31 6.64 41.65
N PRO E 215 -31.49 6.18 41.45
CA PRO E 215 -32.72 6.83 42.00
C PRO E 215 -32.74 7.10 43.51
N GLU E 216 -32.19 6.13 44.34
CA GLU E 216 -32.56 6.29 45.78
C GLU E 216 -31.78 7.47 46.39
N GLU E 217 -30.50 7.60 45.96
CA GLU E 217 -29.61 8.69 46.39
C GLU E 217 -30.21 9.97 45.75
N LEU E 218 -30.75 9.96 44.53
CA LEU E 218 -31.31 11.03 43.81
C LEU E 218 -32.63 11.47 44.37
N LYS E 219 -33.51 10.58 44.73
CA LYS E 219 -34.87 10.79 45.09
C LYS E 219 -35.20 12.08 45.94
N PRO E 220 -34.49 12.44 47.09
CA PRO E 220 -34.60 13.68 47.86
C PRO E 220 -34.45 14.94 47.04
N TYR E 221 -33.57 14.97 46.04
CA TYR E 221 -33.37 16.16 45.21
C TYR E 221 -34.48 16.37 44.25
N VAL E 222 -35.06 15.26 43.65
CA VAL E 222 -36.14 15.32 42.74
C VAL E 222 -37.37 15.92 43.41
N GLU E 223 -37.60 15.52 44.66
CA GLU E 223 -38.81 15.89 45.56
C GLU E 223 -38.72 17.38 45.79
N ARG E 224 -37.54 17.89 46.13
CA ARG E 224 -37.35 19.31 46.29
C ARG E 224 -37.53 20.07 44.90
N ALA E 225 -37.09 19.44 43.75
CA ALA E 225 -37.14 19.99 42.42
C ALA E 225 -38.56 20.05 41.88
N ASN E 226 -39.40 19.03 42.17
CA ASN E 226 -40.81 18.78 41.75
C ASN E 226 -41.66 19.92 42.15
N GLU E 227 -41.49 20.41 43.39
CA GLU E 227 -42.14 21.54 43.99
C GLU E 227 -41.97 22.76 43.16
N ARG E 228 -40.70 22.98 42.81
CA ARG E 228 -40.42 24.13 41.98
C ARG E 228 -41.01 24.05 40.59
N ILE E 229 -41.03 22.86 40.01
CA ILE E 229 -41.62 22.47 38.72
C ILE E 229 -43.11 22.77 38.67
N ARG E 230 -43.97 22.39 39.72
CA ARG E 230 -45.41 22.62 39.87
C ARG E 230 -45.56 24.12 39.99
N GLU E 231 -44.73 24.90 40.80
CA GLU E 231 -44.79 26.30 40.98
C GLU E 231 -44.72 27.10 39.72
N LEU E 232 -43.86 26.70 38.76
CA LEU E 232 -43.62 27.54 37.61
C LEU E 232 -44.66 27.19 36.54
N LEU E 233 -45.33 26.04 36.62
CA LEU E 233 -46.31 25.45 35.80
C LEU E 233 -47.66 25.79 36.42
N LYS E 234 -47.77 26.84 37.20
CA LYS E 234 -49.03 27.31 37.80
C LYS E 234 -48.99 28.82 37.55
N LYS E 235 -47.84 29.33 37.15
CA LYS E 235 -47.69 30.70 36.73
C LYS E 235 -47.86 30.78 35.18
N ILE F 1 -17.13 19.88 -6.35
CA ILE F 1 -17.16 20.64 -5.16
C ILE F 1 -16.70 22.02 -5.59
N THR F 2 -15.32 22.20 -5.79
CA THR F 2 -14.63 23.37 -6.19
C THR F 2 -14.41 23.31 -7.71
N VAL F 3 -14.99 24.29 -8.38
CA VAL F 3 -15.01 24.40 -9.87
C VAL F 3 -14.86 25.83 -10.21
N PHE F 4 -14.39 26.19 -11.44
CA PHE F 4 -14.27 27.56 -11.75
C PHE F 4 -15.57 27.90 -12.39
N SER F 5 -15.98 29.17 -12.32
CA SER F 5 -17.20 29.66 -12.90
C SER F 5 -16.75 30.46 -14.07
N PRO F 6 -17.54 30.98 -14.97
CA PRO F 6 -17.12 31.74 -16.15
C PRO F 6 -16.64 33.08 -15.56
N ASP F 7 -16.78 33.38 -14.26
CA ASP F 7 -16.30 34.64 -13.84
C ASP F 7 -14.85 34.58 -13.25
N GLY F 8 -14.31 33.34 -13.31
CA GLY F 8 -12.88 33.08 -13.13
C GLY F 8 -12.55 33.07 -11.67
N ARG F 9 -13.43 32.47 -10.86
CA ARG F 9 -13.33 32.55 -9.46
C ARG F 9 -13.91 31.27 -9.00
N LEU F 10 -13.26 30.66 -8.05
CA LEU F 10 -13.57 29.36 -7.49
C LEU F 10 -14.64 29.67 -6.51
N PHE F 11 -15.89 29.22 -6.86
CA PHE F 11 -17.09 29.66 -6.17
C PHE F 11 -17.18 29.36 -4.74
N GLN F 12 -16.54 28.22 -4.37
CA GLN F 12 -16.44 27.71 -3.04
C GLN F 12 -15.59 28.57 -2.17
N VAL F 13 -14.55 29.18 -2.73
CA VAL F 13 -13.67 30.13 -2.06
C VAL F 13 -14.41 31.39 -1.84
N GLU F 14 -15.22 31.86 -2.79
CA GLU F 14 -15.98 33.09 -2.59
C GLU F 14 -16.99 32.86 -1.51
N TYR F 15 -17.54 31.67 -1.35
CA TYR F 15 -18.51 31.31 -0.28
C TYR F 15 -17.88 31.23 1.04
N ALA F 16 -16.61 30.74 1.07
CA ALA F 16 -15.76 30.78 2.33
C ALA F 16 -15.45 32.13 2.94
N ARG F 17 -15.28 33.13 2.08
CA ARG F 17 -15.02 34.50 2.45
C ARG F 17 -16.20 35.07 3.10
N GLU F 18 -17.40 34.62 2.60
CA GLU F 18 -18.71 34.99 3.23
C GLU F 18 -18.78 34.27 4.55
N ALA F 19 -18.24 33.05 4.72
CA ALA F 19 -18.13 32.40 6.04
C ALA F 19 -17.29 33.18 7.03
N VAL F 20 -16.13 33.80 6.56
CA VAL F 20 -15.27 34.63 7.35
C VAL F 20 -15.97 35.80 7.95
N LYS F 21 -16.77 36.50 7.07
CA LYS F 21 -17.53 37.70 7.42
C LYS F 21 -18.57 37.43 8.45
N ARG F 22 -19.21 36.27 8.52
CA ARG F 22 -20.13 35.84 9.48
C ARG F 22 -19.43 35.41 10.79
N GLY F 23 -18.08 35.28 10.85
CA GLY F 23 -17.41 34.93 12.08
C GLY F 23 -17.22 36.19 12.84
N ALA F 24 -16.59 36.06 14.07
CA ALA F 24 -16.24 37.16 14.98
C ALA F 24 -14.94 37.83 14.59
N THR F 25 -14.89 39.16 14.34
CA THR F 25 -13.74 39.92 13.93
C THR F 25 -12.49 39.72 14.83
N ALA F 26 -11.27 39.97 14.26
CA ALA F 26 -10.00 40.16 14.95
C ALA F 26 -9.39 41.16 14.14
N ILE F 27 -8.29 41.76 14.57
CA ILE F 27 -7.68 42.95 14.12
C ILE F 27 -6.25 42.89 14.56
N GLY F 28 -5.40 43.55 13.78
CA GLY F 28 -3.97 43.53 14.12
C GLY F 28 -3.53 44.88 13.74
N ILE F 29 -2.65 45.52 14.58
CA ILE F 29 -2.14 46.82 14.31
C ILE F 29 -0.68 46.58 14.55
N LYS F 30 0.12 47.14 13.66
CA LYS F 30 1.55 47.01 13.60
C LYS F 30 2.16 48.41 13.88
N CYS F 31 3.22 48.51 14.73
CA CYS F 31 3.96 49.69 14.99
C CYS F 31 5.41 49.31 14.90
N LYS F 32 6.32 50.31 15.15
CA LYS F 32 7.76 50.20 15.14
C LYS F 32 8.20 49.35 16.39
N GLU F 33 7.43 49.26 17.45
CA GLU F 33 7.89 48.82 18.78
C GLU F 33 7.17 47.51 19.11
N GLY F 34 6.58 46.86 18.04
CA GLY F 34 6.05 45.53 18.09
C GLY F 34 4.90 45.42 17.23
N VAL F 35 4.13 44.30 17.33
CA VAL F 35 2.82 44.13 16.69
C VAL F 35 1.91 43.68 17.76
N ILE F 36 0.64 44.09 17.71
CA ILE F 36 -0.35 43.83 18.68
C ILE F 36 -1.37 43.14 17.91
N LEU F 37 -2.06 42.16 18.49
CA LEU F 37 -3.11 41.42 17.82
C LEU F 37 -4.21 41.31 18.79
N ILE F 38 -5.45 41.88 18.43
CA ILE F 38 -6.56 42.04 19.34
C ILE F 38 -7.64 41.24 18.66
N ALA F 39 -8.40 40.45 19.44
CA ALA F 39 -9.47 39.71 18.90
C ALA F 39 -10.62 39.65 19.84
N ASP F 40 -11.84 39.75 19.19
CA ASP F 40 -13.15 39.80 19.84
C ASP F 40 -13.57 38.43 20.24
N LYS F 41 -13.66 38.11 21.52
CA LYS F 41 -13.93 36.85 21.99
C LYS F 41 -15.31 36.99 22.61
N ARG F 42 -15.94 38.11 22.34
CA ARG F 42 -17.25 38.43 22.80
C ARG F 42 -18.29 37.34 22.55
N VAL F 43 -19.06 37.14 23.66
CA VAL F 43 -19.99 36.05 23.88
C VAL F 43 -21.37 36.65 23.79
N GLY F 44 -22.38 35.81 23.41
CA GLY F 44 -23.71 36.23 23.22
C GLY F 44 -24.62 35.97 24.36
N SER F 45 -24.12 35.04 25.26
CA SER F 45 -24.90 34.56 26.39
C SER F 45 -24.07 34.72 27.61
N LYS F 46 -24.84 34.83 28.75
CA LYS F 46 -24.42 35.10 30.10
C LYS F 46 -23.72 33.85 30.55
N LEU F 47 -24.30 32.67 30.33
CA LEU F 47 -23.77 31.37 30.80
C LEU F 47 -22.58 31.00 30.06
N LEU F 48 -22.36 31.43 28.83
CA LEU F 48 -21.07 31.24 28.18
C LEU F 48 -19.94 31.96 28.88
N GLU F 49 -18.83 31.22 29.22
CA GLU F 49 -17.75 31.72 30.04
C GLU F 49 -16.85 32.41 29.17
N ALA F 50 -16.43 33.64 29.57
CA ALA F 50 -15.65 34.49 28.71
C ALA F 50 -14.37 34.62 29.45
N ASP F 51 -14.10 33.83 30.49
CA ASP F 51 -12.80 33.84 31.18
C ASP F 51 -11.80 32.89 30.69
N THR F 52 -12.31 31.84 29.97
CA THR F 52 -11.53 30.94 29.14
C THR F 52 -12.39 30.73 27.90
N ILE F 53 -11.77 31.19 26.74
CA ILE F 53 -12.21 31.01 25.37
C ILE F 53 -11.15 31.76 24.70
N GLU F 54 -10.58 31.20 23.65
CA GLU F 54 -9.45 31.84 22.98
C GLU F 54 -9.99 32.35 21.71
N LYS F 55 -9.48 33.54 21.29
CA LYS F 55 -9.54 34.12 19.99
C LYS F 55 -8.22 34.61 19.69
N ILE F 56 -7.20 34.43 20.60
CA ILE F 56 -5.80 34.77 20.23
C ILE F 56 -5.24 33.53 20.79
N TYR F 57 -4.58 32.70 19.92
CA TYR F 57 -3.94 31.42 20.17
C TYR F 57 -2.52 31.72 19.88
N LYS F 58 -1.64 31.23 20.75
CA LYS F 58 -0.17 31.36 20.59
C LYS F 58 0.33 30.27 19.71
N ILE F 59 1.05 30.62 18.62
CA ILE F 59 1.56 29.64 17.70
C ILE F 59 2.99 29.18 18.00
N ASP F 60 3.99 29.97 17.70
CA ASP F 60 5.33 29.84 18.18
C ASP F 60 5.49 30.92 19.24
N GLU F 61 6.64 31.02 19.81
CA GLU F 61 6.95 31.94 20.89
C GLU F 61 7.16 33.36 20.36
N HIS F 62 7.37 33.40 19.00
CA HIS F 62 7.66 34.64 18.34
C HIS F 62 6.41 34.96 17.64
N ILE F 63 5.39 34.03 17.59
CA ILE F 63 4.28 34.23 16.60
C ILE F 63 2.99 33.93 17.39
N CYS F 64 1.96 34.70 17.02
CA CYS F 64 0.58 34.54 17.50
C CYS F 64 -0.32 34.58 16.33
N ALA F 65 -1.56 34.02 16.48
CA ALA F 65 -2.51 34.11 15.44
C ALA F 65 -3.88 34.26 16.02
N ALA F 66 -4.76 34.98 15.28
CA ALA F 66 -6.09 35.29 15.63
C ALA F 66 -6.93 34.75 14.52
N THR F 67 -8.23 34.85 14.58
CA THR F 67 -8.90 34.05 13.62
C THR F 67 -10.31 34.60 13.46
N SER F 68 -10.92 34.28 12.35
CA SER F 68 -12.29 34.63 12.13
C SER F 68 -12.81 33.73 11.07
N GLY F 69 -14.12 33.31 11.18
CA GLY F 69 -14.62 32.41 10.22
C GLY F 69 -15.07 31.24 11.14
N LEU F 70 -15.11 29.96 10.61
CA LEU F 70 -15.64 28.83 11.32
C LEU F 70 -14.53 28.41 12.24
N VAL F 71 -14.85 28.46 13.58
CA VAL F 71 -14.03 28.23 14.69
C VAL F 71 -13.45 26.83 14.53
N ALA F 72 -14.30 25.81 14.12
CA ALA F 72 -13.88 24.45 13.91
C ALA F 72 -12.77 24.36 12.87
N ASP F 73 -12.96 25.03 11.71
CA ASP F 73 -12.03 25.08 10.57
C ASP F 73 -10.77 25.81 11.09
N ALA F 74 -10.96 26.89 11.79
CA ALA F 74 -9.83 27.69 12.36
C ALA F 74 -8.97 26.84 13.28
N ARG F 75 -9.59 26.18 14.28
CA ARG F 75 -8.89 25.47 15.31
C ARG F 75 -8.03 24.40 14.64
N VAL F 76 -8.54 23.60 13.60
CA VAL F 76 -7.70 22.64 12.91
C VAL F 76 -6.54 23.39 12.27
N LEU F 77 -6.71 24.52 11.55
CA LEU F 77 -5.62 25.30 10.92
C LEU F 77 -4.60 25.83 11.84
N ILE F 78 -4.97 26.37 12.99
CA ILE F 78 -4.12 26.86 13.99
C ILE F 78 -3.27 25.79 14.64
N ASP F 79 -3.81 24.59 14.90
CA ASP F 79 -3.16 23.39 15.44
C ASP F 79 -2.12 22.97 14.44
N ARG F 80 -2.42 23.04 13.11
CA ARG F 80 -1.52 22.85 12.05
C ARG F 80 -0.40 23.85 12.10
N ALA F 81 -0.64 25.13 12.33
CA ALA F 81 0.30 26.20 12.40
C ALA F 81 1.26 26.03 13.53
N ARG F 82 0.70 25.57 14.73
CA ARG F 82 1.47 25.28 15.91
C ARG F 82 2.49 24.21 15.64
N ILE F 83 2.04 23.10 14.98
CA ILE F 83 2.90 21.93 14.60
C ILE F 83 3.91 22.47 13.64
N GLU F 84 3.53 23.24 12.61
CA GLU F 84 4.37 23.68 11.56
C GLU F 84 5.49 24.64 12.04
N ALA F 85 5.18 25.48 12.98
CA ALA F 85 6.18 26.34 13.53
C ALA F 85 7.29 25.57 14.29
N GLN F 86 6.86 24.52 15.06
CA GLN F 86 7.65 23.57 15.72
C GLN F 86 8.45 22.67 14.81
N ILE F 87 7.92 22.26 13.65
CA ILE F 87 8.67 21.43 12.59
C ILE F 87 9.89 22.17 12.11
N ASN F 88 9.77 23.47 11.99
CA ASN F 88 10.92 24.34 11.62
C ASN F 88 12.16 24.26 12.59
N ARG F 89 11.91 24.26 13.94
CA ARG F 89 12.81 24.16 15.01
C ARG F 89 13.39 22.81 14.96
N LEU F 90 12.64 21.75 14.54
CA LEU F 90 13.26 20.38 14.40
C LEU F 90 14.33 20.27 13.44
N THR F 91 14.04 20.86 12.23
CA THR F 91 14.95 20.72 11.09
C THR F 91 15.92 21.79 10.91
N TYR F 92 15.78 23.08 11.39
CA TYR F 92 16.83 24.06 11.07
C TYR F 92 17.40 24.68 12.34
N ASP F 93 16.81 24.35 13.50
CA ASP F 93 17.22 24.78 14.84
C ASP F 93 17.15 26.29 14.95
N GLU F 94 16.19 26.94 14.19
CA GLU F 94 15.90 28.33 14.26
C GLU F 94 14.35 28.35 14.36
N PRO F 95 13.78 29.42 14.88
CA PRO F 95 12.43 29.82 14.82
C PRO F 95 12.07 30.25 13.48
N ILE F 96 10.91 29.75 13.01
CA ILE F 96 10.35 30.03 11.67
C ILE F 96 10.06 31.58 11.68
N THR F 97 10.21 32.26 10.53
CA THR F 97 9.90 33.68 10.39
C THR F 97 8.43 33.61 9.93
N VAL F 98 7.76 34.75 10.14
CA VAL F 98 6.32 35.02 10.11
C VAL F 98 5.82 34.75 8.74
N LYS F 99 6.54 35.27 7.65
CA LYS F 99 6.20 35.03 6.23
C LYS F 99 6.21 33.61 5.89
N GLU F 100 7.25 32.86 6.35
CA GLU F 100 7.40 31.41 5.95
C GLU F 100 6.25 30.56 6.60
N LEU F 101 5.87 30.87 7.85
CA LEU F 101 4.79 30.17 8.51
C LEU F 101 3.46 30.32 7.82
N ALA F 102 3.06 31.59 7.54
CA ALA F 102 1.77 32.03 6.99
C ALA F 102 1.72 31.45 5.61
N LYS F 103 2.83 31.40 4.91
CA LYS F 103 2.95 30.90 3.55
C LYS F 103 2.66 29.43 3.48
N LYS F 104 3.22 28.63 4.45
CA LYS F 104 3.16 27.20 4.64
C LYS F 104 1.77 26.69 4.96
N ILE F 105 1.02 27.37 5.91
CA ILE F 105 -0.37 27.02 6.17
C ILE F 105 -1.27 27.41 5.03
N CYS F 106 -0.90 28.36 4.21
CA CYS F 106 -1.53 28.84 2.99
C CYS F 106 -1.40 27.97 1.86
N ASP F 107 -0.23 27.30 1.76
CA ASP F 107 0.11 26.27 0.77
C ASP F 107 -0.78 25.05 1.07
N PHE F 108 -1.10 24.79 2.41
CA PHE F 108 -1.88 23.72 2.96
C PHE F 108 -3.33 23.90 2.63
N LYS F 109 -3.90 25.17 2.82
CA LYS F 109 -5.27 25.59 2.52
C LYS F 109 -5.46 25.54 1.03
N GLN F 110 -4.46 25.96 0.20
CA GLN F 110 -4.55 25.94 -1.21
C GLN F 110 -4.74 24.51 -1.72
N GLN F 111 -4.12 23.50 -1.09
CA GLN F 111 -4.24 22.08 -1.51
C GLN F 111 -5.73 21.66 -1.38
N TYR F 112 -6.36 22.09 -0.32
CA TYR F 112 -7.68 21.64 0.06
C TYR F 112 -8.77 22.34 -0.77
N THR F 113 -8.28 23.33 -1.53
CA THR F 113 -9.04 24.05 -2.51
C THR F 113 -9.14 23.11 -3.70
N GLN F 114 -7.97 22.99 -4.40
CA GLN F 114 -7.72 21.98 -5.41
C GLN F 114 -7.70 20.52 -5.13
N TYR F 115 -8.40 20.02 -4.11
CA TYR F 115 -8.46 18.56 -3.94
C TYR F 115 -9.92 18.47 -3.87
N GLY F 116 -10.40 17.51 -4.72
CA GLY F 116 -11.79 17.42 -5.10
C GLY F 116 -12.69 16.73 -4.19
N GLY F 117 -12.10 15.99 -3.20
CA GLY F 117 -12.91 15.17 -2.26
C GLY F 117 -12.89 15.86 -0.91
N VAL F 118 -12.62 17.22 -0.87
CA VAL F 118 -12.51 17.95 0.36
C VAL F 118 -12.64 19.37 -0.04
N ARG F 119 -12.97 20.27 0.90
CA ARG F 119 -13.56 21.53 0.69
C ARG F 119 -12.65 22.62 1.31
N PRO F 120 -12.59 23.86 0.83
CA PRO F 120 -11.74 24.92 1.38
C PRO F 120 -11.96 25.19 2.87
N PHE F 121 -10.88 25.45 3.63
CA PHE F 121 -11.11 25.78 5.03
C PHE F 121 -11.78 27.13 4.98
N GLY F 122 -12.81 27.33 5.81
CA GLY F 122 -13.42 28.64 5.81
C GLY F 122 -12.86 29.58 6.85
N VAL F 123 -11.66 30.13 6.57
CA VAL F 123 -11.04 30.82 7.66
C VAL F 123 -10.04 31.75 7.04
N SER F 124 -9.87 32.88 7.75
CA SER F 124 -8.91 33.92 7.58
C SER F 124 -8.31 33.95 8.99
N LEU F 125 -6.95 33.97 9.01
CA LEU F 125 -6.12 34.01 10.20
C LEU F 125 -5.26 35.28 10.10
N LEU F 126 -4.90 35.96 11.25
CA LEU F 126 -4.04 37.12 11.24
C LEU F 126 -2.86 36.69 12.02
N ILE F 127 -1.72 36.53 11.25
CA ILE F 127 -0.54 35.99 11.83
C ILE F 127 0.46 37.10 12.00
N ALA F 128 0.68 37.41 13.24
CA ALA F 128 1.45 38.56 13.71
C ALA F 128 2.57 38.00 14.44
N GLY F 129 3.77 38.62 14.31
CA GLY F 129 4.89 38.21 15.05
C GLY F 129 6.01 39.16 14.82
N VAL F 130 7.19 38.96 15.50
CA VAL F 130 8.34 39.77 15.34
C VAL F 130 9.41 38.84 15.21
N ASP F 131 9.91 38.72 13.96
CA ASP F 131 10.92 37.67 13.74
C ASP F 131 12.22 38.45 13.80
N GLU F 132 12.28 39.70 13.36
CA GLU F 132 13.41 40.58 13.41
C GLU F 132 12.81 41.93 13.54
N VAL F 133 12.01 42.23 12.47
CA VAL F 133 11.17 43.49 12.43
C VAL F 133 9.80 42.97 12.59
N PRO F 134 8.86 43.80 13.05
CA PRO F 134 7.45 43.51 13.11
C PRO F 134 6.89 43.11 11.77
N LYS F 135 5.96 42.14 11.82
CA LYS F 135 5.23 41.58 10.68
C LYS F 135 3.88 41.30 11.22
N LEU F 136 2.93 41.52 10.29
CA LEU F 136 1.53 41.23 10.51
C LEU F 136 1.15 40.73 9.18
N TYR F 137 0.27 39.67 9.19
CA TYR F 137 -0.26 39.09 7.97
C TYR F 137 -1.73 38.91 8.07
N GLU F 138 -2.37 38.91 6.89
CA GLU F 138 -3.74 38.46 6.74
C GLU F 138 -3.67 37.34 5.73
N THR F 139 -4.14 36.10 6.03
CA THR F 139 -4.36 35.04 5.11
C THR F 139 -5.86 35.11 4.83
N ASP F 140 -6.27 34.38 3.82
CA ASP F 140 -7.65 34.35 3.32
C ASP F 140 -7.93 32.87 2.99
N PRO F 141 -9.18 32.52 2.83
CA PRO F 141 -9.53 31.17 2.70
C PRO F 141 -9.17 30.51 1.34
N SER F 142 -8.82 31.38 0.39
CA SER F 142 -8.22 31.14 -0.88
C SER F 142 -6.90 30.51 -0.73
N GLY F 143 -6.09 31.09 0.09
CA GLY F 143 -4.71 30.75 0.27
C GLY F 143 -3.90 32.00 0.08
N ALA F 144 -4.51 33.06 -0.40
CA ALA F 144 -4.02 34.40 -0.45
C ALA F 144 -3.30 35.01 0.75
N LEU F 145 -2.07 35.49 0.64
CA LEU F 145 -1.25 35.87 1.75
C LEU F 145 -0.76 37.26 1.41
N LEU F 146 -1.07 38.17 2.31
CA LEU F 146 -0.83 39.62 2.12
C LEU F 146 -0.43 40.15 3.43
N GLU F 147 0.71 40.93 3.45
CA GLU F 147 1.30 41.51 4.59
C GLU F 147 0.57 42.82 4.79
N TYR F 148 0.09 43.20 6.02
CA TYR F 148 -0.60 44.45 6.25
C TYR F 148 0.02 45.18 7.39
N LYS F 149 -0.01 46.51 7.35
CA LYS F 149 0.31 47.36 8.44
C LYS F 149 -0.75 47.30 9.55
N ALA F 150 -2.07 47.19 9.22
CA ALA F 150 -3.16 47.24 10.12
C ALA F 150 -4.36 46.78 9.28
N THR F 151 -5.24 45.94 9.92
CA THR F 151 -6.29 45.26 9.20
C THR F 151 -7.24 44.59 10.16
N ALA F 152 -8.24 43.92 9.61
CA ALA F 152 -9.22 43.16 10.34
C ALA F 152 -9.63 42.10 9.38
N ILE F 153 -10.26 41.09 9.97
CA ILE F 153 -10.92 40.04 9.30
C ILE F 153 -12.31 40.05 9.85
N GLY F 154 -13.26 39.40 9.15
CA GLY F 154 -14.51 39.05 9.76
C GLY F 154 -15.50 40.19 9.57
N MET F 155 -16.33 40.48 10.61
CA MET F 155 -17.42 41.40 10.52
C MET F 155 -16.87 42.72 10.31
N GLY F 156 -15.77 42.97 11.06
CA GLY F 156 -15.26 44.27 11.16
C GLY F 156 -14.40 44.65 9.98
N ARG F 157 -14.13 43.82 8.98
CA ARG F 157 -13.11 44.07 7.95
C ARG F 157 -13.28 45.36 7.19
N ASN F 158 -14.58 45.54 6.67
CA ASN F 158 -14.85 46.78 5.86
C ASN F 158 -14.79 48.06 6.71
N ALA F 159 -15.43 48.07 7.90
CA ALA F 159 -15.44 49.19 8.78
C ALA F 159 -14.17 49.65 9.31
N VAL F 160 -13.36 48.65 9.77
CA VAL F 160 -12.10 48.88 10.47
C VAL F 160 -10.95 49.30 9.59
N THR F 161 -10.88 48.68 8.43
CA THR F 161 -9.92 49.03 7.31
C THR F 161 -10.08 50.42 6.82
N GLU F 162 -11.35 50.72 6.59
CA GLU F 162 -11.73 52.05 6.38
C GLU F 162 -11.38 53.02 7.49
N PHE F 163 -11.63 52.60 8.77
CA PHE F 163 -11.30 53.43 9.88
C PHE F 163 -9.83 53.74 9.99
N PHE F 164 -9.00 52.78 9.77
CA PHE F 164 -7.53 52.85 9.75
C PHE F 164 -7.14 53.70 8.59
N GLU F 165 -7.84 53.69 7.48
CA GLU F 165 -7.45 54.42 6.29
C GLU F 165 -7.34 55.88 6.62
N LYS F 166 -8.14 56.44 7.56
CA LYS F 166 -7.93 57.76 8.01
C LYS F 166 -6.99 57.70 9.25
N GLU F 167 -7.31 57.02 10.40
CA GLU F 167 -6.59 57.29 11.63
C GLU F 167 -5.15 56.68 11.80
N TYR F 168 -4.94 55.48 11.26
CA TYR F 168 -3.63 54.87 11.34
C TYR F 168 -2.57 55.68 10.61
N ARG F 169 -1.43 55.60 11.19
CA ARG F 169 -0.21 56.33 10.80
C ARG F 169 0.85 55.36 10.68
N ASP F 170 1.97 55.69 9.95
CA ASP F 170 2.98 54.70 9.72
C ASP F 170 3.74 54.33 10.98
N ASP F 171 3.94 55.22 11.94
CA ASP F 171 4.63 54.91 13.20
C ASP F 171 3.60 55.39 14.22
N LEU F 172 3.70 54.78 15.43
CA LEU F 172 2.96 55.15 16.57
C LEU F 172 3.80 54.67 17.74
N SER F 173 3.45 55.14 18.96
CA SER F 173 3.91 54.69 20.26
C SER F 173 3.13 53.41 20.38
N PHE F 174 3.67 52.43 21.09
CA PHE F 174 3.06 51.12 21.35
C PHE F 174 1.72 51.36 22.02
N ASP F 175 1.82 52.32 22.99
CA ASP F 175 0.73 52.69 23.82
C ASP F 175 -0.40 53.37 23.08
N ASP F 176 -0.03 54.24 22.07
CA ASP F 176 -0.91 54.79 21.13
C ASP F 176 -1.49 53.80 20.17
N ALA F 177 -0.70 52.81 19.60
CA ALA F 177 -1.12 51.73 18.68
C ALA F 177 -2.13 50.94 19.37
N MET F 178 -1.99 50.65 20.71
CA MET F 178 -2.87 49.89 21.54
C MET F 178 -4.19 50.53 21.71
N VAL F 179 -4.24 51.86 22.02
CA VAL F 179 -5.51 52.60 22.13
C VAL F 179 -6.22 52.76 20.88
N LEU F 180 -5.46 53.09 19.80
CA LEU F 180 -6.02 53.09 18.43
C LEU F 180 -6.68 51.76 18.11
N GLY F 181 -6.02 50.64 18.44
CA GLY F 181 -6.53 49.31 18.16
C GLY F 181 -7.79 48.97 18.78
N LEU F 182 -7.93 49.19 20.12
CA LEU F 182 -9.11 49.00 20.93
C LEU F 182 -10.26 49.99 20.50
N VAL F 183 -9.95 51.26 19.99
CA VAL F 183 -10.95 52.19 19.46
C VAL F 183 -11.62 51.63 18.24
N ALA F 184 -10.85 51.06 17.37
CA ALA F 184 -11.25 50.39 16.15
C ALA F 184 -12.19 49.15 16.37
N MET F 185 -11.85 48.40 17.45
CA MET F 185 -12.64 47.33 17.93
C MET F 185 -13.94 47.89 18.37
N GLY F 186 -13.98 49.00 19.20
CA GLY F 186 -15.30 49.52 19.71
C GLY F 186 -16.19 50.08 18.69
N LEU F 187 -15.56 50.69 17.64
CA LEU F 187 -16.27 51.37 16.46
C LEU F 187 -16.95 50.37 15.66
N SER F 188 -16.31 49.16 15.45
CA SER F 188 -16.85 48.07 14.77
C SER F 188 -18.13 47.49 15.40
N ILE F 189 -18.11 47.32 16.73
CA ILE F 189 -19.28 46.81 17.43
C ILE F 189 -20.30 47.91 17.75
N GLU F 190 -19.86 49.13 17.59
CA GLU F 190 -20.59 50.33 17.83
C GLU F 190 -21.11 50.47 19.31
N SER F 191 -20.29 50.04 20.26
CA SER F 191 -20.59 50.00 21.67
C SER F 191 -19.21 50.21 22.37
N GLU F 192 -19.19 50.35 23.71
CA GLU F 192 -18.06 50.43 24.55
C GLU F 192 -17.67 48.99 24.90
N LEU F 193 -16.37 48.66 24.90
CA LEU F 193 -15.80 47.44 25.33
C LEU F 193 -15.92 47.35 26.86
N VAL F 194 -15.92 46.13 27.36
CA VAL F 194 -15.52 45.85 28.72
C VAL F 194 -14.27 45.07 28.66
N PRO F 195 -13.28 45.10 29.59
CA PRO F 195 -12.13 44.23 29.57
C PRO F 195 -12.39 42.79 29.62
N GLU F 196 -13.61 42.34 30.08
CA GLU F 196 -13.85 40.95 30.27
C GLU F 196 -14.37 40.35 29.06
N ASN F 197 -14.33 41.02 27.90
CA ASN F 197 -14.83 40.32 26.74
C ASN F 197 -13.99 40.64 25.50
N ILE F 198 -12.73 41.09 25.65
CA ILE F 198 -11.80 41.25 24.54
C ILE F 198 -10.61 40.55 25.03
N GLU F 199 -9.72 40.04 24.12
CA GLU F 199 -8.45 39.41 24.33
C GLU F 199 -7.43 40.13 23.55
N VAL F 200 -6.25 40.44 24.08
CA VAL F 200 -5.31 41.31 23.34
C VAL F 200 -4.11 40.52 23.74
N GLY F 201 -3.22 40.18 22.86
CA GLY F 201 -1.93 39.59 23.08
C GLY F 201 -0.97 40.36 22.19
N TYR F 202 0.34 40.15 22.40
CA TYR F 202 1.30 40.73 21.49
C TYR F 202 2.54 39.99 21.41
N VAL F 203 3.39 40.34 20.41
CA VAL F 203 4.78 39.93 20.35
C VAL F 203 5.54 41.27 20.19
N LYS F 204 6.43 41.61 21.16
CA LYS F 204 7.17 42.83 21.21
C LYS F 204 8.53 42.56 20.72
N VAL F 205 9.30 43.63 20.35
CA VAL F 205 10.62 43.51 19.75
C VAL F 205 11.64 43.24 20.81
N ASP F 206 11.57 44.03 21.88
CA ASP F 206 12.47 44.14 23.07
C ASP F 206 12.39 42.81 23.83
N ASP F 207 11.16 42.25 23.96
CA ASP F 207 10.89 40.98 24.67
C ASP F 207 11.28 39.90 23.70
N ARG F 208 10.96 40.04 22.38
CA ARG F 208 11.00 39.07 21.31
C ARG F 208 10.15 37.78 21.59
N THR F 209 9.23 37.82 22.61
CA THR F 209 8.44 36.70 23.03
C THR F 209 7.22 37.46 23.36
N PHE F 210 6.09 37.01 22.75
CA PHE F 210 4.82 36.65 23.21
C PHE F 210 4.61 36.46 24.66
N LYS F 211 3.64 37.32 25.12
CA LYS F 211 2.93 37.38 26.36
C LYS F 211 1.54 37.64 26.03
N GLU F 212 0.49 37.49 26.90
CA GLU F 212 -0.84 37.74 26.62
C GLU F 212 -1.30 38.67 27.69
N VAL F 213 -2.02 39.74 27.24
CA VAL F 213 -2.44 40.82 28.04
C VAL F 213 -3.60 40.46 28.90
N SER F 214 -3.23 40.23 30.18
CA SER F 214 -3.99 39.72 31.24
C SER F 214 -5.14 40.69 31.38
N PRO F 215 -6.37 40.33 31.77
CA PRO F 215 -7.52 41.23 31.95
C PRO F 215 -7.27 42.45 32.86
N GLU F 216 -6.49 42.23 33.97
CA GLU F 216 -6.06 43.31 34.80
C GLU F 216 -5.20 44.30 34.04
N GLU F 217 -4.48 43.84 33.07
CA GLU F 217 -3.52 44.76 32.48
C GLU F 217 -4.09 45.31 31.15
N LEU F 218 -5.28 44.78 30.79
CA LEU F 218 -6.09 45.16 29.62
C LEU F 218 -6.78 46.49 29.91
N LYS F 219 -7.30 46.43 31.11
CA LYS F 219 -8.07 47.46 31.81
C LYS F 219 -7.71 48.90 31.50
N PRO F 220 -6.55 49.45 31.74
CA PRO F 220 -6.35 50.86 31.61
C PRO F 220 -6.49 51.34 30.16
N TYR F 221 -5.99 50.49 29.19
CA TYR F 221 -6.06 50.73 27.75
C TYR F 221 -7.50 50.86 27.33
N VAL F 222 -8.45 50.02 27.88
CA VAL F 222 -9.86 49.97 27.55
C VAL F 222 -10.59 51.24 28.06
N GLU F 223 -10.24 51.66 29.33
CA GLU F 223 -10.76 52.91 29.77
C GLU F 223 -10.32 54.13 28.93
N ARG F 224 -9.00 54.23 28.52
CA ARG F 224 -8.47 55.29 27.70
C ARG F 224 -9.10 55.32 26.36
N ALA F 225 -9.40 54.12 25.82
CA ALA F 225 -10.07 53.99 24.56
C ALA F 225 -11.49 54.39 24.56
N ASN F 226 -12.24 54.16 25.73
CA ASN F 226 -13.65 54.46 25.96
C ASN F 226 -14.11 55.86 25.67
N GLU F 227 -13.34 56.81 26.02
CA GLU F 227 -13.54 58.26 25.76
C GLU F 227 -13.55 58.55 24.28
N ARG F 228 -12.58 58.00 23.52
CA ARG F 228 -12.56 58.13 22.08
C ARG F 228 -13.65 57.35 21.37
N ILE F 229 -14.15 56.21 21.93
CA ILE F 229 -15.15 55.29 21.37
C ILE F 229 -16.50 55.98 21.31
N ARG F 230 -16.81 56.71 22.41
CA ARG F 230 -17.89 57.70 22.45
C ARG F 230 -17.70 58.89 21.54
N GLU F 231 -16.48 59.52 21.43
CA GLU F 231 -16.18 60.70 20.70
C GLU F 231 -16.53 60.47 19.23
N LEU F 232 -16.22 59.30 18.76
CA LEU F 232 -16.35 59.00 17.34
C LEU F 232 -17.81 58.66 16.93
N LEU F 233 -18.61 58.34 17.96
CA LEU F 233 -20.02 57.98 17.81
C LEU F 233 -20.86 59.23 18.11
N LYS F 234 -20.23 60.27 18.66
CA LYS F 234 -20.83 61.57 18.84
C LYS F 234 -20.37 62.42 17.65
N LYS F 235 -19.48 61.90 16.77
CA LYS F 235 -19.01 62.61 15.58
C LYS F 235 -19.99 62.15 14.51
N ILE G 1 -15.44 16.94 -13.43
CA ILE G 1 -14.88 18.36 -13.39
C ILE G 1 -14.60 18.71 -14.85
N THR G 2 -13.37 18.43 -15.30
CA THR G 2 -12.87 18.81 -16.60
C THR G 2 -13.35 17.88 -17.64
N VAL G 3 -14.11 18.40 -18.61
CA VAL G 3 -14.58 17.63 -19.76
C VAL G 3 -14.58 18.52 -20.92
N PHE G 4 -14.55 18.05 -22.14
CA PHE G 4 -14.70 18.83 -23.35
C PHE G 4 -16.14 19.35 -23.53
N SER G 5 -16.24 20.46 -24.36
CA SER G 5 -17.50 21.02 -24.75
C SER G 5 -17.90 20.36 -26.11
N PRO G 6 -19.07 20.64 -26.64
CA PRO G 6 -19.40 20.32 -28.00
C PRO G 6 -18.45 21.09 -28.98
N ASP G 7 -17.82 22.18 -28.52
CA ASP G 7 -16.95 23.06 -29.31
C ASP G 7 -15.50 22.64 -29.06
N GLY G 8 -15.26 21.48 -28.31
CA GLY G 8 -13.94 20.92 -28.15
C GLY G 8 -13.04 21.53 -27.16
N ARG G 9 -13.48 22.54 -26.44
CA ARG G 9 -12.61 23.21 -25.45
C ARG G 9 -13.02 22.76 -24.10
N LEU G 10 -12.06 22.48 -23.22
CA LEU G 10 -12.16 22.06 -21.82
C LEU G 10 -12.62 23.34 -21.12
N PHE G 11 -13.76 23.26 -20.44
CA PHE G 11 -14.48 24.34 -19.88
C PHE G 11 -13.64 24.95 -18.81
N GLN G 12 -12.98 24.14 -18.01
CA GLN G 12 -12.05 24.37 -16.90
C GLN G 12 -10.85 25.08 -17.42
N VAL G 13 -10.34 24.81 -18.67
CA VAL G 13 -9.22 25.54 -19.17
C VAL G 13 -9.62 26.93 -19.53
N GLU G 14 -10.74 27.10 -20.20
CA GLU G 14 -11.29 28.33 -20.60
C GLU G 14 -11.66 29.34 -19.51
N TYR G 15 -12.22 28.79 -18.42
CA TYR G 15 -12.52 29.47 -17.18
C TYR G 15 -11.24 29.80 -16.40
N ALA G 16 -10.19 28.92 -16.38
CA ALA G 16 -8.94 29.25 -15.75
C ALA G 16 -8.29 30.46 -16.44
N ARG G 17 -8.52 30.58 -17.81
CA ARG G 17 -8.05 31.72 -18.51
C ARG G 17 -8.76 32.97 -18.09
N GLU G 18 -10.06 32.97 -17.69
CA GLU G 18 -10.82 34.09 -17.16
C GLU G 18 -10.24 34.51 -15.83
N ALA G 19 -9.78 33.53 -14.99
CA ALA G 19 -9.09 33.84 -13.73
C ALA G 19 -7.86 34.64 -13.95
N VAL G 20 -7.05 34.31 -14.98
CA VAL G 20 -5.79 34.94 -15.35
C VAL G 20 -6.16 36.38 -15.76
N LYS G 21 -7.22 36.67 -16.58
CA LYS G 21 -7.72 37.95 -16.91
C LYS G 21 -8.05 38.82 -15.67
N ARG G 22 -8.51 38.18 -14.55
CA ARG G 22 -8.98 38.83 -13.43
C ARG G 22 -7.87 39.24 -12.39
N GLY G 23 -6.58 38.91 -12.75
CA GLY G 23 -5.32 39.09 -11.93
C GLY G 23 -4.60 40.30 -12.28
N ALA G 24 -3.69 40.62 -11.35
CA ALA G 24 -2.73 41.77 -11.40
C ALA G 24 -1.71 41.40 -12.44
N THR G 25 -1.53 42.36 -13.39
CA THR G 25 -0.65 42.39 -14.54
C THR G 25 0.76 42.14 -14.30
N ALA G 26 1.39 41.26 -15.19
CA ALA G 26 2.87 41.34 -15.25
C ALA G 26 3.05 41.55 -16.69
N ILE G 27 4.17 41.05 -17.21
CA ILE G 27 4.88 41.71 -18.21
C ILE G 27 6.16 41.06 -18.26
N GLY G 28 6.60 40.86 -19.59
CA GLY G 28 8.03 40.54 -19.90
C GLY G 28 8.45 41.23 -21.15
N ILE G 29 9.71 41.75 -21.26
CA ILE G 29 10.17 42.45 -22.36
C ILE G 29 11.57 41.84 -22.46
N LYS G 30 11.96 41.26 -23.58
CA LYS G 30 13.20 40.64 -23.75
C LYS G 30 13.79 41.31 -24.87
N CYS G 31 15.07 41.72 -24.63
CA CYS G 31 15.95 42.19 -25.66
C CYS G 31 17.10 41.34 -25.79
N LYS G 32 18.01 41.70 -26.69
CA LYS G 32 19.26 40.93 -26.93
C LYS G 32 20.23 40.95 -25.78
N GLU G 33 20.18 42.04 -24.96
CA GLU G 33 21.07 42.25 -23.89
C GLU G 33 20.60 41.72 -22.57
N GLY G 34 19.45 40.97 -22.56
CA GLY G 34 18.97 40.32 -21.37
C GLY G 34 17.46 40.42 -21.30
N VAL G 35 16.79 39.96 -20.22
CA VAL G 35 15.34 39.79 -20.21
C VAL G 35 14.97 40.32 -18.81
N ILE G 36 13.89 41.10 -18.85
CA ILE G 36 13.38 41.96 -17.78
C ILE G 36 12.03 41.41 -17.58
N LEU G 37 11.50 41.63 -16.35
CA LEU G 37 10.20 41.14 -15.97
C LEU G 37 9.74 42.15 -15.01
N ILE G 38 8.55 42.67 -15.23
CA ILE G 38 7.92 43.69 -14.47
C ILE G 38 6.58 43.25 -14.03
N ALA G 39 6.15 43.33 -12.75
CA ALA G 39 4.85 43.04 -12.21
C ALA G 39 4.36 44.20 -11.38
N ASP G 40 3.00 44.41 -11.48
CA ASP G 40 2.21 45.41 -10.73
C ASP G 40 1.87 44.75 -9.50
N LYS G 41 2.27 45.33 -8.34
CA LYS G 41 1.64 44.96 -7.09
C LYS G 41 0.21 45.25 -6.87
N ARG G 42 -0.49 46.29 -7.41
CA ARG G 42 -1.22 47.46 -6.88
C ARG G 42 -1.71 47.34 -5.47
N VAL G 43 -2.06 48.51 -4.86
CA VAL G 43 -3.36 49.02 -4.42
C VAL G 43 -4.41 47.88 -4.35
N GLY G 44 -4.27 47.00 -3.30
CA GLY G 44 -4.26 47.46 -1.90
C GLY G 44 -5.35 48.47 -1.41
N SER G 45 -5.04 48.67 -0.11
CA SER G 45 -5.46 49.76 0.65
C SER G 45 -4.12 50.49 0.90
N LYS G 46 -4.15 51.53 1.87
CA LYS G 46 -2.96 52.35 2.13
C LYS G 46 -2.43 51.70 3.39
N LEU G 47 -3.07 50.66 3.87
CA LEU G 47 -2.64 49.85 4.96
C LEU G 47 -1.85 48.68 4.42
N LEU G 48 -1.95 48.40 3.06
CA LEU G 48 -1.20 47.34 2.51
C LEU G 48 0.21 47.94 2.48
N GLU G 49 1.19 47.24 3.06
CA GLU G 49 2.62 47.59 3.08
C GLU G 49 3.21 47.01 1.89
N ALA G 50 3.06 47.72 0.77
CA ALA G 50 3.24 47.17 -0.52
C ALA G 50 4.62 47.60 -1.06
N ASP G 51 5.60 47.11 -0.30
CA ASP G 51 7.00 47.26 -0.51
C ASP G 51 7.67 46.13 0.14
N THR G 52 6.93 45.04 0.24
CA THR G 52 7.49 43.83 0.75
C THR G 52 6.92 42.68 0.01
N ILE G 53 5.79 43.00 -0.71
CA ILE G 53 4.98 42.13 -1.53
C ILE G 53 5.78 41.59 -2.70
N GLU G 54 5.88 40.25 -2.87
CA GLU G 54 6.54 39.61 -3.98
C GLU G 54 5.54 39.31 -5.00
N LYS G 55 5.96 39.33 -6.26
CA LYS G 55 5.17 39.12 -7.39
C LYS G 55 6.06 38.68 -8.48
N ILE G 56 7.37 39.04 -8.34
CA ILE G 56 8.44 38.54 -9.02
C ILE G 56 9.02 37.55 -8.09
N TYR G 57 9.10 36.27 -8.50
CA TYR G 57 9.62 35.27 -7.66
C TYR G 57 10.88 34.81 -8.35
N LYS G 58 11.97 34.62 -7.56
CA LYS G 58 13.20 34.04 -8.17
C LYS G 58 12.98 32.63 -8.10
N ILE G 59 13.10 31.97 -9.28
CA ILE G 59 13.07 30.53 -9.27
C ILE G 59 14.44 30.00 -9.17
N ASP G 60 15.31 30.36 -10.18
CA ASP G 60 16.70 29.83 -10.10
C ASP G 60 17.62 31.03 -10.14
N GLU G 61 18.95 30.88 -10.11
CA GLU G 61 19.92 31.95 -9.94
C GLU G 61 19.94 32.81 -11.13
N HIS G 62 19.41 32.24 -12.26
CA HIS G 62 19.44 32.81 -13.57
C HIS G 62 18.04 32.80 -14.14
N ILE G 63 16.96 32.68 -13.34
CA ILE G 63 15.60 32.53 -13.78
C ILE G 63 14.79 33.22 -12.78
N CYS G 64 13.75 34.01 -13.15
CA CYS G 64 12.72 34.55 -12.32
C CYS G 64 11.50 34.31 -13.02
N ALA G 65 10.33 34.45 -12.40
CA ALA G 65 9.05 34.21 -12.90
C ALA G 65 8.07 35.15 -12.21
N ALA G 66 7.09 35.59 -12.92
CA ALA G 66 6.03 36.50 -12.56
C ALA G 66 4.80 35.74 -12.88
N THR G 67 3.65 36.37 -12.59
CA THR G 67 2.42 35.64 -12.40
C THR G 67 1.25 36.45 -12.57
N SER G 68 0.12 35.84 -12.83
CA SER G 68 -1.14 36.51 -12.77
C SER G 68 -2.16 35.36 -12.64
N GLY G 69 -3.28 35.60 -12.00
CA GLY G 69 -4.32 34.72 -11.64
C GLY G 69 -4.49 34.66 -10.16
N LEU G 70 -4.81 33.45 -9.75
CA LEU G 70 -5.00 33.10 -8.40
C LEU G 70 -3.62 33.03 -7.78
N VAL G 71 -3.51 33.77 -6.68
CA VAL G 71 -2.34 34.03 -5.87
C VAL G 71 -1.88 32.77 -5.26
N ALA G 72 -2.80 31.98 -4.70
CA ALA G 72 -2.60 30.75 -4.06
C ALA G 72 -2.02 29.64 -4.93
N ASP G 73 -2.63 29.57 -6.16
CA ASP G 73 -2.25 28.63 -7.20
C ASP G 73 -0.92 28.98 -7.64
N ALA G 74 -0.68 30.33 -7.75
CA ALA G 74 0.57 30.87 -8.23
C ALA G 74 1.76 30.53 -7.41
N ARG G 75 1.66 30.78 -6.08
CA ARG G 75 2.69 30.49 -5.12
C ARG G 75 3.11 29.01 -5.04
N VAL G 76 2.10 28.07 -5.09
CA VAL G 76 2.27 26.61 -4.99
C VAL G 76 3.04 26.09 -6.21
N LEU G 77 2.66 26.59 -7.44
CA LEU G 77 3.28 26.31 -8.71
C LEU G 77 4.68 26.77 -8.73
N ILE G 78 5.01 27.95 -8.22
CA ILE G 78 6.29 28.51 -8.07
C ILE G 78 7.16 27.70 -7.08
N ASP G 79 6.62 27.25 -5.98
CA ASP G 79 7.33 26.27 -5.11
C ASP G 79 7.63 24.97 -5.82
N ARG G 80 6.74 24.38 -6.64
CA ARG G 80 7.08 23.21 -7.43
C ARG G 80 8.15 23.57 -8.44
N ALA G 81 8.08 24.80 -9.14
CA ALA G 81 9.02 25.19 -10.13
C ALA G 81 10.43 25.33 -9.60
N ARG G 82 10.50 25.93 -8.35
CA ARG G 82 11.75 26.01 -7.66
C ARG G 82 12.32 24.70 -7.31
N ILE G 83 11.53 23.70 -6.86
CA ILE G 83 11.93 22.35 -6.56
C ILE G 83 12.46 21.71 -7.77
N GLU G 84 11.79 21.90 -8.98
CA GLU G 84 12.16 21.30 -10.23
C GLU G 84 13.56 21.78 -10.68
N ALA G 85 13.88 23.04 -10.63
CA ALA G 85 15.13 23.70 -11.02
C ALA G 85 16.30 23.20 -10.21
N GLN G 86 16.10 22.98 -8.90
CA GLN G 86 17.10 22.41 -8.05
C GLN G 86 17.23 20.92 -8.27
N ILE G 87 16.13 20.15 -8.61
CA ILE G 87 16.18 18.70 -8.85
C ILE G 87 17.03 18.43 -10.07
N ASN G 88 17.00 19.26 -11.15
CA ASN G 88 17.86 19.25 -12.32
C ASN G 88 19.28 19.41 -11.87
N ARG G 89 19.60 20.35 -10.98
CA ARG G 89 20.92 20.57 -10.48
C ARG G 89 21.43 19.39 -9.67
N LEU G 90 20.55 18.72 -8.92
CA LEU G 90 20.80 17.55 -8.09
C LEU G 90 21.23 16.51 -9.08
N THR G 91 20.49 16.21 -10.20
CA THR G 91 20.69 15.07 -11.00
C THR G 91 21.55 15.20 -12.24
N TYR G 92 21.75 16.39 -12.79
CA TYR G 92 22.58 16.58 -13.95
C TYR G 92 23.74 17.58 -13.78
N ASP G 93 23.77 18.20 -12.55
CA ASP G 93 24.85 19.09 -12.11
C ASP G 93 24.97 20.23 -13.02
N GLU G 94 23.88 20.66 -13.66
CA GLU G 94 23.90 21.76 -14.56
C GLU G 94 22.68 22.47 -14.38
N PRO G 95 22.55 23.79 -14.44
CA PRO G 95 21.29 24.46 -14.24
C PRO G 95 20.24 24.11 -15.30
N ILE G 96 18.95 24.09 -14.89
CA ILE G 96 17.84 23.81 -15.78
C ILE G 96 17.81 24.87 -16.80
N THR G 97 17.43 24.47 -18.03
CA THR G 97 17.17 25.55 -19.04
C THR G 97 15.89 26.18 -18.74
N VAL G 98 15.54 27.35 -19.33
CA VAL G 98 14.30 28.10 -19.18
C VAL G 98 13.14 27.31 -19.80
N LYS G 99 13.32 26.75 -21.01
CA LYS G 99 12.42 25.87 -21.65
C LYS G 99 12.09 24.62 -20.84
N GLU G 100 13.10 23.85 -20.27
CA GLU G 100 12.79 22.65 -19.58
C GLU G 100 12.10 22.82 -18.26
N LEU G 101 12.33 23.93 -17.51
CA LEU G 101 11.70 24.30 -16.24
C LEU G 101 10.19 24.59 -16.52
N ALA G 102 9.89 25.39 -17.56
CA ALA G 102 8.63 25.86 -18.06
C ALA G 102 7.85 24.67 -18.55
N LYS G 103 8.50 23.73 -19.27
CA LYS G 103 8.03 22.52 -19.83
C LYS G 103 7.57 21.65 -18.68
N LYS G 104 8.38 21.43 -17.62
CA LYS G 104 8.17 20.41 -16.60
C LYS G 104 6.90 20.76 -15.83
N ILE G 105 6.65 22.06 -15.56
CA ILE G 105 5.56 22.58 -14.78
C ILE G 105 4.31 22.70 -15.55
N CYS G 106 4.45 22.76 -16.89
CA CYS G 106 3.36 22.71 -17.81
C CYS G 106 2.85 21.28 -17.95
N ASP G 107 3.75 20.27 -17.80
CA ASP G 107 3.38 18.89 -17.75
C ASP G 107 2.71 18.67 -16.47
N PHE G 108 3.11 19.29 -15.40
CA PHE G 108 2.51 19.20 -14.07
C PHE G 108 1.09 19.84 -14.15
N LYS G 109 0.87 20.91 -14.90
CA LYS G 109 -0.42 21.51 -15.07
C LYS G 109 -1.34 20.72 -15.85
N GLN G 110 -0.84 20.04 -16.87
CA GLN G 110 -1.56 19.14 -17.76
C GLN G 110 -2.08 17.89 -16.96
N GLN G 111 -1.29 17.36 -15.97
CA GLN G 111 -1.75 16.38 -15.07
C GLN G 111 -3.01 16.72 -14.29
N TYR G 112 -3.10 18.04 -13.91
CA TYR G 112 -4.22 18.62 -13.18
C TYR G 112 -5.29 19.09 -14.08
N THR G 113 -5.32 18.72 -15.40
CA THR G 113 -6.32 19.23 -16.26
C THR G 113 -7.12 18.00 -16.77
N GLN G 114 -6.46 16.82 -16.99
CA GLN G 114 -6.96 15.61 -17.47
C GLN G 114 -7.54 14.79 -16.35
N TYR G 115 -6.92 14.83 -15.14
CA TYR G 115 -7.50 14.21 -14.01
C TYR G 115 -8.74 14.97 -13.52
N GLY G 116 -9.86 14.24 -13.29
CA GLY G 116 -11.14 14.78 -12.87
C GLY G 116 -11.12 14.90 -11.37
N GLY G 117 -10.05 14.41 -10.69
CA GLY G 117 -9.86 14.61 -9.25
C GLY G 117 -9.56 16.00 -8.80
N VAL G 118 -9.12 16.86 -9.76
CA VAL G 118 -8.64 18.15 -9.38
C VAL G 118 -9.06 19.05 -10.45
N ARG G 119 -9.12 20.37 -10.08
CA ARG G 119 -9.44 21.42 -10.99
C ARG G 119 -8.16 22.07 -11.42
N PRO G 120 -8.02 22.72 -12.56
CA PRO G 120 -6.76 23.22 -12.95
C PRO G 120 -6.12 24.29 -12.14
N PHE G 121 -4.81 24.50 -12.41
CA PHE G 121 -4.04 25.51 -11.72
C PHE G 121 -4.39 26.73 -12.52
N GLY G 122 -4.94 27.82 -11.87
CA GLY G 122 -5.40 28.95 -12.58
C GLY G 122 -4.39 29.90 -12.39
N VAL G 123 -3.37 29.84 -13.32
CA VAL G 123 -2.14 30.69 -13.26
C VAL G 123 -1.54 30.69 -14.67
N SER G 124 -0.86 31.81 -14.95
CA SER G 124 0.01 32.00 -16.09
C SER G 124 1.17 32.43 -15.34
N LEU G 125 2.36 32.00 -15.80
CA LEU G 125 3.70 32.21 -15.27
C LEU G 125 4.45 32.67 -16.42
N LEU G 126 5.35 33.64 -16.22
CA LEU G 126 6.27 33.97 -17.27
C LEU G 126 7.61 33.50 -16.79
N ILE G 127 8.32 32.65 -17.56
CA ILE G 127 9.57 32.14 -17.13
C ILE G 127 10.62 32.85 -17.97
N ALA G 128 11.49 33.62 -17.34
CA ALA G 128 12.45 34.42 -18.04
C ALA G 128 13.79 34.14 -17.44
N GLY G 129 14.83 34.06 -18.32
CA GLY G 129 16.14 33.79 -17.77
C GLY G 129 17.05 33.95 -18.90
N VAL G 130 18.36 33.78 -18.69
CA VAL G 130 19.31 33.75 -19.75
C VAL G 130 20.06 32.47 -19.50
N ASP G 131 19.77 31.42 -20.28
CA ASP G 131 20.26 30.09 -20.02
C ASP G 131 21.27 29.74 -21.00
N GLU G 132 21.15 30.36 -22.18
CA GLU G 132 22.16 30.15 -23.18
C GLU G 132 21.97 31.26 -24.18
N VAL G 133 20.93 32.09 -23.98
CA VAL G 133 20.62 33.23 -24.79
C VAL G 133 19.40 33.65 -24.06
N PRO G 134 19.03 34.90 -23.94
CA PRO G 134 17.79 35.36 -23.35
C PRO G 134 16.58 34.62 -23.89
N LYS G 135 15.70 34.17 -22.98
CA LYS G 135 14.49 33.50 -23.46
C LYS G 135 13.48 33.95 -22.49
N LEU G 136 12.24 34.15 -23.01
CA LEU G 136 11.12 34.60 -22.13
C LEU G 136 10.08 33.77 -22.70
N TYR G 137 9.39 32.97 -21.80
CA TYR G 137 8.29 32.07 -22.17
C TYR G 137 7.14 32.59 -21.47
N GLU G 138 5.92 32.23 -21.95
CA GLU G 138 4.73 32.53 -21.20
C GLU G 138 4.10 31.22 -21.11
N THR G 139 3.51 30.85 -19.98
CA THR G 139 2.86 29.58 -19.72
C THR G 139 1.34 29.99 -19.55
N ASP G 140 0.41 29.08 -19.81
CA ASP G 140 -1.04 29.28 -19.91
C ASP G 140 -1.62 28.19 -18.97
N PRO G 141 -2.86 28.26 -18.58
CA PRO G 141 -3.40 27.39 -17.54
C PRO G 141 -3.36 25.95 -17.86
N SER G 142 -3.67 25.60 -19.15
CA SER G 142 -3.62 24.26 -19.62
C SER G 142 -2.25 23.64 -19.62
N GLY G 143 -1.24 24.50 -19.93
CA GLY G 143 0.16 24.00 -20.18
C GLY G 143 0.49 24.34 -21.52
N ALA G 144 -0.21 25.43 -22.11
CA ALA G 144 0.13 25.83 -23.45
C ALA G 144 1.43 26.54 -23.28
N LEU G 145 2.49 26.03 -24.05
CA LEU G 145 3.80 26.56 -23.98
C LEU G 145 3.96 27.33 -25.27
N LEU G 146 4.37 28.58 -25.15
CA LEU G 146 4.52 29.43 -26.24
C LEU G 146 5.60 30.27 -25.79
N GLU G 147 6.56 30.53 -26.70
CA GLU G 147 7.66 31.40 -26.45
C GLU G 147 7.42 32.75 -27.07
N TYR G 148 7.58 33.89 -26.34
CA TYR G 148 7.30 35.19 -26.78
C TYR G 148 8.63 35.86 -26.67
N LYS G 149 8.64 37.23 -26.74
CA LYS G 149 9.83 37.98 -26.68
C LYS G 149 9.42 39.33 -26.21
N ALA G 150 8.09 39.53 -26.02
CA ALA G 150 7.68 40.62 -25.27
C ALA G 150 6.29 40.34 -25.14
N THR G 151 5.75 40.40 -23.90
CA THR G 151 4.41 39.73 -23.78
C THR G 151 3.98 40.33 -22.51
N ALA G 152 2.72 39.97 -22.12
CA ALA G 152 1.97 40.37 -20.95
C ALA G 152 1.01 39.29 -20.54
N ILE G 153 0.73 39.10 -19.26
CA ILE G 153 -0.32 38.22 -18.78
C ILE G 153 -1.18 39.10 -17.89
N GLY G 154 -2.46 38.74 -17.64
CA GLY G 154 -3.27 39.44 -16.63
C GLY G 154 -4.29 40.38 -17.27
N MET G 155 -4.68 41.36 -16.46
CA MET G 155 -5.75 42.31 -16.71
C MET G 155 -5.24 43.28 -17.81
N GLY G 156 -3.92 43.50 -17.89
CA GLY G 156 -3.32 44.33 -18.86
C GLY G 156 -2.97 43.70 -20.21
N ARG G 157 -3.22 42.35 -20.45
CA ARG G 157 -2.81 41.69 -21.64
C ARG G 157 -3.20 42.39 -22.99
N ASN G 158 -4.50 42.75 -23.22
CA ASN G 158 -4.95 43.30 -24.45
C ASN G 158 -4.24 44.55 -24.85
N ALA G 159 -4.23 45.48 -23.90
CA ALA G 159 -3.55 46.82 -24.00
C ALA G 159 -2.03 46.87 -24.27
N VAL G 160 -1.28 46.07 -23.43
CA VAL G 160 0.12 45.98 -23.34
C VAL G 160 0.68 45.26 -24.51
N THR G 161 -0.04 44.21 -24.98
CA THR G 161 0.41 43.49 -26.16
C THR G 161 0.31 44.39 -27.43
N GLU G 162 -0.78 45.22 -27.64
CA GLU G 162 -1.04 46.13 -28.79
C GLU G 162 0.04 47.14 -28.78
N PHE G 163 0.45 47.59 -27.53
CA PHE G 163 1.50 48.49 -27.39
C PHE G 163 2.69 47.94 -27.96
N PHE G 164 3.10 46.67 -27.52
CA PHE G 164 4.33 46.02 -27.96
C PHE G 164 4.28 45.66 -29.44
N GLU G 165 3.12 45.44 -30.05
CA GLU G 165 2.95 45.11 -31.43
C GLU G 165 3.45 46.16 -32.40
N LYS G 166 3.38 47.53 -32.07
CA LYS G 166 3.89 48.54 -32.95
C LYS G 166 5.29 48.87 -32.48
N GLU G 167 5.43 49.10 -31.15
CA GLU G 167 6.67 49.64 -30.56
C GLU G 167 7.84 48.70 -30.43
N TYR G 168 7.66 47.34 -30.21
CA TYR G 168 8.76 46.40 -29.99
C TYR G 168 9.64 46.39 -31.17
N ARG G 169 10.95 46.69 -30.97
CA ARG G 169 11.98 46.54 -31.93
C ARG G 169 12.80 45.35 -31.33
N ASP G 170 13.49 44.52 -32.15
CA ASP G 170 14.39 43.49 -31.66
C ASP G 170 15.77 43.94 -31.32
N ASP G 171 16.07 45.27 -31.26
CA ASP G 171 17.47 45.67 -31.39
C ASP G 171 18.22 45.88 -30.02
N LEU G 172 17.36 46.07 -28.98
CA LEU G 172 17.24 47.22 -28.13
C LEU G 172 18.36 47.02 -27.13
N SER G 173 19.07 48.17 -26.81
CA SER G 173 19.87 48.19 -25.64
C SER G 173 18.99 48.04 -24.42
N PHE G 174 19.60 47.62 -23.32
CA PHE G 174 18.87 47.14 -22.15
C PHE G 174 18.00 48.17 -21.44
N ASP G 175 18.51 49.41 -21.41
CA ASP G 175 17.87 50.59 -20.98
C ASP G 175 16.67 51.02 -21.77
N ASP G 176 16.74 50.91 -23.12
CA ASP G 176 15.59 51.21 -23.99
C ASP G 176 14.42 50.26 -23.79
N ALA G 177 14.79 48.94 -23.68
CA ALA G 177 13.88 47.92 -23.27
C ALA G 177 13.21 48.05 -21.93
N MET G 178 13.87 48.51 -20.86
CA MET G 178 13.29 48.61 -19.51
C MET G 178 12.26 49.73 -19.52
N VAL G 179 12.59 50.86 -20.15
CA VAL G 179 11.77 52.01 -20.37
C VAL G 179 10.53 51.70 -21.22
N LEU G 180 10.73 50.86 -22.27
CA LEU G 180 9.65 50.32 -23.05
C LEU G 180 8.60 49.55 -22.32
N GLY G 181 9.07 48.65 -21.38
CA GLY G 181 8.23 47.78 -20.59
C GLY G 181 7.49 48.51 -19.62
N LEU G 182 8.11 49.56 -19.00
CA LEU G 182 7.53 50.45 -18.01
C LEU G 182 6.49 51.29 -18.66
N VAL G 183 6.66 51.74 -19.93
CA VAL G 183 5.68 52.53 -20.56
C VAL G 183 4.48 51.74 -20.77
N ALA G 184 4.60 50.50 -21.19
CA ALA G 184 3.51 49.62 -21.45
C ALA G 184 2.57 49.40 -20.26
N MET G 185 3.12 49.15 -19.05
CA MET G 185 2.46 48.98 -17.84
C MET G 185 1.57 50.15 -17.51
N GLY G 186 2.10 51.41 -17.70
CA GLY G 186 1.48 52.72 -17.50
C GLY G 186 0.29 52.91 -18.32
N LEU G 187 0.28 52.54 -19.60
CA LEU G 187 -0.95 52.58 -20.41
C LEU G 187 -2.04 51.70 -19.90
N SER G 188 -1.71 50.46 -19.39
CA SER G 188 -2.78 49.62 -18.91
C SER G 188 -3.64 50.23 -17.86
N ILE G 189 -3.01 50.71 -16.75
CA ILE G 189 -3.62 51.28 -15.55
C ILE G 189 -4.03 52.72 -15.80
N GLU G 190 -3.61 53.33 -16.95
CA GLU G 190 -4.05 54.60 -17.37
C GLU G 190 -3.60 55.75 -16.44
N SER G 191 -2.44 55.62 -15.89
CA SER G 191 -1.83 56.63 -15.16
C SER G 191 -0.29 56.30 -15.09
N GLU G 192 0.48 57.32 -14.59
CA GLU G 192 1.89 57.32 -14.29
C GLU G 192 2.15 56.30 -13.22
N LEU G 193 3.38 55.69 -13.19
CA LEU G 193 3.62 54.66 -12.30
C LEU G 193 4.11 55.25 -11.06
N VAL G 194 4.37 54.39 -9.97
CA VAL G 194 5.03 54.66 -8.68
C VAL G 194 6.03 53.55 -8.65
N PRO G 195 7.32 53.84 -8.44
CA PRO G 195 8.25 52.73 -8.49
C PRO G 195 8.17 51.77 -7.32
N GLU G 196 7.34 52.10 -6.30
CA GLU G 196 7.18 51.27 -5.14
C GLU G 196 5.94 50.35 -5.23
N ASN G 197 5.07 50.68 -6.12
CA ASN G 197 3.87 49.94 -6.37
C ASN G 197 4.12 49.00 -7.57
N ILE G 198 5.31 48.93 -8.23
CA ILE G 198 5.68 48.02 -9.31
C ILE G 198 6.94 47.38 -8.78
N GLU G 199 7.28 46.15 -9.26
CA GLU G 199 8.51 45.50 -8.88
C GLU G 199 9.08 45.03 -10.13
N VAL G 200 10.41 45.25 -10.26
CA VAL G 200 11.11 44.90 -11.43
C VAL G 200 12.21 44.06 -10.93
N GLY G 201 12.38 42.92 -11.64
CA GLY G 201 13.47 41.98 -11.54
C GLY G 201 14.07 41.93 -12.89
N TYR G 202 15.22 41.28 -13.05
CA TYR G 202 15.77 40.96 -14.39
C TYR G 202 16.79 39.85 -14.23
N VAL G 203 16.91 39.06 -15.28
CA VAL G 203 18.06 38.26 -15.60
C VAL G 203 18.84 38.86 -16.75
N LYS G 204 20.08 39.18 -16.48
CA LYS G 204 20.98 39.79 -17.47
C LYS G 204 21.78 38.80 -18.23
N VAL G 205 22.15 39.09 -19.51
CA VAL G 205 23.06 38.33 -20.34
C VAL G 205 24.48 38.29 -19.84
N ASP G 206 24.98 39.43 -19.39
CA ASP G 206 26.36 39.63 -19.06
C ASP G 206 26.72 39.06 -17.71
N ASP G 207 25.81 39.19 -16.70
CA ASP G 207 25.98 38.69 -15.33
C ASP G 207 25.60 37.25 -15.39
N ARG G 208 24.46 36.92 -16.04
CA ARG G 208 23.79 35.61 -15.99
C ARG G 208 23.35 35.35 -14.54
N THR G 209 23.02 36.46 -13.79
CA THR G 209 22.59 36.46 -12.41
C THR G 209 21.47 37.51 -12.48
N PHE G 210 20.24 37.05 -12.31
CA PHE G 210 19.18 37.61 -11.43
C PHE G 210 19.56 38.66 -10.39
N LYS G 211 18.87 39.78 -10.43
CA LYS G 211 18.92 40.77 -9.44
C LYS G 211 17.54 41.40 -9.53
N GLU G 212 17.07 41.80 -8.39
CA GLU G 212 15.82 42.39 -8.21
C GLU G 212 16.07 43.84 -8.00
N VAL G 213 15.40 44.64 -8.80
CA VAL G 213 15.66 46.09 -8.81
C VAL G 213 14.74 46.76 -7.82
N SER G 214 15.35 46.90 -6.61
CA SER G 214 15.11 47.87 -5.59
C SER G 214 14.63 49.28 -5.99
N PRO G 215 13.79 50.00 -5.18
CA PRO G 215 13.23 51.31 -5.54
C PRO G 215 14.33 52.37 -5.81
N GLU G 216 15.52 52.32 -5.18
CA GLU G 216 16.68 53.21 -5.35
C GLU G 216 17.28 53.06 -6.71
N GLU G 217 17.48 51.80 -7.10
CA GLU G 217 18.10 51.52 -8.32
C GLU G 217 17.21 51.68 -9.56
N LEU G 218 15.89 51.54 -9.40
CA LEU G 218 14.89 51.54 -10.42
C LEU G 218 14.54 52.95 -10.88
N LYS G 219 14.85 53.91 -9.92
CA LYS G 219 14.51 55.33 -9.95
C LYS G 219 14.70 56.07 -11.25
N PRO G 220 15.85 56.13 -11.89
CA PRO G 220 16.12 56.82 -13.19
C PRO G 220 15.27 56.23 -14.34
N TYR G 221 14.95 54.89 -14.34
CA TYR G 221 14.15 54.31 -15.39
C TYR G 221 12.73 54.79 -15.37
N VAL G 222 12.21 54.79 -14.08
CA VAL G 222 10.84 55.27 -13.78
C VAL G 222 10.66 56.70 -14.28
N GLU G 223 11.70 57.52 -14.03
CA GLU G 223 11.58 58.94 -14.43
C GLU G 223 11.44 59.15 -15.91
N ARG G 224 12.18 58.32 -16.72
CA ARG G 224 12.18 58.40 -18.14
C ARG G 224 10.98 57.74 -18.71
N ALA G 225 10.34 56.85 -17.91
CA ALA G 225 9.13 56.22 -18.33
C ALA G 225 7.89 57.03 -18.09
N ASN G 226 7.67 57.67 -16.97
CA ASN G 226 6.48 58.50 -16.52
C ASN G 226 6.35 59.66 -17.55
N GLU G 227 7.51 60.19 -18.11
CA GLU G 227 7.62 61.20 -19.25
C GLU G 227 6.72 60.70 -20.41
N ARG G 228 7.04 59.47 -20.95
CA ARG G 228 6.43 58.78 -22.10
C ARG G 228 5.02 58.29 -21.83
N ILE G 229 4.77 57.82 -20.59
CA ILE G 229 3.51 57.37 -20.15
C ILE G 229 2.48 58.42 -20.20
N ARG G 230 2.76 59.63 -19.72
CA ARG G 230 1.91 60.77 -19.70
C ARG G 230 1.67 61.22 -21.13
N GLU G 231 2.79 61.24 -22.02
CA GLU G 231 2.69 61.68 -23.38
C GLU G 231 1.71 60.90 -24.25
N LEU G 232 1.75 59.53 -24.15
CA LEU G 232 1.04 58.63 -24.99
C LEU G 232 -0.44 58.49 -24.65
N LEU G 233 -0.69 58.80 -23.36
CA LEU G 233 -2.04 58.84 -22.79
C LEU G 233 -2.72 60.25 -22.88
N LYS G 234 -2.22 61.04 -23.86
CA LYS G 234 -2.77 62.34 -24.16
C LYS G 234 -3.03 62.25 -25.66
N LYS G 235 -2.63 61.06 -26.32
CA LYS G 235 -2.89 60.73 -27.72
C LYS G 235 -3.95 59.75 -27.81
N THR H 1 42.70 -5.73 -13.91
CA THR H 1 41.54 -4.99 -14.40
C THR H 1 41.74 -3.51 -14.04
N THR H 2 42.17 -2.72 -15.06
CA THR H 2 42.52 -1.37 -14.87
C THR H 2 42.03 -0.63 -16.03
N THR H 3 41.80 0.69 -15.86
CA THR H 3 41.40 1.58 -16.87
C THR H 3 42.30 2.76 -16.69
N VAL H 4 42.71 3.37 -17.80
CA VAL H 4 43.40 4.68 -17.71
C VAL H 4 42.55 5.51 -18.56
N GLY H 5 42.58 6.84 -18.35
CA GLY H 5 41.88 7.81 -19.13
C GLY H 5 42.61 9.01 -18.99
N LEU H 6 42.82 9.69 -20.13
CA LEU H 6 43.58 10.88 -20.27
C LEU H 6 43.00 11.89 -21.19
N VAL H 7 42.98 13.16 -20.70
CA VAL H 7 42.48 14.30 -21.43
C VAL H 7 43.71 14.92 -22.09
N CYS H 8 43.61 14.92 -23.45
CA CYS H 8 44.64 15.36 -24.40
C CYS H 8 44.21 16.74 -24.83
N LYS H 9 45.14 17.44 -25.53
CA LYS H 9 44.89 18.83 -25.82
C LYS H 9 43.92 19.06 -26.94
N ASP H 10 43.30 17.99 -27.44
CA ASP H 10 42.44 18.07 -28.62
C ASP H 10 41.64 16.88 -28.73
N GLY H 11 41.53 16.08 -27.61
CA GLY H 11 40.52 15.08 -27.56
C GLY H 11 40.54 14.38 -26.24
N VAL H 12 40.09 13.06 -26.13
CA VAL H 12 40.23 12.27 -24.98
C VAL H 12 40.58 10.99 -25.52
N VAL H 13 41.51 10.28 -24.85
CA VAL H 13 41.88 8.94 -25.20
C VAL H 13 41.86 8.16 -23.92
N MET H 14 41.22 6.97 -23.96
CA MET H 14 41.17 6.20 -22.81
C MET H 14 41.12 4.81 -23.31
N ALA H 15 41.41 3.97 -22.32
CA ALA H 15 41.67 2.59 -22.58
C ALA H 15 41.46 1.79 -21.36
N THR H 16 41.38 0.41 -21.50
CA THR H 16 41.03 -0.48 -20.48
C THR H 16 41.73 -1.71 -20.97
N GLU H 17 41.61 -2.73 -20.09
CA GLU H 17 41.99 -4.14 -20.31
C GLU H 17 40.75 -4.82 -20.63
N LYS H 18 40.76 -5.61 -21.74
CA LYS H 18 39.64 -6.26 -22.31
C LYS H 18 39.33 -7.47 -21.56
N ARG H 19 40.37 -7.89 -20.74
CA ARG H 19 40.45 -9.13 -19.98
C ARG H 19 39.20 -9.36 -19.16
N ALA H 20 38.47 -10.40 -19.47
CA ALA H 20 37.20 -10.68 -18.81
C ALA H 20 37.33 -12.21 -18.47
N THR H 21 37.13 -12.54 -17.22
CA THR H 21 37.43 -13.90 -16.85
C THR H 21 36.24 -14.41 -15.93
N MET H 22 36.16 -15.77 -15.76
CA MET H 22 35.35 -16.41 -14.73
C MET H 22 36.42 -17.45 -14.21
N GLY H 23 37.09 -17.05 -13.11
CA GLY H 23 38.35 -17.79 -12.66
C GLY H 23 39.46 -16.97 -13.20
N ASN H 24 39.93 -17.46 -14.37
CA ASN H 24 41.00 -16.98 -15.17
C ASN H 24 40.74 -17.27 -16.64
N PHE H 25 39.66 -18.12 -16.88
CA PHE H 25 39.15 -18.65 -18.10
C PHE H 25 38.44 -17.56 -18.97
N ILE H 26 38.89 -17.55 -20.25
CA ILE H 26 38.41 -16.75 -21.38
C ILE H 26 37.33 -17.47 -22.12
N ALA H 27 36.03 -16.99 -21.91
CA ALA H 27 34.85 -17.57 -22.46
C ALA H 27 34.66 -17.18 -23.98
N SER H 28 34.75 -15.84 -24.30
CA SER H 28 34.48 -15.44 -25.73
C SER H 28 35.68 -14.67 -26.24
N LYS H 29 35.60 -14.39 -27.55
CA LYS H 29 36.72 -13.60 -28.20
C LYS H 29 36.54 -12.15 -27.88
N ALA H 30 35.30 -11.69 -27.62
CA ALA H 30 35.21 -10.21 -27.38
C ALA H 30 34.24 -10.02 -26.30
N ALA H 31 34.45 -8.99 -25.45
CA ALA H 31 33.73 -8.64 -24.22
C ALA H 31 34.41 -7.23 -24.08
N LYS H 32 33.72 -6.19 -24.62
CA LYS H 32 34.14 -4.91 -24.65
C LYS H 32 33.66 -4.30 -23.34
N LYS H 33 34.62 -3.91 -22.46
CA LYS H 33 34.30 -3.25 -21.17
C LYS H 33 34.39 -1.74 -21.38
N ILE H 34 34.29 -1.26 -22.68
CA ILE H 34 34.18 0.12 -23.23
C ILE H 34 32.94 0.22 -24.09
N TYR H 35 32.18 1.25 -23.72
CA TYR H 35 30.83 1.54 -24.24
C TYR H 35 30.83 2.94 -24.70
N GLN H 36 30.04 3.17 -25.77
CA GLN H 36 29.80 4.48 -26.26
C GLN H 36 28.47 4.88 -25.73
N ILE H 37 28.38 5.94 -24.92
CA ILE H 37 27.25 6.40 -24.16
C ILE H 37 26.53 7.36 -24.94
N ALA H 38 27.32 8.29 -25.48
CA ALA H 38 26.75 9.26 -26.39
C ALA H 38 27.73 9.37 -27.52
N ASP H 39 27.45 10.20 -28.55
CA ASP H 39 28.13 10.30 -29.83
C ASP H 39 29.60 10.49 -29.76
N ARG H 40 30.14 11.09 -28.66
CA ARG H 40 31.51 11.29 -28.43
C ARG H 40 31.78 11.16 -26.92
N MET H 41 31.05 10.21 -26.25
CA MET H 41 31.27 9.86 -24.84
C MET H 41 31.45 8.37 -24.77
N ALA H 42 32.29 7.99 -23.81
CA ALA H 42 32.68 6.60 -23.55
C ALA H 42 32.25 6.27 -22.14
N MET H 43 32.36 5.01 -21.66
CA MET H 43 32.20 4.58 -20.29
C MET H 43 33.10 3.35 -20.25
N THR H 44 34.17 3.40 -19.46
CA THR H 44 35.13 2.30 -19.25
C THR H 44 34.91 1.83 -17.91
N THR H 45 34.97 0.54 -17.68
CA THR H 45 34.59 0.00 -16.35
C THR H 45 35.73 -0.81 -15.95
N ALA H 46 36.12 -0.60 -14.70
CA ALA H 46 37.08 -1.43 -14.06
C ALA H 46 36.28 -1.99 -12.95
N GLY H 47 36.32 -3.33 -12.79
CA GLY H 47 35.52 -4.00 -11.81
C GLY H 47 34.69 -5.06 -12.63
N SER H 48 33.45 -5.44 -12.33
CA SER H 48 32.74 -6.51 -12.94
C SER H 48 32.30 -6.12 -14.34
N VAL H 49 32.32 -7.19 -15.19
CA VAL H 49 32.05 -7.21 -16.58
C VAL H 49 30.54 -7.09 -16.90
N GLY H 50 29.68 -7.95 -16.25
CA GLY H 50 28.32 -8.19 -16.66
C GLY H 50 27.43 -7.11 -16.18
N ASP H 51 27.73 -6.66 -14.92
CA ASP H 51 27.04 -5.58 -14.24
C ASP H 51 27.28 -4.31 -14.99
N ALA H 52 28.49 -4.14 -15.56
CA ALA H 52 28.85 -3.00 -16.37
C ALA H 52 28.04 -2.81 -17.62
N GLN H 53 27.83 -3.91 -18.31
CA GLN H 53 27.15 -4.02 -19.61
C GLN H 53 25.80 -3.50 -19.48
N PHE H 54 24.99 -4.13 -18.58
CA PHE H 54 23.61 -3.70 -18.48
C PHE H 54 23.46 -2.24 -18.07
N LEU H 55 24.26 -1.76 -17.07
CA LEU H 55 24.25 -0.48 -16.50
C LEU H 55 24.53 0.56 -17.48
N ALA H 56 25.58 0.32 -18.38
CA ALA H 56 25.96 1.19 -19.52
C ALA H 56 24.89 1.50 -20.48
N ARG H 57 24.10 0.46 -20.80
CA ARG H 57 22.88 0.47 -21.61
C ARG H 57 21.95 1.42 -21.08
N ILE H 58 21.63 1.50 -19.80
CA ILE H 58 20.71 2.46 -19.19
C ILE H 58 21.09 3.85 -19.37
N ILE H 59 22.38 4.08 -19.07
CA ILE H 59 22.95 5.43 -19.12
C ILE H 59 22.87 5.91 -20.49
N LYS H 60 23.36 5.05 -21.40
CA LYS H 60 23.36 5.28 -22.91
C LYS H 60 21.89 5.68 -23.33
N ILE H 61 20.86 4.94 -22.92
CA ILE H 61 19.47 5.24 -23.31
C ILE H 61 19.05 6.59 -22.85
N GLU H 62 19.44 6.91 -21.60
CA GLU H 62 19.19 8.22 -21.03
C GLU H 62 19.97 9.36 -21.72
N ALA H 63 21.18 9.17 -22.25
CA ALA H 63 21.95 10.16 -22.97
C ALA H 63 21.23 10.55 -24.29
N ASN H 64 20.65 9.51 -24.98
CA ASN H 64 19.80 9.70 -26.15
C ASN H 64 18.53 10.41 -25.85
N LEU H 65 17.88 10.06 -24.72
CA LEU H 65 16.62 10.58 -24.32
C LEU H 65 16.72 12.06 -24.05
N TYR H 66 17.84 12.44 -23.33
CA TYR H 66 18.32 13.77 -22.96
C TYR H 66 18.37 14.62 -24.20
N GLU H 67 19.05 14.04 -25.26
CA GLU H 67 19.22 14.83 -26.48
C GLU H 67 17.89 15.16 -27.13
N ILE H 68 17.01 14.14 -27.28
CA ILE H 68 15.71 14.27 -27.89
C ILE H 68 14.85 15.36 -27.10
N ARG H 69 14.77 15.28 -25.72
CA ARG H 69 13.97 16.14 -24.88
C ARG H 69 14.34 17.57 -24.73
N ARG H 70 15.68 17.80 -24.71
CA ARG H 70 16.13 19.14 -24.35
C ARG H 70 16.56 19.90 -25.61
N GLU H 71 16.60 19.25 -26.78
CA GLU H 71 17.09 19.88 -27.99
C GLU H 71 18.45 20.51 -27.80
N ARG H 72 19.34 19.69 -27.11
CA ARG H 72 20.67 20.03 -26.73
C ARG H 72 21.39 18.76 -26.48
N LYS H 73 22.65 18.64 -26.76
CA LYS H 73 23.28 17.35 -26.73
C LYS H 73 23.82 17.29 -25.28
N PRO H 74 23.83 16.23 -24.50
CA PRO H 74 24.41 16.23 -23.15
C PRO H 74 25.82 16.67 -23.16
N THR H 75 26.24 17.24 -21.99
CA THR H 75 27.58 17.68 -21.79
C THR H 75 28.15 16.53 -21.05
N VAL H 76 29.50 16.53 -20.85
CA VAL H 76 30.14 15.38 -20.14
C VAL H 76 29.77 15.24 -18.70
N ARG H 77 29.69 16.42 -18.08
CA ARG H 77 29.23 16.60 -16.72
C ARG H 77 27.85 16.02 -16.62
N ALA H 78 26.91 16.28 -17.56
CA ALA H 78 25.56 15.79 -17.41
C ALA H 78 25.37 14.33 -17.28
N ILE H 79 26.01 13.49 -18.18
CA ILE H 79 25.95 12.10 -18.21
C ILE H 79 26.61 11.60 -16.94
N ALA H 80 27.77 12.19 -16.57
CA ALA H 80 28.58 11.73 -15.52
C ALA H 80 27.88 11.82 -14.13
N THR H 81 27.19 13.00 -13.90
CA THR H 81 26.45 13.23 -12.77
C THR H 81 25.27 12.27 -12.69
N LEU H 82 24.57 12.06 -13.88
CA LEU H 82 23.36 11.31 -14.07
C LEU H 82 23.53 9.93 -13.62
N THR H 83 24.63 9.40 -13.99
CA THR H 83 25.14 8.17 -13.46
C THR H 83 25.40 8.09 -11.98
N SER H 84 25.95 9.17 -11.34
CA SER H 84 26.14 9.06 -9.91
C SER H 84 24.86 8.86 -9.13
N ASN H 85 23.81 9.66 -9.47
CA ASN H 85 22.51 9.76 -8.81
C ASN H 85 21.80 8.48 -9.09
N LEU H 86 21.96 7.91 -10.26
CA LEU H 86 21.44 6.58 -10.62
C LEU H 86 21.92 5.49 -9.75
N LEU H 87 23.28 5.38 -9.56
CA LEU H 87 23.91 4.36 -8.74
C LEU H 87 23.46 4.35 -7.38
N ASN H 88 23.41 5.60 -6.77
CA ASN H 88 22.84 5.90 -5.44
C ASN H 88 21.34 5.60 -5.21
N SER H 89 20.48 5.93 -6.22
CA SER H 89 19.06 5.50 -6.12
C SER H 89 18.95 3.95 -6.08
N TYR H 90 19.85 3.29 -6.87
CA TYR H 90 19.74 1.87 -7.17
C TYR H 90 20.87 1.17 -6.42
N ARG H 91 21.06 1.44 -5.10
CA ARG H 91 22.03 0.73 -4.33
C ARG H 91 21.47 -0.44 -3.62
N TYR H 92 20.11 -0.54 -3.82
CA TYR H 92 19.33 -1.70 -3.31
C TYR H 92 19.70 -2.97 -4.05
N PHE H 93 19.95 -2.80 -5.37
CA PHE H 93 20.46 -3.82 -6.30
C PHE H 93 21.78 -3.22 -6.86
N PRO H 94 22.82 -3.17 -6.05
CA PRO H 94 24.09 -2.50 -6.27
C PRO H 94 24.80 -3.15 -7.43
N TYR H 95 25.46 -2.33 -8.24
CA TYR H 95 26.37 -2.69 -9.33
C TYR H 95 27.66 -2.32 -8.73
N LEU H 96 28.67 -3.23 -8.58
CA LEU H 96 29.96 -2.91 -7.85
C LEU H 96 30.96 -2.69 -8.96
N VAL H 97 31.08 -1.42 -9.31
CA VAL H 97 31.89 -0.98 -10.35
C VAL H 97 32.48 0.38 -10.04
N GLN H 98 33.72 0.65 -10.44
CA GLN H 98 34.37 1.95 -10.57
C GLN H 98 34.51 2.22 -11.98
N LEU H 99 33.66 3.13 -12.54
CA LEU H 99 33.59 3.65 -13.87
C LEU H 99 34.49 4.79 -14.04
N LEU H 100 34.75 5.12 -15.35
CA LEU H 100 35.23 6.42 -15.83
C LEU H 100 34.40 6.77 -17.00
N ILE H 101 33.69 7.92 -17.04
CA ILE H 101 32.84 8.35 -18.13
C ILE H 101 33.53 9.60 -18.51
N GLY H 102 33.91 9.73 -19.79
CA GLY H 102 34.44 11.00 -20.19
C GLY H 102 34.22 11.11 -21.70
N GLY H 103 34.70 12.20 -22.30
CA GLY H 103 34.79 12.35 -23.73
C GLY H 103 34.65 13.80 -23.99
N ILE H 104 33.79 14.16 -25.01
CA ILE H 104 33.94 15.43 -25.65
C ILE H 104 32.51 16.02 -25.91
N ASP H 105 32.38 17.31 -25.74
CA ASP H 105 31.12 17.99 -25.90
C ASP H 105 31.46 19.31 -26.42
N SER H 106 30.50 20.26 -26.56
CA SER H 106 30.77 21.57 -27.01
C SER H 106 31.77 22.33 -26.14
N GLU H 107 31.58 22.15 -24.81
CA GLU H 107 32.32 22.68 -23.68
C GLU H 107 33.80 22.31 -23.73
N GLY H 108 34.13 21.10 -24.10
CA GLY H 108 35.47 20.67 -24.37
C GLY H 108 35.70 19.31 -23.78
N LYS H 109 36.87 19.08 -23.22
CA LYS H 109 37.30 17.75 -22.91
C LYS H 109 37.43 17.58 -21.43
N SER H 110 36.95 16.39 -20.90
CA SER H 110 36.96 16.11 -19.50
C SER H 110 36.62 14.66 -19.30
N ILE H 111 37.00 14.05 -18.13
CA ILE H 111 36.77 12.67 -17.74
C ILE H 111 36.52 12.80 -16.26
N TYR H 112 35.40 12.13 -15.80
CA TYR H 112 34.90 12.08 -14.39
C TYR H 112 34.95 10.62 -13.94
N SER H 113 35.29 10.26 -12.67
CA SER H 113 35.25 8.90 -12.11
C SER H 113 34.02 8.95 -11.24
N ILE H 114 33.30 7.81 -11.36
CA ILE H 114 32.07 7.65 -10.56
C ILE H 114 31.98 6.42 -9.67
N ASP H 115 31.74 6.65 -8.37
CA ASP H 115 31.65 5.60 -7.30
C ASP H 115 30.31 4.97 -7.31
N PRO H 116 30.12 3.83 -6.84
CA PRO H 116 28.78 3.30 -6.63
C PRO H 116 28.15 3.75 -5.33
N ILE H 117 29.09 4.29 -4.52
CA ILE H 117 28.78 4.91 -3.28
C ILE H 117 28.40 6.36 -3.51
N GLY H 118 28.73 6.82 -4.77
CA GLY H 118 28.19 7.97 -5.49
C GLY H 118 29.29 8.95 -5.54
N GLY H 119 28.94 9.96 -6.36
CA GLY H 119 29.64 11.23 -6.47
C GLY H 119 30.49 11.10 -7.60
N ALA H 120 30.52 12.13 -8.44
CA ALA H 120 31.29 12.23 -9.68
C ALA H 120 32.20 13.40 -9.42
N ILE H 121 33.47 13.03 -9.53
CA ILE H 121 34.60 13.85 -9.26
C ILE H 121 35.16 14.06 -10.59
N GLU H 122 35.97 15.11 -10.85
CA GLU H 122 36.59 15.40 -12.13
C GLU H 122 38.05 15.35 -12.05
N GLU H 123 38.70 14.75 -13.13
CA GLU H 123 40.11 14.52 -13.11
C GLU H 123 40.57 15.34 -14.22
N LYS H 124 41.63 16.06 -13.83
CA LYS H 124 42.13 17.22 -14.52
C LYS H 124 42.63 16.90 -15.87
N ASP H 125 43.46 15.85 -15.98
CA ASP H 125 44.02 15.37 -17.26
C ASP H 125 44.55 13.93 -17.23
N ILE H 126 44.70 13.38 -16.04
CA ILE H 126 45.14 11.97 -15.87
C ILE H 126 44.14 11.40 -14.86
N VAL H 127 43.83 10.03 -14.96
CA VAL H 127 43.18 9.31 -13.88
C VAL H 127 43.52 7.85 -14.24
N ALA H 128 43.64 7.02 -13.15
CA ALA H 128 43.79 5.56 -13.34
C ALA H 128 42.90 5.05 -12.16
N THR H 129 42.27 3.90 -12.39
CA THR H 129 41.26 3.37 -11.46
C THR H 129 41.34 1.86 -11.71
N GLY H 130 41.19 0.99 -10.71
CA GLY H 130 41.34 -0.47 -10.90
C GLY H 130 42.32 -0.96 -9.88
N SER H 131 42.68 -2.27 -10.00
CA SER H 131 43.62 -2.88 -9.01
C SER H 131 45.09 -2.47 -9.61
N GLY H 132 45.13 -2.41 -10.95
CA GLY H 132 46.29 -2.11 -11.64
C GLY H 132 46.66 -0.71 -11.70
N SER H 133 45.82 0.20 -11.14
CA SER H 133 45.95 1.61 -11.25
C SER H 133 47.12 2.20 -10.75
N LEU H 134 47.71 1.65 -9.61
CA LEU H 134 48.83 2.22 -8.87
C LEU H 134 50.14 2.15 -9.74
N THR H 135 50.17 1.07 -10.61
CA THR H 135 51.18 0.77 -11.58
C THR H 135 51.00 1.63 -12.78
N ALA H 136 49.75 1.86 -13.19
CA ALA H 136 49.33 2.70 -14.29
C ALA H 136 49.62 4.19 -14.22
N TYR H 137 49.47 4.79 -13.01
CA TYR H 137 49.76 6.08 -12.77
C TYR H 137 51.19 6.42 -13.09
N GLY H 138 52.12 5.42 -12.91
CA GLY H 138 53.52 5.53 -12.98
C GLY H 138 53.90 5.82 -14.38
N VAL H 139 53.36 4.93 -15.31
CA VAL H 139 53.81 5.00 -16.72
C VAL H 139 53.25 6.30 -17.43
N LEU H 140 51.97 6.64 -17.14
CA LEU H 140 51.07 7.63 -17.67
C LEU H 140 51.55 8.95 -17.41
N GLU H 141 52.01 9.22 -16.22
CA GLU H 141 52.31 10.53 -15.79
C GLU H 141 53.76 10.97 -16.03
N ASP H 142 54.72 10.03 -16.32
CA ASP H 142 55.99 10.46 -16.69
C ASP H 142 56.03 11.07 -17.99
N ARG H 143 55.26 10.50 -19.01
CA ARG H 143 55.40 10.80 -20.39
C ARG H 143 54.19 11.62 -20.93
N PHE H 144 53.33 11.94 -19.92
CA PHE H 144 52.17 12.86 -20.24
C PHE H 144 52.67 14.26 -20.01
N THR H 145 52.24 15.17 -20.98
CA THR H 145 52.51 16.59 -20.92
C THR H 145 51.14 17.25 -21.21
N PRO H 146 50.73 18.36 -20.60
CA PRO H 146 49.52 19.15 -20.86
C PRO H 146 49.27 19.37 -22.31
N GLU H 147 50.34 19.54 -23.19
CA GLU H 147 50.23 19.58 -24.63
C GLU H 147 50.62 18.22 -25.15
N ILE H 148 49.62 17.42 -25.66
CA ILE H 148 49.92 16.06 -26.22
C ILE H 148 48.91 15.93 -27.26
N GLY H 149 49.33 15.48 -28.47
CA GLY H 149 48.42 15.23 -29.56
C GLY H 149 47.63 13.96 -29.22
N VAL H 150 46.44 13.88 -29.87
CA VAL H 150 45.66 12.61 -29.82
C VAL H 150 46.33 11.31 -30.27
N ASP H 151 47.10 11.41 -31.34
CA ASP H 151 48.00 10.41 -31.87
C ASP H 151 49.19 9.92 -31.04
N GLU H 152 49.84 10.89 -30.24
CA GLU H 152 50.92 10.67 -29.35
C GLU H 152 50.38 10.05 -28.17
N ALA H 153 49.10 10.24 -27.93
CA ALA H 153 48.41 9.83 -26.73
C ALA H 153 47.91 8.38 -26.70
N VAL H 154 47.72 7.83 -27.98
CA VAL H 154 47.26 6.52 -28.05
C VAL H 154 48.29 5.43 -27.75
N GLU H 155 49.54 5.85 -28.07
CA GLU H 155 50.71 5.16 -27.88
C GLU H 155 50.87 5.10 -26.34
N LEU H 156 50.76 6.23 -25.60
CA LEU H 156 50.86 6.38 -24.19
C LEU H 156 49.83 5.57 -23.46
N ALA H 157 48.50 5.56 -23.86
CA ALA H 157 47.42 4.85 -23.18
C ALA H 157 47.65 3.39 -23.15
N VAL H 158 48.00 2.79 -24.27
CA VAL H 158 48.22 1.34 -24.50
C VAL H 158 49.34 0.98 -23.61
N ARG H 159 50.37 1.83 -23.55
CA ARG H 159 51.57 1.62 -22.67
C ARG H 159 51.24 1.61 -21.14
N ALA H 160 50.42 2.50 -20.70
CA ALA H 160 50.01 2.72 -19.34
C ALA H 160 49.27 1.55 -18.80
N ILE H 161 48.35 0.90 -19.58
CA ILE H 161 47.61 -0.31 -19.37
C ILE H 161 48.50 -1.51 -19.40
N TYR H 162 49.48 -1.49 -20.33
CA TYR H 162 50.27 -2.68 -20.63
C TYR H 162 51.15 -3.10 -19.45
N SER H 163 51.66 -2.12 -18.69
CA SER H 163 52.49 -2.22 -17.53
C SER H 163 51.81 -3.07 -16.50
N ALA H 164 50.51 -2.94 -16.29
CA ALA H 164 49.74 -3.80 -15.43
C ALA H 164 49.58 -5.22 -15.85
N MET H 165 49.40 -5.51 -17.18
CA MET H 165 48.94 -6.75 -17.67
C MET H 165 49.91 -7.85 -17.51
N LYS H 166 51.26 -7.53 -17.60
CA LYS H 166 52.37 -8.42 -17.53
C LYS H 166 52.60 -8.80 -16.07
N ARG H 167 52.12 -7.90 -15.17
CA ARG H 167 52.38 -8.04 -13.74
C ARG H 167 51.51 -9.10 -13.10
N ASP H 168 50.21 -9.16 -13.46
CA ASP H 168 49.11 -10.09 -13.06
C ASP H 168 49.27 -11.41 -13.79
N SER H 169 48.89 -12.48 -13.14
CA SER H 169 48.82 -13.78 -13.67
C SER H 169 47.26 -14.11 -13.96
N ALA H 170 46.53 -13.04 -14.22
CA ALA H 170 45.09 -13.15 -14.42
C ALA H 170 44.72 -12.08 -15.40
N SER H 171 45.72 -11.70 -16.23
CA SER H 171 45.68 -10.74 -17.29
C SER H 171 46.84 -11.05 -18.24
N GLY H 172 46.80 -10.46 -19.45
CA GLY H 172 47.87 -10.64 -20.40
C GLY H 172 47.58 -10.24 -21.81
N ASP H 173 46.32 -10.36 -22.19
CA ASP H 173 45.79 -10.30 -23.50
C ASP H 173 44.48 -9.54 -23.53
N GLY H 174 44.37 -8.62 -24.55
CA GLY H 174 43.10 -7.92 -24.83
C GLY H 174 43.40 -6.52 -24.46
N ILE H 175 42.85 -5.58 -25.29
CA ILE H 175 42.99 -4.19 -25.10
C ILE H 175 41.74 -3.41 -25.62
N ASP H 176 41.33 -2.41 -24.91
CA ASP H 176 40.34 -1.48 -25.39
C ASP H 176 41.03 -0.16 -25.57
N VAL H 177 40.71 0.63 -26.64
CA VAL H 177 41.15 2.00 -26.69
C VAL H 177 40.05 2.69 -27.53
N VAL H 178 39.78 3.95 -27.20
CA VAL H 178 38.94 4.79 -27.98
C VAL H 178 39.61 6.10 -28.06
N LYS H 179 39.89 6.60 -29.30
CA LYS H 179 40.43 7.98 -29.52
C LYS H 179 39.13 8.63 -29.84
N ILE H 180 38.89 9.84 -29.23
CA ILE H 180 37.73 10.62 -29.44
C ILE H 180 38.35 12.00 -29.79
N THR H 181 38.23 12.45 -31.02
CA THR H 181 39.11 13.41 -31.56
C THR H 181 38.31 14.67 -31.78
N GLU H 182 36.97 14.65 -31.57
CA GLU H 182 36.08 15.72 -31.83
C GLU H 182 35.60 15.71 -33.33
N ASP H 183 35.57 14.52 -33.92
CA ASP H 183 35.04 14.36 -35.26
C ASP H 183 34.58 12.99 -35.44
N GLU H 184 35.04 12.12 -34.56
CA GLU H 184 35.08 10.65 -34.64
C GLU H 184 35.14 10.29 -33.19
N PHE H 185 34.80 9.07 -32.99
CA PHE H 185 34.67 8.21 -31.90
C PHE H 185 35.09 7.02 -32.67
N TYR H 186 36.41 6.72 -32.54
CA TYR H 186 37.01 5.62 -33.26
C TYR H 186 37.18 4.69 -32.10
N GLN H 187 36.92 3.37 -32.37
CA GLN H 187 37.10 2.32 -31.45
C GLN H 187 38.11 1.45 -32.18
N TYR H 188 39.38 1.34 -31.68
CA TYR H 188 40.40 0.83 -32.50
C TYR H 188 40.28 -0.64 -32.68
N SER H 189 39.91 -1.40 -31.60
CA SER H 189 39.55 -2.76 -31.61
C SER H 189 40.82 -3.61 -31.76
N PRO H 190 40.92 -4.90 -31.33
CA PRO H 190 42.17 -5.65 -31.14
C PRO H 190 43.34 -5.55 -32.13
N GLU H 191 43.12 -5.72 -33.46
CA GLU H 191 43.99 -5.76 -34.62
C GLU H 191 44.83 -4.50 -34.85
N GLU H 192 44.16 -3.32 -34.93
CA GLU H 192 44.82 -2.07 -35.04
C GLU H 192 45.71 -1.70 -33.82
N VAL H 193 45.22 -1.99 -32.63
CA VAL H 193 45.99 -1.71 -31.38
C VAL H 193 47.26 -2.51 -31.40
N GLU H 194 47.19 -3.75 -31.88
CA GLU H 194 48.30 -4.70 -31.85
C GLU H 194 49.62 -4.19 -32.42
N GLN H 195 49.63 -3.42 -33.50
CA GLN H 195 50.84 -2.90 -34.06
C GLN H 195 51.43 -1.73 -33.32
N ILE H 196 50.59 -1.12 -32.39
CA ILE H 196 50.94 -0.02 -31.48
C ILE H 196 51.86 -0.57 -30.43
N LEU H 197 51.61 -1.88 -29.98
CA LEU H 197 52.31 -2.46 -28.89
C LEU H 197 53.37 -3.52 -29.35
N ALA H 198 53.71 -3.43 -30.65
CA ALA H 198 54.79 -4.11 -31.31
C ALA H 198 55.77 -3.07 -31.71
N LYS H 199 55.89 -2.07 -30.78
CA LYS H 199 56.90 -1.00 -30.80
C LYS H 199 57.44 -0.92 -29.44
N PHE H 200 56.69 -1.50 -28.45
CA PHE H 200 57.20 -1.58 -27.05
C PHE H 200 57.57 -2.99 -26.82
N ARG H 201 57.51 -3.94 -27.85
CA ARG H 201 57.86 -5.39 -27.66
C ARG H 201 57.06 -5.96 -26.56
N LYS H 202 57.81 -6.65 -25.65
CA LYS H 202 57.13 -7.45 -24.60
C LYS H 202 57.50 -6.77 -23.27
N THR I 1 28.37 -29.79 -16.65
CA THR I 1 28.23 -28.32 -17.05
C THR I 1 29.26 -27.91 -18.09
N THR I 2 28.87 -27.79 -19.34
CA THR I 2 29.62 -27.12 -20.34
C THR I 2 28.47 -26.77 -21.35
N THR I 3 28.64 -25.62 -22.05
CA THR I 3 27.91 -25.21 -23.29
C THR I 3 29.04 -24.84 -24.22
N VAL I 4 28.88 -25.10 -25.56
CA VAL I 4 29.85 -24.59 -26.52
C VAL I 4 28.95 -23.94 -27.55
N GLY I 5 29.47 -23.05 -28.42
CA GLY I 5 28.62 -22.49 -29.45
C GLY I 5 29.51 -21.99 -30.48
N LEU I 6 29.13 -22.28 -31.76
CA LEU I 6 29.90 -21.78 -32.83
C LEU I 6 29.04 -21.29 -33.95
N VAL I 7 29.54 -20.16 -34.54
CA VAL I 7 28.90 -19.42 -35.61
C VAL I 7 29.69 -19.70 -36.89
N CYS I 8 28.98 -20.52 -37.78
CA CYS I 8 29.50 -20.98 -39.05
C CYS I 8 29.09 -20.02 -40.07
N LYS I 9 29.39 -20.34 -41.40
CA LYS I 9 29.07 -19.44 -42.48
C LYS I 9 27.84 -19.99 -43.18
N ASP I 10 27.21 -21.10 -42.62
CA ASP I 10 26.11 -21.82 -43.14
C ASP I 10 25.11 -22.14 -42.04
N GLY I 11 25.32 -21.59 -40.74
CA GLY I 11 24.33 -21.71 -39.83
C GLY I 11 24.93 -21.61 -38.48
N VAL I 12 24.36 -22.35 -37.54
CA VAL I 12 24.71 -22.17 -36.16
C VAL I 12 24.54 -23.47 -35.61
N VAL I 13 25.58 -23.83 -34.75
CA VAL I 13 25.58 -25.13 -34.14
C VAL I 13 25.89 -24.81 -32.71
N MET I 14 25.21 -25.45 -31.70
CA MET I 14 25.47 -25.34 -30.33
C MET I 14 25.43 -26.68 -29.78
N ALA I 15 26.06 -26.89 -28.64
CA ALA I 15 26.06 -28.18 -27.96
C ALA I 15 26.07 -27.90 -26.51
N THR I 16 25.77 -28.96 -25.74
CA THR I 16 25.64 -28.85 -24.27
C THR I 16 25.70 -30.32 -23.85
N GLU I 17 25.88 -30.60 -22.52
CA GLU I 17 25.75 -31.87 -21.90
C GLU I 17 24.29 -32.09 -21.53
N LYS I 18 23.88 -33.28 -21.09
CA LYS I 18 22.59 -33.70 -20.62
C LYS I 18 22.60 -33.93 -19.10
N ARG I 19 23.82 -34.06 -18.53
CA ARG I 19 24.04 -34.51 -17.22
C ARG I 19 24.57 -33.41 -16.40
N ALA I 20 23.90 -33.06 -15.27
CA ALA I 20 24.39 -32.14 -14.24
C ALA I 20 23.81 -32.67 -13.04
N THR I 21 24.63 -32.77 -11.99
CA THR I 21 24.45 -33.44 -10.77
C THR I 21 24.44 -32.33 -9.70
N MET I 22 23.70 -32.56 -8.54
CA MET I 22 23.82 -31.71 -7.35
C MET I 22 24.09 -32.74 -6.32
N GLY I 23 25.34 -32.71 -5.78
CA GLY I 23 25.82 -33.85 -5.08
C GLY I 23 26.13 -34.98 -6.03
N ASN I 24 26.17 -36.20 -5.51
CA ASN I 24 26.47 -37.34 -6.21
C ASN I 24 25.09 -37.84 -6.80
N PHE I 25 23.93 -37.24 -6.29
CA PHE I 25 22.62 -37.57 -6.81
C PHE I 25 22.49 -36.85 -8.20
N ILE I 26 21.91 -37.59 -9.27
CA ILE I 26 21.80 -37.19 -10.62
C ILE I 26 20.41 -36.56 -10.71
N ALA I 27 20.40 -35.23 -10.92
CA ALA I 27 19.20 -34.45 -11.08
C ALA I 27 18.56 -34.67 -12.39
N SER I 28 19.35 -34.96 -13.52
CA SER I 28 18.93 -35.29 -14.86
C SER I 28 19.97 -36.05 -15.61
N LYS I 29 19.52 -36.68 -16.72
CA LYS I 29 20.32 -37.34 -17.65
C LYS I 29 19.53 -37.70 -18.91
N ALA I 30 18.25 -37.29 -18.77
CA ALA I 30 17.32 -37.34 -19.86
C ALA I 30 16.77 -35.93 -20.17
N ALA I 31 17.32 -34.85 -19.56
CA ALA I 31 16.85 -33.50 -19.87
C ALA I 31 17.59 -32.96 -20.95
N LYS I 32 16.88 -32.22 -21.81
CA LYS I 32 17.44 -31.46 -22.88
C LYS I 32 17.77 -30.19 -22.22
N LYS I 33 18.91 -29.62 -22.60
CA LYS I 33 19.40 -28.43 -22.05
C LYS I 33 19.63 -27.42 -23.11
N ILE I 34 19.10 -27.70 -24.29
CA ILE I 34 19.00 -26.92 -25.47
C ILE I 34 17.52 -27.01 -25.62
N TYR I 35 16.99 -25.83 -25.81
CA TYR I 35 15.62 -25.55 -26.05
C TYR I 35 15.60 -24.67 -27.24
N GLN I 36 14.45 -24.62 -27.88
CA GLN I 36 14.14 -23.99 -29.09
C GLN I 36 13.14 -22.96 -28.65
N ILE I 37 13.41 -21.70 -28.89
CA ILE I 37 12.75 -20.54 -28.38
C ILE I 37 11.69 -19.95 -29.34
N ALA I 38 12.08 -19.95 -30.61
CA ALA I 38 11.29 -19.34 -31.66
C ALA I 38 11.67 -20.35 -32.78
N ASP I 39 11.23 -20.07 -34.04
CA ASP I 39 11.20 -21.08 -35.12
C ASP I 39 12.57 -21.75 -35.32
N ARG I 40 13.68 -20.99 -35.38
CA ARG I 40 15.03 -21.37 -35.75
C ARG I 40 15.91 -20.64 -34.85
N MET I 41 15.67 -20.67 -33.52
CA MET I 41 16.38 -19.94 -32.57
C MET I 41 16.38 -20.81 -31.35
N ALA I 42 17.48 -21.06 -30.65
CA ALA I 42 17.69 -21.94 -29.57
C ALA I 42 18.22 -21.11 -28.47
N MET I 43 18.31 -21.76 -27.26
CA MET I 43 18.84 -21.30 -26.02
C MET I 43 19.59 -22.53 -25.54
N THR I 44 20.79 -22.42 -25.06
CA THR I 44 21.64 -23.43 -24.41
C THR I 44 22.07 -22.89 -23.00
N THR I 45 22.20 -23.73 -22.00
CA THR I 45 22.30 -23.25 -20.67
C THR I 45 23.42 -23.99 -19.97
N ALA I 46 24.33 -23.38 -19.28
CA ALA I 46 25.33 -23.77 -18.38
C ALA I 46 24.81 -23.17 -17.10
N GLY I 47 24.87 -24.00 -16.05
CA GLY I 47 24.48 -23.71 -14.68
C GLY I 47 23.61 -24.85 -14.26
N SER I 48 22.68 -24.59 -13.27
CA SER I 48 21.70 -25.58 -12.93
C SER I 48 20.70 -25.69 -14.03
N VAL I 49 20.20 -26.93 -14.11
CA VAL I 49 19.22 -27.42 -14.97
C VAL I 49 17.78 -26.81 -14.89
N GLY I 50 17.26 -26.85 -13.65
CA GLY I 50 15.91 -26.42 -13.22
C GLY I 50 15.46 -25.03 -13.61
N ASP I 51 16.46 -24.10 -13.35
CA ASP I 51 16.17 -22.72 -13.56
C ASP I 51 16.21 -22.50 -15.09
N ALA I 52 17.12 -23.22 -15.82
CA ALA I 52 17.29 -23.17 -17.24
C ALA I 52 16.07 -23.47 -18.06
N GLN I 53 15.39 -24.57 -17.74
CA GLN I 53 14.10 -24.99 -18.38
C GLN I 53 12.88 -24.09 -17.99
N PHE I 54 12.70 -23.72 -16.70
CA PHE I 54 11.65 -22.83 -16.37
C PHE I 54 11.82 -21.50 -17.08
N LEU I 55 13.08 -20.96 -17.09
CA LEU I 55 13.37 -19.73 -17.75
C LEU I 55 13.14 -19.75 -19.27
N ALA I 56 13.58 -20.88 -19.96
CA ALA I 56 13.40 -21.04 -21.36
C ALA I 56 11.94 -21.00 -21.76
N ARG I 57 11.03 -21.56 -20.89
CA ARG I 57 9.62 -21.44 -21.12
C ARG I 57 9.08 -20.02 -21.17
N ILE I 58 9.54 -19.15 -20.22
CA ILE I 58 9.12 -17.74 -20.23
C ILE I 58 9.60 -16.98 -21.38
N ILE I 59 10.91 -17.14 -21.76
CA ILE I 59 11.47 -16.55 -22.91
C ILE I 59 10.84 -17.11 -24.22
N LYS I 60 10.45 -18.32 -24.36
CA LYS I 60 9.73 -18.88 -25.43
C LYS I 60 8.32 -18.20 -25.59
N ILE I 61 7.62 -18.09 -24.41
CA ILE I 61 6.23 -17.49 -24.34
C ILE I 61 6.29 -16.01 -24.83
N GLU I 62 7.30 -15.28 -24.34
CA GLU I 62 7.61 -13.93 -24.72
C GLU I 62 8.03 -13.84 -26.18
N ALA I 63 8.80 -14.84 -26.74
CA ALA I 63 9.17 -14.89 -28.18
C ALA I 63 8.04 -15.10 -29.07
N ASN I 64 7.15 -16.04 -28.70
CA ASN I 64 5.90 -16.28 -29.41
C ASN I 64 5.12 -15.03 -29.30
N LEU I 65 5.10 -14.28 -28.14
CA LEU I 65 4.39 -13.11 -27.91
C LEU I 65 4.87 -11.97 -28.86
N TYR I 66 6.17 -11.78 -29.08
CA TYR I 66 6.77 -10.84 -30.02
C TYR I 66 6.32 -11.15 -31.45
N GLU I 67 6.34 -12.44 -31.88
CA GLU I 67 5.90 -12.79 -33.22
C GLU I 67 4.49 -12.48 -33.56
N ILE I 68 3.53 -12.99 -32.72
CA ILE I 68 2.14 -12.79 -32.87
C ILE I 68 1.78 -11.31 -32.84
N ARG I 69 2.37 -10.55 -31.87
CA ARG I 69 2.08 -9.15 -31.63
C ARG I 69 2.57 -8.11 -32.62
N ARG I 70 3.82 -8.15 -33.06
CA ARG I 70 4.44 -7.16 -33.82
C ARG I 70 4.33 -7.43 -35.34
N GLU I 71 3.93 -8.72 -35.68
CA GLU I 71 3.76 -9.16 -37.07
C GLU I 71 5.17 -9.28 -37.67
N ARG I 72 6.09 -10.08 -37.02
CA ARG I 72 7.48 -10.13 -37.32
C ARG I 72 8.09 -10.88 -36.17
N LYS I 73 8.78 -11.98 -36.62
CA LYS I 73 9.50 -12.88 -35.75
C LYS I 73 10.63 -12.16 -35.02
N PRO I 74 10.98 -12.40 -33.78
CA PRO I 74 12.03 -11.61 -33.08
C PRO I 74 13.38 -12.01 -33.43
N THR I 75 14.34 -11.02 -33.43
CA THR I 75 15.69 -11.31 -33.75
C THR I 75 16.29 -12.10 -32.56
N VAL I 76 17.49 -12.66 -32.87
CA VAL I 76 18.28 -13.35 -31.93
C VAL I 76 18.68 -12.35 -30.89
N ARG I 77 19.09 -11.18 -31.39
CA ARG I 77 19.41 -10.07 -30.62
C ARG I 77 18.35 -9.61 -29.65
N ALA I 78 17.07 -9.55 -30.06
CA ALA I 78 15.93 -9.15 -29.37
C ALA I 78 15.60 -9.97 -28.19
N ILE I 79 15.79 -11.27 -28.38
CA ILE I 79 15.47 -12.21 -27.33
C ILE I 79 16.64 -12.38 -26.40
N ALA I 80 17.90 -12.18 -26.95
CA ALA I 80 19.00 -12.22 -25.96
C ALA I 80 18.98 -11.04 -24.95
N THR I 81 18.67 -9.85 -25.47
CA THR I 81 18.68 -8.67 -24.72
C THR I 81 17.50 -8.66 -23.79
N LEU I 82 16.31 -9.30 -24.19
CA LEU I 82 15.17 -9.42 -23.36
C LEU I 82 15.43 -10.37 -22.25
N THR I 83 16.25 -11.53 -22.45
CA THR I 83 16.64 -12.44 -21.36
C THR I 83 17.55 -11.74 -20.35
N SER I 84 18.49 -10.91 -20.85
CA SER I 84 19.44 -10.22 -20.06
C SER I 84 18.73 -9.27 -19.09
N ASN I 85 17.74 -8.53 -19.52
CA ASN I 85 16.93 -7.53 -18.80
C ASN I 85 16.12 -8.27 -17.71
N LEU I 86 15.56 -9.43 -18.05
CA LEU I 86 14.84 -10.28 -17.12
C LEU I 86 15.61 -10.84 -15.96
N LEU I 87 16.90 -11.27 -16.25
CA LEU I 87 17.83 -11.84 -15.32
C LEU I 87 18.25 -10.89 -14.21
N ASN I 88 18.46 -9.64 -14.59
CA ASN I 88 18.80 -8.47 -13.86
C ASN I 88 17.73 -8.02 -12.93
N SER I 89 16.44 -8.01 -13.41
CA SER I 89 15.23 -7.65 -12.61
C SER I 89 15.10 -8.79 -11.52
N TYR I 90 15.50 -10.03 -11.95
CA TYR I 90 15.29 -11.28 -11.27
C TYR I 90 16.46 -11.65 -10.45
N ARG I 91 17.21 -10.75 -9.89
CA ARG I 91 18.38 -11.05 -9.03
C ARG I 91 18.20 -11.11 -7.48
N TYR I 92 16.98 -11.51 -7.16
CA TYR I 92 16.46 -11.73 -5.88
C TYR I 92 15.93 -13.14 -5.82
N PHE I 93 16.01 -13.84 -6.95
CA PHE I 93 15.17 -15.01 -7.13
C PHE I 93 16.08 -15.85 -8.04
N PRO I 94 15.99 -17.24 -8.01
CA PRO I 94 17.06 -18.07 -8.49
C PRO I 94 16.87 -18.24 -10.00
N TYR I 95 17.82 -17.67 -10.81
CA TYR I 95 17.84 -17.61 -12.22
C TYR I 95 19.27 -17.25 -12.53
N LEU I 96 20.20 -17.78 -11.67
CA LEU I 96 21.62 -17.49 -11.81
C LEU I 96 22.12 -18.58 -12.67
N VAL I 97 22.08 -18.33 -14.03
CA VAL I 97 22.33 -19.26 -15.07
C VAL I 97 22.93 -18.40 -16.09
N GLN I 98 23.82 -18.93 -16.87
CA GLN I 98 24.72 -18.32 -17.81
C GLN I 98 24.25 -18.98 -19.07
N LEU I 99 23.75 -18.19 -20.01
CA LEU I 99 23.02 -18.82 -21.13
C LEU I 99 23.53 -18.34 -22.35
N LEU I 100 23.37 -19.17 -23.42
CA LEU I 100 23.80 -18.80 -24.70
C LEU I 100 22.55 -18.87 -25.51
N ILE I 101 22.03 -17.78 -26.01
CA ILE I 101 20.91 -17.76 -26.82
C ILE I 101 21.48 -17.38 -28.13
N GLY I 102 21.14 -18.13 -29.17
CA GLY I 102 21.56 -18.01 -30.46
C GLY I 102 20.67 -18.59 -31.43
N GLY I 103 20.88 -18.33 -32.70
CA GLY I 103 19.92 -18.74 -33.74
C GLY I 103 20.22 -18.03 -35.03
N ILE I 104 19.22 -17.91 -35.93
CA ILE I 104 19.28 -17.16 -37.16
C ILE I 104 18.13 -16.22 -37.20
N ASP I 105 18.41 -15.05 -37.80
CA ASP I 105 17.41 -14.05 -37.90
C ASP I 105 17.75 -13.33 -39.13
N SER I 106 17.01 -12.25 -39.43
CA SER I 106 17.16 -11.46 -40.67
C SER I 106 18.49 -10.89 -40.85
N GLU I 107 19.29 -10.73 -39.75
CA GLU I 107 20.63 -10.12 -39.79
C GLU I 107 21.76 -11.18 -40.09
N GLY I 108 21.54 -12.48 -40.07
CA GLY I 108 22.34 -13.53 -40.47
C GLY I 108 22.29 -14.40 -39.22
N LYS I 109 23.51 -14.79 -38.77
CA LYS I 109 23.76 -15.75 -37.82
C LYS I 109 24.37 -14.97 -36.65
N SER I 110 23.94 -15.46 -35.41
CA SER I 110 24.52 -14.98 -34.21
C SER I 110 24.25 -15.89 -33.04
N ILE I 111 25.06 -15.75 -32.01
CA ILE I 111 24.88 -16.40 -30.74
C ILE I 111 25.31 -15.31 -29.81
N TYR I 112 24.51 -15.06 -28.69
CA TYR I 112 24.84 -14.13 -27.66
C TYR I 112 25.07 -14.87 -26.43
N SER I 113 26.09 -14.51 -25.69
CA SER I 113 26.29 -15.07 -24.36
C SER I 113 25.86 -13.98 -23.48
N ILE I 114 25.20 -14.37 -22.42
CA ILE I 114 24.30 -13.62 -21.62
C ILE I 114 24.89 -13.78 -20.30
N ASP I 115 25.28 -12.66 -19.63
CA ASP I 115 25.99 -12.72 -18.37
C ASP I 115 24.99 -13.07 -17.32
N PRO I 116 25.22 -13.67 -16.12
CA PRO I 116 24.17 -14.30 -15.27
C PRO I 116 23.63 -13.25 -14.40
N ILE I 117 24.05 -11.95 -14.58
CA ILE I 117 23.47 -10.89 -13.81
C ILE I 117 22.80 -10.04 -14.86
N GLY I 118 22.60 -10.54 -16.09
CA GLY I 118 22.16 -9.89 -17.28
C GLY I 118 23.26 -9.01 -17.97
N GLY I 119 23.41 -9.15 -19.30
CA GLY I 119 24.29 -8.24 -19.99
C GLY I 119 24.85 -9.08 -21.11
N ALA I 120 24.35 -8.84 -22.31
CA ALA I 120 24.64 -9.53 -23.48
C ALA I 120 25.98 -9.12 -24.12
N ILE I 121 26.63 -9.94 -24.97
CA ILE I 121 27.90 -9.60 -25.61
C ILE I 121 27.62 -10.41 -26.87
N GLU I 122 27.75 -9.69 -27.97
CA GLU I 122 27.50 -10.13 -29.28
C GLU I 122 28.69 -10.87 -29.73
N GLU I 123 28.42 -12.01 -30.41
CA GLU I 123 29.46 -12.86 -30.91
C GLU I 123 28.94 -13.23 -32.25
N LYS I 124 29.87 -13.06 -33.22
CA LYS I 124 29.78 -13.56 -34.54
C LYS I 124 30.80 -14.74 -34.59
N ASP I 125 31.39 -14.96 -33.37
CA ASP I 125 32.58 -15.71 -32.89
C ASP I 125 32.02 -16.89 -32.11
N ILE I 126 32.81 -17.52 -31.19
CA ILE I 126 32.51 -18.75 -30.59
C ILE I 126 32.50 -18.53 -29.02
N VAL I 127 31.73 -19.35 -28.11
CA VAL I 127 31.67 -19.15 -26.68
C VAL I 127 31.45 -20.44 -25.89
N ALA I 128 31.92 -20.48 -24.60
CA ALA I 128 31.69 -21.54 -23.62
C ALA I 128 31.78 -20.75 -22.38
N THR I 129 30.62 -20.76 -21.56
CA THR I 129 30.47 -21.25 -20.21
C THR I 129 30.55 -22.72 -19.88
N GLY I 130 31.09 -22.86 -18.57
CA GLY I 130 30.80 -24.02 -17.73
C GLY I 130 32.00 -24.41 -16.97
N SER I 131 32.08 -25.64 -16.52
CA SER I 131 33.24 -26.18 -15.84
C SER I 131 33.82 -27.30 -16.64
N GLY I 132 33.44 -27.45 -17.94
CA GLY I 132 34.00 -28.37 -18.94
C GLY I 132 34.69 -27.57 -20.08
N SER I 133 34.35 -26.31 -20.04
CA SER I 133 34.56 -25.27 -20.99
C SER I 133 36.05 -25.05 -21.27
N LEU I 134 36.86 -25.11 -20.15
CA LEU I 134 38.28 -24.74 -20.15
C LEU I 134 39.07 -25.45 -21.27
N THR I 135 38.83 -26.78 -21.43
CA THR I 135 39.40 -27.64 -22.40
C THR I 135 38.72 -27.45 -23.69
N ALA I 136 37.34 -27.40 -23.73
CA ALA I 136 36.52 -27.53 -24.95
C ALA I 136 36.75 -26.45 -25.88
N TYR I 137 36.77 -25.20 -25.40
CA TYR I 137 36.96 -24.06 -26.16
C TYR I 137 38.31 -24.07 -26.84
N GLY I 138 39.30 -24.64 -26.21
CA GLY I 138 40.62 -24.84 -26.80
C GLY I 138 40.59 -25.66 -28.07
N VAL I 139 39.98 -26.90 -28.00
CA VAL I 139 39.82 -27.83 -29.10
C VAL I 139 38.94 -27.35 -30.24
N LEU I 140 37.93 -26.50 -29.81
CA LEU I 140 36.94 -25.84 -30.63
C LEU I 140 37.59 -24.87 -31.60
N GLU I 141 38.57 -24.08 -31.10
CA GLU I 141 39.33 -23.09 -31.74
C GLU I 141 40.35 -23.64 -32.62
N ASP I 142 40.71 -24.91 -32.41
CA ASP I 142 41.75 -25.46 -33.24
C ASP I 142 41.30 -25.85 -34.58
N ARG I 143 40.11 -26.46 -34.83
CA ARG I 143 39.70 -26.92 -36.07
C ARG I 143 38.70 -26.10 -36.65
N PHE I 144 38.29 -24.99 -35.91
CA PHE I 144 37.33 -24.01 -36.44
C PHE I 144 38.17 -23.12 -37.30
N THR I 145 37.53 -22.81 -38.53
CA THR I 145 37.96 -21.87 -39.60
C THR I 145 36.70 -21.20 -39.99
N PRO I 146 36.73 -19.90 -40.46
CA PRO I 146 35.45 -19.18 -40.74
C PRO I 146 34.75 -19.74 -41.95
N GLU I 147 35.43 -20.60 -42.74
CA GLU I 147 34.79 -21.29 -43.90
C GLU I 147 34.46 -22.65 -43.43
N ILE I 148 33.21 -22.83 -42.89
CA ILE I 148 32.99 -24.08 -42.23
C ILE I 148 31.54 -24.52 -42.43
N GLY I 149 31.27 -25.84 -42.65
CA GLY I 149 29.94 -26.39 -42.80
C GLY I 149 29.53 -26.69 -41.43
N VAL I 150 28.19 -26.86 -41.34
CA VAL I 150 27.50 -27.27 -40.11
C VAL I 150 27.50 -28.80 -40.02
N ASP I 151 27.94 -29.48 -41.07
CA ASP I 151 28.14 -30.89 -41.17
C ASP I 151 29.27 -31.36 -40.31
N GLU I 152 30.34 -30.53 -40.40
CA GLU I 152 31.51 -30.74 -39.60
C GLU I 152 31.47 -29.99 -38.25
N ALA I 153 30.52 -29.05 -38.03
CA ALA I 153 30.42 -28.16 -36.88
C ALA I 153 29.89 -28.98 -35.74
N VAL I 154 28.99 -29.96 -36.03
CA VAL I 154 28.35 -30.90 -35.13
C VAL I 154 29.40 -31.85 -34.64
N GLU I 155 30.41 -32.24 -35.51
CA GLU I 155 31.45 -33.10 -35.19
C GLU I 155 32.34 -32.49 -34.16
N LEU I 156 32.68 -31.19 -34.44
CA LEU I 156 33.60 -30.38 -33.68
C LEU I 156 33.12 -30.10 -32.32
N ALA I 157 31.79 -29.80 -32.17
CA ALA I 157 31.17 -29.50 -30.91
C ALA I 157 31.12 -30.72 -30.02
N VAL I 158 30.87 -31.85 -30.53
CA VAL I 158 30.92 -33.21 -29.91
C VAL I 158 32.34 -33.47 -29.46
N ARG I 159 33.27 -33.11 -30.34
CA ARG I 159 34.67 -33.38 -30.07
C ARG I 159 35.15 -32.61 -28.80
N ALA I 160 34.71 -31.37 -28.70
CA ALA I 160 35.05 -30.36 -27.74
C ALA I 160 34.53 -30.71 -26.39
N ILE I 161 33.29 -31.20 -26.35
CA ILE I 161 32.68 -31.65 -25.08
C ILE I 161 33.17 -33.07 -24.67
N TYR I 162 33.77 -33.75 -25.66
CA TYR I 162 34.43 -34.97 -25.35
C TYR I 162 35.65 -34.71 -24.47
N SER I 163 36.33 -33.61 -24.79
CA SER I 163 37.49 -33.12 -24.05
C SER I 163 37.10 -32.71 -22.68
N ALA I 164 35.94 -31.99 -22.59
CA ALA I 164 35.35 -31.66 -21.33
C ALA I 164 35.02 -32.92 -20.56
N MET I 165 34.58 -34.06 -21.17
CA MET I 165 34.16 -35.30 -20.56
C MET I 165 35.29 -35.98 -19.84
N LYS I 166 36.58 -35.81 -20.29
CA LYS I 166 37.77 -36.40 -19.65
C LYS I 166 37.90 -35.95 -18.20
N ARG I 167 37.52 -34.74 -17.86
CA ARG I 167 37.67 -34.20 -16.50
C ARG I 167 36.96 -34.88 -15.41
N ASP I 168 35.67 -35.12 -15.67
CA ASP I 168 34.74 -35.76 -14.73
C ASP I 168 33.73 -36.29 -15.68
N SER I 169 32.79 -37.16 -15.27
CA SER I 169 31.76 -37.65 -16.14
C SER I 169 30.55 -36.74 -16.05
N ALA I 170 30.57 -35.76 -15.10
CA ALA I 170 29.55 -34.74 -15.00
C ALA I 170 29.22 -33.98 -16.20
N SER I 171 30.26 -33.82 -17.03
CA SER I 171 30.12 -33.20 -18.29
C SER I 171 30.32 -34.39 -19.22
N GLY I 172 29.58 -34.39 -20.36
CA GLY I 172 29.41 -35.50 -21.20
C GLY I 172 28.61 -36.67 -20.58
N ASP I 173 28.59 -37.85 -21.20
CA ASP I 173 27.79 -39.01 -20.82
C ASP I 173 26.36 -38.80 -21.10
N GLY I 174 26.07 -38.29 -22.31
CA GLY I 174 24.80 -37.70 -22.68
C GLY I 174 25.38 -36.40 -23.13
N ILE I 175 24.95 -36.05 -24.33
CA ILE I 175 25.30 -34.84 -24.93
C ILE I 175 24.16 -34.59 -25.91
N ASP I 176 23.72 -33.30 -25.89
CA ASP I 176 22.80 -32.81 -26.91
C ASP I 176 23.66 -31.91 -27.81
N VAL I 177 23.14 -31.74 -29.07
CA VAL I 177 23.70 -30.90 -30.15
C VAL I 177 22.51 -30.33 -30.91
N VAL I 178 22.58 -29.18 -31.57
CA VAL I 178 21.56 -28.66 -32.41
C VAL I 178 22.25 -28.13 -33.59
N LYS I 179 21.57 -28.30 -34.77
CA LYS I 179 22.00 -27.74 -35.94
C LYS I 179 20.81 -26.89 -36.28
N ILE I 180 21.11 -25.64 -36.74
CA ILE I 180 20.13 -24.73 -37.21
C ILE I 180 20.59 -24.19 -38.52
N THR I 181 19.69 -24.18 -39.53
CA THR I 181 20.17 -23.87 -40.95
C THR I 181 19.21 -22.94 -41.63
N GLU I 182 18.22 -22.39 -40.79
CA GLU I 182 17.18 -21.45 -41.25
C GLU I 182 16.10 -22.11 -42.05
N ASP I 183 16.06 -23.51 -42.13
CA ASP I 183 15.03 -24.27 -42.75
C ASP I 183 15.04 -25.67 -42.25
N GLU I 184 15.91 -25.92 -41.23
CA GLU I 184 15.98 -27.16 -40.50
C GLU I 184 16.29 -26.80 -39.10
N PHE I 185 15.57 -27.46 -38.12
CA PHE I 185 15.87 -27.23 -36.68
C PHE I 185 15.86 -28.63 -36.15
N TYR I 186 17.07 -29.21 -36.09
CA TYR I 186 17.28 -30.58 -35.80
C TYR I 186 17.97 -30.69 -34.50
N GLN I 187 17.36 -31.52 -33.62
CA GLN I 187 17.89 -31.76 -32.30
C GLN I 187 18.05 -33.25 -32.45
N TYR I 188 19.39 -33.70 -32.37
CA TYR I 188 19.76 -34.99 -32.72
C TYR I 188 19.21 -36.12 -31.83
N SER I 189 19.32 -35.87 -30.50
CA SER I 189 19.02 -36.77 -29.45
C SER I 189 20.07 -37.84 -29.32
N PRO I 190 20.26 -38.53 -28.23
CA PRO I 190 21.35 -39.39 -27.96
C PRO I 190 21.79 -40.31 -29.03
N GLU I 191 20.89 -41.07 -29.73
CA GLU I 191 21.23 -42.08 -30.63
C GLU I 191 22.19 -41.65 -31.78
N GLU I 192 21.83 -40.58 -32.53
CA GLU I 192 22.61 -40.05 -33.65
C GLU I 192 23.95 -39.55 -33.18
N VAL I 193 23.92 -38.81 -32.04
CA VAL I 193 25.19 -38.21 -31.49
C VAL I 193 26.09 -39.30 -31.12
N GLU I 194 25.54 -40.44 -30.55
CA GLU I 194 26.34 -41.64 -30.28
C GLU I 194 27.15 -42.20 -31.43
N GLN I 195 26.82 -41.98 -32.70
CA GLN I 195 27.48 -42.42 -33.87
C GLN I 195 28.53 -41.45 -34.34
N ILE I 196 28.47 -40.17 -33.94
CA ILE I 196 29.36 -39.10 -34.27
C ILE I 196 30.46 -39.13 -33.30
N LEU I 197 30.19 -39.77 -32.09
CA LEU I 197 31.15 -40.09 -31.13
C LEU I 197 31.64 -41.51 -31.20
N ALA I 198 31.14 -42.30 -32.24
CA ALA I 198 31.50 -43.63 -32.45
C ALA I 198 32.59 -43.56 -33.51
N LYS I 199 32.89 -42.37 -34.04
CA LYS I 199 33.93 -42.16 -34.98
C LYS I 199 35.09 -41.73 -34.19
N PHE I 200 34.87 -41.32 -32.88
CA PHE I 200 35.87 -40.84 -31.93
C PHE I 200 36.10 -41.77 -30.83
N ARG I 201 35.49 -43.00 -31.03
CA ARG I 201 35.52 -44.12 -30.17
C ARG I 201 34.54 -43.88 -29.06
N LYS I 202 34.76 -42.87 -28.17
CA LYS I 202 34.04 -42.64 -26.88
C LYS I 202 33.59 -41.15 -26.92
N THR J 1 14.31 -41.81 1.68
CA THR J 1 13.14 -41.95 0.75
C THR J 1 13.68 -41.91 -0.66
N THR J 2 13.29 -42.98 -1.48
CA THR J 2 13.53 -43.14 -2.95
C THR J 2 12.13 -43.15 -3.48
N THR J 3 11.97 -42.77 -4.73
CA THR J 3 10.71 -42.77 -5.40
C THR J 3 11.09 -43.28 -6.79
N VAL J 4 10.23 -44.17 -7.33
CA VAL J 4 10.48 -44.79 -8.63
C VAL J 4 9.21 -44.57 -9.31
N GLY J 5 9.25 -44.62 -10.64
CA GLY J 5 8.05 -44.57 -11.40
C GLY J 5 8.47 -45.00 -12.78
N LEU J 6 7.70 -45.93 -13.26
CA LEU J 6 8.07 -46.51 -14.51
C LEU J 6 6.82 -46.61 -15.37
N VAL J 7 7.04 -46.14 -16.63
CA VAL J 7 6.03 -46.03 -17.63
C VAL J 7 6.10 -47.42 -18.26
N CYS J 8 5.01 -48.17 -18.32
CA CYS J 8 4.95 -49.47 -18.90
C CYS J 8 4.58 -49.43 -20.33
N LYS J 9 3.61 -50.26 -20.75
CA LYS J 9 2.96 -50.09 -22.09
C LYS J 9 1.53 -50.10 -21.95
N ASP J 10 1.09 -50.49 -20.80
CA ASP J 10 -0.29 -50.53 -20.45
C ASP J 10 -0.67 -49.49 -19.42
N GLY J 11 0.35 -49.02 -18.57
CA GLY J 11 0.01 -48.07 -17.60
C GLY J 11 1.24 -47.40 -17.02
N VAL J 12 1.04 -46.84 -15.81
CA VAL J 12 2.04 -46.14 -15.11
C VAL J 12 1.94 -46.83 -13.76
N VAL J 13 3.10 -47.12 -13.23
CA VAL J 13 3.26 -47.81 -11.95
C VAL J 13 4.21 -46.90 -11.24
N MET J 14 4.16 -46.73 -9.89
CA MET J 14 5.12 -45.99 -9.21
C MET J 14 4.92 -46.32 -7.80
N ALA J 15 6.05 -46.38 -7.07
CA ALA J 15 6.19 -46.89 -5.75
C ALA J 15 7.05 -45.91 -4.94
N THR J 16 7.06 -45.98 -3.63
CA THR J 16 7.79 -45.07 -2.76
C THR J 16 7.87 -45.97 -1.53
N GLU J 17 8.72 -45.67 -0.55
CA GLU J 17 8.55 -46.37 0.79
C GLU J 17 7.97 -45.35 1.70
N LYS J 18 6.98 -45.78 2.54
CA LYS J 18 6.30 -45.04 3.62
C LYS J 18 7.20 -44.44 4.68
N ARG J 19 6.83 -43.28 5.27
CA ARG J 19 7.75 -42.60 6.14
C ARG J 19 6.93 -41.45 6.59
N ALA J 20 6.82 -41.20 7.87
CA ALA J 20 6.29 -40.01 8.42
C ALA J 20 7.29 -39.64 9.45
N THR J 21 7.89 -38.46 9.32
CA THR J 21 8.98 -38.03 10.19
C THR J 21 8.71 -36.59 10.50
N MET J 22 9.35 -36.30 11.68
CA MET J 22 9.60 -34.97 12.14
C MET J 22 10.91 -34.99 12.93
N GLY J 23 11.86 -34.14 12.63
CA GLY J 23 13.16 -34.10 13.21
C GLY J 23 13.96 -35.33 12.75
N ASN J 24 14.05 -36.34 13.65
CA ASN J 24 14.85 -37.51 13.43
C ASN J 24 14.24 -38.57 14.18
N PHE J 25 12.89 -38.87 14.01
CA PHE J 25 12.25 -39.97 14.62
C PHE J 25 11.13 -40.22 13.77
N ILE J 26 10.67 -41.46 13.82
CA ILE J 26 9.46 -41.96 13.22
C ILE J 26 8.35 -42.11 14.25
N ALA J 27 7.37 -41.25 14.14
CA ALA J 27 6.18 -41.08 14.96
C ALA J 27 5.25 -42.20 14.75
N SER J 28 4.95 -42.36 13.41
CA SER J 28 4.07 -43.37 12.84
C SER J 28 4.64 -43.81 11.44
N LYS J 29 4.61 -45.11 11.09
CA LYS J 29 5.19 -45.64 9.85
C LYS J 29 4.12 -45.68 8.76
N ALA J 30 2.82 -45.74 9.22
CA ALA J 30 1.57 -45.55 8.48
C ALA J 30 1.45 -44.11 8.06
N ALA J 31 1.63 -43.99 6.72
CA ALA J 31 1.71 -42.72 6.08
C ALA J 31 1.27 -42.87 4.61
N LYS J 32 1.07 -41.74 3.86
CA LYS J 32 0.66 -41.80 2.44
C LYS J 32 1.82 -41.04 1.85
N LYS J 33 2.46 -41.63 0.83
CA LYS J 33 3.51 -41.01 0.09
C LYS J 33 3.26 -41.19 -1.38
N ILE J 34 2.06 -41.69 -1.74
CA ILE J 34 1.56 -41.55 -3.13
C ILE J 34 0.18 -41.10 -2.91
N TYR J 35 -0.26 -39.93 -3.53
CA TYR J 35 -1.50 -39.21 -3.30
C TYR J 35 -2.24 -39.20 -4.54
N GLN J 36 -3.62 -39.38 -4.65
CA GLN J 36 -4.27 -39.48 -5.94
C GLN J 36 -4.68 -38.04 -6.24
N ILE J 37 -4.25 -37.51 -7.34
CA ILE J 37 -4.37 -36.12 -7.70
C ILE J 37 -5.51 -35.85 -8.56
N ALA J 38 -5.83 -36.90 -9.43
CA ALA J 38 -6.94 -36.84 -10.30
C ALA J 38 -7.38 -38.24 -10.34
N ASP J 39 -8.50 -38.46 -11.09
CA ASP J 39 -9.06 -39.84 -11.31
C ASP J 39 -8.09 -40.92 -11.61
N ARG J 40 -7.05 -40.61 -12.41
CA ARG J 40 -6.02 -41.50 -12.79
C ARG J 40 -4.75 -40.78 -12.86
N MET J 41 -4.33 -40.13 -11.75
CA MET J 41 -3.04 -39.39 -11.63
C MET J 41 -2.66 -39.71 -10.22
N ALA J 42 -1.31 -39.84 -10.08
CA ALA J 42 -0.66 -40.15 -8.88
C ALA J 42 0.49 -39.13 -8.74
N MET J 43 0.97 -38.95 -7.53
CA MET J 43 1.99 -38.01 -7.27
C MET J 43 2.73 -38.54 -6.17
N THR J 44 4.10 -38.65 -6.31
CA THR J 44 4.99 -39.09 -5.25
C THR J 44 5.83 -37.91 -4.88
N THR J 45 6.37 -37.96 -3.65
CA THR J 45 7.14 -36.88 -3.23
C THR J 45 8.33 -37.46 -2.52
N ALA J 46 9.51 -36.94 -2.90
CA ALA J 46 10.79 -37.25 -2.27
C ALA J 46 11.02 -35.85 -1.68
N GLY J 47 11.40 -35.84 -0.38
CA GLY J 47 11.52 -34.64 0.43
C GLY J 47 10.57 -34.82 1.60
N SER J 48 10.30 -33.69 2.31
CA SER J 48 9.43 -33.65 3.45
C SER J 48 8.10 -34.16 3.36
N VAL J 49 7.73 -34.99 4.38
CA VAL J 49 6.44 -35.69 4.46
C VAL J 49 5.27 -34.79 4.50
N GLY J 50 5.32 -33.85 5.42
CA GLY J 50 4.13 -33.00 5.66
C GLY J 50 3.81 -32.07 4.49
N ASP J 51 4.90 -31.43 4.00
CA ASP J 51 4.90 -30.46 2.94
C ASP J 51 4.41 -30.98 1.57
N ALA J 52 4.68 -32.31 1.30
CA ALA J 52 4.14 -33.11 0.25
C ALA J 52 2.69 -33.30 0.27
N GLN J 53 2.10 -33.65 1.46
CA GLN J 53 0.66 -33.86 1.60
C GLN J 53 -0.02 -32.61 1.43
N PHE J 54 0.55 -31.45 1.91
CA PHE J 54 -0.11 -30.17 1.82
C PHE J 54 -0.18 -29.85 0.38
N LEU J 55 0.90 -30.03 -0.39
CA LEU J 55 1.05 -29.71 -1.80
C LEU J 55 0.17 -30.58 -2.67
N ALA J 56 0.01 -31.87 -2.36
CA ALA J 56 -0.76 -32.89 -3.05
C ALA J 56 -2.14 -32.44 -2.96
N ARG J 57 -2.61 -31.78 -1.85
CA ARG J 57 -3.97 -31.25 -1.72
C ARG J 57 -4.23 -30.06 -2.56
N ILE J 58 -3.25 -29.14 -2.62
CA ILE J 58 -3.43 -27.92 -3.39
C ILE J 58 -3.47 -28.24 -4.87
N ILE J 59 -2.62 -29.14 -5.44
CA ILE J 59 -2.61 -29.58 -6.81
C ILE J 59 -3.87 -30.32 -7.19
N LYS J 60 -4.34 -31.25 -6.24
CA LYS J 60 -5.50 -32.10 -6.47
C LYS J 60 -6.67 -31.27 -6.78
N ILE J 61 -6.89 -30.19 -5.93
CA ILE J 61 -7.98 -29.26 -6.00
C ILE J 61 -7.95 -28.55 -7.30
N GLU J 62 -6.77 -28.19 -7.83
CA GLU J 62 -6.67 -27.53 -9.10
C GLU J 62 -6.92 -28.47 -10.30
N ALA J 63 -6.56 -29.79 -10.14
CA ALA J 63 -6.90 -30.79 -11.15
C ALA J 63 -8.42 -31.07 -11.24
N ASN J 64 -9.10 -31.04 -10.08
CA ASN J 64 -10.55 -31.07 -10.07
C ASN J 64 -11.22 -29.95 -10.63
N LEU J 65 -10.75 -28.73 -10.25
CA LEU J 65 -11.11 -27.40 -10.72
C LEU J 65 -11.08 -27.29 -12.27
N TYR J 66 -10.00 -27.87 -12.93
CA TYR J 66 -9.73 -27.96 -14.39
C TYR J 66 -10.79 -28.68 -15.11
N GLU J 67 -11.17 -29.77 -14.39
CA GLU J 67 -12.18 -30.65 -14.93
C GLU J 67 -13.53 -30.04 -14.99
N ILE J 68 -13.91 -29.38 -13.89
CA ILE J 68 -15.14 -28.77 -13.74
C ILE J 68 -15.29 -27.52 -14.56
N ARG J 69 -14.25 -26.63 -14.66
CA ARG J 69 -14.33 -25.41 -15.36
C ARG J 69 -14.38 -25.61 -16.88
N ARG J 70 -13.44 -26.46 -17.33
CA ARG J 70 -13.06 -26.53 -18.72
C ARG J 70 -13.66 -27.67 -19.38
N GLU J 71 -14.53 -28.50 -18.62
CA GLU J 71 -15.30 -29.64 -19.10
C GLU J 71 -14.45 -30.61 -19.90
N ARG J 72 -13.30 -31.07 -19.30
CA ARG J 72 -12.26 -31.87 -19.94
C ARG J 72 -11.40 -32.14 -18.85
N LYS J 73 -11.08 -33.41 -18.63
CA LYS J 73 -10.12 -33.85 -17.61
C LYS J 73 -8.79 -33.26 -18.03
N PRO J 74 -7.92 -32.81 -17.13
CA PRO J 74 -6.56 -32.31 -17.47
C PRO J 74 -5.64 -33.40 -17.84
N THR J 75 -4.58 -33.09 -18.57
CA THR J 75 -3.68 -34.06 -19.15
C THR J 75 -2.54 -34.21 -18.17
N VAL J 76 -1.74 -35.32 -18.31
CA VAL J 76 -0.75 -35.61 -17.31
C VAL J 76 0.26 -34.44 -17.20
N ARG J 77 0.54 -33.79 -18.43
CA ARG J 77 1.38 -32.65 -18.66
C ARG J 77 0.95 -31.39 -18.05
N ALA J 78 -0.37 -31.20 -18.09
CA ALA J 78 -0.93 -30.05 -17.54
C ALA J 78 -0.80 -29.89 -16.08
N ILE J 79 -1.03 -31.01 -15.29
CA ILE J 79 -0.95 -31.05 -13.87
C ILE J 79 0.49 -31.00 -13.36
N ALA J 80 1.41 -31.65 -14.14
CA ALA J 80 2.88 -31.58 -13.81
C ALA J 80 3.53 -30.19 -13.96
N THR J 81 3.16 -29.49 -15.07
CA THR J 81 3.55 -28.16 -15.43
C THR J 81 3.07 -27.18 -14.35
N LEU J 82 1.79 -27.37 -13.95
CA LEU J 82 1.08 -26.53 -13.01
C LEU J 82 1.92 -26.46 -11.72
N THR J 83 2.39 -27.64 -11.32
CA THR J 83 3.23 -27.79 -10.15
C THR J 83 4.59 -27.04 -10.21
N SER J 84 5.22 -27.10 -11.43
CA SER J 84 6.43 -26.42 -11.72
C SER J 84 6.19 -24.95 -11.46
N ASN J 85 5.08 -24.32 -11.91
CA ASN J 85 4.77 -22.90 -11.66
C ASN J 85 4.53 -22.63 -10.20
N LEU J 86 3.85 -23.60 -9.40
CA LEU J 86 3.47 -23.40 -8.08
C LEU J 86 4.67 -23.40 -7.18
N LEU J 87 5.78 -24.17 -7.43
CA LEU J 87 7.05 -24.27 -6.69
C LEU J 87 7.88 -22.94 -6.94
N ASN J 88 7.67 -22.22 -8.04
CA ASN J 88 8.23 -20.92 -8.24
C ASN J 88 7.46 -19.80 -7.55
N SER J 89 6.07 -19.84 -7.36
CA SER J 89 5.24 -18.86 -6.77
C SER J 89 5.35 -18.85 -5.28
N TYR J 90 5.90 -19.97 -4.68
CA TYR J 90 6.11 -20.29 -3.34
C TYR J 90 7.61 -20.51 -3.13
N ARG J 91 8.46 -19.50 -3.37
CA ARG J 91 9.94 -19.63 -3.08
C ARG J 91 10.38 -18.53 -2.14
N TYR J 92 9.39 -17.83 -1.55
CA TYR J 92 9.66 -16.69 -0.69
C TYR J 92 9.78 -17.26 0.70
N PHE J 93 9.51 -18.54 0.91
CA PHE J 93 9.48 -19.28 2.21
C PHE J 93 9.57 -20.75 1.78
N PRO J 94 9.95 -21.63 2.71
CA PRO J 94 10.26 -23.01 2.38
C PRO J 94 9.23 -23.91 1.62
N TYR J 95 9.56 -24.36 0.41
CA TYR J 95 8.91 -25.36 -0.32
C TYR J 95 10.03 -26.09 -0.89
N LEU J 96 10.43 -27.23 -0.29
CA LEU J 96 11.49 -27.99 -0.89
C LEU J 96 10.94 -29.40 -1.01
N VAL J 97 10.59 -29.83 -2.29
CA VAL J 97 9.99 -31.05 -2.57
C VAL J 97 10.21 -31.39 -4.02
N GLN J 98 10.64 -32.61 -4.39
CA GLN J 98 10.99 -33.07 -5.68
C GLN J 98 10.01 -34.19 -5.99
N LEU J 99 9.17 -34.06 -7.07
CA LEU J 99 8.03 -34.85 -7.12
C LEU J 99 8.09 -35.63 -8.40
N LEU J 100 7.43 -36.80 -8.31
CA LEU J 100 7.14 -37.59 -9.52
C LEU J 100 5.61 -37.58 -9.62
N ILE J 101 5.08 -36.95 -10.69
CA ILE J 101 3.63 -37.03 -11.01
C ILE J 101 3.53 -37.81 -12.23
N GLY J 102 2.58 -38.73 -12.31
CA GLY J 102 2.37 -39.33 -13.55
C GLY J 102 1.07 -40.05 -13.45
N GLY J 103 0.60 -40.48 -14.60
CA GLY J 103 -0.58 -41.31 -14.72
C GLY J 103 -0.98 -41.41 -16.09
N ILE J 104 -2.26 -41.58 -16.28
CA ILE J 104 -2.80 -41.99 -17.51
C ILE J 104 -3.95 -40.97 -17.81
N ASP J 105 -3.96 -40.39 -18.94
CA ASP J 105 -4.85 -39.39 -19.40
C ASP J 105 -5.27 -39.81 -20.89
N SER J 106 -6.28 -39.08 -21.45
CA SER J 106 -6.94 -39.50 -22.67
C SER J 106 -6.26 -38.96 -23.89
N GLU J 107 -4.94 -38.69 -23.83
CA GLU J 107 -4.04 -38.25 -24.78
C GLU J 107 -2.74 -38.96 -24.72
N GLY J 108 -2.56 -39.95 -23.82
CA GLY J 108 -1.33 -40.64 -23.78
C GLY J 108 -0.99 -40.97 -22.32
N LYS J 109 0.30 -41.41 -22.11
CA LYS J 109 0.80 -41.84 -20.87
C LYS J 109 2.20 -41.28 -20.63
N SER J 110 2.47 -40.84 -19.39
CA SER J 110 3.77 -40.20 -19.19
C SER J 110 3.89 -39.99 -17.67
N ILE J 111 5.13 -39.80 -17.17
CA ILE J 111 5.49 -39.39 -15.87
C ILE J 111 6.53 -38.25 -15.97
N TYR J 112 6.17 -37.09 -15.37
CA TYR J 112 6.91 -35.90 -15.22
C TYR J 112 7.66 -35.81 -13.93
N SER J 113 8.85 -35.23 -13.97
CA SER J 113 9.65 -35.07 -12.78
C SER J 113 9.58 -33.58 -12.56
N ILE J 114 9.44 -33.05 -11.33
CA ILE J 114 9.45 -31.62 -11.19
C ILE J 114 10.32 -31.25 -9.96
N ASP J 115 11.36 -30.41 -10.15
CA ASP J 115 12.33 -30.05 -9.11
C ASP J 115 11.72 -28.83 -8.40
N PRO J 116 12.12 -28.37 -7.21
CA PRO J 116 11.57 -27.16 -6.57
C PRO J 116 12.11 -25.94 -7.16
N ILE J 117 13.21 -26.06 -8.03
CA ILE J 117 13.86 -24.92 -8.72
C ILE J 117 13.23 -24.90 -10.08
N GLY J 118 12.14 -25.77 -10.22
CA GLY J 118 11.28 -25.79 -11.33
C GLY J 118 11.93 -26.54 -12.52
N GLY J 119 11.23 -26.38 -13.68
CA GLY J 119 11.40 -27.18 -14.78
C GLY J 119 10.69 -28.50 -14.59
N ALA J 120 9.96 -28.94 -15.63
CA ALA J 120 9.30 -30.22 -15.61
C ALA J 120 9.81 -30.93 -16.80
N ILE J 121 10.47 -32.11 -16.54
CA ILE J 121 11.09 -32.87 -17.61
C ILE J 121 10.19 -34.00 -17.65
N GLU J 122 10.51 -34.87 -18.59
CA GLU J 122 9.57 -35.89 -19.03
C GLU J 122 10.30 -37.04 -19.31
N GLU J 123 10.04 -38.08 -18.46
CA GLU J 123 10.52 -39.38 -18.71
C GLU J 123 9.41 -40.14 -19.37
N LYS J 124 9.57 -40.53 -20.68
CA LYS J 124 8.52 -41.34 -21.39
C LYS J 124 8.76 -42.81 -21.02
N ASP J 125 9.67 -43.01 -20.05
CA ASP J 125 10.03 -44.29 -19.53
C ASP J 125 10.45 -44.10 -18.03
N ILE J 126 11.58 -44.71 -17.68
CA ILE J 126 12.21 -44.83 -16.40
C ILE J 126 12.62 -43.48 -15.70
N VAL J 127 12.34 -43.33 -14.34
CA VAL J 127 12.67 -42.23 -13.44
C VAL J 127 13.08 -42.65 -11.97
N ALA J 128 13.86 -41.83 -11.19
CA ALA J 128 14.12 -42.13 -9.76
C ALA J 128 15.35 -41.25 -9.38
N THR J 129 15.45 -40.11 -8.67
CA THR J 129 14.64 -39.28 -7.77
C THR J 129 14.56 -39.88 -6.39
N GLY J 130 15.33 -39.22 -5.48
CA GLY J 130 15.56 -39.29 -4.07
C GLY J 130 17.07 -39.60 -3.78
N SER J 131 17.33 -40.34 -2.65
CA SER J 131 18.63 -40.59 -2.03
C SER J 131 18.98 -42.08 -2.10
N GLY J 132 17.97 -42.92 -2.31
CA GLY J 132 17.97 -44.35 -2.43
C GLY J 132 17.79 -44.55 -3.89
N SER J 133 17.86 -43.45 -4.68
CA SER J 133 17.65 -43.40 -6.07
C SER J 133 18.63 -44.27 -6.80
N LEU J 134 19.94 -44.22 -6.38
CA LEU J 134 21.11 -44.78 -7.00
C LEU J 134 21.07 -46.31 -7.12
N THR J 135 20.56 -46.91 -6.05
CA THR J 135 20.29 -48.38 -5.88
C THR J 135 19.11 -48.83 -6.70
N ALA J 136 17.99 -48.19 -6.52
CA ALA J 136 16.71 -48.43 -7.11
C ALA J 136 16.82 -48.33 -8.64
N TYR J 137 17.62 -47.44 -9.11
CA TYR J 137 17.76 -47.19 -10.59
C TYR J 137 18.39 -48.26 -11.30
N GLY J 138 19.46 -48.86 -10.73
CA GLY J 138 20.21 -50.01 -11.21
C GLY J 138 19.33 -51.23 -11.33
N VAL J 139 18.60 -51.55 -10.26
CA VAL J 139 17.61 -52.68 -10.18
C VAL J 139 16.58 -52.55 -11.24
N LEU J 140 16.06 -51.30 -11.43
CA LEU J 140 15.01 -50.95 -12.35
C LEU J 140 15.35 -51.29 -13.76
N GLU J 141 16.45 -50.72 -14.26
CA GLU J 141 16.83 -50.79 -15.69
C GLU J 141 17.20 -52.21 -15.99
N ASP J 142 17.68 -53.00 -15.04
CA ASP J 142 18.10 -54.34 -15.30
C ASP J 142 17.07 -55.34 -15.69
N ARG J 143 15.85 -55.32 -15.13
CA ARG J 143 14.86 -56.25 -15.50
C ARG J 143 13.96 -55.58 -16.50
N PHE J 144 14.01 -54.26 -16.61
CA PHE J 144 13.02 -53.47 -17.31
C PHE J 144 13.31 -53.74 -18.78
N THR J 145 12.21 -54.04 -19.52
CA THR J 145 12.21 -54.04 -20.99
C THR J 145 11.04 -53.15 -21.43
N PRO J 146 10.89 -52.49 -22.50
CA PRO J 146 9.78 -51.61 -22.66
C PRO J 146 8.47 -52.32 -22.82
N GLU J 147 8.48 -53.67 -22.93
CA GLU J 147 7.35 -54.44 -23.27
C GLU J 147 6.88 -55.09 -22.06
N ILE J 148 7.04 -54.36 -20.95
CA ILE J 148 6.73 -54.91 -19.67
C ILE J 148 5.29 -54.65 -19.42
N GLY J 149 4.50 -55.63 -19.04
CA GLY J 149 3.12 -55.41 -18.71
C GLY J 149 3.07 -54.73 -17.37
N VAL J 150 1.85 -54.25 -16.97
CA VAL J 150 1.60 -53.53 -15.79
C VAL J 150 1.72 -54.39 -14.57
N ASP J 151 1.37 -55.72 -14.58
CA ASP J 151 1.55 -56.55 -13.48
C ASP J 151 3.02 -56.86 -13.18
N GLU J 152 3.84 -57.04 -14.22
CA GLU J 152 5.24 -57.28 -14.13
C GLU J 152 5.97 -56.09 -13.61
N ALA J 153 5.48 -54.92 -13.99
CA ALA J 153 5.96 -53.59 -13.63
C ALA J 153 5.81 -53.28 -12.11
N VAL J 154 4.68 -53.78 -11.54
CA VAL J 154 4.42 -53.78 -10.13
C VAL J 154 5.40 -54.57 -9.38
N GLU J 155 5.73 -55.79 -9.86
CA GLU J 155 6.66 -56.64 -9.28
C GLU J 155 8.07 -55.93 -9.28
N LEU J 156 8.43 -55.31 -10.40
CA LEU J 156 9.62 -54.51 -10.60
C LEU J 156 9.71 -53.22 -9.73
N ALA J 157 8.62 -52.40 -9.59
CA ALA J 157 8.53 -51.16 -8.84
C ALA J 157 8.78 -51.43 -7.42
N VAL J 158 8.17 -52.53 -6.88
CA VAL J 158 8.27 -53.02 -5.54
C VAL J 158 9.72 -53.42 -5.32
N ARG J 159 10.32 -54.18 -6.23
CA ARG J 159 11.69 -54.68 -6.19
C ARG J 159 12.60 -53.51 -6.15
N ALA J 160 12.36 -52.42 -6.96
CA ALA J 160 13.28 -51.34 -6.99
C ALA J 160 13.39 -50.62 -5.67
N ILE J 161 12.19 -50.35 -5.05
CA ILE J 161 12.11 -49.80 -3.69
C ILE J 161 12.71 -50.71 -2.66
N TYR J 162 12.42 -52.07 -2.75
CA TYR J 162 12.77 -53.10 -1.73
C TYR J 162 14.29 -53.11 -1.46
N SER J 163 15.11 -53.10 -2.59
CA SER J 163 16.57 -53.07 -2.68
C SER J 163 17.11 -51.88 -2.00
N ALA J 164 16.58 -50.67 -2.39
CA ALA J 164 16.87 -49.38 -1.80
C ALA J 164 16.58 -49.32 -0.32
N MET J 165 15.45 -49.94 0.16
CA MET J 165 14.96 -49.94 1.50
C MET J 165 15.82 -50.75 2.44
N LYS J 166 16.76 -51.63 1.98
CA LYS J 166 17.69 -52.37 2.83
C LYS J 166 18.75 -51.42 3.28
N ARG J 167 18.94 -50.20 2.63
CA ARG J 167 19.96 -49.26 3.02
C ARG J 167 19.58 -48.72 4.32
N ASP J 168 18.27 -48.38 4.50
CA ASP J 168 17.75 -47.73 5.67
C ASP J 168 16.43 -48.35 5.97
N SER J 169 16.28 -49.08 7.16
CA SER J 169 14.96 -49.37 7.61
C SER J 169 14.59 -48.27 8.62
N ALA J 170 15.37 -47.17 8.65
CA ALA J 170 15.22 -46.06 9.62
C ALA J 170 14.37 -44.95 9.01
N SER J 171 13.86 -45.25 7.78
CA SER J 171 12.93 -44.37 7.12
C SER J 171 11.60 -45.06 7.35
N GLY J 172 11.54 -46.27 7.93
CA GLY J 172 10.24 -46.89 8.33
C GLY J 172 9.97 -48.02 7.38
N ASP J 173 9.11 -48.91 7.85
CA ASP J 173 8.80 -50.16 7.17
C ASP J 173 7.71 -49.90 6.14
N GLY J 174 7.38 -50.89 5.34
CA GLY J 174 6.35 -50.89 4.33
C GLY J 174 6.69 -50.04 3.13
N ILE J 175 5.98 -50.33 2.04
CA ILE J 175 6.13 -49.87 0.66
C ILE J 175 4.73 -49.59 0.11
N ASP J 176 4.55 -48.48 -0.54
CA ASP J 176 3.37 -47.94 -1.15
C ASP J 176 3.70 -48.11 -2.58
N VAL J 177 2.68 -48.56 -3.34
CA VAL J 177 2.77 -48.80 -4.73
C VAL J 177 1.43 -48.35 -5.17
N VAL J 178 1.40 -47.94 -6.49
CA VAL J 178 0.16 -47.58 -7.18
C VAL J 178 0.26 -48.13 -8.53
N LYS J 179 -0.78 -48.74 -9.03
CA LYS J 179 -0.81 -49.11 -10.42
C LYS J 179 -2.00 -48.48 -10.88
N ILE J 180 -1.80 -47.80 -12.03
CA ILE J 180 -2.79 -47.09 -12.80
C ILE J 180 -2.88 -47.78 -14.11
N THR J 181 -4.06 -48.27 -14.53
CA THR J 181 -4.25 -48.93 -15.80
C THR J 181 -5.36 -48.33 -16.68
N GLU J 182 -6.01 -47.21 -16.34
CA GLU J 182 -6.91 -46.49 -17.13
C GLU J 182 -8.31 -47.06 -16.88
N ASP J 183 -8.43 -47.88 -15.81
CA ASP J 183 -9.58 -48.64 -15.31
C ASP J 183 -9.45 -48.90 -13.85
N GLU J 184 -8.27 -48.51 -13.23
CA GLU J 184 -8.04 -48.69 -11.86
C GLU J 184 -7.15 -47.50 -11.54
N PHE J 185 -7.26 -46.98 -10.29
CA PHE J 185 -6.24 -46.46 -9.45
C PHE J 185 -6.31 -47.34 -8.22
N TYR J 186 -5.30 -48.28 -8.26
CA TYR J 186 -5.07 -49.28 -7.35
C TYR J 186 -3.94 -48.83 -6.55
N GLN J 187 -4.11 -48.80 -5.19
CA GLN J 187 -3.10 -48.31 -4.30
C GLN J 187 -2.96 -49.40 -3.25
N TYR J 188 -1.77 -50.07 -3.29
CA TYR J 188 -1.65 -51.34 -2.61
C TYR J 188 -1.46 -51.14 -1.15
N SER J 189 -2.22 -51.91 -0.30
CA SER J 189 -2.26 -51.79 1.14
C SER J 189 -1.13 -52.65 1.68
N PRO J 190 -0.44 -52.39 2.77
CA PRO J 190 0.71 -53.07 3.24
C PRO J 190 0.74 -54.60 3.09
N GLU J 191 -0.31 -55.35 3.51
CA GLU J 191 -0.56 -56.78 3.52
C GLU J 191 -0.41 -57.34 2.24
N GLU J 192 -0.96 -56.62 1.22
CA GLU J 192 -0.91 -56.94 -0.16
C GLU J 192 0.44 -56.93 -0.73
N VAL J 193 1.23 -55.94 -0.33
CA VAL J 193 2.56 -55.66 -0.90
C VAL J 193 3.41 -56.74 -0.30
N GLU J 194 3.21 -57.16 0.97
CA GLU J 194 3.99 -58.14 1.65
C GLU J 194 3.95 -59.50 0.90
N GLN J 195 2.83 -59.79 0.22
CA GLN J 195 2.70 -61.01 -0.52
C GLN J 195 3.38 -61.01 -1.87
N ILE J 196 3.62 -59.84 -2.42
CA ILE J 196 4.46 -59.75 -3.56
C ILE J 196 5.97 -59.81 -3.09
N LEU J 197 6.22 -59.30 -1.85
CA LEU J 197 7.54 -59.21 -1.28
C LEU J 197 7.87 -60.58 -0.68
N ALA J 198 6.92 -61.56 -0.64
CA ALA J 198 7.36 -62.91 -0.22
C ALA J 198 7.92 -63.67 -1.40
N LYS J 199 7.59 -63.30 -2.66
CA LYS J 199 8.06 -64.05 -3.80
C LYS J 199 9.49 -63.99 -3.94
N PHE J 200 10.09 -62.80 -3.61
CA PHE J 200 11.55 -62.60 -3.69
C PHE J 200 12.31 -63.31 -2.64
N ARG J 201 11.72 -63.24 -1.43
CA ARG J 201 12.36 -63.83 -0.30
C ARG J 201 11.39 -63.60 0.79
N LYS J 202 11.23 -64.71 1.56
CA LYS J 202 10.35 -64.94 2.70
C LYS J 202 10.90 -63.97 3.78
N THR K 1 8.68 -34.60 26.07
CA THR K 1 7.23 -34.64 25.80
C THR K 1 6.97 -35.86 25.03
N THR K 2 5.75 -36.54 25.31
CA THR K 2 5.29 -37.79 24.72
C THR K 2 3.82 -37.66 24.74
N THR K 3 3.16 -38.10 23.69
CA THR K 3 1.73 -38.27 23.51
C THR K 3 1.45 -39.67 23.06
N VAL K 4 0.20 -40.12 23.21
CA VAL K 4 -0.34 -41.30 22.59
C VAL K 4 -1.69 -40.89 22.17
N GLY K 5 -2.36 -41.73 21.42
CA GLY K 5 -3.71 -41.57 21.04
C GLY K 5 -3.99 -42.96 20.53
N LEU K 6 -5.18 -43.43 21.05
CA LEU K 6 -5.66 -44.74 20.84
C LEU K 6 -7.02 -44.64 20.25
N VAL K 7 -7.28 -45.48 19.25
CA VAL K 7 -8.55 -45.52 18.54
C VAL K 7 -9.04 -46.86 18.99
N CYS K 8 -10.32 -46.90 19.29
CA CYS K 8 -11.00 -47.92 20.02
C CYS K 8 -12.30 -48.35 19.38
N LYS K 9 -13.00 -49.35 19.92
CA LYS K 9 -14.26 -49.79 19.43
C LYS K 9 -15.36 -49.07 20.11
N ASP K 10 -15.06 -48.48 21.28
CA ASP K 10 -16.05 -47.73 22.00
C ASP K 10 -15.73 -46.28 22.22
N GLY K 11 -14.55 -45.80 21.68
CA GLY K 11 -14.18 -44.42 21.89
C GLY K 11 -12.90 -43.95 21.32
N VAL K 12 -12.28 -42.96 21.97
CA VAL K 12 -10.98 -42.47 21.67
C VAL K 12 -10.46 -42.18 22.98
N VAL K 13 -9.18 -42.56 23.24
CA VAL K 13 -8.49 -42.30 24.49
C VAL K 13 -7.20 -41.78 24.11
N MET K 14 -6.64 -40.75 24.83
CA MET K 14 -5.45 -40.11 24.48
C MET K 14 -4.78 -39.81 25.84
N ALA K 15 -3.49 -39.59 25.80
CA ALA K 15 -2.76 -39.32 27.11
C ALA K 15 -1.47 -38.57 26.66
N THR K 16 -0.96 -37.77 27.58
CA THR K 16 0.28 -36.96 27.41
C THR K 16 0.84 -36.69 28.77
N GLU K 17 2.13 -36.51 29.02
CA GLU K 17 2.66 -35.97 30.25
C GLU K 17 2.29 -34.43 30.39
N LYS K 18 2.31 -34.01 31.64
CA LYS K 18 1.77 -32.71 31.96
C LYS K 18 2.89 -31.77 32.27
N ARG K 19 4.15 -32.27 31.94
CA ARG K 19 5.25 -31.39 32.06
C ARG K 19 5.14 -30.24 31.17
N ALA K 20 5.05 -29.04 31.67
CA ALA K 20 4.91 -27.89 30.92
C ALA K 20 5.88 -26.93 31.58
N THR K 21 6.90 -26.59 30.80
CA THR K 21 8.09 -25.87 31.13
C THR K 21 8.10 -24.62 30.24
N MET K 22 8.58 -23.51 30.88
CA MET K 22 8.59 -22.18 30.39
C MET K 22 9.96 -21.73 30.82
N GLY K 23 10.78 -21.40 29.78
CA GLY K 23 12.15 -21.16 29.68
C GLY K 23 12.84 -22.49 29.42
N ASN K 24 12.87 -23.29 30.55
CA ASN K 24 13.27 -24.64 30.63
C ASN K 24 12.82 -25.03 32.04
N PHE K 25 12.35 -24.09 32.88
CA PHE K 25 11.92 -24.34 34.29
C PHE K 25 10.41 -24.71 34.48
N ILE K 26 10.19 -25.70 35.36
CA ILE K 26 8.87 -26.05 35.70
C ILE K 26 8.40 -25.01 36.77
N ALA K 27 7.53 -24.04 36.37
CA ALA K 27 6.99 -23.06 37.29
C ALA K 27 6.06 -23.65 38.33
N SER K 28 5.27 -24.57 37.74
CA SER K 28 4.25 -25.30 38.47
C SER K 28 3.70 -26.39 37.60
N LYS K 29 3.11 -27.34 38.19
CA LYS K 29 2.54 -28.57 37.65
C LYS K 29 1.02 -28.30 37.55
N ALA K 30 0.59 -26.99 37.73
CA ALA K 30 -0.75 -26.54 37.69
C ALA K 30 -1.15 -26.27 36.25
N ALA K 31 -0.82 -27.23 35.36
CA ALA K 31 -1.04 -27.16 33.96
C ALA K 31 -1.82 -28.38 33.58
N LYS K 32 -2.40 -28.18 32.35
CA LYS K 32 -2.96 -29.23 31.47
C LYS K 32 -2.12 -29.32 30.29
N LYS K 33 -2.28 -30.40 29.48
CA LYS K 33 -1.72 -30.50 28.16
C LYS K 33 -2.61 -31.24 27.27
N ILE K 34 -3.91 -31.31 27.64
CA ILE K 34 -5.01 -31.80 26.88
C ILE K 34 -6.00 -30.70 26.85
N TYR K 35 -6.43 -30.31 25.64
CA TYR K 35 -7.18 -29.09 25.44
C TYR K 35 -8.41 -29.62 24.75
N GLN K 36 -9.59 -29.06 25.02
CA GLN K 36 -10.91 -29.46 24.47
C GLN K 36 -11.32 -28.58 23.37
N ILE K 37 -11.35 -29.16 22.19
CA ILE K 37 -11.58 -28.49 20.92
C ILE K 37 -13.03 -28.34 20.60
N ALA K 38 -13.84 -29.40 20.84
CA ALA K 38 -15.28 -29.41 20.57
C ALA K 38 -15.78 -30.21 21.71
N ASP K 39 -17.09 -30.50 21.58
CA ASP K 39 -17.85 -31.25 22.59
C ASP K 39 -17.18 -32.53 22.87
N ARG K 40 -16.71 -33.31 21.83
CA ARG K 40 -16.18 -34.66 22.11
C ARG K 40 -14.94 -34.76 21.35
N MET K 41 -14.02 -33.77 21.38
CA MET K 41 -12.89 -33.76 20.60
C MET K 41 -11.81 -33.11 21.46
N ALA K 42 -10.58 -33.64 21.37
CA ALA K 42 -9.43 -33.25 22.16
C ALA K 42 -8.32 -32.98 21.22
N MET K 43 -7.28 -32.36 21.76
CA MET K 43 -6.04 -32.04 21.08
C MET K 43 -5.01 -32.27 22.16
N THR K 44 -3.99 -33.09 21.77
CA THR K 44 -2.84 -33.46 22.55
C THR K 44 -1.59 -33.06 21.81
N THR K 45 -0.62 -32.39 22.45
CA THR K 45 0.51 -31.86 21.73
C THR K 45 1.77 -32.52 22.16
N ALA K 46 2.57 -32.76 21.14
CA ALA K 46 3.87 -33.18 21.34
C ALA K 46 4.61 -31.99 20.69
N GLY K 47 5.73 -31.57 21.25
CA GLY K 47 6.66 -30.52 20.80
C GLY K 47 6.82 -29.51 21.93
N SER K 48 7.11 -28.29 21.60
CA SER K 48 7.34 -27.16 22.47
C SER K 48 5.99 -26.88 23.12
N VAL K 49 5.97 -26.54 24.40
CA VAL K 49 4.83 -26.34 25.24
C VAL K 49 4.18 -25.02 24.95
N GLY K 50 4.97 -23.96 24.74
CA GLY K 50 4.50 -22.62 24.42
C GLY K 50 3.56 -22.53 23.27
N ASP K 51 3.84 -23.23 22.17
CA ASP K 51 3.04 -23.12 20.96
C ASP K 51 1.59 -23.62 21.10
N ALA K 52 1.46 -24.71 21.85
CA ALA K 52 0.24 -25.47 22.07
C ALA K 52 -0.85 -24.75 22.77
N GLN K 53 -0.59 -23.80 23.61
CA GLN K 53 -1.55 -23.22 24.46
C GLN K 53 -2.49 -22.29 23.71
N PHE K 54 -1.93 -21.25 23.08
CA PHE K 54 -2.75 -20.23 22.42
C PHE K 54 -3.48 -20.83 21.24
N LEU K 55 -2.81 -21.70 20.52
CA LEU K 55 -3.18 -22.47 19.29
C LEU K 55 -4.40 -23.31 19.58
N ALA K 56 -4.55 -23.99 20.77
CA ALA K 56 -5.72 -24.65 21.17
C ALA K 56 -7.00 -23.73 21.20
N ARG K 57 -6.82 -22.50 21.72
CA ARG K 57 -7.85 -21.44 21.80
C ARG K 57 -8.38 -21.04 20.48
N ILE K 58 -7.51 -20.81 19.46
CA ILE K 58 -7.82 -20.50 18.06
C ILE K 58 -8.56 -21.55 17.27
N ILE K 59 -8.04 -22.80 17.34
CA ILE K 59 -8.62 -23.96 16.67
C ILE K 59 -10.02 -24.17 17.23
N LYS K 60 -10.07 -24.08 18.64
CA LYS K 60 -11.31 -24.19 19.34
C LYS K 60 -12.37 -23.16 19.01
N ILE K 61 -11.98 -21.84 18.97
CA ILE K 61 -12.90 -20.78 18.74
C ILE K 61 -13.52 -20.98 17.37
N GLU K 62 -12.66 -21.42 16.37
CA GLU K 62 -13.10 -21.75 15.05
C GLU K 62 -14.04 -22.90 14.98
N ALA K 63 -13.83 -23.96 15.76
CA ALA K 63 -14.78 -25.05 15.88
C ALA K 63 -16.15 -24.77 16.50
N ASN K 64 -16.31 -23.94 17.64
CA ASN K 64 -17.56 -23.47 18.12
C ASN K 64 -18.18 -22.59 17.03
N LEU K 65 -17.40 -21.77 16.30
CA LEU K 65 -17.96 -20.97 15.21
C LEU K 65 -18.50 -21.77 14.05
N TYR K 66 -17.81 -22.84 13.61
CA TYR K 66 -18.30 -23.74 12.60
C TYR K 66 -19.61 -24.41 13.00
N GLU K 67 -19.73 -24.96 14.25
CA GLU K 67 -20.97 -25.48 14.80
C GLU K 67 -22.03 -24.46 14.70
N ILE K 68 -21.79 -23.15 15.06
CA ILE K 68 -22.77 -22.05 14.97
C ILE K 68 -23.21 -21.71 13.48
N ARG K 69 -22.22 -21.51 12.60
CA ARG K 69 -22.36 -21.14 11.17
C ARG K 69 -23.07 -22.15 10.32
N ARG K 70 -22.82 -23.44 10.61
CA ARG K 70 -23.34 -24.51 9.71
C ARG K 70 -24.40 -25.34 10.28
N GLU K 71 -24.86 -24.94 11.49
CA GLU K 71 -25.90 -25.72 12.20
C GLU K 71 -25.56 -27.21 12.34
N ARG K 72 -24.25 -27.55 12.58
CA ARG K 72 -23.89 -28.91 12.59
C ARG K 72 -22.50 -28.97 13.07
N LYS K 73 -22.22 -30.02 13.85
CA LYS K 73 -20.94 -30.08 14.54
C LYS K 73 -19.92 -30.39 13.46
N PRO K 74 -18.66 -30.11 13.62
CA PRO K 74 -17.73 -30.37 12.55
C PRO K 74 -17.35 -31.79 12.72
N THR K 75 -16.77 -32.36 11.60
CA THR K 75 -16.30 -33.71 11.67
C THR K 75 -14.85 -33.71 12.15
N VAL K 76 -14.29 -34.90 12.52
CA VAL K 76 -12.97 -35.03 13.03
C VAL K 76 -11.99 -34.49 12.06
N ARG K 77 -12.17 -34.83 10.74
CA ARG K 77 -11.36 -34.47 9.64
C ARG K 77 -11.41 -32.98 9.42
N ALA K 78 -12.56 -32.28 9.61
CA ALA K 78 -12.70 -30.84 9.29
C ALA K 78 -11.84 -29.96 10.11
N ILE K 79 -11.76 -30.24 11.44
CA ILE K 79 -10.98 -29.58 12.43
C ILE K 79 -9.53 -29.85 12.22
N ALA K 80 -9.19 -31.15 11.85
CA ALA K 80 -7.80 -31.57 11.65
C ALA K 80 -7.20 -30.93 10.46
N THR K 81 -7.95 -30.88 9.35
CA THR K 81 -7.57 -30.22 8.09
C THR K 81 -7.45 -28.77 8.31
N LEU K 82 -8.32 -28.12 9.10
CA LEU K 82 -8.30 -26.66 9.39
C LEU K 82 -7.06 -26.27 10.09
N THR K 83 -6.69 -27.08 11.11
CA THR K 83 -5.44 -26.95 11.88
C THR K 83 -4.15 -27.01 11.01
N SER K 84 -4.13 -27.94 10.02
CA SER K 84 -3.14 -27.97 8.97
C SER K 84 -3.01 -26.66 8.21
N ASN K 85 -4.13 -26.02 7.72
CA ASN K 85 -4.19 -24.80 6.89
C ASN K 85 -3.79 -23.71 7.80
N LEU K 86 -4.18 -23.79 9.11
CA LEU K 86 -4.08 -22.70 10.18
C LEU K 86 -2.59 -22.44 10.40
N LEU K 87 -1.80 -23.55 10.49
CA LEU K 87 -0.35 -23.68 10.72
C LEU K 87 0.39 -23.07 9.55
N ASN K 88 -0.07 -23.42 8.31
CA ASN K 88 0.54 -23.06 7.07
C ASN K 88 0.21 -21.63 6.76
N SER K 89 -0.85 -20.98 7.36
CA SER K 89 -1.14 -19.64 7.10
C SER K 89 -0.14 -18.68 7.80
N TYR K 90 0.36 -19.04 9.02
CA TYR K 90 1.20 -18.14 9.83
C TYR K 90 2.59 -18.71 9.86
N ARG K 91 3.03 -19.26 8.73
CA ARG K 91 4.23 -20.01 8.68
C ARG K 91 5.41 -18.96 8.48
N TYR K 92 5.12 -17.63 8.38
CA TYR K 92 6.15 -16.58 8.30
C TYR K 92 6.71 -16.47 9.72
N PHE K 93 5.88 -16.78 10.73
CA PHE K 93 6.20 -16.71 12.14
C PHE K 93 5.77 -18.12 12.58
N PRO K 94 6.38 -19.23 12.19
CA PRO K 94 5.81 -20.51 12.39
C PRO K 94 5.68 -21.05 13.83
N TYR K 95 4.57 -21.87 14.16
CA TYR K 95 4.34 -22.57 15.38
C TYR K 95 4.85 -23.95 15.00
N LEU K 96 5.78 -24.61 15.85
CA LEU K 96 6.42 -25.87 15.63
C LEU K 96 5.74 -26.81 16.62
N VAL K 97 4.64 -27.46 16.23
CA VAL K 97 3.96 -28.28 17.23
C VAL K 97 3.22 -29.34 16.43
N GLN K 98 3.26 -30.57 16.94
CA GLN K 98 2.76 -31.69 16.28
C GLN K 98 1.54 -32.03 17.14
N LEU K 99 0.38 -31.78 16.58
CA LEU K 99 -0.92 -31.81 17.31
C LEU K 99 -1.55 -33.08 16.82
N LEU K 100 -2.16 -33.73 17.81
CA LEU K 100 -2.87 -34.94 17.49
C LEU K 100 -4.23 -34.40 17.90
N ILE K 101 -5.12 -34.26 16.97
CA ILE K 101 -6.43 -33.79 17.21
C ILE K 101 -7.23 -34.96 16.71
N GLY K 102 -8.16 -35.36 17.66
CA GLY K 102 -9.01 -36.48 17.46
C GLY K 102 -10.14 -36.53 18.44
N GLY K 103 -11.07 -37.40 18.10
CA GLY K 103 -12.27 -37.48 18.91
C GLY K 103 -13.30 -38.07 17.97
N ILE K 104 -14.56 -37.66 18.16
CA ILE K 104 -15.75 -38.44 17.86
C ILE K 104 -16.73 -37.64 17.10
N ASP K 105 -17.43 -38.16 16.15
CA ASP K 105 -18.41 -37.71 15.31
C ASP K 105 -19.24 -38.93 14.88
N SER K 106 -20.32 -38.68 14.03
CA SER K 106 -21.26 -39.63 13.46
C SER K 106 -20.53 -40.63 12.59
N GLU K 107 -19.42 -40.29 11.85
CA GLU K 107 -18.65 -41.18 11.01
C GLU K 107 -17.85 -42.28 11.80
N GLY K 108 -17.59 -42.03 13.10
CA GLY K 108 -16.93 -42.95 13.99
C GLY K 108 -15.86 -42.23 14.71
N LYS K 109 -14.65 -42.83 14.84
CA LYS K 109 -13.57 -42.30 15.63
C LYS K 109 -12.33 -42.23 14.80
N SER K 110 -11.43 -41.30 15.12
CA SER K 110 -10.17 -41.15 14.38
C SER K 110 -9.33 -40.14 15.08
N ILE K 111 -7.97 -40.25 14.77
CA ILE K 111 -6.96 -39.39 15.31
C ILE K 111 -6.12 -39.03 14.15
N TYR K 112 -5.93 -37.68 14.02
CA TYR K 112 -5.19 -37.15 12.96
C TYR K 112 -4.09 -36.45 13.56
N SER K 113 -2.86 -36.71 13.09
CA SER K 113 -1.71 -35.99 13.42
C SER K 113 -1.53 -34.94 12.35
N ILE K 114 -1.20 -33.71 12.86
CA ILE K 114 -0.85 -32.65 12.00
C ILE K 114 0.53 -32.08 12.22
N ASP K 115 1.37 -31.96 11.16
CA ASP K 115 2.76 -31.56 11.16
C ASP K 115 2.90 -30.07 10.99
N PRO K 116 3.95 -29.35 11.55
CA PRO K 116 3.94 -27.94 11.57
C PRO K 116 4.18 -27.20 10.31
N ILE K 117 4.58 -27.93 9.28
CA ILE K 117 5.12 -27.43 7.99
C ILE K 117 4.15 -27.80 6.83
N GLY K 118 3.10 -28.68 7.17
CA GLY K 118 2.24 -29.09 6.09
C GLY K 118 1.01 -29.92 6.60
N GLY K 119 0.62 -30.95 5.74
CA GLY K 119 -0.60 -31.75 5.80
C GLY K 119 -0.77 -32.59 7.04
N ALA K 120 -2.10 -33.03 7.10
CA ALA K 120 -2.68 -33.82 8.23
C ALA K 120 -2.97 -35.22 7.69
N ILE K 121 -2.31 -36.16 8.33
CA ILE K 121 -2.34 -37.62 8.02
C ILE K 121 -3.38 -38.18 8.96
N GLU K 122 -4.09 -39.31 8.61
CA GLU K 122 -4.93 -40.03 9.52
C GLU K 122 -4.12 -41.12 10.04
N GLU K 123 -4.35 -41.46 11.33
CA GLU K 123 -3.69 -42.59 11.96
C GLU K 123 -4.77 -43.54 12.28
N LYS K 124 -4.49 -44.77 11.89
CA LYS K 124 -5.49 -45.74 11.67
C LYS K 124 -6.10 -46.18 12.91
N ASP K 125 -5.25 -46.34 13.98
CA ASP K 125 -5.59 -46.87 15.25
C ASP K 125 -4.72 -46.44 16.39
N ILE K 126 -3.44 -46.20 16.02
CA ILE K 126 -2.40 -46.04 16.94
C ILE K 126 -1.61 -44.89 16.43
N VAL K 127 -1.28 -43.91 17.37
CA VAL K 127 -0.51 -42.72 17.06
C VAL K 127 0.22 -42.32 18.27
N ALA K 128 1.54 -41.92 18.10
CA ALA K 128 2.37 -41.40 19.12
C ALA K 128 3.58 -40.67 18.54
N THR K 129 4.22 -39.73 19.31
CA THR K 129 4.64 -38.47 18.92
C THR K 129 5.33 -37.99 20.14
N GLY K 130 6.60 -37.45 19.90
CA GLY K 130 7.35 -36.72 20.95
C GLY K 130 8.72 -37.28 20.94
N SER K 131 9.53 -36.95 21.93
CA SER K 131 10.81 -37.54 22.16
C SER K 131 10.68 -38.82 22.88
N GLY K 132 9.51 -39.11 23.45
CA GLY K 132 9.09 -40.32 24.09
C GLY K 132 8.26 -41.26 23.31
N SER K 133 7.99 -40.98 22.00
CA SER K 133 7.36 -41.81 21.07
C SER K 133 7.91 -43.18 21.14
N LEU K 134 9.21 -43.40 21.12
CA LEU K 134 9.91 -44.65 20.79
C LEU K 134 9.55 -45.74 21.78
N THR K 135 9.55 -45.38 23.10
CA THR K 135 9.12 -46.23 24.22
C THR K 135 7.66 -46.37 24.22
N ALA K 136 6.90 -45.21 24.11
CA ALA K 136 5.43 -45.14 24.30
C ALA K 136 4.80 -46.06 23.25
N TYR K 137 5.21 -46.06 21.89
CA TYR K 137 4.73 -46.88 20.80
C TYR K 137 5.03 -48.38 21.11
N GLY K 138 6.27 -48.57 21.69
CA GLY K 138 6.77 -49.88 22.18
C GLY K 138 5.85 -50.53 23.14
N VAL K 139 5.24 -49.77 24.15
CA VAL K 139 4.16 -50.27 25.03
C VAL K 139 2.92 -50.66 24.24
N LEU K 140 2.49 -49.81 23.32
CA LEU K 140 1.27 -50.05 22.60
C LEU K 140 1.26 -51.30 21.82
N GLU K 141 2.35 -51.53 21.08
CA GLU K 141 2.38 -52.58 20.02
C GLU K 141 2.41 -53.95 20.62
N ASP K 142 2.61 -54.21 21.95
CA ASP K 142 2.71 -55.55 22.60
C ASP K 142 1.52 -55.73 23.47
N ARG K 143 0.39 -54.99 23.23
CA ARG K 143 -0.76 -55.15 24.10
C ARG K 143 -2.01 -54.53 23.49
N PHE K 144 -1.88 -53.95 22.31
CA PHE K 144 -3.01 -53.33 21.67
C PHE K 144 -3.80 -54.44 20.93
N THR K 145 -5.12 -54.45 21.15
CA THR K 145 -5.98 -55.26 20.34
C THR K 145 -6.85 -54.32 19.55
N PRO K 146 -7.50 -54.69 18.46
CA PRO K 146 -8.32 -53.68 17.75
C PRO K 146 -9.75 -53.76 18.23
N GLU K 147 -9.94 -54.56 19.27
CA GLU K 147 -11.16 -54.88 19.98
C GLU K 147 -10.95 -54.37 21.40
N ILE K 148 -10.03 -53.43 21.60
CA ILE K 148 -9.65 -52.82 22.80
C ILE K 148 -10.87 -51.93 23.24
N GLY K 149 -11.33 -51.99 24.60
CA GLY K 149 -12.44 -51.30 25.13
C GLY K 149 -11.86 -50.06 25.71
N VAL K 150 -12.78 -49.11 26.03
CA VAL K 150 -12.46 -47.79 26.51
C VAL K 150 -11.81 -47.82 27.84
N ASP K 151 -12.31 -48.54 28.85
CA ASP K 151 -11.60 -48.57 30.14
C ASP K 151 -10.21 -49.24 30.02
N GLU K 152 -10.14 -50.30 29.14
CA GLU K 152 -8.86 -51.06 28.94
C GLU K 152 -7.84 -50.16 28.40
N ALA K 153 -8.27 -49.33 27.39
CA ALA K 153 -7.41 -48.40 26.70
C ALA K 153 -6.82 -47.34 27.56
N VAL K 154 -7.58 -46.85 28.52
CA VAL K 154 -7.11 -45.89 29.56
C VAL K 154 -5.99 -46.55 30.33
N GLU K 155 -6.08 -47.79 30.81
CA GLU K 155 -4.96 -48.49 31.40
C GLU K 155 -3.75 -48.71 30.55
N LEU K 156 -3.96 -49.07 29.24
CA LEU K 156 -2.87 -49.17 28.31
C LEU K 156 -2.17 -47.85 28.01
N ALA K 157 -2.91 -46.72 27.73
CA ALA K 157 -2.51 -45.40 27.42
C ALA K 157 -1.75 -44.71 28.44
N VAL K 158 -2.21 -44.89 29.77
CA VAL K 158 -1.36 -44.52 30.89
C VAL K 158 0.00 -45.25 30.86
N ARG K 159 0.02 -46.56 30.72
CA ARG K 159 1.25 -47.35 30.79
C ARG K 159 2.22 -46.87 29.74
N ALA K 160 1.78 -46.49 28.51
CA ALA K 160 2.67 -45.99 27.50
C ALA K 160 3.38 -44.72 27.86
N ILE K 161 2.66 -43.79 28.47
CA ILE K 161 3.20 -42.45 28.89
C ILE K 161 4.07 -42.66 30.11
N TYR K 162 3.60 -43.51 31.05
CA TYR K 162 4.40 -43.82 32.22
C TYR K 162 5.76 -44.31 31.98
N SER K 163 5.93 -45.33 31.13
CA SER K 163 7.18 -45.95 30.75
C SER K 163 8.10 -44.99 29.99
N ALA K 164 7.42 -44.21 29.04
CA ALA K 164 8.13 -43.25 28.24
C ALA K 164 8.66 -42.09 29.07
N MET K 165 7.95 -41.56 30.06
CA MET K 165 8.40 -40.36 30.74
C MET K 165 9.50 -40.58 31.72
N LYS K 166 9.69 -41.83 32.22
CA LYS K 166 10.76 -42.14 33.10
C LYS K 166 12.11 -42.00 32.38
N ARG K 167 12.20 -42.48 31.12
CA ARG K 167 13.43 -42.55 30.31
C ARG K 167 13.92 -41.24 29.85
N ASP K 168 12.97 -40.34 29.42
CA ASP K 168 13.40 -39.04 28.95
C ASP K 168 13.78 -38.07 30.02
N SER K 169 14.47 -37.00 29.61
CA SER K 169 14.80 -35.90 30.49
C SER K 169 14.03 -34.72 30.14
N ALA K 170 12.82 -34.99 29.53
CA ALA K 170 12.05 -33.84 29.12
C ALA K 170 10.65 -34.07 29.33
N SER K 171 10.32 -35.05 30.18
CA SER K 171 8.99 -35.53 30.21
C SER K 171 8.76 -35.93 31.69
N GLY K 172 7.62 -35.67 32.36
CA GLY K 172 7.16 -36.15 33.67
C GLY K 172 6.07 -35.28 34.14
N ASP K 173 6.06 -35.14 35.48
CA ASP K 173 5.21 -34.30 36.31
C ASP K 173 3.80 -34.78 36.08
N GLY K 174 3.55 -36.08 36.32
CA GLY K 174 2.20 -36.61 36.11
C GLY K 174 1.90 -36.89 34.68
N ILE K 175 0.76 -37.58 34.47
CA ILE K 175 0.14 -37.97 33.23
C ILE K 175 -1.23 -37.29 33.19
N ASP K 176 -1.56 -36.68 32.02
CA ASP K 176 -2.88 -36.15 31.64
C ASP K 176 -3.49 -37.24 30.77
N VAL K 177 -4.86 -37.45 30.87
CA VAL K 177 -5.44 -38.52 30.16
C VAL K 177 -6.87 -38.00 29.80
N VAL K 178 -7.48 -38.56 28.76
CA VAL K 178 -8.78 -38.16 28.25
C VAL K 178 -9.46 -39.37 27.65
N LYS K 179 -10.74 -39.61 28.03
CA LYS K 179 -11.61 -40.60 27.40
C LYS K 179 -12.68 -39.84 26.72
N ILE K 180 -13.04 -40.22 25.51
CA ILE K 180 -14.01 -39.61 24.62
C ILE K 180 -14.82 -40.78 24.23
N THR K 181 -15.98 -40.93 24.80
CA THR K 181 -16.77 -42.15 24.79
C THR K 181 -18.10 -41.80 24.28
N GLU K 182 -18.20 -40.54 23.72
CA GLU K 182 -19.39 -39.90 23.18
C GLU K 182 -20.64 -39.94 24.05
N ASP K 183 -20.42 -40.03 25.41
CA ASP K 183 -21.47 -39.93 26.39
C ASP K 183 -20.88 -39.01 27.42
N GLU K 184 -19.59 -39.04 27.56
CA GLU K 184 -18.86 -38.26 28.49
C GLU K 184 -17.69 -37.76 27.63
N PHE K 185 -17.15 -36.60 28.03
CA PHE K 185 -15.90 -36.07 27.65
C PHE K 185 -15.39 -35.92 29.05
N TYR K 186 -14.68 -36.94 29.50
CA TYR K 186 -14.22 -37.08 30.83
C TYR K 186 -12.71 -36.77 30.71
N GLN K 187 -12.08 -36.09 31.69
CA GLN K 187 -10.72 -35.77 31.77
C GLN K 187 -10.35 -36.32 33.12
N TYR K 188 -9.37 -37.34 33.21
CA TYR K 188 -9.30 -38.13 34.42
C TYR K 188 -8.77 -37.31 35.62
N SER K 189 -7.90 -36.30 35.35
CA SER K 189 -7.37 -35.35 36.29
C SER K 189 -6.22 -36.00 37.08
N PRO K 190 -5.25 -35.19 37.66
CA PRO K 190 -4.17 -35.66 38.49
C PRO K 190 -4.55 -36.75 39.50
N GLU K 191 -5.67 -36.53 40.28
CA GLU K 191 -6.25 -37.33 41.28
C GLU K 191 -6.45 -38.74 40.77
N GLU K 192 -7.21 -38.89 39.70
CA GLU K 192 -7.51 -40.25 39.20
C GLU K 192 -6.42 -41.02 38.56
N VAL K 193 -5.54 -40.37 37.80
CA VAL K 193 -4.56 -41.06 36.91
C VAL K 193 -3.45 -41.70 37.71
N GLU K 194 -3.17 -40.97 38.85
CA GLU K 194 -2.25 -41.37 39.83
C GLU K 194 -2.58 -42.77 40.37
N GLN K 195 -3.83 -43.21 40.55
CA GLN K 195 -4.24 -44.49 41.06
C GLN K 195 -4.05 -45.65 40.11
N ILE K 196 -3.97 -45.35 38.78
CA ILE K 196 -3.84 -46.36 37.71
C ILE K 196 -2.40 -46.84 37.61
N LEU K 197 -1.43 -46.08 38.17
CA LEU K 197 -0.03 -46.36 38.26
C LEU K 197 0.25 -46.72 39.63
N ALA K 198 -0.74 -46.71 40.54
CA ALA K 198 -0.46 -47.12 41.84
C ALA K 198 -0.93 -48.51 41.96
N LYS K 199 -1.32 -49.09 40.83
CA LYS K 199 -1.60 -50.50 40.55
C LYS K 199 -0.42 -51.07 39.88
N PHE K 200 0.56 -50.21 39.57
CA PHE K 200 1.83 -50.57 38.98
C PHE K 200 2.93 -50.64 40.01
N ARG K 201 3.88 -49.61 40.04
CA ARG K 201 5.09 -49.62 40.86
C ARG K 201 5.06 -48.37 41.81
N LYS K 202 3.89 -47.86 42.26
CA LYS K 202 3.84 -46.96 43.33
C LYS K 202 2.77 -47.48 44.33
N THR L 1 15.89 -12.89 39.90
CA THR L 1 14.41 -12.87 39.37
C THR L 1 13.90 -14.11 39.97
N THR L 2 12.92 -13.93 40.87
CA THR L 2 12.18 -14.95 41.66
C THR L 2 10.87 -14.23 41.74
N THR L 3 9.78 -15.01 41.57
CA THR L 3 8.48 -14.46 41.75
C THR L 3 7.79 -15.50 42.56
N VAL L 4 6.89 -15.22 43.50
CA VAL L 4 6.02 -16.14 44.13
C VAL L 4 4.60 -15.59 43.84
N GLY L 5 3.62 -16.41 43.99
CA GLY L 5 2.26 -16.00 43.88
C GLY L 5 1.43 -17.06 44.48
N LEU L 6 0.51 -16.79 45.43
CA LEU L 6 -0.30 -17.82 46.03
C LEU L 6 -1.69 -17.25 46.39
N VAL L 7 -2.72 -18.11 46.04
CA VAL L 7 -4.14 -17.94 46.12
C VAL L 7 -4.52 -18.48 47.45
N CYS L 8 -5.04 -17.70 48.39
CA CYS L 8 -5.43 -18.13 49.72
C CYS L 8 -6.91 -18.53 49.72
N LYS L 9 -7.55 -18.35 50.87
CA LYS L 9 -8.94 -18.66 50.99
C LYS L 9 -9.58 -17.33 51.22
N ASP L 10 -8.81 -16.22 51.40
CA ASP L 10 -9.41 -15.09 51.95
C ASP L 10 -8.64 -13.88 51.45
N GLY L 11 -7.48 -14.14 50.80
CA GLY L 11 -6.63 -13.18 50.13
C GLY L 11 -5.89 -13.76 48.94
N VAL L 12 -5.07 -12.93 48.32
CA VAL L 12 -4.18 -13.33 47.29
C VAL L 12 -2.95 -12.51 47.60
N VAL L 13 -1.75 -13.15 47.61
CA VAL L 13 -0.50 -12.49 47.98
C VAL L 13 0.46 -12.92 46.89
N MET L 14 1.39 -12.05 46.49
CA MET L 14 2.44 -12.35 45.56
C MET L 14 3.63 -11.49 45.92
N ALA L 15 4.86 -11.96 45.63
CA ALA L 15 6.07 -11.23 46.02
C ALA L 15 7.04 -11.50 44.97
N THR L 16 8.10 -10.63 44.95
CA THR L 16 9.09 -10.58 43.90
C THR L 16 10.21 -9.92 44.63
N GLU L 17 11.35 -9.92 43.96
CA GLU L 17 12.62 -9.32 44.41
C GLU L 17 12.58 -7.93 43.72
N LYS L 18 13.19 -7.00 44.42
CA LYS L 18 13.01 -5.60 44.16
C LYS L 18 13.37 -5.06 42.80
N ARG L 19 14.52 -5.58 42.36
CA ARG L 19 15.12 -5.32 41.04
C ARG L 19 15.34 -6.71 40.55
N ALA L 20 15.57 -6.87 39.18
CA ALA L 20 15.85 -8.20 38.60
C ALA L 20 17.34 -8.32 38.67
N THR L 21 17.94 -9.41 38.13
CA THR L 21 19.29 -9.72 38.09
C THR L 21 19.60 -8.93 36.86
N MET L 22 20.40 -7.81 37.00
CA MET L 22 20.79 -6.90 35.91
C MET L 22 22.23 -7.01 35.74
N GLY L 23 22.91 -7.82 36.59
CA GLY L 23 24.35 -7.82 36.65
C GLY L 23 24.69 -7.00 37.84
N ASN L 24 25.97 -6.66 38.03
CA ASN L 24 26.41 -5.92 39.20
C ASN L 24 25.95 -4.44 39.13
N PHE L 25 25.58 -4.00 37.99
CA PHE L 25 24.96 -2.68 37.72
C PHE L 25 23.61 -2.62 38.43
N ILE L 26 23.24 -1.37 38.87
CA ILE L 26 21.88 -1.02 39.34
C ILE L 26 21.60 0.31 38.77
N ALA L 27 20.29 0.65 38.62
CA ALA L 27 19.91 1.97 38.18
C ALA L 27 19.32 2.68 39.42
N SER L 28 18.04 2.48 39.74
CA SER L 28 17.37 3.18 40.85
C SER L 28 17.07 2.11 41.90
N LYS L 29 16.44 2.53 43.02
CA LYS L 29 16.03 1.68 44.10
C LYS L 29 14.63 2.05 44.48
N ALA L 30 13.87 2.82 43.59
CA ALA L 30 12.43 3.03 43.62
C ALA L 30 11.80 2.40 42.44
N ALA L 31 12.57 1.55 41.81
CA ALA L 31 12.19 0.60 40.83
C ALA L 31 11.40 -0.42 41.46
N LYS L 32 10.49 -1.09 40.73
CA LYS L 32 9.63 -2.14 41.17
C LYS L 32 9.23 -2.90 39.92
N LYS L 33 8.91 -4.19 40.11
CA LYS L 33 8.54 -5.10 39.10
C LYS L 33 7.11 -5.54 39.49
N ILE L 34 6.41 -4.75 40.30
CA ILE L 34 5.06 -5.14 40.83
C ILE L 34 4.34 -3.94 40.52
N TYR L 35 3.20 -4.10 39.81
CA TYR L 35 2.41 -2.98 39.32
C TYR L 35 0.99 -3.27 39.60
N GLN L 36 0.09 -2.22 39.70
CA GLN L 36 -1.30 -2.45 39.92
C GLN L 36 -2.02 -2.28 38.60
N ILE L 37 -2.69 -3.36 38.05
CA ILE L 37 -3.47 -3.26 36.82
C ILE L 37 -4.87 -2.77 36.98
N ALA L 38 -5.63 -3.21 37.97
CA ALA L 38 -6.99 -2.81 38.19
C ALA L 38 -7.05 -2.76 39.72
N ASP L 39 -8.17 -2.36 40.29
CA ASP L 39 -8.28 -2.02 41.73
C ASP L 39 -7.83 -2.94 42.72
N ARG L 40 -7.93 -4.23 42.40
CA ARG L 40 -7.66 -5.29 43.32
C ARG L 40 -6.94 -6.30 42.54
N MET L 41 -6.04 -5.90 41.62
CA MET L 41 -5.48 -6.87 40.68
C MET L 41 -4.07 -6.32 40.41
N ALA L 42 -3.06 -7.18 40.39
CA ALA L 42 -1.64 -6.79 40.25
C ALA L 42 -1.07 -7.57 39.13
N MET L 43 0.15 -7.12 38.79
CA MET L 43 0.95 -7.88 37.82
C MET L 43 2.34 -7.95 38.34
N THR L 44 2.96 -9.13 38.46
CA THR L 44 4.27 -9.33 39.00
C THR L 44 4.92 -9.91 37.85
N THR L 45 6.22 -9.57 37.76
CA THR L 45 6.97 -9.96 36.55
C THR L 45 8.20 -10.67 36.87
N ALA L 46 8.61 -11.53 35.91
CA ALA L 46 9.89 -12.16 35.85
C ALA L 46 10.44 -11.52 34.62
N GLY L 47 11.67 -10.92 34.69
CA GLY L 47 12.24 -10.33 33.46
C GLY L 47 12.62 -8.95 33.80
N SER L 48 12.73 -8.08 32.76
CA SER L 48 13.26 -6.71 32.79
C SER L 48 12.18 -5.78 33.40
N VAL L 49 12.56 -4.78 34.28
CA VAL L 49 11.80 -3.77 34.88
C VAL L 49 11.16 -2.89 33.79
N GLY L 50 12.00 -2.55 32.69
CA GLY L 50 11.61 -1.67 31.63
C GLY L 50 10.53 -2.24 30.80
N ASP L 51 10.72 -3.54 30.45
CA ASP L 51 9.79 -4.26 29.54
C ASP L 51 8.47 -4.49 30.29
N ALA L 52 8.56 -4.87 31.60
CA ALA L 52 7.50 -5.10 32.51
C ALA L 52 6.70 -3.82 32.71
N GLN L 53 7.37 -2.65 32.78
CA GLN L 53 6.67 -1.41 33.24
C GLN L 53 5.91 -0.93 32.08
N PHE L 54 6.44 -0.87 30.81
CA PHE L 54 5.75 -0.41 29.64
C PHE L 54 4.50 -1.13 29.26
N LEU L 55 4.62 -2.46 29.19
CA LEU L 55 3.51 -3.36 28.91
C LEU L 55 2.42 -3.28 29.91
N ALA L 56 2.78 -3.14 31.19
CA ALA L 56 1.88 -2.98 32.34
C ALA L 56 1.00 -1.78 32.21
N ARG L 57 1.54 -0.62 31.73
CA ARG L 57 0.89 0.64 31.40
C ARG L 57 -0.18 0.46 30.36
N ILE L 58 0.14 -0.33 29.25
CA ILE L 58 -0.82 -0.63 28.19
C ILE L 58 -1.99 -1.40 28.77
N ILE L 59 -1.70 -2.46 29.57
CA ILE L 59 -2.69 -3.38 30.16
C ILE L 59 -3.63 -2.68 31.14
N LYS L 60 -3.04 -1.87 32.07
CA LYS L 60 -3.76 -1.07 33.08
C LYS L 60 -4.77 -0.22 32.39
N ILE L 61 -4.31 0.42 31.24
CA ILE L 61 -5.14 1.29 30.49
C ILE L 61 -6.29 0.54 29.86
N GLU L 62 -6.03 -0.64 29.22
CA GLU L 62 -7.06 -1.38 28.57
C GLU L 62 -8.10 -1.92 29.54
N ALA L 63 -7.71 -2.24 30.79
CA ALA L 63 -8.45 -2.69 31.91
C ALA L 63 -9.38 -1.69 32.39
N ASN L 64 -8.89 -0.46 32.51
CA ASN L 64 -9.64 0.72 32.92
C ASN L 64 -10.75 1.08 31.95
N LEU L 65 -10.31 0.99 30.66
CA LEU L 65 -11.13 1.12 29.48
C LEU L 65 -12.21 0.07 29.37
N TYR L 66 -11.86 -1.23 29.64
CA TYR L 66 -12.81 -2.40 29.72
C TYR L 66 -13.87 -2.11 30.67
N GLU L 67 -13.44 -1.65 31.89
CA GLU L 67 -14.31 -1.37 33.03
C GLU L 67 -15.44 -0.35 32.67
N ILE L 68 -15.00 0.77 32.07
CA ILE L 68 -15.79 1.93 31.69
C ILE L 68 -16.79 1.54 30.67
N ARG L 69 -16.30 0.81 29.62
CA ARG L 69 -17.05 0.52 28.43
C ARG L 69 -18.14 -0.46 28.76
N ARG L 70 -18.03 -1.47 29.60
CA ARG L 70 -19.05 -2.45 29.68
C ARG L 70 -19.74 -2.39 30.96
N GLU L 71 -19.41 -1.34 31.83
CA GLU L 71 -19.93 -1.04 33.09
C GLU L 71 -19.86 -2.34 33.96
N ARG L 72 -18.69 -2.98 33.94
CA ARG L 72 -18.47 -4.25 34.63
C ARG L 72 -17.07 -4.22 35.00
N LYS L 73 -16.59 -4.52 36.29
CA LYS L 73 -15.26 -4.55 36.75
C LYS L 73 -14.53 -5.73 36.05
N PRO L 74 -13.39 -5.63 35.32
CA PRO L 74 -12.90 -6.76 34.56
C PRO L 74 -12.54 -7.83 35.60
N THR L 75 -12.53 -9.15 35.22
CA THR L 75 -12.27 -10.18 36.09
C THR L 75 -10.86 -10.49 35.69
N VAL L 76 -10.16 -11.21 36.51
CA VAL L 76 -8.79 -11.55 36.30
C VAL L 76 -8.47 -12.39 35.05
N ARG L 77 -9.38 -13.32 34.61
CA ARG L 77 -9.29 -14.09 33.49
C ARG L 77 -9.34 -13.22 32.19
N ALA L 78 -10.19 -12.17 32.22
CA ALA L 78 -10.40 -11.26 31.19
C ALA L 78 -9.16 -10.47 30.85
N ILE L 79 -8.40 -10.05 31.89
CA ILE L 79 -7.12 -9.41 31.73
C ILE L 79 -5.99 -10.43 31.32
N ALA L 80 -6.05 -11.67 31.90
CA ALA L 80 -5.00 -12.64 31.62
C ALA L 80 -4.99 -13.07 30.22
N THR L 81 -6.21 -13.07 29.56
CA THR L 81 -6.38 -13.44 28.16
C THR L 81 -6.13 -12.31 27.21
N LEU L 82 -6.39 -11.13 27.71
CA LEU L 82 -6.15 -9.89 27.01
C LEU L 82 -4.71 -9.71 26.85
N THR L 83 -3.94 -10.00 27.86
CA THR L 83 -2.50 -9.95 27.90
C THR L 83 -1.88 -11.12 27.03
N SER L 84 -2.55 -12.28 26.91
CA SER L 84 -2.14 -13.36 26.08
C SER L 84 -2.06 -12.96 24.58
N ASN L 85 -3.06 -12.19 24.10
CA ASN L 85 -3.14 -11.77 22.73
C ASN L 85 -2.13 -10.70 22.44
N LEU L 86 -1.83 -9.79 23.42
CA LEU L 86 -0.83 -8.72 23.25
C LEU L 86 0.48 -9.41 23.10
N LEU L 87 0.82 -10.40 23.90
CA LEU L 87 2.14 -10.99 23.86
C LEU L 87 2.34 -11.67 22.52
N ASN L 88 1.36 -12.48 21.96
CA ASN L 88 1.48 -13.35 20.78
C ASN L 88 1.69 -12.44 19.55
N SER L 89 0.99 -11.27 19.52
CA SER L 89 1.16 -10.29 18.53
C SER L 89 2.55 -9.70 18.53
N TYR L 90 3.14 -9.52 19.74
CA TYR L 90 4.41 -8.95 19.87
C TYR L 90 5.53 -9.87 20.14
N ARG L 91 5.46 -11.07 19.57
CA ARG L 91 6.43 -12.12 19.84
C ARG L 91 7.68 -11.91 19.03
N TYR L 92 7.77 -10.94 18.13
CA TYR L 92 8.95 -10.67 17.30
C TYR L 92 9.46 -9.27 17.49
N PHE L 93 8.86 -8.61 18.49
CA PHE L 93 9.24 -7.40 19.16
C PHE L 93 9.62 -7.81 20.55
N PRO L 94 10.43 -7.03 21.25
CA PRO L 94 11.12 -7.56 22.49
C PRO L 94 10.15 -7.40 23.67
N TYR L 95 9.52 -8.55 24.11
CA TYR L 95 8.58 -8.65 25.25
C TYR L 95 8.61 -10.11 25.51
N LEU L 96 9.69 -10.57 26.22
CA LEU L 96 9.92 -11.98 26.60
C LEU L 96 9.69 -12.05 28.08
N VAL L 97 9.16 -10.89 28.59
CA VAL L 97 8.79 -10.66 29.97
C VAL L 97 7.63 -11.51 30.25
N GLN L 98 7.71 -12.27 31.37
CA GLN L 98 6.77 -13.33 31.65
C GLN L 98 6.03 -12.97 32.97
N LEU L 99 4.68 -12.98 32.90
CA LEU L 99 3.90 -12.18 33.82
C LEU L 99 3.09 -13.07 34.64
N LEU L 100 2.90 -12.76 35.92
CA LEU L 100 1.84 -13.35 36.72
C LEU L 100 0.85 -12.24 37.01
N ILE L 101 -0.43 -12.39 36.60
CA ILE L 101 -1.42 -11.34 36.74
C ILE L 101 -2.38 -12.15 37.57
N GLY L 102 -2.66 -11.67 38.80
CA GLY L 102 -3.61 -12.25 39.66
C GLY L 102 -4.19 -11.24 40.58
N GLY L 103 -5.38 -11.56 41.13
CA GLY L 103 -5.93 -10.81 42.22
C GLY L 103 -7.25 -11.27 42.40
N ILE L 104 -8.21 -10.36 42.44
CA ILE L 104 -9.51 -10.56 43.04
C ILE L 104 -10.65 -9.84 42.31
N ASP L 105 -11.81 -10.57 42.21
CA ASP L 105 -12.89 -10.17 41.46
C ASP L 105 -14.10 -10.89 42.12
N SER L 106 -15.23 -10.64 41.41
CA SER L 106 -16.57 -11.19 41.55
C SER L 106 -16.71 -12.63 41.38
N GLU L 107 -16.01 -13.18 40.41
CA GLU L 107 -15.98 -14.60 40.04
C GLU L 107 -15.10 -15.40 40.92
N GLY L 108 -14.20 -14.69 41.70
CA GLY L 108 -13.36 -15.39 42.65
C GLY L 108 -11.96 -14.88 42.66
N LYS L 109 -11.01 -15.76 42.78
CA LYS L 109 -9.62 -15.37 42.87
C LYS L 109 -8.77 -16.24 42.01
N SER L 110 -7.61 -15.74 41.38
CA SER L 110 -6.64 -16.56 40.68
C SER L 110 -5.42 -15.83 40.51
N ILE L 111 -4.45 -16.55 39.92
CA ILE L 111 -3.21 -16.06 39.43
C ILE L 111 -3.01 -16.72 38.08
N TYR L 112 -2.74 -15.96 37.05
CA TYR L 112 -2.57 -16.46 35.73
C TYR L 112 -1.19 -16.08 35.34
N SER L 113 -0.45 -17.06 34.69
CA SER L 113 0.93 -16.95 34.38
C SER L 113 0.88 -16.85 32.85
N ILE L 114 1.41 -15.79 32.19
CA ILE L 114 1.19 -15.41 30.86
C ILE L 114 2.58 -15.29 30.27
N ASP L 115 2.64 -15.80 29.06
CA ASP L 115 3.87 -16.20 28.35
C ASP L 115 3.97 -15.35 27.07
N PRO L 116 5.16 -15.14 26.61
CA PRO L 116 5.42 -14.38 25.42
C PRO L 116 4.90 -15.07 24.18
N ILE L 117 4.68 -16.45 24.26
CA ILE L 117 4.45 -17.29 23.13
C ILE L 117 2.99 -17.64 23.27
N GLY L 118 2.31 -16.99 24.23
CA GLY L 118 0.83 -17.01 24.34
C GLY L 118 0.23 -17.97 25.27
N GLY L 119 -1.16 -18.01 25.29
CA GLY L 119 -1.98 -18.83 26.17
C GLY L 119 -1.89 -18.21 27.59
N ALA L 120 -2.77 -18.77 28.44
CA ALA L 120 -2.76 -18.41 29.85
C ALA L 120 -3.08 -19.66 30.51
N ILE L 121 -2.31 -20.00 31.58
CA ILE L 121 -2.45 -21.16 32.50
C ILE L 121 -2.98 -20.59 33.80
N GLU L 122 -4.20 -20.80 34.07
CA GLU L 122 -4.70 -20.79 35.37
C GLU L 122 -3.95 -21.57 36.43
N GLU L 123 -3.21 -20.93 37.26
CA GLU L 123 -2.53 -21.57 38.40
C GLU L 123 -3.50 -21.56 39.52
N LYS L 124 -3.83 -22.79 39.97
CA LYS L 124 -4.86 -23.04 40.88
C LYS L 124 -4.47 -22.83 42.30
N ASP L 125 -3.16 -22.77 42.65
CA ASP L 125 -2.86 -22.35 43.93
C ASP L 125 -1.48 -21.77 44.06
N ILE L 126 -0.35 -22.47 43.70
CA ILE L 126 1.02 -22.09 43.93
C ILE L 126 1.58 -21.95 42.63
N VAL L 127 2.45 -20.92 42.52
CA VAL L 127 3.06 -20.47 41.30
C VAL L 127 4.27 -19.65 41.74
N ALA L 128 5.31 -19.88 40.94
CA ALA L 128 6.56 -19.20 40.98
C ALA L 128 6.90 -19.04 39.53
N THR L 129 7.89 -18.10 39.37
CA THR L 129 8.59 -17.99 38.08
C THR L 129 10.04 -17.70 38.35
N GLY L 130 10.97 -17.80 37.33
CA GLY L 130 12.15 -17.09 37.18
C GLY L 130 13.30 -18.13 37.08
N SER L 131 14.45 -17.84 37.77
CA SER L 131 15.61 -18.72 37.93
C SER L 131 15.46 -19.18 39.39
N GLY L 132 14.73 -18.41 40.17
CA GLY L 132 14.55 -18.79 41.58
C GLY L 132 13.28 -19.58 41.71
N SER L 133 12.67 -19.89 40.53
CA SER L 133 11.38 -20.63 40.46
C SER L 133 11.39 -21.94 41.29
N LEU L 134 12.38 -22.87 41.06
CA LEU L 134 12.49 -24.18 41.71
C LEU L 134 12.72 -24.09 43.23
N THR L 135 13.59 -23.17 43.67
CA THR L 135 13.98 -22.88 45.09
C THR L 135 12.78 -22.37 45.89
N ALA L 136 12.22 -21.25 45.38
CA ALA L 136 11.15 -20.45 45.98
C ALA L 136 9.86 -21.32 46.11
N TYR L 137 9.55 -22.14 45.09
CA TYR L 137 8.40 -23.01 45.03
C TYR L 137 8.44 -24.03 46.10
N GLY L 138 9.60 -24.63 46.28
CA GLY L 138 9.78 -25.65 47.29
C GLY L 138 9.47 -25.16 48.73
N VAL L 139 9.90 -23.90 49.03
CA VAL L 139 9.61 -23.23 50.32
C VAL L 139 8.13 -23.09 50.48
N LEU L 140 7.44 -22.68 49.41
CA LEU L 140 6.01 -22.49 49.45
C LEU L 140 5.25 -23.73 49.69
N GLU L 141 5.64 -24.80 48.99
CA GLU L 141 4.98 -26.08 48.95
C GLU L 141 4.82 -26.58 50.38
N ASP L 142 5.97 -26.57 51.10
CA ASP L 142 6.16 -26.85 52.51
C ASP L 142 5.14 -26.42 53.54
N ARG L 143 4.66 -25.17 53.48
CA ARG L 143 3.68 -24.69 54.43
C ARG L 143 2.39 -24.23 53.74
N PHE L 144 2.30 -24.50 52.43
CA PHE L 144 1.04 -24.10 51.87
C PHE L 144 -0.11 -24.99 52.25
N THR L 145 -1.31 -24.48 52.44
CA THR L 145 -2.51 -25.18 52.72
C THR L 145 -3.50 -24.36 51.93
N PRO L 146 -4.61 -24.89 51.52
CA PRO L 146 -5.69 -24.15 50.90
C PRO L 146 -6.53 -23.32 51.83
N GLU L 147 -6.09 -23.31 53.14
CA GLU L 147 -6.80 -22.56 54.21
C GLU L 147 -5.87 -21.52 54.84
N ILE L 148 -4.71 -21.19 54.32
CA ILE L 148 -3.81 -20.23 54.78
C ILE L 148 -4.37 -18.86 54.90
N GLY L 149 -4.13 -18.13 56.08
CA GLY L 149 -4.72 -16.81 56.24
C GLY L 149 -3.89 -15.87 55.42
N VAL L 150 -4.34 -14.59 55.35
CA VAL L 150 -3.82 -13.59 54.44
C VAL L 150 -2.48 -13.20 55.01
N ASP L 151 -2.44 -12.95 56.28
CA ASP L 151 -1.17 -12.71 57.03
C ASP L 151 -0.15 -13.88 57.11
N GLU L 152 -0.59 -15.07 57.23
CA GLU L 152 0.21 -16.27 57.20
C GLU L 152 0.78 -16.42 55.81
N ALA L 153 0.01 -16.07 54.76
CA ALA L 153 0.42 -16.08 53.45
C ALA L 153 1.48 -15.05 53.17
N VAL L 154 1.41 -13.90 53.79
CA VAL L 154 2.35 -12.81 53.77
C VAL L 154 3.66 -13.26 54.43
N GLU L 155 3.62 -13.96 55.59
CA GLU L 155 4.71 -14.40 56.35
C GLU L 155 5.47 -15.51 55.60
N LEU L 156 4.62 -16.42 54.98
CA LEU L 156 5.08 -17.48 54.11
C LEU L 156 5.83 -16.91 52.88
N ALA L 157 5.15 -15.90 52.20
CA ALA L 157 5.63 -15.34 50.97
C ALA L 157 6.92 -14.65 51.13
N VAL L 158 7.09 -13.88 52.29
CA VAL L 158 8.32 -13.18 52.47
C VAL L 158 9.48 -14.04 52.77
N ARG L 159 9.23 -15.23 53.46
CA ARG L 159 10.24 -16.14 53.78
C ARG L 159 10.65 -16.86 52.53
N ALA L 160 9.65 -17.18 51.69
CA ALA L 160 9.88 -18.03 50.57
C ALA L 160 10.71 -17.24 49.57
N ILE L 161 10.35 -15.99 49.28
CA ILE L 161 10.99 -15.17 48.28
C ILE L 161 12.38 -14.80 48.73
N TYR L 162 12.61 -14.72 50.01
CA TYR L 162 13.78 -14.18 50.65
C TYR L 162 14.91 -15.25 50.45
N SER L 163 14.57 -16.57 50.61
CA SER L 163 15.42 -17.64 50.28
C SER L 163 15.99 -17.57 48.90
N ALA L 164 15.25 -17.37 47.76
CA ALA L 164 15.84 -17.38 46.43
C ALA L 164 16.59 -16.03 46.27
N MET L 165 16.05 -15.01 47.03
CA MET L 165 16.58 -13.61 46.92
C MET L 165 17.99 -13.46 47.47
N LYS L 166 18.50 -14.45 48.25
CA LYS L 166 19.82 -14.59 48.79
C LYS L 166 20.96 -14.54 47.69
N ARG L 167 20.62 -15.13 46.53
CA ARG L 167 21.43 -15.16 45.25
C ARG L 167 21.93 -13.78 44.81
N ASP L 168 21.13 -12.61 44.91
CA ASP L 168 21.57 -11.35 44.50
C ASP L 168 21.56 -10.52 45.70
N SER L 169 22.64 -9.72 45.96
CA SER L 169 22.72 -8.77 47.08
C SER L 169 22.42 -7.31 46.80
N ALA L 170 22.38 -7.01 45.49
CA ALA L 170 21.94 -5.79 44.93
C ALA L 170 20.45 -5.99 44.46
N SER L 171 19.64 -6.90 45.12
CA SER L 171 18.22 -6.87 44.97
C SER L 171 17.71 -7.38 46.28
N GLY L 172 18.60 -7.90 47.18
CA GLY L 172 18.11 -8.40 48.48
C GLY L 172 17.83 -7.40 49.55
N ASP L 173 18.02 -6.10 49.16
CA ASP L 173 17.59 -4.98 49.94
C ASP L 173 16.21 -4.66 49.30
N GLY L 174 15.10 -4.32 50.05
CA GLY L 174 13.79 -4.17 49.49
C GLY L 174 13.20 -5.43 49.00
N ILE L 175 11.88 -5.49 49.06
CA ILE L 175 11.07 -6.64 48.67
C ILE L 175 9.75 -6.13 48.15
N ASP L 176 9.15 -6.81 47.12
CA ASP L 176 7.88 -6.48 46.57
C ASP L 176 6.98 -7.44 47.20
N VAL L 177 5.80 -6.99 47.64
CA VAL L 177 4.82 -7.93 48.22
C VAL L 177 3.59 -7.24 47.95
N VAL L 178 2.48 -7.91 47.90
CA VAL L 178 1.20 -7.18 47.71
C VAL L 178 0.18 -7.98 48.42
N LYS L 179 -0.85 -7.32 49.03
CA LYS L 179 -1.98 -7.96 49.67
C LYS L 179 -3.08 -7.52 48.80
N ILE L 180 -3.97 -8.50 48.46
CA ILE L 180 -5.18 -8.36 47.74
C ILE L 180 -6.16 -9.06 48.68
N THR L 181 -7.16 -8.38 49.25
CA THR L 181 -8.08 -8.97 50.24
C THR L 181 -9.42 -8.32 49.96
N GLU L 182 -9.66 -7.64 48.81
CA GLU L 182 -10.94 -7.09 48.36
C GLU L 182 -11.30 -5.81 49.01
N ASP L 183 -10.46 -5.24 49.88
CA ASP L 183 -10.71 -4.06 50.62
C ASP L 183 -9.45 -3.20 50.54
N GLU L 184 -8.30 -3.80 50.22
CA GLU L 184 -6.97 -3.23 50.24
C GLU L 184 -6.35 -3.84 49.01
N PHE L 185 -5.77 -2.97 48.15
CA PHE L 185 -4.70 -3.18 47.32
C PHE L 185 -3.73 -2.46 48.07
N TYR L 186 -2.93 -3.27 48.83
CA TYR L 186 -2.01 -2.71 49.82
C TYR L 186 -0.72 -3.16 49.10
N GLN L 187 0.31 -2.31 49.11
CA GLN L 187 1.61 -2.57 48.61
C GLN L 187 2.36 -2.06 49.79
N TYR L 188 3.09 -2.98 50.52
CA TYR L 188 3.56 -2.66 51.84
C TYR L 188 4.48 -1.61 51.92
N SER L 189 5.53 -1.57 51.02
CA SER L 189 6.62 -0.66 50.88
C SER L 189 7.80 -1.18 51.75
N PRO L 190 9.09 -1.04 51.40
CA PRO L 190 10.21 -1.69 52.04
C PRO L 190 10.29 -1.74 53.52
N GLU L 191 10.03 -0.54 54.10
CA GLU L 191 10.25 -0.28 55.48
C GLU L 191 9.44 -1.22 56.34
N GLU L 192 8.10 -1.32 56.13
CA GLU L 192 7.12 -2.11 56.92
C GLU L 192 7.35 -3.58 56.68
N VAL L 193 7.70 -4.02 55.44
CA VAL L 193 8.12 -5.40 55.28
C VAL L 193 9.41 -5.71 56.03
N GLU L 194 10.41 -4.87 56.09
CA GLU L 194 11.82 -5.11 56.53
C GLU L 194 11.84 -5.56 57.94
N GLN L 195 10.89 -5.15 58.87
CA GLN L 195 10.95 -5.62 60.25
C GLN L 195 10.49 -7.07 60.41
N ILE L 196 9.78 -7.56 59.42
CA ILE L 196 9.31 -8.92 59.40
C ILE L 196 10.38 -9.93 59.16
N LEU L 197 11.28 -9.58 58.14
CA LEU L 197 12.40 -10.36 57.73
C LEU L 197 13.70 -9.88 58.32
N ALA L 198 13.63 -9.08 59.38
CA ALA L 198 14.79 -8.98 60.24
C ALA L 198 15.06 -10.29 60.97
N LYS L 199 13.94 -11.04 61.27
CA LYS L 199 13.89 -12.23 61.99
C LYS L 199 14.48 -13.42 61.16
N PHE L 200 14.46 -13.37 59.82
CA PHE L 200 15.08 -14.36 58.97
C PHE L 200 16.43 -13.82 58.47
N ARG L 201 16.87 -12.62 59.09
CA ARG L 201 18.11 -11.99 58.99
C ARG L 201 18.51 -11.46 57.65
N LYS L 202 19.38 -10.44 57.61
CA LYS L 202 19.93 -9.98 56.41
C LYS L 202 21.14 -10.92 56.23
N THR M 1 30.92 6.99 30.67
CA THR M 1 29.66 7.83 30.73
C THR M 1 28.96 7.55 31.97
N THR M 2 28.60 8.63 32.76
CA THR M 2 28.11 8.45 34.06
C THR M 2 27.29 9.67 34.41
N THR M 3 26.13 9.50 35.15
CA THR M 3 25.21 10.49 35.43
C THR M 3 25.00 10.34 36.88
N VAL M 4 24.54 11.48 37.54
CA VAL M 4 24.06 11.50 38.94
C VAL M 4 22.91 12.46 38.84
N GLY M 5 22.02 12.42 39.89
CA GLY M 5 20.83 13.25 39.91
C GLY M 5 20.47 13.15 41.33
N LEU M 6 20.09 14.28 42.00
CA LEU M 6 19.67 14.20 43.35
C LEU M 6 18.66 15.24 43.67
N VAL M 7 17.56 14.84 44.38
CA VAL M 7 16.39 15.63 44.47
C VAL M 7 16.48 16.30 45.85
N CYS M 8 16.38 17.67 45.87
CA CYS M 8 16.57 18.44 47.10
C CYS M 8 15.25 19.05 47.51
N LYS M 9 15.25 19.92 48.54
CA LYS M 9 14.12 20.56 49.20
C LYS M 9 13.95 21.98 48.76
N ASP M 10 15.00 22.48 47.96
CA ASP M 10 14.88 23.77 47.33
C ASP M 10 15.12 23.75 45.81
N GLY M 11 15.71 22.65 45.30
CA GLY M 11 15.95 22.48 43.88
C GLY M 11 16.06 20.99 43.47
N VAL M 12 16.71 20.75 42.35
CA VAL M 12 17.11 19.50 41.61
C VAL M 12 18.44 19.74 40.92
N VAL M 13 19.42 18.91 41.12
CA VAL M 13 20.73 19.14 40.68
C VAL M 13 21.18 17.85 40.04
N MET M 14 21.80 17.91 38.82
CA MET M 14 22.30 16.66 38.15
C MET M 14 23.65 16.99 37.74
N ALA M 15 24.48 15.99 37.36
CA ALA M 15 25.80 16.34 36.90
C ALA M 15 26.12 15.14 36.00
N THR M 16 26.90 15.41 34.95
CA THR M 16 27.24 14.37 34.03
C THR M 16 28.66 14.75 33.70
N GLU M 17 29.45 13.82 33.15
CA GLU M 17 30.74 14.11 32.53
C GLU M 17 30.46 14.42 31.12
N LYS M 18 31.48 14.75 30.30
CA LYS M 18 31.39 15.23 28.95
C LYS M 18 32.18 14.22 28.21
N ARG M 19 31.75 13.84 27.00
CA ARG M 19 32.56 13.12 26.15
C ARG M 19 32.00 13.45 24.75
N ALA M 20 32.91 13.62 23.78
CA ALA M 20 32.32 14.06 22.51
C ALA M 20 32.74 13.01 21.49
N THR M 21 33.55 11.98 21.87
CA THR M 21 33.96 11.01 20.93
C THR M 21 32.87 10.07 20.40
N MET M 22 32.78 10.18 19.04
CA MET M 22 32.10 9.23 18.19
C MET M 22 33.23 8.73 17.30
N GLY M 23 34.51 9.00 17.66
CA GLY M 23 35.65 8.65 16.83
C GLY M 23 36.83 8.54 17.80
N ASN M 24 38.06 9.03 17.37
CA ASN M 24 39.14 9.22 18.36
C ASN M 24 39.55 10.62 18.22
N PHE M 25 39.13 11.52 19.14
CA PHE M 25 39.50 12.89 19.12
C PHE M 25 39.37 13.58 20.43
N ILE M 26 39.94 14.77 20.48
CA ILE M 26 39.84 15.73 21.53
C ILE M 26 39.40 17.02 20.69
N ALA M 27 38.39 17.74 21.24
CA ALA M 27 37.91 19.00 20.75
C ALA M 27 36.70 19.42 21.66
N SER M 28 36.40 18.77 22.76
CA SER M 28 35.37 19.20 23.72
C SER M 28 35.69 20.58 24.16
N LYS M 29 34.86 21.56 23.94
CA LYS M 29 35.04 22.89 24.51
C LYS M 29 33.57 23.25 24.76
N ALA M 30 32.86 23.54 23.69
CA ALA M 30 31.46 24.05 23.74
C ALA M 30 30.59 22.79 23.54
N ALA M 31 30.98 21.59 24.01
CA ALA M 31 30.16 20.37 23.80
C ALA M 31 29.24 20.36 25.07
N LYS M 32 28.33 19.42 25.15
CA LYS M 32 27.57 19.06 26.32
C LYS M 32 27.08 17.68 26.21
N LYS M 33 26.35 17.35 27.31
CA LYS M 33 25.86 16.05 27.68
C LYS M 33 24.77 16.26 28.70
N ILE M 34 24.28 17.47 28.82
CA ILE M 34 23.09 17.85 29.61
C ILE M 34 22.34 18.93 28.74
N TYR M 35 21.06 18.74 28.46
CA TYR M 35 20.25 19.56 27.61
C TYR M 35 19.18 20.12 28.42
N GLN M 36 18.51 21.10 27.70
CA GLN M 36 17.43 21.82 28.30
C GLN M 36 16.22 21.30 27.57
N ILE M 37 15.30 20.67 28.25
CA ILE M 37 14.11 20.15 27.58
C ILE M 37 13.00 21.15 27.83
N ALA M 38 12.97 22.08 28.86
CA ALA M 38 11.96 23.05 29.08
C ALA M 38 12.60 24.09 29.95
N ASP M 39 11.90 25.15 30.25
CA ASP M 39 12.41 26.32 30.99
C ASP M 39 12.99 25.96 32.37
N ARG M 40 12.47 24.92 33.02
CA ARG M 40 13.00 24.42 34.30
C ARG M 40 13.08 22.93 34.27
N MET M 41 13.63 22.32 33.26
CA MET M 41 13.61 20.92 33.12
C MET M 41 14.80 20.60 32.37
N ALA M 42 15.48 19.49 32.70
CA ALA M 42 16.74 19.09 32.07
C ALA M 42 16.71 17.67 31.74
N MET M 43 17.71 17.16 31.02
CA MET M 43 17.92 15.76 30.58
C MET M 43 19.44 15.52 30.54
N THR M 44 19.87 14.44 31.12
CA THR M 44 21.16 13.94 31.15
C THR M 44 21.00 12.68 30.33
N THR M 45 22.08 12.23 29.67
CA THR M 45 22.08 11.01 28.91
C THR M 45 23.17 10.12 29.34
N ALA M 46 22.91 8.82 29.44
CA ALA M 46 24.00 7.89 29.63
C ALA M 46 23.86 6.98 28.47
N GLY M 47 24.89 6.92 27.51
CA GLY M 47 24.72 6.22 26.26
C GLY M 47 25.55 7.03 25.25
N SER M 48 25.25 6.92 23.88
CA SER M 48 25.93 7.57 22.81
C SER M 48 25.62 9.10 22.80
N VAL M 49 26.63 9.85 22.43
CA VAL M 49 26.59 11.30 22.30
C VAL M 49 25.64 11.80 21.19
N GLY M 50 25.70 11.09 20.07
CA GLY M 50 25.02 11.31 18.85
C GLY M 50 23.57 11.31 18.98
N ASP M 51 23.09 10.21 19.56
CA ASP M 51 21.67 9.94 19.74
C ASP M 51 21.09 10.95 20.70
N ALA M 52 21.79 11.32 21.75
CA ALA M 52 21.41 12.17 22.90
C ALA M 52 21.00 13.57 22.42
N GLN M 53 21.90 14.15 21.63
CA GLN M 53 21.77 15.50 21.12
C GLN M 53 20.56 15.66 20.20
N PHE M 54 20.38 14.66 19.32
CA PHE M 54 19.26 14.50 18.36
C PHE M 54 17.97 14.38 19.15
N LEU M 55 17.96 13.51 20.15
CA LEU M 55 16.75 13.21 20.98
C LEU M 55 16.24 14.38 21.82
N ALA M 56 17.17 15.14 22.43
CA ALA M 56 16.85 16.31 23.20
C ALA M 56 15.96 17.34 22.46
N ARG M 57 16.36 17.63 21.19
CA ARG M 57 15.62 18.47 20.39
C ARG M 57 14.17 17.97 20.14
N ILE M 58 13.98 16.70 19.80
CA ILE M 58 12.63 16.14 19.51
C ILE M 58 11.77 16.28 20.73
N ILE M 59 12.33 15.95 21.94
CA ILE M 59 11.58 15.99 23.21
C ILE M 59 11.28 17.39 23.51
N LYS M 60 12.30 18.33 23.36
CA LYS M 60 12.22 19.74 23.66
C LYS M 60 11.04 20.41 22.96
N ILE M 61 10.86 20.09 21.60
CA ILE M 61 9.92 20.49 20.65
C ILE M 61 8.51 20.07 21.04
N GLU M 62 8.30 18.77 21.46
CA GLU M 62 7.11 18.13 21.97
C GLU M 62 6.66 18.69 23.26
N ALA M 63 7.64 18.97 24.15
CA ALA M 63 7.46 19.64 25.38
C ALA M 63 7.03 21.07 25.35
N ASN M 64 7.68 21.87 24.47
CA ASN M 64 7.39 23.23 24.07
C ASN M 64 6.02 23.33 23.49
N LEU M 65 5.72 22.37 22.60
CA LEU M 65 4.42 22.19 21.97
C LEU M 65 3.31 21.90 22.92
N TYR M 66 3.46 21.04 23.91
CA TYR M 66 2.54 20.71 24.97
C TYR M 66 2.06 21.91 25.66
N GLU M 67 3.05 22.76 26.08
CA GLU M 67 2.91 24.01 26.76
C GLU M 67 2.13 24.98 26.04
N ILE M 68 2.48 25.22 24.68
CA ILE M 68 1.70 26.07 23.81
C ILE M 68 0.28 25.53 23.62
N ARG M 69 0.18 24.24 23.44
CA ARG M 69 -1.04 23.64 23.00
C ARG M 69 -2.11 23.68 24.03
N ARG M 70 -1.80 23.31 25.32
CA ARG M 70 -2.81 23.13 26.29
C ARG M 70 -2.86 24.32 27.21
N GLU M 71 -1.87 25.23 27.04
CA GLU M 71 -1.67 26.45 27.86
C GLU M 71 -1.48 26.19 29.33
N ARG M 72 -0.74 25.05 29.55
CA ARG M 72 -0.40 24.67 30.86
C ARG M 72 0.88 24.04 30.58
N LYS M 73 1.94 24.38 31.41
CA LYS M 73 3.33 23.85 31.31
C LYS M 73 3.44 22.35 31.40
N PRO M 74 4.47 21.75 30.83
CA PRO M 74 4.64 20.30 30.87
C PRO M 74 5.05 19.89 32.27
N THR M 75 4.58 18.75 32.77
CA THR M 75 4.91 18.34 34.14
C THR M 75 5.98 17.32 33.89
N VAL M 76 6.82 17.11 34.94
CA VAL M 76 7.94 16.29 34.93
C VAL M 76 7.69 14.88 34.56
N ARG M 77 6.46 14.43 34.98
CA ARG M 77 5.94 13.10 34.72
C ARG M 77 5.58 12.83 33.27
N ALA M 78 4.95 13.79 32.64
CA ALA M 78 4.44 13.85 31.28
C ALA M 78 5.51 13.71 30.24
N ILE M 79 6.64 14.49 30.36
CA ILE M 79 7.71 14.57 29.40
C ILE M 79 8.36 13.27 29.46
N ALA M 80 8.67 12.75 30.69
CA ALA M 80 9.31 11.48 30.83
C ALA M 80 8.59 10.28 30.25
N THR M 81 7.31 10.21 30.43
CA THR M 81 6.40 9.17 29.88
C THR M 81 6.32 9.28 28.37
N LEU M 82 6.28 10.51 27.82
CA LEU M 82 6.34 10.76 26.42
C LEU M 82 7.63 10.23 25.80
N THR M 83 8.73 10.44 26.51
CA THR M 83 10.08 9.92 26.24
C THR M 83 10.15 8.40 26.25
N SER M 84 9.43 7.74 27.21
CA SER M 84 9.35 6.31 27.26
C SER M 84 8.83 5.72 25.99
N ASN M 85 7.74 6.32 25.44
CA ASN M 85 7.10 5.95 24.18
C ASN M 85 7.95 6.07 23.02
N LEU M 86 8.71 7.17 22.95
CA LEU M 86 9.58 7.52 21.82
C LEU M 86 10.68 6.44 21.77
N LEU M 87 11.29 6.18 22.91
CA LEU M 87 12.29 5.14 22.95
C LEU M 87 11.77 3.74 22.70
N ASN M 88 10.54 3.38 23.18
CA ASN M 88 9.89 2.12 23.01
C ASN M 88 9.73 1.91 21.48
N SER M 89 9.43 2.94 20.65
CA SER M 89 9.26 2.81 19.17
C SER M 89 10.59 2.59 18.46
N TYR M 90 11.63 3.32 18.93
CA TYR M 90 12.89 3.28 18.28
C TYR M 90 13.82 2.21 18.78
N ARG M 91 13.27 1.13 19.41
CA ARG M 91 14.14 0.15 20.10
C ARG M 91 14.31 -1.03 19.18
N TYR M 92 13.79 -0.91 17.97
CA TYR M 92 13.81 -1.94 16.99
C TYR M 92 14.97 -1.77 16.03
N PHE M 93 15.84 -0.77 16.32
CA PHE M 93 17.06 -0.51 15.63
C PHE M 93 17.96 0.19 16.57
N PRO M 94 19.30 0.37 16.40
CA PRO M 94 20.14 1.07 17.36
C PRO M 94 19.79 2.50 17.59
N TYR M 95 19.45 2.91 18.85
CA TYR M 95 19.07 4.20 19.04
C TYR M 95 18.84 4.02 20.53
N LEU M 96 19.66 3.23 21.27
CA LEU M 96 19.41 2.89 22.62
C LEU M 96 20.19 3.81 23.47
N VAL M 97 19.51 4.54 24.44
CA VAL M 97 20.12 5.41 25.43
C VAL M 97 19.20 5.53 26.63
N GLN M 98 19.81 5.63 27.77
CA GLN M 98 19.13 5.64 29.00
C GLN M 98 19.15 7.12 29.38
N LEU M 99 18.00 7.91 29.57
CA LEU M 99 18.12 9.28 29.77
C LEU M 99 17.61 9.49 31.21
N LEU M 100 18.00 10.57 31.96
CA LEU M 100 17.40 10.95 33.17
C LEU M 100 16.88 12.36 33.04
N ILE M 101 15.53 12.55 32.93
CA ILE M 101 14.70 13.70 32.65
C ILE M 101 14.29 14.04 34.06
N GLY M 102 14.53 15.32 34.46
CA GLY M 102 14.01 15.68 35.79
C GLY M 102 14.13 17.11 35.82
N GLY M 103 13.40 17.71 36.82
CA GLY M 103 13.42 19.11 37.19
C GLY M 103 12.15 19.36 37.86
N ILE M 104 11.39 20.40 37.55
CA ILE M 104 10.47 21.10 38.47
C ILE M 104 9.13 21.38 37.82
N ASP M 105 8.09 21.32 38.68
CA ASP M 105 6.73 21.52 38.27
C ASP M 105 6.09 22.05 39.53
N SER M 106 4.76 22.26 39.40
CA SER M 106 4.01 22.84 40.44
C SER M 106 3.66 21.81 41.50
N GLU M 107 3.95 20.55 41.29
CA GLU M 107 3.56 19.55 42.25
C GLU M 107 4.82 19.24 43.04
N GLY M 108 6.05 19.73 42.64
CA GLY M 108 7.21 19.65 43.45
C GLY M 108 8.36 19.37 42.52
N LYS M 109 9.28 18.49 43.03
CA LYS M 109 10.53 18.10 42.36
C LYS M 109 10.49 16.60 42.07
N SER M 110 11.07 16.21 40.93
CA SER M 110 11.21 14.81 40.59
C SER M 110 12.32 14.55 39.70
N ILE M 111 12.83 13.31 39.60
CA ILE M 111 13.85 12.82 38.62
C ILE M 111 13.18 11.56 38.14
N TYR M 112 13.27 11.21 36.85
CA TYR M 112 12.69 10.04 36.39
C TYR M 112 13.67 9.45 35.51
N SER M 113 14.04 8.16 35.63
CA SER M 113 14.91 7.40 34.76
C SER M 113 14.08 6.70 33.79
N ILE M 114 14.36 6.84 32.49
CA ILE M 114 13.69 6.36 31.38
C ILE M 114 14.73 5.30 30.89
N ASP M 115 14.25 4.08 30.68
CA ASP M 115 14.94 2.83 30.32
C ASP M 115 14.78 2.76 28.86
N PRO M 116 15.78 2.32 28.10
CA PRO M 116 15.77 2.42 26.61
C PRO M 116 14.94 1.34 25.98
N ILE M 117 14.41 0.35 26.71
CA ILE M 117 13.59 -0.77 26.11
C ILE M 117 12.15 -0.37 26.47
N GLY M 118 12.04 0.94 26.96
CA GLY M 118 10.82 1.53 27.31
C GLY M 118 10.59 1.44 28.80
N GLY M 119 9.59 2.17 29.30
CA GLY M 119 9.18 2.17 30.73
C GLY M 119 9.97 3.27 31.35
N ALA M 120 9.38 3.88 32.44
CA ALA M 120 9.95 5.02 33.10
C ALA M 120 9.48 4.77 34.50
N ILE M 121 10.44 4.93 35.42
CA ILE M 121 10.37 4.70 36.78
C ILE M 121 10.99 5.97 37.34
N GLU M 122 10.65 6.12 38.61
CA GLU M 122 10.73 7.39 39.27
C GLU M 122 11.69 7.14 40.37
N GLU M 123 12.29 8.26 40.93
CA GLU M 123 13.37 8.23 41.84
C GLU M 123 13.11 9.29 42.87
N LYS M 124 13.25 8.84 44.13
CA LYS M 124 12.88 9.62 45.34
C LYS M 124 13.73 10.80 45.57
N ASP M 125 15.07 10.49 45.51
CA ASP M 125 16.07 11.49 45.81
C ASP M 125 17.37 11.23 45.10
N ILE M 126 17.65 10.01 44.62
CA ILE M 126 19.08 9.73 44.28
C ILE M 126 19.18 8.74 43.17
N VAL M 127 19.95 9.02 42.16
CA VAL M 127 20.10 8.08 41.05
C VAL M 127 21.47 8.13 40.44
N ALA M 128 21.84 7.10 39.65
CA ALA M 128 23.09 6.99 39.00
C ALA M 128 23.30 5.55 38.78
N THR M 129 23.61 4.92 37.57
CA THR M 129 23.35 5.08 36.08
C THR M 129 24.66 5.48 35.38
N GLY M 130 25.14 4.41 34.67
CA GLY M 130 26.30 4.46 33.76
C GLY M 130 27.32 3.42 34.07
N SER M 131 28.59 3.63 33.60
CA SER M 131 29.67 2.70 33.82
C SER M 131 30.48 3.11 34.99
N GLY M 132 30.10 4.32 35.46
CA GLY M 132 30.67 5.04 36.59
C GLY M 132 29.89 4.89 37.83
N SER M 133 28.63 4.28 37.73
CA SER M 133 27.54 4.11 38.67
C SER M 133 27.94 3.67 40.01
N LEU M 134 28.82 2.66 40.08
CA LEU M 134 29.27 2.08 41.29
C LEU M 134 30.01 3.03 42.22
N THR M 135 30.89 3.78 41.58
CA THR M 135 31.70 4.78 42.21
C THR M 135 30.89 6.06 42.56
N ALA M 136 30.11 6.49 41.55
CA ALA M 136 29.30 7.66 41.64
C ALA M 136 28.20 7.60 42.69
N TYR M 137 27.44 6.50 42.65
CA TYR M 137 26.41 6.25 43.53
C TYR M 137 26.90 5.95 44.96
N GLY M 138 28.02 5.13 45.14
CA GLY M 138 28.73 4.80 46.33
C GLY M 138 29.07 5.95 47.23
N VAL M 139 29.69 7.04 46.71
CA VAL M 139 30.01 8.28 47.50
C VAL M 139 28.84 9.21 47.65
N LEU M 140 27.95 9.18 46.66
CA LEU M 140 26.85 10.21 46.60
C LEU M 140 25.91 9.99 47.74
N GLU M 141 25.41 8.70 48.01
CA GLU M 141 24.40 8.45 49.03
C GLU M 141 24.93 8.52 50.40
N ASP M 142 26.29 8.47 50.52
CA ASP M 142 26.98 8.51 51.82
C ASP M 142 26.93 9.90 52.37
N ARG M 143 27.19 10.90 51.53
CA ARG M 143 27.27 12.22 52.18
C ARG M 143 26.05 12.98 51.95
N PHE M 144 25.00 12.38 51.26
CA PHE M 144 23.62 12.93 51.06
C PHE M 144 22.75 12.83 52.28
N THR M 145 21.86 13.83 52.44
CA THR M 145 20.81 13.72 53.40
C THR M 145 19.80 14.69 52.78
N PRO M 146 18.53 14.57 52.93
CA PRO M 146 17.68 15.26 51.95
C PRO M 146 17.18 16.60 52.51
N GLU M 147 17.74 17.09 53.63
CA GLU M 147 17.39 18.37 54.18
C GLU M 147 18.35 19.42 53.72
N ILE M 148 19.13 19.14 52.61
CA ILE M 148 20.26 20.01 52.07
C ILE M 148 19.78 21.12 51.14
N GLY M 149 20.56 22.15 51.08
CA GLY M 149 20.41 23.23 50.15
C GLY M 149 20.84 22.77 48.71
N VAL M 150 20.68 23.67 47.73
CA VAL M 150 20.93 23.40 46.35
C VAL M 150 22.39 23.59 46.14
N ASP M 151 22.94 24.60 46.84
CA ASP M 151 24.35 24.96 46.73
C ASP M 151 25.18 23.76 47.27
N GLU M 152 24.74 23.12 48.37
CA GLU M 152 25.44 21.96 48.94
C GLU M 152 25.26 20.72 48.06
N ALA M 153 24.13 20.75 47.34
CA ALA M 153 23.83 19.76 46.32
C ALA M 153 24.74 19.85 45.13
N VAL M 154 25.07 21.01 44.61
CA VAL M 154 26.00 21.25 43.50
C VAL M 154 27.32 20.72 43.85
N GLU M 155 27.79 21.03 45.04
CA GLU M 155 29.12 20.58 45.45
C GLU M 155 29.18 19.02 45.51
N LEU M 156 28.16 18.37 46.10
CA LEU M 156 28.12 16.90 46.25
C LEU M 156 28.04 16.33 44.87
N ALA M 157 27.20 16.87 43.93
CA ALA M 157 27.02 16.32 42.59
C ALA M 157 28.31 16.29 41.85
N VAL M 158 29.08 17.39 41.90
CA VAL M 158 30.40 17.46 41.20
C VAL M 158 31.39 16.42 41.67
N ARG M 159 31.44 16.24 43.03
CA ARG M 159 32.30 15.24 43.67
C ARG M 159 31.95 13.84 43.24
N ALA M 160 30.62 13.59 43.16
CA ALA M 160 30.14 12.30 42.73
C ALA M 160 30.54 11.85 41.31
N ILE M 161 30.41 12.75 40.28
CA ILE M 161 30.90 12.47 38.96
C ILE M 161 32.50 12.51 38.90
N TYR M 162 33.09 13.43 39.64
CA TYR M 162 34.51 13.71 39.64
C TYR M 162 35.37 12.49 40.07
N SER M 163 34.85 11.83 41.20
CA SER M 163 35.44 10.55 41.63
C SER M 163 35.22 9.53 40.59
N ALA M 164 34.09 9.49 39.85
CA ALA M 164 33.93 8.45 38.89
C ALA M 164 34.90 8.50 37.78
N MET M 165 35.21 9.69 37.26
CA MET M 165 36.06 9.85 36.10
C MET M 165 37.50 9.42 36.37
N LYS M 166 38.03 9.62 37.66
CA LYS M 166 39.30 9.27 38.23
C LYS M 166 39.42 7.78 38.36
N ARG M 167 38.37 6.96 38.64
CA ARG M 167 38.58 5.52 38.89
C ARG M 167 38.06 4.70 37.68
N ASP M 168 37.74 5.39 36.49
CA ASP M 168 37.55 4.75 35.21
C ASP M 168 38.66 5.26 34.36
N SER M 169 38.76 4.88 33.11
CA SER M 169 39.76 5.48 32.24
C SER M 169 39.04 5.52 30.90
N ALA M 170 37.73 5.80 30.93
CA ALA M 170 36.90 5.78 29.84
C ALA M 170 35.76 6.76 30.04
N SER M 171 35.58 7.36 31.23
CA SER M 171 34.64 8.43 31.50
C SER M 171 35.47 9.72 31.37
N GLY M 172 35.28 10.43 30.15
CA GLY M 172 35.86 11.69 29.75
C GLY M 172 35.88 12.79 30.72
N ASP M 173 36.80 13.64 30.40
CA ASP M 173 37.01 14.90 31.13
C ASP M 173 36.02 15.93 30.87
N GLY M 174 35.85 16.83 31.87
CA GLY M 174 34.86 17.88 31.76
C GLY M 174 33.55 17.45 32.39
N ILE M 175 32.73 18.39 32.92
CA ILE M 175 31.55 17.99 33.57
C ILE M 175 30.54 19.09 33.29
N ASP M 176 29.26 18.71 33.07
CA ASP M 176 28.22 19.67 33.07
C ASP M 176 27.53 19.40 34.37
N VAL M 177 27.05 20.52 34.99
CA VAL M 177 26.38 20.47 36.30
C VAL M 177 25.22 21.40 36.04
N VAL M 178 23.98 20.97 36.47
CA VAL M 178 22.73 21.67 36.17
C VAL M 178 22.09 21.89 37.49
N LYS M 179 21.66 23.13 37.77
CA LYS M 179 21.10 23.53 39.00
C LYS M 179 19.86 24.12 38.56
N ILE M 180 18.78 23.57 39.09
CA ILE M 180 17.40 23.93 38.79
C ILE M 180 16.94 24.33 40.17
N THR M 181 16.70 25.64 40.38
CA THR M 181 16.50 26.17 41.77
C THR M 181 15.15 26.87 41.86
N GLU M 182 14.31 26.75 40.83
CA GLU M 182 12.95 27.25 40.79
C GLU M 182 12.94 28.78 40.79
N ASP M 183 13.95 29.43 40.17
CA ASP M 183 13.90 30.86 39.87
C ASP M 183 14.84 30.93 38.76
N GLU M 184 15.75 29.96 38.53
CA GLU M 184 16.75 29.91 37.55
C GLU M 184 17.00 28.43 37.16
N PHE M 185 17.79 28.35 36.02
CA PHE M 185 18.07 27.14 35.31
C PHE M 185 19.47 27.50 34.87
N TYR M 186 20.45 27.08 35.71
CA TYR M 186 21.83 27.42 35.36
C TYR M 186 22.49 26.09 35.17
N GLN M 187 23.32 26.11 34.12
CA GLN M 187 24.14 25.00 33.70
C GLN M 187 25.43 25.65 33.80
N TYR M 188 26.21 25.22 34.81
CA TYR M 188 27.50 25.83 35.18
C TYR M 188 28.49 25.69 34.09
N SER M 189 28.56 24.47 33.46
CA SER M 189 29.61 24.19 32.38
C SER M 189 31.08 24.29 32.96
N PRO M 190 32.01 23.54 32.39
CA PRO M 190 33.38 23.35 32.85
C PRO M 190 34.11 24.52 33.45
N GLU M 191 34.13 25.70 32.81
CA GLU M 191 34.79 26.94 33.24
C GLU M 191 34.44 27.32 34.62
N GLU M 192 33.15 27.49 34.93
CA GLU M 192 32.56 27.76 36.22
C GLU M 192 32.71 26.64 37.24
N VAL M 193 32.58 25.34 36.84
CA VAL M 193 32.77 24.32 37.83
C VAL M 193 34.17 24.24 38.26
N GLU M 194 35.13 24.27 37.29
CA GLU M 194 36.53 24.15 37.55
C GLU M 194 37.06 25.29 38.47
N GLN M 195 36.30 26.43 38.37
CA GLN M 195 36.63 27.66 39.09
C GLN M 195 36.19 27.62 40.55
N ILE M 196 35.10 26.83 40.87
CA ILE M 196 34.61 26.67 42.15
C ILE M 196 35.39 25.59 42.90
N LEU M 197 35.73 24.58 42.14
CA LEU M 197 36.35 23.39 42.66
C LEU M 197 37.89 23.64 42.75
N ALA M 198 38.45 24.85 42.38
CA ALA M 198 39.85 25.13 42.53
C ALA M 198 40.11 25.48 43.99
N LYS M 199 38.99 25.76 44.76
CA LYS M 199 39.04 25.96 46.14
C LYS M 199 38.75 24.71 46.84
N PHE M 200 38.03 23.71 46.32
CA PHE M 200 37.54 22.56 47.07
C PHE M 200 38.08 21.30 46.43
N ARG M 201 39.32 21.32 45.88
CA ARG M 201 39.96 20.15 45.41
C ARG M 201 41.44 20.45 45.24
N LYS M 202 42.02 21.22 46.23
CA LYS M 202 43.38 21.62 46.17
C LYS M 202 43.76 21.77 47.71
N THR N 1 43.11 10.23 6.75
CA THR N 1 41.91 11.13 7.05
C THR N 1 41.97 11.82 8.39
N THR N 2 42.05 13.20 8.38
CA THR N 2 42.23 14.11 9.48
C THR N 2 41.56 15.38 9.02
N THR N 3 40.85 16.17 9.96
CA THR N 3 40.28 17.41 9.64
C THR N 3 40.62 18.27 10.79
N VAL N 4 40.62 19.56 10.42
CA VAL N 4 40.78 20.61 11.30
C VAL N 4 39.84 21.64 10.96
N GLY N 5 39.57 22.53 11.91
CA GLY N 5 38.77 23.73 11.72
C GLY N 5 39.07 24.65 12.84
N LEU N 6 39.19 25.94 12.60
CA LEU N 6 39.42 26.95 13.59
C LEU N 6 38.59 28.17 13.23
N VAL N 7 37.87 28.77 14.21
CA VAL N 7 37.21 30.08 14.27
C VAL N 7 38.25 31.12 14.65
N CYS N 8 38.32 32.26 13.90
CA CYS N 8 39.32 33.23 13.92
C CYS N 8 38.66 34.59 14.12
N LYS N 9 39.46 35.69 14.41
CA LYS N 9 39.03 37.02 14.67
C LYS N 9 38.31 37.71 13.56
N ASP N 10 38.45 37.22 12.31
CA ASP N 10 37.95 37.87 11.14
C ASP N 10 37.63 36.87 10.07
N GLY N 11 37.67 35.54 10.36
CA GLY N 11 37.41 34.58 9.30
C GLY N 11 37.06 33.34 9.98
N VAL N 12 36.95 32.29 9.06
CA VAL N 12 36.83 30.94 9.42
C VAL N 12 37.82 30.25 8.59
N VAL N 13 38.55 29.27 9.17
CA VAL N 13 39.51 28.54 8.35
C VAL N 13 39.25 27.10 8.70
N MET N 14 39.29 26.14 7.68
CA MET N 14 39.29 24.70 7.88
C MET N 14 40.34 24.12 6.92
N ALA N 15 40.74 22.84 7.18
CA ALA N 15 41.66 22.17 6.30
C ALA N 15 41.57 20.72 6.46
N THR N 16 42.01 19.97 5.39
CA THR N 16 41.91 18.51 5.21
C THR N 16 43.14 18.14 4.31
N GLU N 17 43.28 16.87 3.95
CA GLU N 17 44.21 16.38 2.84
C GLU N 17 43.21 15.70 1.93
N LYS N 18 43.35 16.03 0.61
CA LYS N 18 42.37 15.65 -0.40
C LYS N 18 42.51 14.24 -0.79
N ARG N 19 43.79 13.81 -1.05
CA ARG N 19 44.11 12.39 -1.31
C ARG N 19 43.88 11.66 -0.02
N ALA N 20 43.02 10.62 -0.04
CA ALA N 20 42.61 9.77 1.08
C ALA N 20 42.63 8.40 0.46
N THR N 21 43.26 7.44 1.15
CA THR N 21 43.45 6.10 0.61
C THR N 21 43.07 5.07 1.72
N MET N 22 42.46 3.94 1.27
CA MET N 22 41.99 2.84 2.05
C MET N 22 42.30 1.70 1.15
N GLY N 23 42.98 0.64 1.72
CA GLY N 23 43.54 -0.45 1.02
C GLY N 23 44.80 0.09 0.53
N ASN N 24 45.06 -0.01 -0.78
CA ASN N 24 46.27 0.39 -1.44
C ASN N 24 45.78 1.50 -2.51
N PHE N 25 44.42 1.57 -2.57
CA PHE N 25 43.65 2.33 -3.59
C PHE N 25 43.36 3.77 -3.20
N ILE N 26 43.88 4.68 -4.03
CA ILE N 26 43.79 6.12 -3.94
C ILE N 26 42.38 6.49 -4.32
N ALA N 27 41.66 7.28 -3.41
CA ALA N 27 40.30 7.65 -3.65
C ALA N 27 40.03 8.74 -4.63
N SER N 28 40.84 9.84 -4.63
CA SER N 28 40.59 10.97 -5.43
C SER N 28 41.92 11.41 -5.81
N LYS N 29 42.16 11.62 -7.16
CA LYS N 29 43.40 11.98 -7.79
C LYS N 29 43.88 13.33 -7.31
N ALA N 30 43.01 14.35 -7.17
CA ALA N 30 43.47 15.61 -6.63
C ALA N 30 42.32 16.57 -6.65
N ALA N 31 41.11 15.92 -6.60
CA ALA N 31 39.79 16.52 -6.54
C ALA N 31 39.55 16.73 -5.07
N LYS N 32 38.82 17.81 -4.79
CA LYS N 32 38.42 18.44 -3.54
C LYS N 32 37.90 17.56 -2.48
N LYS N 33 37.94 18.08 -1.20
CA LYS N 33 37.43 17.34 -0.12
C LYS N 33 36.94 18.24 0.90
N ILE N 34 36.80 19.54 0.50
CA ILE N 34 36.11 20.62 1.10
C ILE N 34 35.22 21.09 -0.01
N TYR N 35 33.98 21.35 0.32
CA TYR N 35 32.94 21.71 -0.62
C TYR N 35 32.45 23.02 -0.37
N GLN N 36 31.81 23.61 -1.33
CA GLN N 36 31.21 24.83 -1.11
C GLN N 36 29.73 24.60 -1.03
N ILE N 37 29.13 24.97 0.13
CA ILE N 37 27.79 24.66 0.31
C ILE N 37 27.05 25.83 -0.16
N ALA N 38 27.35 26.99 0.46
CA ALA N 38 26.77 28.25 0.18
C ALA N 38 27.92 29.19 0.13
N ASP N 39 27.53 30.52 -0.04
CA ASP N 39 28.46 31.50 -0.44
C ASP N 39 29.66 31.69 0.49
N ARG N 40 29.40 31.65 1.83
CA ARG N 40 30.42 31.77 2.79
C ARG N 40 30.33 30.64 3.76
N MET N 41 30.01 29.43 3.24
CA MET N 41 29.86 28.20 3.99
C MET N 41 30.42 26.97 3.24
N ALA N 42 31.22 26.09 3.94
CA ALA N 42 31.98 25.07 3.33
C ALA N 42 31.68 23.83 4.15
N MET N 43 32.05 22.62 3.67
CA MET N 43 31.83 21.35 4.41
C MET N 43 33.06 20.59 4.16
N THR N 44 33.75 20.21 5.26
CA THR N 44 34.87 19.28 5.27
C THR N 44 34.42 18.02 5.82
N THR N 45 34.81 16.88 5.29
CA THR N 45 34.28 15.62 5.72
C THR N 45 35.46 14.83 6.28
N ALA N 46 35.23 14.01 7.33
CA ALA N 46 36.14 12.92 7.64
C ALA N 46 35.25 11.74 7.44
N GLY N 47 35.88 10.62 7.09
CA GLY N 47 35.23 9.38 6.77
C GLY N 47 35.47 9.22 5.30
N SER N 48 34.47 8.70 4.58
CA SER N 48 34.61 8.26 3.25
C SER N 48 34.31 9.36 2.31
N VAL N 49 35.20 9.39 1.27
CA VAL N 49 35.15 10.46 0.26
C VAL N 49 33.89 10.55 -0.59
N GLY N 50 33.42 9.38 -1.16
CA GLY N 50 32.32 9.34 -2.15
C GLY N 50 31.01 9.63 -1.58
N ASP N 51 30.69 9.25 -0.31
CA ASP N 51 29.47 9.45 0.49
C ASP N 51 29.35 10.93 0.70
N ALA N 52 30.46 11.55 0.94
CA ALA N 52 30.64 12.94 1.13
C ALA N 52 30.27 13.85 0.02
N GLN N 53 30.73 13.55 -1.21
CA GLN N 53 30.53 14.34 -2.44
C GLN N 53 29.05 14.30 -2.79
N PHE N 54 28.30 13.19 -2.66
CA PHE N 54 26.87 13.14 -2.88
C PHE N 54 26.18 14.00 -1.91
N LEU N 55 26.48 13.81 -0.62
CA LEU N 55 25.87 14.53 0.53
C LEU N 55 26.09 15.97 0.37
N ALA N 56 27.31 16.46 -0.03
CA ALA N 56 27.58 17.90 -0.30
C ALA N 56 26.64 18.50 -1.39
N ARG N 57 26.40 17.79 -2.51
CA ARG N 57 25.53 18.29 -3.57
C ARG N 57 24.13 18.39 -3.11
N ILE N 58 23.56 17.45 -2.30
CA ILE N 58 22.23 17.56 -1.77
C ILE N 58 22.10 18.74 -0.87
N ILE N 59 23.08 18.95 0.06
CA ILE N 59 23.05 20.07 1.07
C ILE N 59 23.12 21.42 0.37
N LYS N 60 24.05 21.57 -0.60
CA LYS N 60 24.17 22.69 -1.47
C LYS N 60 22.93 23.08 -2.19
N ILE N 61 22.30 22.02 -2.75
CA ILE N 61 20.93 22.23 -3.29
C ILE N 61 19.90 22.79 -2.27
N GLU N 62 19.82 22.21 -1.01
CA GLU N 62 18.86 22.62 -0.01
C GLU N 62 19.16 24.00 0.48
N ALA N 63 20.50 24.34 0.60
CA ALA N 63 20.91 25.71 0.97
C ALA N 63 20.54 26.79 -0.03
N ASN N 64 20.70 26.62 -1.37
CA ASN N 64 20.29 27.53 -2.40
C ASN N 64 18.82 27.66 -2.35
N LEU N 65 18.09 26.53 -2.19
CA LEU N 65 16.67 26.41 -2.23
C LEU N 65 15.98 27.08 -1.15
N TYR N 66 16.50 26.90 0.06
CA TYR N 66 16.15 27.50 1.33
C TYR N 66 16.17 29.05 1.18
N GLU N 67 17.31 29.61 0.65
CA GLU N 67 17.60 31.00 0.42
C GLU N 67 16.52 31.61 -0.44
N ILE N 68 16.22 30.89 -1.56
CA ILE N 68 15.24 31.33 -2.49
C ILE N 68 13.89 31.51 -1.93
N ARG N 69 13.42 30.57 -1.07
CA ARG N 69 12.09 30.50 -0.44
C ARG N 69 11.89 31.44 0.76
N ARG N 70 12.93 31.63 1.63
CA ARG N 70 12.74 32.52 2.79
C ARG N 70 13.26 33.92 2.50
N GLU N 71 13.91 34.13 1.30
CA GLU N 71 14.29 35.33 0.62
C GLU N 71 15.21 36.02 1.55
N ARG N 72 16.15 35.19 2.18
CA ARG N 72 17.22 35.74 2.98
C ARG N 72 18.20 34.55 3.01
N LYS N 73 19.54 34.91 3.10
CA LYS N 73 20.69 33.97 3.20
C LYS N 73 20.41 32.88 4.21
N PRO N 74 20.89 31.66 4.01
CA PRO N 74 20.86 30.66 5.02
C PRO N 74 21.77 30.97 6.23
N THR N 75 21.63 30.20 7.32
CA THR N 75 22.45 30.33 8.53
C THR N 75 23.22 29.13 8.54
N VAL N 76 24.46 29.16 9.18
CA VAL N 76 25.35 28.00 9.32
C VAL N 76 24.63 27.02 10.26
N ARG N 77 23.99 27.57 11.26
CA ARG N 77 23.15 26.88 12.20
C ARG N 77 22.02 26.24 11.45
N ALA N 78 21.43 26.90 10.41
CA ALA N 78 20.28 26.27 9.69
C ALA N 78 20.73 25.07 8.84
N ILE N 79 21.82 25.17 8.08
CA ILE N 79 22.42 24.18 7.15
C ILE N 79 22.82 23.04 7.96
N ALA N 80 23.53 23.30 9.09
CA ALA N 80 24.06 22.29 10.02
C ALA N 80 23.02 21.39 10.75
N THR N 81 21.87 21.96 11.21
CA THR N 81 20.78 21.16 11.80
C THR N 81 20.10 20.40 10.66
N LEU N 82 19.88 20.98 9.46
CA LEU N 82 19.20 20.31 8.40
C LEU N 82 19.95 19.07 8.02
N THR N 83 21.26 19.21 7.94
CA THR N 83 22.16 18.15 7.70
C THR N 83 22.13 17.05 8.74
N SER N 84 22.00 17.47 10.06
CA SER N 84 21.96 16.48 11.15
C SER N 84 20.79 15.62 10.97
N ASN N 85 19.63 16.24 10.63
CA ASN N 85 18.38 15.69 10.43
C ASN N 85 18.42 14.75 9.25
N LEU N 86 19.17 15.12 8.20
CA LEU N 86 19.23 14.46 6.94
C LEU N 86 19.95 13.12 7.08
N LEU N 87 21.06 13.07 7.83
CA LEU N 87 21.76 11.83 8.14
C LEU N 87 20.91 10.87 8.97
N ASN N 88 20.18 11.41 9.89
CA ASN N 88 19.31 10.65 10.83
C ASN N 88 18.19 10.02 9.99
N SER N 89 17.53 10.72 8.96
CA SER N 89 16.42 10.16 8.15
C SER N 89 16.96 9.06 7.26
N TYR N 90 18.18 9.27 6.64
CA TYR N 90 18.72 8.33 5.63
C TYR N 90 19.74 7.43 6.31
N ARG N 91 19.45 6.83 7.52
CA ARG N 91 20.34 6.04 8.33
C ARG N 91 20.46 4.60 8.01
N TYR N 92 19.75 4.23 6.88
CA TYR N 92 19.53 2.88 6.44
C TYR N 92 20.36 2.71 5.17
N PHE N 93 21.12 3.77 4.75
CA PHE N 93 22.02 3.74 3.69
C PHE N 93 23.33 4.15 4.22
N PRO N 94 24.46 4.12 3.52
CA PRO N 94 25.75 4.46 4.14
C PRO N 94 25.91 5.97 3.92
N TYR N 95 26.25 6.62 4.99
CA TYR N 95 26.65 7.96 5.12
C TYR N 95 27.25 7.81 6.46
N LEU N 96 28.52 7.29 6.47
CA LEU N 96 29.32 7.11 7.69
C LEU N 96 30.35 8.10 7.50
N VAL N 97 30.19 9.32 8.13
CA VAL N 97 30.85 10.59 7.78
C VAL N 97 30.77 11.47 9.08
N GLN N 98 31.83 12.38 9.34
CA GLN N 98 31.72 13.37 10.31
C GLN N 98 31.94 14.60 9.54
N LEU N 99 31.01 15.61 9.76
CA LEU N 99 31.01 16.74 8.83
C LEU N 99 31.41 17.87 9.69
N LEU N 100 32.17 18.87 9.20
CA LEU N 100 32.42 20.09 9.86
C LEU N 100 31.84 20.96 8.81
N ILE N 101 30.75 21.69 9.27
CA ILE N 101 29.97 22.48 8.40
C ILE N 101 30.18 23.76 9.10
N GLY N 102 30.72 24.75 8.39
CA GLY N 102 31.03 26.01 9.04
C GLY N 102 30.80 27.13 8.12
N GLY N 103 31.14 28.35 8.64
CA GLY N 103 31.17 29.45 7.74
C GLY N 103 30.75 30.70 8.42
N ILE N 104 30.20 31.64 7.75
CA ILE N 104 29.94 32.93 8.32
C ILE N 104 28.53 33.17 7.79
N ASP N 105 27.65 33.78 8.60
CA ASP N 105 26.27 33.97 8.50
C ASP N 105 25.99 35.29 9.15
N SER N 106 24.70 35.63 9.27
CA SER N 106 24.38 36.94 9.91
C SER N 106 24.80 37.14 11.38
N GLU N 107 24.88 36.04 12.09
CA GLU N 107 25.10 36.10 13.51
C GLU N 107 26.57 35.96 13.80
N GLY N 108 27.50 35.76 12.86
CA GLY N 108 28.87 35.78 13.12
C GLY N 108 29.52 34.68 12.36
N LYS N 109 30.49 34.05 12.99
CA LYS N 109 31.28 33.00 12.49
C LYS N 109 31.00 31.82 13.39
N SER N 110 30.86 30.61 12.77
CA SER N 110 30.79 29.47 13.72
C SER N 110 31.14 28.20 12.90
N ILE N 111 31.49 27.00 13.53
CA ILE N 111 31.59 25.65 12.92
C ILE N 111 30.69 24.79 13.79
N TYR N 112 29.99 23.79 13.09
CA TYR N 112 29.08 22.86 13.71
C TYR N 112 29.62 21.49 13.35
N SER N 113 29.91 20.56 14.35
CA SER N 113 30.49 19.25 14.10
C SER N 113 29.29 18.30 14.17
N ILE N 114 29.34 17.38 13.22
CA ILE N 114 28.22 16.52 12.90
C ILE N 114 28.79 15.14 12.95
N ASP N 115 28.02 14.11 13.52
CA ASP N 115 28.33 12.71 13.52
C ASP N 115 27.15 12.04 12.75
N PRO N 116 27.20 10.71 12.38
CA PRO N 116 26.34 10.32 11.30
C PRO N 116 25.21 9.56 11.93
N ILE N 117 24.89 9.78 13.19
CA ILE N 117 23.74 9.28 13.95
C ILE N 117 23.15 10.53 14.69
N GLY N 118 23.51 11.74 14.22
CA GLY N 118 22.86 13.00 14.37
C GLY N 118 23.82 14.05 14.93
N GLY N 119 23.11 15.09 15.49
CA GLY N 119 23.75 15.95 16.42
C GLY N 119 24.33 17.14 15.75
N ALA N 120 24.31 18.26 16.45
CA ALA N 120 25.07 19.38 15.96
C ALA N 120 25.50 20.13 17.22
N ILE N 121 26.70 20.58 17.25
CA ILE N 121 27.22 21.25 18.45
C ILE N 121 28.10 22.31 17.91
N GLU N 122 27.67 23.51 18.21
CA GLU N 122 28.32 24.75 18.53
C GLU N 122 29.74 24.78 18.87
N GLU N 123 30.51 25.49 18.06
CA GLU N 123 31.88 25.73 18.26
C GLU N 123 32.03 27.05 17.74
N LYS N 124 32.78 27.85 18.55
CA LYS N 124 32.94 29.25 18.25
C LYS N 124 34.42 29.51 18.28
N ASP N 125 35.16 28.36 18.16
CA ASP N 125 36.53 28.16 18.56
C ASP N 125 37.15 27.01 17.79
N ILE N 126 37.51 25.88 18.44
CA ILE N 126 38.31 24.87 17.79
C ILE N 126 37.55 23.52 17.66
N VAL N 127 37.78 22.80 16.53
CA VAL N 127 37.10 21.60 16.37
C VAL N 127 37.85 20.70 15.49
N ALA N 128 37.87 19.38 15.79
CA ALA N 128 38.48 18.39 14.96
C ALA N 128 37.96 16.93 15.32
N THR N 129 38.07 16.06 14.31
CA THR N 129 37.41 14.78 14.06
C THR N 129 38.35 14.20 13.03
N GLY N 130 38.78 12.98 13.41
CA GLY N 130 39.37 12.09 12.45
C GLY N 130 40.28 11.15 13.21
N SER N 131 41.15 10.36 12.50
CA SER N 131 42.19 9.50 13.02
C SER N 131 43.43 10.26 13.35
N GLY N 132 43.73 11.36 12.56
CA GLY N 132 44.92 12.15 12.81
C GLY N 132 44.59 13.45 13.45
N SER N 133 43.36 13.61 13.97
CA SER N 133 42.87 14.77 14.68
C SER N 133 43.65 14.96 15.96
N LEU N 134 44.16 13.99 16.67
CA LEU N 134 44.78 14.07 17.95
C LEU N 134 46.04 14.84 17.97
N THR N 135 46.85 14.57 16.87
CA THR N 135 48.06 15.11 16.49
C THR N 135 47.84 16.52 16.05
N ALA N 136 46.77 16.76 15.27
CA ALA N 136 46.44 18.08 14.77
C ALA N 136 46.10 19.11 15.82
N TYR N 137 45.37 18.58 16.78
CA TYR N 137 44.80 19.26 17.93
C TYR N 137 45.77 19.76 18.86
N GLY N 138 46.79 18.86 19.11
CA GLY N 138 48.01 19.21 19.88
C GLY N 138 48.73 20.39 19.34
N VAL N 139 48.92 20.37 18.02
CA VAL N 139 49.61 21.47 17.28
C VAL N 139 48.79 22.75 17.43
N LEU N 140 47.42 22.60 17.20
CA LEU N 140 46.43 23.76 17.07
C LEU N 140 46.48 24.60 18.33
N GLU N 141 46.56 23.97 19.52
CA GLU N 141 46.72 24.50 20.86
C GLU N 141 48.01 25.24 21.15
N ASP N 142 49.08 24.90 20.49
CA ASP N 142 50.43 25.44 20.75
C ASP N 142 50.52 26.92 20.41
N ARG N 143 49.74 27.39 19.37
CA ARG N 143 50.01 28.68 18.76
C ARG N 143 48.67 29.41 18.49
N PHE N 144 47.52 28.85 18.98
CA PHE N 144 46.25 29.38 18.79
C PHE N 144 45.85 30.26 19.89
N THR N 145 45.32 31.46 19.57
CA THR N 145 44.67 32.47 20.37
C THR N 145 43.40 32.94 19.68
N PRO N 146 42.33 33.47 20.27
CA PRO N 146 41.15 34.07 19.62
C PRO N 146 41.50 35.36 18.91
N GLU N 147 42.77 35.74 18.96
CA GLU N 147 43.15 36.98 18.42
C GLU N 147 44.10 36.74 17.27
N ILE N 148 44.02 35.50 16.66
CA ILE N 148 44.79 34.95 15.58
C ILE N 148 44.32 35.63 14.41
N GLY N 149 45.24 36.03 13.46
CA GLY N 149 44.67 36.78 12.26
C GLY N 149 44.39 35.69 11.28
N VAL N 150 43.78 35.96 10.04
CA VAL N 150 43.57 34.82 9.17
C VAL N 150 44.71 34.32 8.43
N ASP N 151 45.75 35.12 8.09
CA ASP N 151 46.95 34.78 7.43
C ASP N 151 47.72 33.85 8.40
N GLU N 152 47.74 34.15 9.73
CA GLU N 152 48.39 33.36 10.78
C GLU N 152 47.61 32.01 10.99
N ALA N 153 46.24 32.04 10.93
CA ALA N 153 45.33 30.88 11.08
C ALA N 153 45.53 29.93 9.94
N VAL N 154 45.64 30.38 8.66
CA VAL N 154 45.99 29.56 7.49
C VAL N 154 47.27 28.84 7.74
N GLU N 155 48.31 29.55 8.14
CA GLU N 155 49.56 28.89 8.49
C GLU N 155 49.52 27.82 9.63
N LEU N 156 48.73 28.14 10.69
CA LEU N 156 48.56 27.25 11.89
C LEU N 156 47.86 26.01 11.44
N ALA N 157 46.76 26.09 10.71
CA ALA N 157 45.93 25.03 10.22
C ALA N 157 46.68 24.12 9.38
N VAL N 158 47.56 24.69 8.44
CA VAL N 158 48.41 23.97 7.47
C VAL N 158 49.29 23.06 8.21
N ARG N 159 49.91 23.64 9.36
CA ARG N 159 50.82 22.92 10.18
C ARG N 159 50.20 21.69 10.86
N ALA N 160 48.98 21.84 11.42
CA ALA N 160 48.17 20.86 12.16
C ALA N 160 47.91 19.70 11.26
N ILE N 161 47.52 19.95 9.97
CA ILE N 161 47.33 18.79 9.07
C ILE N 161 48.74 18.20 8.75
N TYR N 162 49.76 19.03 8.45
CA TYR N 162 51.02 18.56 7.97
C TYR N 162 51.60 17.45 8.96
N SER N 163 51.43 17.77 10.32
CA SER N 163 51.91 17.01 11.42
C SER N 163 51.31 15.68 11.45
N ALA N 164 49.94 15.64 11.35
CA ALA N 164 49.10 14.45 11.31
C ALA N 164 49.50 13.57 10.07
N MET N 165 49.79 14.18 8.94
CA MET N 165 50.03 13.41 7.75
C MET N 165 51.25 12.54 7.77
N LYS N 166 52.25 12.79 8.65
CA LYS N 166 53.54 12.16 8.66
C LYS N 166 53.44 10.87 9.59
N ARG N 167 52.22 10.60 10.27
CA ARG N 167 52.07 9.56 11.30
C ARG N 167 50.72 8.92 11.09
N ASP N 168 50.23 8.89 9.85
CA ASP N 168 48.89 8.42 9.56
C ASP N 168 49.10 7.90 8.17
N SER N 169 48.84 6.62 7.86
CA SER N 169 49.20 5.97 6.64
C SER N 169 48.03 5.81 5.76
N ALA N 170 46.84 6.46 6.17
CA ALA N 170 45.60 6.54 5.39
C ALA N 170 45.59 7.90 4.71
N SER N 171 46.31 8.80 5.40
CA SER N 171 46.49 10.16 4.91
C SER N 171 47.46 10.20 3.74
N GLY N 172 46.99 10.71 2.59
CA GLY N 172 47.77 10.90 1.43
C GLY N 172 48.31 12.32 1.37
N ASP N 173 48.69 12.79 0.19
CA ASP N 173 49.21 14.11 0.01
C ASP N 173 48.14 15.11 -0.35
N GLY N 174 48.51 16.26 -0.98
CA GLY N 174 47.51 17.10 -1.64
C GLY N 174 46.73 17.92 -0.65
N ILE N 175 47.41 18.52 0.33
CA ILE N 175 46.79 19.19 1.50
C ILE N 175 45.94 20.37 0.96
N ASP N 176 44.69 20.50 1.43
CA ASP N 176 43.64 21.39 1.02
C ASP N 176 43.38 22.34 2.23
N VAL N 177 43.06 23.74 1.92
CA VAL N 177 42.79 24.74 2.93
C VAL N 177 41.69 25.50 2.27
N VAL N 178 40.76 26.03 3.11
CA VAL N 178 39.77 27.05 2.76
C VAL N 178 39.80 28.20 3.73
N LYS N 179 39.74 29.42 3.11
CA LYS N 179 39.66 30.64 3.86
C LYS N 179 38.34 31.26 3.49
N ILE N 180 37.46 31.57 4.44
CA ILE N 180 36.15 32.15 4.38
C ILE N 180 36.40 33.38 5.18
N THR N 181 36.24 34.63 4.65
CA THR N 181 36.55 35.79 5.44
C THR N 181 35.48 36.85 5.19
N GLU N 182 34.38 36.52 4.51
CA GLU N 182 33.17 37.32 4.28
C GLU N 182 33.50 38.44 3.23
N ASP N 183 34.49 38.20 2.34
CA ASP N 183 34.95 39.02 1.23
C ASP N 183 35.14 38.04 0.08
N GLU N 184 35.47 36.76 0.29
CA GLU N 184 35.70 35.77 -0.73
C GLU N 184 35.58 34.38 -0.03
N PHE N 185 35.65 33.36 -0.95
CA PHE N 185 35.64 31.99 -0.63
C PHE N 185 36.77 31.51 -1.51
N TYR N 186 37.96 31.41 -0.86
CA TYR N 186 39.15 31.10 -1.46
C TYR N 186 39.41 29.68 -1.18
N GLN N 187 39.74 28.94 -2.21
CA GLN N 187 40.05 27.56 -2.19
C GLN N 187 41.44 27.70 -2.64
N TYR N 188 42.46 27.26 -1.84
CA TYR N 188 43.88 27.50 -2.03
C TYR N 188 44.39 26.74 -3.21
N SER N 189 43.87 25.48 -3.46
CA SER N 189 44.23 24.51 -4.47
C SER N 189 45.60 24.00 -4.11
N PRO N 190 45.98 22.78 -4.56
CA PRO N 190 47.22 22.12 -4.24
C PRO N 190 48.47 22.99 -4.23
N GLU N 191 48.81 23.76 -5.29
CA GLU N 191 50.09 24.49 -5.51
C GLU N 191 50.50 25.39 -4.38
N GLU N 192 49.50 26.31 -4.04
CA GLU N 192 49.64 27.32 -3.13
C GLU N 192 49.92 26.94 -1.69
N VAL N 193 49.24 25.93 -1.22
CA VAL N 193 49.30 25.44 0.14
C VAL N 193 50.64 24.79 0.29
N GLU N 194 51.20 24.11 -0.77
CA GLU N 194 52.41 23.35 -0.89
C GLU N 194 53.59 24.26 -0.65
N GLN N 195 53.42 25.61 -0.92
CA GLN N 195 54.46 26.57 -0.80
C GLN N 195 54.52 27.19 0.65
N ILE N 196 53.42 26.97 1.48
CA ILE N 196 53.36 27.34 2.87
C ILE N 196 54.08 26.25 3.62
N LEU N 197 54.03 24.97 3.15
CA LEU N 197 54.62 23.91 3.90
C LEU N 197 56.04 23.79 3.44
N ALA N 198 56.40 24.54 2.39
CA ALA N 198 57.76 24.58 1.94
C ALA N 198 58.62 25.39 2.96
N LYS N 199 58.01 26.23 3.78
CA LYS N 199 58.64 27.23 4.68
C LYS N 199 58.47 26.71 6.13
N PHE N 200 58.04 25.43 6.22
CA PHE N 200 57.93 24.71 7.50
C PHE N 200 58.82 23.54 7.48
N ARG N 201 59.62 23.31 6.44
CA ARG N 201 60.61 22.25 6.45
C ARG N 201 61.92 22.72 6.04
N LYS N 202 61.97 23.87 5.27
CA LYS N 202 63.24 24.52 4.90
C LYS N 202 63.55 25.43 6.08
#